data_8XBU
#
_entry.id   8XBU
#
loop_
_entity.id
_entity.type
_entity.pdbx_description
1 polymer 'Histone H3.1'
2 polymer 'Histone H4'
3 polymer 'Histone H2A type 1-B/E'
4 polymer 'Histone H2B type 1-J'
5 polymer 'DNA (156-MER)'
6 polymer 'DNA (153-MER)'
7 polymer 'DNA repair protein RAD51 homolog 1'
#
loop_
_entity_poly.entity_id
_entity_poly.type
_entity_poly.pdbx_seq_one_letter_code
_entity_poly.pdbx_strand_id
1 'polypeptide(L)'
;GSHMARTKQTARKSTGGKAPRKQLATKAARKSAPATGGVKKPHRYRPGTVALREIRRYQKSTELLIRKLPFQRLVREIAQ
DFKTDLRFQSSAVMALQEACEAYLVGLFEDTNLCAIHAKRVTIMPKDIQLARRIRGERA
;
A,E
2 'polypeptide(L)'
;GSHMSGRGKGGKGLGKGGAKRHRKVLRDNIQGITKPAIRRLARRGGVKRISGLIYEETRGVLKVFLENVIRDAVTYTEHA
KRKTVTAMDVVYALKRQGRTLYGFGG
;
B,F
3 'polypeptide(L)'
;GSHMSGRGKQGGKARAKAKTRSSRAGLQFPVGRVHRLLRKGNYSERVGAGAPVYLAAVLEYLTAEILELAGNAARDNKKT
RIIPRHLQLAIRNDEELNKLLGRVTIAQGGVLPNIQAVLLPKKTESHHKAKGK
;
C,G
4 'polypeptide(L)'
;GSHMPEPAKSAPAPKKGSKKAVTKAQKKDGKKRKRSRKESYSIYVYKVLKQVHPDTGISSKAMGIMNSFVNDIFERIAGE
ASRLAHYNKRSTITSREIQTAVRLLLPGELAKHAVSEGTKAVTKYTSAK
;
D,H
5 'polydeoxyribonucleotide'
;(DA)(DT)(DC)(DA)(DG)(DA)(DA)(DT)(DC)(DC)(DC)(DG)(DG)(DT)(DG)(DC)(DC)(DG)(DA)(DG)
(DG)(DC)(DC)(DG)(DC)(DT)(DC)(DA)(DA)(DT)(DT)(DG)(DG)(DT)(DC)(DG)(DT)(DA)(DG)(DA)
(DC)(DA)(DG)(DC)(DT)(DC)(DT)(DA)(DG)(DC)(DA)(DC)(DC)(DG)(DC)(DT)(DT)(DA)(DA)(DA)
(DC)(DG)(DC)(DA)(DC)(DG)(DT)(DA)(DC)(DG)(DC)(DG)(DC)(DT)(DG)(DT)(DC)(DC)(DC)(DC)
(DC)(DG)(DC)(DG)(DT)(DT)(DT)(DT)(DA)(DA)(DC)(DC)(DG)(DC)(DC)(DA)(DA)(DG)(DG)(DG)
(DG)(DA)(DT)(DT)(DA)(DC)(DA)(DC)(DC)(DC)(DA)(DA)(DG)(DA)(DC)(DA)(DC)(DC)(DA)(DG)
(DG)(DC)(DA)(DC)(DG)(DA)(DG)(DA)(DC)(DA)(DG)(DA)(DA)(DA)(DA)(DA)(DA)(DA)(DC)(DA)
(DA)(DC)(DG)(DA)(DA)(DA)(DA)(DC)(DG)(DG)(DC)(DC)(DA)(DC)(DC)(DA)
;
I
6 'polydeoxyribonucleotide'
;(DT)(DG)(DG)(DC)(DC)(DG)(DT)(DT)(DT)(DT)(DC)(DG)(DT)(DT)(DG)(DT)(DT)(DT)(DT)(DT)
(DT)(DT)(DC)(DT)(DG)(DT)(DC)(DT)(DC)(DG)(DT)(DG)(DC)(DC)(DT)(DG)(DG)(DT)(DG)(DT)
(DC)(DT)(DT)(DG)(DG)(DG)(DT)(DG)(DT)(DA)(DA)(DT)(DC)(DC)(DC)(DC)(DT)(DT)(DG)(DG)
(DC)(DG)(DG)(DT)(DT)(DA)(DA)(DA)(DA)(DC)(DG)(DC)(DG)(DG)(DG)(DG)(DG)(DA)(DC)(DA)
(DG)(DC)(DG)(DC)(DG)(DT)(DA)(DC)(DG)(DT)(DG)(DC)(DG)(DT)(DT)(DT)(DA)(DA)(DG)(DC)
(DG)(DG)(DT)(DG)(DC)(DT)(DA)(DG)(DA)(DG)(DC)(DT)(DG)(DT)(DC)(DT)(DA)(DC)(DG)(DA)
(DC)(DC)(DA)(DA)(DT)(DT)(DG)(DA)(DG)(DC)(DG)(DG)(DC)(DC)(DT)(DC)(DG)(DG)(DC)(DA)
(DC)(DC)(DG)(DG)(DG)(DA)(DT)(DT)(DC)(DT)(DG)(DA)(DT)
;
J
7 'polypeptide(L)'
;GSHMAMQMQLEANADTSVEEESFGPQPISRLEQCGINANDVKKLEEAGFHTVEAVAYAPKKELINIKGISEAKADKILAE
AAKLVPMGFTTATEFHQRRSEIIQITTGSKELDKLLQGGIETGSITEMFGEFRTGKTQICHTLAVTCQLPIDRGGGEGKA
MYIDTEGTFRPERLLAVAERYGLSGSDVLDNVAYARAFNTDHQTQLLYQASAMMVESRYALLIVDSATALYRTDYSGRGE
LSARQMHLARFLRMLLRLADEFGVAVVITNQVVAQVDGAAMFAADPKKPIGGNIIAHASTTRLYLRKGRGETRICKIYDS
PCLPEAEAMFAINADGVGDAKD
;
K,L,M,N,O,P,Q,R,S,T
#
# COMPACT_ATOMS: atom_id res chain seq x y z
N PRO A 42 -5.51 -44.21 52.19
CA PRO A 42 -4.12 -43.79 52.21
C PRO A 42 -3.97 -42.27 52.06
N HIS A 43 -2.88 -41.74 52.58
CA HIS A 43 -2.65 -40.31 52.56
C HIS A 43 -1.94 -39.99 51.25
N ARG A 44 -2.25 -38.82 50.69
CA ARG A 44 -1.61 -38.42 49.44
C ARG A 44 -1.41 -36.91 49.46
N TYR A 45 -0.18 -36.48 49.22
CA TYR A 45 0.12 -35.06 49.12
C TYR A 45 -0.29 -34.53 47.75
N ARG A 46 -0.72 -33.28 47.73
CA ARG A 46 -1.14 -32.65 46.49
C ARG A 46 0.06 -32.38 45.59
N PRO A 47 -0.15 -32.38 44.28
CA PRO A 47 0.92 -32.05 43.32
C PRO A 47 1.58 -30.72 43.61
N GLY A 48 2.90 -30.71 43.80
CA GLY A 48 3.64 -29.49 44.07
C GLY A 48 4.26 -29.43 45.44
N THR A 49 3.61 -30.03 46.45
CA THR A 49 4.12 -29.96 47.80
C THR A 49 5.48 -30.63 47.89
N VAL A 50 5.60 -31.79 47.26
CA VAL A 50 6.85 -32.53 47.36
C VAL A 50 7.88 -31.83 46.49
N ALA A 51 7.45 -31.25 45.38
CA ALA A 51 8.36 -30.46 44.56
C ALA A 51 8.99 -29.33 45.38
N LEU A 52 8.15 -28.57 46.09
CA LEU A 52 8.69 -27.51 46.93
C LEU A 52 9.62 -28.04 48.00
N ARG A 53 9.24 -29.15 48.63
CA ARG A 53 10.13 -29.75 49.62
C ARG A 53 11.48 -30.06 49.00
N GLU A 54 11.47 -30.58 47.77
CA GLU A 54 12.73 -30.89 47.10
C GLU A 54 13.50 -29.64 46.77
N ILE A 55 12.82 -28.56 46.41
CA ILE A 55 13.52 -27.31 46.15
C ILE A 55 14.28 -26.88 47.39
N ARG A 56 13.60 -26.85 48.53
CA ARG A 56 14.29 -26.47 49.75
C ARG A 56 15.44 -27.41 50.05
N ARG A 57 15.20 -28.71 49.92
CA ARG A 57 16.23 -29.71 50.18
C ARG A 57 17.46 -29.47 49.34
N TYR A 58 17.30 -29.33 48.03
CA TYR A 58 18.47 -29.24 47.17
C TYR A 58 19.08 -27.85 47.16
N GLN A 59 18.36 -26.82 47.56
CA GLN A 59 19.05 -25.55 47.67
C GLN A 59 19.80 -25.45 48.99
N LYS A 60 19.44 -26.28 49.97
CA LYS A 60 20.18 -26.22 51.22
C LYS A 60 21.54 -26.91 51.13
N SER A 61 21.69 -27.92 50.29
CA SER A 61 22.91 -28.72 50.30
C SER A 61 23.76 -28.42 49.07
N THR A 62 24.93 -29.04 49.01
CA THR A 62 25.90 -28.74 47.97
C THR A 62 26.49 -29.96 47.27
N GLU A 63 26.10 -31.17 47.63
CA GLU A 63 26.72 -32.36 47.05
C GLU A 63 26.38 -32.46 45.57
N LEU A 64 27.28 -33.07 44.81
CA LEU A 64 27.06 -33.26 43.39
C LEU A 64 25.86 -34.17 43.13
N LEU A 65 25.12 -33.86 42.07
CA LEU A 65 23.83 -34.47 41.85
C LEU A 65 23.79 -35.49 40.74
N ILE A 66 24.78 -35.51 39.85
CA ILE A 66 24.92 -36.54 38.83
C ILE A 66 25.85 -37.63 39.32
N ARG A 67 25.56 -38.88 38.98
CA ARG A 67 26.44 -39.97 39.39
C ARG A 67 27.80 -39.86 38.74
N LYS A 68 28.83 -40.13 39.54
CA LYS A 68 30.21 -39.95 39.12
C LYS A 68 30.55 -40.76 37.88
N LEU A 69 30.33 -42.07 37.96
CA LEU A 69 30.81 -42.99 36.93
C LEU A 69 30.20 -42.79 35.56
N PRO A 70 28.88 -42.63 35.39
CA PRO A 70 28.37 -42.37 34.04
C PRO A 70 28.88 -41.09 33.47
N PHE A 71 29.05 -40.09 34.34
CA PHE A 71 29.59 -38.82 33.89
C PHE A 71 31.00 -39.02 33.35
N GLN A 72 31.82 -39.77 34.08
CA GLN A 72 33.17 -40.07 33.63
C GLN A 72 33.15 -40.80 32.29
N ARG A 73 32.27 -41.78 32.16
CA ARG A 73 32.17 -42.54 30.92
C ARG A 73 31.84 -41.62 29.75
N LEU A 74 30.90 -40.71 29.95
CA LEU A 74 30.55 -39.76 28.90
C LEU A 74 31.76 -38.92 28.53
N VAL A 75 32.46 -38.42 29.54
CA VAL A 75 33.63 -37.59 29.27
C VAL A 75 34.65 -38.33 28.44
N ARG A 76 34.93 -39.59 28.80
CA ARG A 76 35.91 -40.34 28.03
C ARG A 76 35.43 -40.61 26.62
N GLU A 77 34.15 -40.92 26.44
CA GLU A 77 33.65 -41.13 25.08
C GLU A 77 33.85 -39.90 24.23
N ILE A 78 33.44 -38.74 24.73
CA ILE A 78 33.57 -37.51 23.96
C ILE A 78 35.04 -37.22 23.68
N ALA A 79 35.90 -37.39 24.67
CA ALA A 79 37.32 -37.13 24.49
C ALA A 79 37.90 -38.00 23.40
N GLN A 80 37.41 -39.23 23.30
CA GLN A 80 37.93 -40.19 22.34
C GLN A 80 37.82 -39.68 20.90
N ASP A 81 36.85 -38.83 20.61
CA ASP A 81 36.72 -38.33 19.25
C ASP A 81 37.70 -37.23 18.88
N PHE A 82 38.55 -36.76 19.79
CA PHE A 82 39.59 -35.84 19.36
C PHE A 82 40.97 -36.46 19.32
N LYS A 83 41.35 -37.23 20.32
CA LYS A 83 42.66 -37.86 20.34
C LYS A 83 42.53 -39.19 21.06
N THR A 84 43.14 -40.22 20.49
CA THR A 84 43.07 -41.54 21.06
C THR A 84 43.95 -41.67 22.31
N ASP A 85 43.57 -42.61 23.17
CA ASP A 85 44.41 -43.11 24.26
C ASP A 85 44.63 -42.12 25.39
N LEU A 86 43.81 -41.08 25.48
CA LEU A 86 44.00 -40.07 26.51
C LEU A 86 43.65 -40.66 27.87
N ARG A 87 44.38 -40.26 28.90
CA ARG A 87 43.93 -40.52 30.26
C ARG A 87 43.58 -39.22 30.97
N PHE A 88 42.95 -39.37 32.14
CA PHE A 88 42.51 -38.22 32.92
C PHE A 88 42.86 -38.35 34.39
N GLN A 89 43.37 -37.26 34.96
CA GLN A 89 43.46 -37.16 36.41
C GLN A 89 42.07 -37.07 37.02
N SER A 90 41.92 -37.67 38.20
CA SER A 90 40.65 -37.64 38.93
C SER A 90 40.14 -36.22 39.19
N SER A 91 41.01 -35.35 39.70
CA SER A 91 40.56 -34.00 40.01
C SER A 91 40.16 -33.21 38.78
N ALA A 92 40.62 -33.61 37.60
CA ALA A 92 40.19 -32.92 36.39
C ALA A 92 38.73 -33.24 36.11
N VAL A 93 38.36 -34.49 36.31
CA VAL A 93 36.97 -34.89 36.10
C VAL A 93 36.08 -34.26 37.14
N MET A 94 36.53 -34.20 38.40
CA MET A 94 35.69 -33.52 39.39
C MET A 94 35.51 -32.05 39.07
N ALA A 95 36.55 -31.41 38.54
CA ALA A 95 36.43 -30.00 38.16
C ALA A 95 35.41 -29.84 37.04
N LEU A 96 35.50 -30.69 36.03
CA LEU A 96 34.54 -30.65 34.93
C LEU A 96 33.12 -30.84 35.44
N GLN A 97 32.95 -31.69 36.45
CA GLN A 97 31.60 -31.94 36.92
C GLN A 97 31.06 -30.71 37.64
N GLU A 98 31.88 -30.09 38.48
CA GLU A 98 31.45 -28.86 39.13
C GLU A 98 31.04 -27.81 38.10
N ALA A 99 31.85 -27.65 37.06
CA ALA A 99 31.52 -26.66 36.04
C ALA A 99 30.22 -26.99 35.33
N CYS A 100 30.03 -28.26 34.96
CA CYS A 100 28.82 -28.60 34.21
C CYS A 100 27.58 -28.37 35.05
N GLU A 101 27.60 -28.81 36.31
CA GLU A 101 26.39 -28.66 37.10
C GLU A 101 26.10 -27.20 37.41
N ALA A 102 27.13 -26.41 37.71
CA ALA A 102 26.89 -24.98 37.92
C ALA A 102 26.30 -24.32 36.67
N TYR A 103 26.82 -24.69 35.51
CA TYR A 103 26.31 -24.09 34.27
C TYR A 103 24.85 -24.43 34.08
N LEU A 104 24.49 -25.70 34.29
CA LEU A 104 23.12 -26.11 34.11
C LEU A 104 22.20 -25.43 35.12
N VAL A 105 22.62 -25.32 36.37
CA VAL A 105 21.81 -24.64 37.37
C VAL A 105 21.51 -23.21 36.95
N GLY A 106 22.54 -22.49 36.50
CA GLY A 106 22.30 -21.13 36.03
C GLY A 106 21.33 -21.08 34.87
N LEU A 107 21.50 -22.01 33.93
CA LEU A 107 20.58 -22.05 32.80
C LEU A 107 19.16 -22.32 33.26
N PHE A 108 18.97 -23.15 34.27
CA PHE A 108 17.61 -23.39 34.74
C PHE A 108 17.01 -22.19 35.46
N GLU A 109 17.81 -21.41 36.18
CA GLU A 109 17.26 -20.18 36.74
C GLU A 109 16.74 -19.28 35.63
N ASP A 110 17.55 -19.08 34.60
CA ASP A 110 17.10 -18.17 33.54
C ASP A 110 15.89 -18.76 32.83
N THR A 111 15.90 -20.06 32.57
CA THR A 111 14.75 -20.72 31.97
C THR A 111 13.49 -20.49 32.78
N ASN A 112 13.58 -20.64 34.10
CA ASN A 112 12.42 -20.41 34.95
C ASN A 112 11.91 -18.98 34.83
N LEU A 113 12.83 -18.00 34.78
CA LEU A 113 12.37 -16.64 34.61
C LEU A 113 11.64 -16.47 33.28
N CYS A 114 12.13 -17.13 32.23
CA CYS A 114 11.47 -17.03 30.95
C CYS A 114 10.10 -17.67 30.97
N ALA A 115 9.97 -18.82 31.61
CA ALA A 115 8.67 -19.47 31.73
C ALA A 115 7.68 -18.60 32.48
N ILE A 116 8.07 -18.07 33.63
CA ILE A 116 7.19 -17.23 34.41
C ILE A 116 6.78 -15.99 33.64
N HIS A 117 7.71 -15.43 32.86
CA HIS A 117 7.35 -14.27 32.05
C HIS A 117 6.14 -14.54 31.17
N ALA A 118 6.01 -15.74 30.62
CA ALA A 118 4.87 -16.03 29.77
C ALA A 118 3.66 -16.52 30.57
N LYS A 119 3.64 -16.22 31.87
CA LYS A 119 2.54 -16.59 32.76
C LYS A 119 2.28 -18.10 32.78
N ARG A 120 3.31 -18.89 32.57
CA ARG A 120 3.22 -20.33 32.75
C ARG A 120 4.05 -20.72 33.96
N VAL A 121 3.90 -21.96 34.40
CA VAL A 121 4.74 -22.48 35.47
C VAL A 121 5.52 -23.70 35.04
N THR A 122 5.34 -24.15 33.81
CA THR A 122 6.01 -25.32 33.28
C THR A 122 7.01 -24.85 32.22
N ILE A 123 8.26 -25.25 32.38
CA ILE A 123 9.27 -24.88 31.41
C ILE A 123 9.19 -25.80 30.21
N MET A 124 9.44 -25.25 29.03
CA MET A 124 9.31 -25.96 27.78
C MET A 124 10.55 -25.70 26.94
N PRO A 125 10.81 -26.53 25.94
CA PRO A 125 12.00 -26.32 25.10
C PRO A 125 12.15 -24.94 24.52
N LYS A 126 11.07 -24.30 24.08
CA LYS A 126 11.22 -22.96 23.53
C LYS A 126 11.75 -22.00 24.57
N ASP A 127 11.48 -22.26 25.86
CA ASP A 127 12.05 -21.41 26.90
C ASP A 127 13.57 -21.54 26.93
N ILE A 128 14.07 -22.78 26.89
CA ILE A 128 15.51 -22.97 26.86
C ILE A 128 16.11 -22.28 25.65
N GLN A 129 15.46 -22.43 24.49
CA GLN A 129 16.06 -21.83 23.29
C GLN A 129 16.09 -20.32 23.39
N LEU A 130 15.06 -19.72 23.99
CA LEU A 130 15.09 -18.27 24.17
C LEU A 130 16.22 -17.87 25.10
N ALA A 131 16.36 -18.60 26.21
CA ALA A 131 17.42 -18.28 27.16
C ALA A 131 18.78 -18.37 26.50
N ARG A 132 19.00 -19.42 25.70
CA ARG A 132 20.31 -19.59 25.09
C ARG A 132 20.55 -18.55 24.00
N ARG A 133 19.51 -18.16 23.28
CA ARG A 133 19.70 -17.10 22.30
C ARG A 133 20.09 -15.80 22.98
N ILE A 134 19.44 -15.48 24.10
CA ILE A 134 19.77 -14.20 24.71
C ILE A 134 21.14 -14.24 25.37
N ARG A 135 21.55 -15.40 25.90
CA ARG A 135 22.92 -15.45 26.40
C ARG A 135 23.96 -15.28 25.30
N GLY A 136 23.59 -15.51 24.05
CA GLY A 136 24.54 -15.42 22.97
C GLY A 136 25.25 -16.70 22.59
N GLU A 137 24.75 -17.86 23.01
CA GLU A 137 25.38 -19.10 22.56
C GLU A 137 24.79 -19.50 21.20
N ASN B 29 25.84 -43.47 25.61
CA ASN B 29 26.34 -42.98 26.89
C ASN B 29 25.62 -41.72 27.33
N ILE B 30 25.01 -41.03 26.37
CA ILE B 30 24.28 -39.82 26.70
C ILE B 30 23.11 -40.14 27.61
N GLN B 31 22.63 -41.38 27.55
CA GLN B 31 21.51 -41.81 28.37
C GLN B 31 21.90 -42.03 29.82
N GLY B 32 23.19 -42.01 30.14
CA GLY B 32 23.57 -42.11 31.53
C GLY B 32 23.25 -40.87 32.35
N ILE B 33 23.02 -39.75 31.69
CA ILE B 33 22.50 -38.59 32.39
C ILE B 33 21.00 -38.78 32.54
N THR B 34 20.59 -39.38 33.65
CA THR B 34 19.23 -39.90 33.74
C THR B 34 18.22 -38.77 33.95
N LYS B 35 16.97 -39.13 33.69
CA LYS B 35 15.85 -38.22 33.94
C LYS B 35 15.79 -37.72 35.38
N PRO B 36 15.91 -38.56 36.42
CA PRO B 36 15.83 -38.01 37.78
C PRO B 36 16.98 -37.09 38.11
N ALA B 37 18.15 -37.26 37.50
CA ALA B 37 19.23 -36.35 37.79
C ALA B 37 18.91 -34.96 37.26
N ILE B 38 18.39 -34.89 36.04
CA ILE B 38 18.03 -33.61 35.46
C ILE B 38 16.92 -32.99 36.28
N ARG B 39 15.98 -33.80 36.75
CA ARG B 39 14.95 -33.28 37.64
C ARG B 39 15.57 -32.67 38.88
N ARG B 40 16.56 -33.32 39.47
CA ARG B 40 17.18 -32.77 40.66
C ARG B 40 17.86 -31.44 40.36
N LEU B 41 18.60 -31.38 39.26
CA LEU B 41 19.21 -30.11 38.86
C LEU B 41 18.17 -29.02 38.68
N ALA B 42 17.04 -29.37 38.10
CA ALA B 42 15.99 -28.37 37.88
C ALA B 42 15.42 -27.92 39.22
N ARG B 43 15.26 -28.85 40.15
CA ARG B 43 14.83 -28.48 41.49
C ARG B 43 15.77 -27.47 42.09
N ARG B 44 17.09 -27.68 41.95
CA ARG B 44 17.99 -26.66 42.47
C ARG B 44 17.80 -25.35 41.74
N GLY B 45 17.41 -25.39 40.48
CA GLY B 45 17.10 -24.18 39.77
C GLY B 45 15.76 -23.57 40.06
N GLY B 46 14.94 -24.20 40.89
CA GLY B 46 13.69 -23.59 41.27
C GLY B 46 12.52 -23.94 40.38
N VAL B 47 12.66 -24.94 39.53
CA VAL B 47 11.62 -25.31 38.58
C VAL B 47 10.63 -26.22 39.26
N LYS B 48 9.35 -25.91 39.13
CA LYS B 48 8.32 -26.67 39.84
C LYS B 48 7.67 -27.74 38.99
N ARG B 49 7.51 -27.52 37.68
CA ARG B 49 6.85 -28.47 36.80
C ARG B 49 7.62 -28.53 35.50
N ILE B 50 7.74 -29.73 34.92
CA ILE B 50 8.69 -29.95 33.83
C ILE B 50 8.02 -30.76 32.74
N SER B 51 7.96 -30.19 31.53
CA SER B 51 7.42 -30.90 30.38
C SER B 51 8.30 -32.09 30.04
N GLY B 52 7.66 -33.14 29.52
CA GLY B 52 8.40 -34.34 29.17
C GLY B 52 9.48 -34.13 28.12
N LEU B 53 9.31 -33.13 27.25
CA LEU B 53 10.28 -32.94 26.20
C LEU B 53 11.54 -32.23 26.66
N ILE B 54 11.57 -31.68 27.87
CA ILE B 54 12.74 -30.94 28.32
C ILE B 54 13.98 -31.81 28.33
N TYR B 55 13.84 -33.06 28.78
CA TYR B 55 15.02 -33.86 29.07
C TYR B 55 15.90 -34.03 27.84
N GLU B 56 15.33 -34.44 26.71
CA GLU B 56 16.16 -34.60 25.54
C GLU B 56 16.81 -33.28 25.16
N GLU B 57 16.07 -32.18 25.27
CA GLU B 57 16.66 -30.91 24.89
C GLU B 57 17.83 -30.62 25.80
N THR B 58 17.67 -30.86 27.09
CA THR B 58 18.74 -30.55 28.02
C THR B 58 19.97 -31.35 27.65
N ARG B 59 19.78 -32.60 27.26
CA ARG B 59 20.94 -33.43 26.97
C ARG B 59 21.72 -32.82 25.82
N GLY B 60 21.02 -32.36 24.80
CA GLY B 60 21.70 -31.77 23.67
C GLY B 60 22.53 -30.59 24.13
N VAL B 61 21.93 -29.71 24.93
CA VAL B 61 22.65 -28.54 25.38
C VAL B 61 23.90 -28.97 26.12
N LEU B 62 23.75 -29.95 27.00
CA LEU B 62 24.89 -30.35 27.80
C LEU B 62 26.00 -30.82 26.89
N LYS B 63 25.63 -31.61 25.88
CA LYS B 63 26.67 -32.17 25.03
C LYS B 63 27.47 -31.06 24.39
N VAL B 64 26.78 -30.03 23.89
CA VAL B 64 27.49 -28.96 23.21
C VAL B 64 28.47 -28.33 24.16
N PHE B 65 28.01 -28.01 25.37
CA PHE B 65 28.87 -27.34 26.33
C PHE B 65 30.11 -28.18 26.53
N LEU B 66 29.93 -29.48 26.79
CA LEU B 66 31.06 -30.30 27.13
C LEU B 66 32.05 -30.30 26.00
N GLU B 67 31.54 -30.48 24.78
CA GLU B 67 32.41 -30.56 23.63
C GLU B 67 33.34 -29.37 23.60
N ASN B 68 32.78 -28.17 23.72
CA ASN B 68 33.62 -26.99 23.58
C ASN B 68 34.72 -27.03 24.61
N VAL B 69 34.36 -27.24 25.87
CA VAL B 69 35.38 -27.18 26.91
C VAL B 69 36.43 -28.24 26.63
N ILE B 70 35.97 -29.45 26.31
CA ILE B 70 36.95 -30.53 26.19
C ILE B 70 37.85 -30.26 25.00
N ARG B 71 37.27 -29.70 23.93
CA ARG B 71 38.09 -29.39 22.77
C ARG B 71 39.25 -28.51 23.18
N ASP B 72 38.98 -27.49 23.97
CA ASP B 72 40.08 -26.64 24.41
C ASP B 72 41.00 -27.38 25.36
N ALA B 73 40.43 -28.15 26.30
CA ALA B 73 41.26 -28.81 27.29
C ALA B 73 42.30 -29.71 26.64
N VAL B 74 41.88 -30.51 25.68
CA VAL B 74 42.80 -31.45 25.08
C VAL B 74 43.86 -30.68 24.32
N THR B 75 43.46 -29.54 23.75
CA THR B 75 44.44 -28.72 23.05
C THR B 75 45.58 -28.33 23.98
N TYR B 76 45.28 -27.88 25.20
CA TYR B 76 46.37 -27.56 26.09
C TYR B 76 47.22 -28.79 26.34
N THR B 77 46.58 -29.93 26.57
CA THR B 77 47.33 -31.15 26.83
C THR B 77 48.26 -31.42 25.66
N GLU B 78 47.76 -31.22 24.45
CA GLU B 78 48.56 -31.54 23.29
C GLU B 78 49.71 -30.56 23.15
N HIS B 79 49.47 -29.29 23.48
CA HIS B 79 50.55 -28.31 23.38
C HIS B 79 51.71 -28.68 24.29
N ALA B 80 51.42 -29.23 25.46
CA ALA B 80 52.48 -29.58 26.40
C ALA B 80 53.15 -30.89 26.04
N LYS B 81 52.71 -31.51 24.95
CA LYS B 81 53.20 -32.82 24.50
C LYS B 81 53.09 -33.85 25.62
N ARG B 82 51.94 -33.84 26.30
CA ARG B 82 51.61 -34.79 27.34
C ARG B 82 50.45 -35.65 26.87
N LYS B 83 50.24 -36.78 27.54
CA LYS B 83 49.11 -37.62 27.25
C LYS B 83 48.06 -37.63 28.35
N THR B 84 48.28 -36.90 29.44
CA THR B 84 47.36 -36.87 30.55
C THR B 84 46.79 -35.47 30.72
N VAL B 85 45.48 -35.33 30.57
CA VAL B 85 44.81 -34.06 30.83
C VAL B 85 44.85 -33.78 32.33
N THR B 86 45.37 -32.61 32.68
CA THR B 86 45.48 -32.23 34.08
C THR B 86 44.35 -31.29 34.47
N ALA B 87 44.16 -31.14 35.77
CA ALA B 87 43.20 -30.17 36.29
C ALA B 87 43.52 -28.77 35.81
N MET B 88 44.81 -28.43 35.71
CA MET B 88 45.18 -27.09 35.29
C MET B 88 44.77 -26.83 33.86
N ASP B 89 44.88 -27.86 33.01
CA ASP B 89 44.41 -27.72 31.63
C ASP B 89 42.95 -27.30 31.58
N VAL B 90 42.13 -27.96 32.40
CA VAL B 90 40.71 -27.66 32.44
C VAL B 90 40.48 -26.25 32.95
N VAL B 91 41.17 -25.88 34.01
CA VAL B 91 41.00 -24.54 34.56
C VAL B 91 41.33 -23.47 33.52
N TYR B 92 42.44 -23.64 32.79
CA TYR B 92 42.76 -22.66 31.76
C TYR B 92 41.72 -22.63 30.66
N ALA B 93 41.26 -23.81 30.22
CA ALA B 93 40.23 -23.82 29.19
C ALA B 93 39.00 -23.06 29.65
N LEU B 94 38.57 -23.33 30.87
CA LEU B 94 37.37 -22.67 31.37
C LEU B 94 37.59 -21.17 31.48
N LYS B 95 38.75 -20.75 31.98
CA LYS B 95 39.05 -19.33 32.11
C LYS B 95 38.97 -18.62 30.77
N ARG B 96 39.54 -19.21 29.73
CA ARG B 96 39.53 -18.45 28.50
C ARG B 96 38.14 -18.38 27.87
N GLN B 97 37.16 -19.12 28.36
CA GLN B 97 35.79 -18.95 27.92
C GLN B 97 34.99 -18.08 28.89
N GLY B 98 35.67 -17.39 29.80
CA GLY B 98 34.97 -16.51 30.72
C GLY B 98 34.13 -17.19 31.77
N ARG B 99 34.49 -18.41 32.16
CA ARG B 99 33.78 -19.15 33.19
C ARG B 99 34.78 -19.60 34.25
N THR B 100 35.50 -18.62 34.79
CA THR B 100 36.53 -18.86 35.80
C THR B 100 36.03 -19.74 36.94
N LEU B 101 36.80 -20.77 37.25
CA LEU B 101 36.50 -21.71 38.31
C LEU B 101 37.52 -21.65 39.43
N TYR B 102 37.05 -21.47 40.65
CA TYR B 102 37.86 -21.46 41.85
C TYR B 102 37.87 -22.83 42.51
N GLY B 103 39.02 -23.22 43.04
CA GLY B 103 39.09 -24.40 43.89
C GLY B 103 40.00 -25.49 43.41
N PHE B 104 40.61 -25.37 42.24
CA PHE B 104 41.37 -26.48 41.68
C PHE B 104 42.78 -26.07 41.33
N GLY B 105 43.26 -24.95 41.87
CA GLY B 105 44.61 -24.50 41.62
C GLY B 105 45.63 -25.28 42.42
N ARG C 15 77.63 -7.08 -0.37
CA ARG C 15 76.59 -7.71 0.44
C ARG C 15 75.51 -8.32 -0.45
N ALA C 16 74.88 -9.39 0.05
CA ALA C 16 73.85 -10.08 -0.72
C ALA C 16 72.69 -9.13 -1.02
N LYS C 17 72.03 -9.38 -2.16
CA LYS C 17 70.90 -8.55 -2.54
C LYS C 17 69.77 -8.69 -1.54
N ALA C 18 69.13 -7.57 -1.21
CA ALA C 18 68.10 -7.60 -0.19
C ALA C 18 66.90 -8.38 -0.69
N LYS C 19 66.49 -9.38 0.09
CA LYS C 19 65.24 -10.07 -0.11
C LYS C 19 64.43 -9.91 1.16
N THR C 20 63.12 -9.68 1.03
CA THR C 20 62.33 -9.51 2.23
C THR C 20 61.83 -10.87 2.67
N ARG C 21 61.59 -11.00 3.97
CA ARG C 21 61.09 -12.27 4.46
C ARG C 21 59.69 -12.53 3.94
N SER C 22 58.88 -11.48 3.76
CA SER C 22 57.56 -11.67 3.19
C SER C 22 57.68 -12.26 1.80
N SER C 23 58.62 -11.77 1.01
CA SER C 23 58.83 -12.32 -0.33
C SER C 23 59.34 -13.76 -0.25
N ARG C 24 60.23 -14.04 0.69
CA ARG C 24 60.71 -15.41 0.87
C ARG C 24 59.55 -16.33 1.23
N ALA C 25 58.54 -15.80 1.91
CA ALA C 25 57.41 -16.61 2.34
C ALA C 25 56.27 -16.54 1.35
N GLY C 26 56.38 -15.70 0.32
CA GLY C 26 55.32 -15.59 -0.65
C GLY C 26 54.13 -14.83 -0.12
N LEU C 27 54.37 -13.88 0.79
CA LEU C 27 53.31 -13.19 1.48
C LEU C 27 53.26 -11.74 1.06
N GLN C 28 52.13 -11.12 1.36
CA GLN C 28 51.92 -9.69 1.17
C GLN C 28 52.06 -8.88 2.43
N PHE C 29 51.72 -9.45 3.57
CA PHE C 29 51.82 -8.75 4.83
C PHE C 29 53.27 -8.60 5.28
N PRO C 30 53.59 -7.51 5.96
CA PRO C 30 54.99 -7.18 6.26
C PRO C 30 55.53 -7.95 7.44
N VAL C 31 56.36 -8.95 7.17
CA VAL C 31 56.89 -9.79 8.24
C VAL C 31 57.76 -8.99 9.19
N GLY C 32 58.63 -8.13 8.66
CA GLY C 32 59.50 -7.34 9.52
C GLY C 32 58.76 -6.50 10.53
N ARG C 33 57.71 -5.83 10.10
CA ARG C 33 56.96 -4.97 11.02
C ARG C 33 56.32 -5.82 12.12
N VAL C 34 55.72 -6.94 11.75
CA VAL C 34 55.11 -7.82 12.76
C VAL C 34 56.17 -8.28 13.76
N HIS C 35 57.36 -8.59 13.28
CA HIS C 35 58.44 -8.98 14.18
C HIS C 35 58.76 -7.87 15.15
N ARG C 36 58.86 -6.64 14.65
CA ARG C 36 59.17 -5.54 15.54
C ARG C 36 58.06 -5.36 16.59
N LEU C 37 56.81 -5.49 16.18
CA LEU C 37 55.73 -5.31 17.15
C LEU C 37 55.73 -6.41 18.19
N LEU C 38 56.09 -7.64 17.81
CA LEU C 38 56.21 -8.69 18.81
C LEU C 38 57.34 -8.41 19.77
N ARG C 39 58.48 -7.95 19.27
CA ARG C 39 59.58 -7.63 20.16
C ARG C 39 59.19 -6.54 21.15
N LYS C 40 58.44 -5.55 20.69
CA LYS C 40 58.15 -4.41 21.56
C LYS C 40 56.80 -4.51 22.22
N GLY C 41 56.07 -5.59 22.02
CA GLY C 41 54.80 -5.71 22.70
C GLY C 41 54.85 -6.39 24.04
N ASN C 42 56.05 -6.74 24.51
CA ASN C 42 56.26 -7.42 25.79
C ASN C 42 55.37 -8.65 25.94
N TYR C 43 55.43 -9.53 24.96
CA TYR C 43 54.64 -10.75 25.00
C TYR C 43 55.44 -11.91 25.56
N SER C 44 56.74 -11.94 25.26
CA SER C 44 57.63 -12.95 25.77
C SER C 44 59.04 -12.40 25.70
N GLU C 45 59.93 -13.02 26.45
CA GLU C 45 61.32 -12.60 26.44
C GLU C 45 62.02 -12.89 25.12
N ARG C 46 61.65 -13.98 24.44
CA ARG C 46 62.31 -14.34 23.20
C ARG C 46 61.27 -14.65 22.13
N VAL C 47 61.66 -14.44 20.87
CA VAL C 47 60.76 -14.67 19.75
C VAL C 47 61.48 -15.50 18.70
N GLY C 48 60.88 -16.63 18.33
CA GLY C 48 61.47 -17.49 17.33
C GLY C 48 61.42 -16.89 15.94
N ALA C 49 62.30 -17.40 15.07
CA ALA C 49 62.38 -16.84 13.73
C ALA C 49 61.15 -17.18 12.91
N GLY C 50 60.52 -18.32 13.17
CA GLY C 50 59.37 -18.74 12.40
C GLY C 50 58.04 -18.15 12.83
N ALA C 51 57.96 -17.68 14.07
CA ALA C 51 56.69 -17.22 14.61
C ALA C 51 56.08 -16.07 13.83
N PRO C 52 56.81 -15.00 13.49
CA PRO C 52 56.16 -13.92 12.76
C PRO C 52 55.75 -14.30 11.36
N VAL C 53 56.39 -15.28 10.74
CA VAL C 53 55.96 -15.70 9.42
C VAL C 53 54.57 -16.33 9.52
N TYR C 54 54.42 -17.25 10.45
CA TYR C 54 53.13 -17.91 10.68
C TYR C 54 52.05 -16.88 10.98
N LEU C 55 52.33 -15.99 11.93
CA LEU C 55 51.36 -14.97 12.30
C LEU C 55 50.95 -14.13 11.10
N ALA C 56 51.93 -13.69 10.31
CA ALA C 56 51.61 -12.88 9.15
C ALA C 56 50.74 -13.64 8.18
N ALA C 57 51.00 -14.94 8.02
CA ALA C 57 50.20 -15.72 7.08
C ALA C 57 48.77 -15.80 7.56
N VAL C 58 48.56 -16.01 8.86
CA VAL C 58 47.20 -16.10 9.37
C VAL C 58 46.46 -14.79 9.20
N LEU C 59 47.11 -13.68 9.54
CA LEU C 59 46.45 -12.39 9.39
C LEU C 59 46.09 -12.11 7.95
N GLU C 60 46.99 -12.45 7.02
CA GLU C 60 46.71 -12.23 5.61
C GLU C 60 45.53 -13.07 5.16
N TYR C 61 45.51 -14.34 5.56
CA TYR C 61 44.40 -15.20 5.17
C TYR C 61 43.07 -14.63 5.66
N LEU C 62 42.99 -14.23 6.93
CA LEU C 62 41.71 -13.75 7.43
C LEU C 62 41.29 -12.47 6.73
N THR C 63 42.25 -11.58 6.46
CA THR C 63 41.94 -10.38 5.70
C THR C 63 41.35 -10.76 4.35
N ALA C 64 41.93 -11.76 3.71
CA ALA C 64 41.45 -12.18 2.41
C ALA C 64 40.04 -12.72 2.49
N GLU C 65 39.73 -13.45 3.56
CA GLU C 65 38.39 -14.02 3.68
C GLU C 65 37.34 -12.92 3.86
N ILE C 66 37.61 -11.96 4.74
CA ILE C 66 36.66 -10.87 4.91
C ILE C 66 36.51 -10.07 3.63
N LEU C 67 37.61 -9.79 2.95
CA LEU C 67 37.50 -9.02 1.72
C LEU C 67 36.74 -9.79 0.65
N GLU C 68 36.93 -11.09 0.59
CA GLU C 68 36.16 -11.92 -0.34
C GLU C 68 34.67 -11.75 -0.13
N LEU C 69 34.22 -11.96 1.11
CA LEU C 69 32.78 -11.84 1.35
C LEU C 69 32.31 -10.41 1.10
N ALA C 70 33.10 -9.42 1.49
CA ALA C 70 32.68 -8.04 1.30
C ALA C 70 32.58 -7.68 -0.18
N GLY C 71 33.51 -8.17 -0.99
CA GLY C 71 33.40 -7.96 -2.42
C GLY C 71 32.14 -8.59 -3.01
N ASN C 72 31.86 -9.83 -2.61
CA ASN C 72 30.61 -10.44 -3.05
C ASN C 72 29.41 -9.58 -2.70
N ALA C 73 29.36 -9.11 -1.45
CA ALA C 73 28.24 -8.27 -1.05
C ALA C 73 28.19 -6.99 -1.87
N ALA C 74 29.35 -6.40 -2.14
CA ALA C 74 29.40 -5.17 -2.91
C ALA C 74 28.83 -5.36 -4.30
N ARG C 75 29.17 -6.47 -4.95
CA ARG C 75 28.65 -6.73 -6.28
C ARG C 75 27.15 -7.04 -6.23
N ASP C 76 26.70 -7.76 -5.20
CA ASP C 76 25.27 -7.99 -5.06
C ASP C 76 24.49 -6.69 -4.97
N ASN C 77 25.09 -5.64 -4.43
CA ASN C 77 24.39 -4.38 -4.29
C ASN C 77 24.68 -3.45 -5.47
N LYS C 78 25.33 -3.99 -6.50
CA LYS C 78 25.74 -3.21 -7.66
C LYS C 78 26.54 -1.95 -7.28
N LYS C 79 27.41 -2.09 -6.29
CA LYS C 79 28.33 -1.02 -5.92
C LYS C 79 29.74 -1.49 -6.24
N THR C 80 30.57 -0.57 -6.73
CA THR C 80 31.94 -0.93 -7.03
C THR C 80 32.93 -0.65 -5.92
N ARG C 81 32.57 0.15 -4.92
CA ARG C 81 33.46 0.42 -3.81
C ARG C 81 32.88 -0.19 -2.54
N ILE C 82 33.69 -0.97 -1.83
CA ILE C 82 33.26 -1.52 -0.55
C ILE C 82 33.18 -0.43 0.51
N ILE C 83 32.03 -0.34 1.16
CA ILE C 83 31.82 0.60 2.26
C ILE C 83 31.49 -0.18 3.54
N PRO C 84 31.51 0.46 4.72
CA PRO C 84 31.23 -0.28 5.96
C PRO C 84 29.96 -1.10 5.98
N ARG C 85 28.91 -0.63 5.33
CA ARG C 85 27.68 -1.41 5.27
C ARG C 85 27.94 -2.79 4.73
N HIS C 86 28.73 -2.88 3.67
CA HIS C 86 29.06 -4.17 3.08
C HIS C 86 29.86 -5.03 4.04
N LEU C 87 30.73 -4.42 4.83
CA LEU C 87 31.48 -5.21 5.81
C LEU C 87 30.56 -5.79 6.85
N GLN C 88 29.59 -5.01 7.32
CA GLN C 88 28.67 -5.52 8.33
C GLN C 88 27.83 -6.65 7.77
N LEU C 89 27.31 -6.47 6.57
CA LEU C 89 26.55 -7.53 5.92
C LEU C 89 27.39 -8.79 5.78
N ALA C 90 28.63 -8.64 5.31
CA ALA C 90 29.52 -9.77 5.13
C ALA C 90 29.74 -10.52 6.44
N ILE C 91 29.96 -9.79 7.52
CA ILE C 91 30.29 -10.42 8.79
C ILE C 91 29.08 -11.16 9.35
N ARG C 92 27.91 -10.52 9.35
CA ARG C 92 26.76 -11.15 9.99
C ARG C 92 26.22 -12.32 9.19
N ASN C 93 26.42 -12.36 7.89
CA ASN C 93 25.93 -13.49 7.09
C ASN C 93 26.85 -14.70 7.06
N ASP C 94 27.99 -14.69 7.73
CA ASP C 94 28.86 -15.85 7.77
C ASP C 94 29.00 -16.38 9.20
N GLU C 95 28.56 -17.62 9.40
CA GLU C 95 28.44 -18.15 10.76
C GLU C 95 29.76 -18.11 11.52
N GLU C 96 30.87 -18.46 10.86
CA GLU C 96 32.11 -18.55 11.61
C GLU C 96 32.68 -17.16 11.88
N LEU C 97 32.59 -16.27 10.92
CA LEU C 97 33.02 -14.90 11.20
C LEU C 97 32.10 -14.26 12.23
N ASN C 98 30.80 -14.52 12.14
CA ASN C 98 29.87 -13.97 13.11
C ASN C 98 30.22 -14.46 14.50
N LYS C 99 30.60 -15.73 14.62
CA LYS C 99 31.04 -16.25 15.90
C LYS C 99 32.30 -15.53 16.37
N LEU C 100 33.30 -15.42 15.49
CA LEU C 100 34.54 -14.76 15.88
C LEU C 100 34.34 -13.32 16.31
N LEU C 101 33.46 -12.59 15.64
CA LEU C 101 33.25 -11.18 15.93
C LEU C 101 31.90 -10.94 16.60
N GLY C 102 31.52 -11.87 17.46
CA GLY C 102 30.22 -11.80 18.11
C GLY C 102 30.06 -10.58 18.97
N ARG C 103 31.15 -10.09 19.56
CA ARG C 103 31.09 -8.95 20.45
C ARG C 103 31.75 -7.72 19.86
N VAL C 104 31.62 -7.52 18.54
CA VAL C 104 32.28 -6.41 17.88
C VAL C 104 31.21 -5.55 17.25
N THR C 105 31.32 -4.24 17.41
CA THR C 105 30.44 -3.29 16.77
C THR C 105 31.15 -2.66 15.57
N ILE C 106 30.56 -2.80 14.39
CA ILE C 106 31.05 -2.15 13.20
C ILE C 106 30.38 -0.79 13.04
N ALA C 107 31.16 0.27 13.23
CA ALA C 107 30.63 1.62 13.12
C ALA C 107 30.01 1.82 11.75
N GLN C 108 28.86 2.48 11.73
CA GLN C 108 28.10 2.73 10.50
C GLN C 108 27.71 1.42 9.82
N GLY C 109 27.60 0.35 10.59
CA GLY C 109 27.24 -0.94 10.03
C GLY C 109 25.75 -1.22 9.92
N GLY C 110 24.95 -0.63 10.79
CA GLY C 110 23.57 -1.03 10.81
C GLY C 110 23.41 -2.47 11.25
N VAL C 111 22.27 -3.05 10.86
CA VAL C 111 21.95 -4.43 11.17
C VAL C 111 21.47 -5.12 9.90
N LEU C 112 21.38 -6.45 9.98
CA LEU C 112 20.83 -7.22 8.89
C LEU C 112 19.32 -6.98 8.77
N PRO C 113 18.80 -6.85 7.56
CA PRO C 113 17.34 -6.79 7.39
C PRO C 113 16.75 -8.06 7.95
N ASN C 114 15.81 -7.92 8.87
CA ASN C 114 15.22 -9.08 9.51
C ASN C 114 13.94 -8.75 10.25
N ILE C 115 12.82 -9.30 9.79
CA ILE C 115 11.52 -9.10 10.42
C ILE C 115 10.99 -10.44 10.90
N GLN C 116 10.61 -10.51 12.18
CA GLN C 116 10.04 -11.74 12.72
C GLN C 116 8.77 -12.11 11.97
N ALA C 117 8.66 -13.39 11.61
CA ALA C 117 7.57 -13.85 10.75
C ALA C 117 6.20 -13.55 11.35
N VAL C 118 6.06 -13.60 12.67
CA VAL C 118 4.76 -13.36 13.28
C VAL C 118 4.26 -11.94 13.08
N LEU C 119 5.14 -11.00 12.75
CA LEU C 119 4.68 -9.62 12.62
C LEU C 119 4.10 -9.32 11.25
N LEU C 120 4.35 -10.16 10.26
CA LEU C 120 3.82 -9.83 8.95
C LEU C 120 2.33 -10.15 8.92
N PRO C 121 1.56 -9.47 8.08
CA PRO C 121 0.13 -9.75 8.04
C PRO C 121 -0.14 -11.17 7.55
N LYS C 122 -1.35 -11.64 7.80
CA LYS C 122 -1.66 -13.04 7.58
C LYS C 122 -1.87 -13.35 6.10
N SER D 36 55.37 13.31 12.26
CA SER D 36 54.14 12.58 12.55
C SER D 36 53.97 11.39 11.60
N ARG D 37 54.53 10.24 11.99
CA ARG D 37 54.50 9.04 11.19
C ARG D 37 53.70 7.97 11.93
N LYS D 38 52.57 7.58 11.35
CA LYS D 38 51.65 6.62 11.92
C LYS D 38 51.57 5.42 10.99
N GLU D 39 51.98 4.26 11.48
CA GLU D 39 51.97 3.07 10.65
C GLU D 39 50.58 2.45 10.65
N SER D 40 50.25 1.80 9.55
CA SER D 40 49.03 1.04 9.44
C SER D 40 49.23 -0.05 8.41
N TYR D 41 48.23 -0.89 8.28
CA TYR D 41 48.22 -2.01 7.37
C TYR D 41 47.63 -1.64 6.01
N SER D 42 47.39 -0.34 5.77
CA SER D 42 46.66 0.09 4.58
C SER D 42 47.23 -0.45 3.27
N ILE D 43 48.55 -0.33 3.08
CA ILE D 43 49.08 -0.75 1.78
C ILE D 43 48.97 -2.25 1.59
N TYR D 44 49.06 -3.02 2.66
CA TYR D 44 48.97 -4.46 2.53
C TYR D 44 47.53 -4.87 2.29
N VAL D 45 46.60 -4.21 2.98
CA VAL D 45 45.19 -4.46 2.72
C VAL D 45 44.88 -4.16 1.27
N TYR D 46 45.45 -3.08 0.74
CA TYR D 46 45.16 -2.70 -0.63
C TYR D 46 45.72 -3.73 -1.61
N LYS D 47 46.92 -4.24 -1.36
CA LYS D 47 47.47 -5.27 -2.23
C LYS D 47 46.62 -6.53 -2.22
N VAL D 48 46.19 -6.97 -1.04
CA VAL D 48 45.31 -8.13 -0.97
C VAL D 48 44.02 -7.89 -1.73
N LEU D 49 43.42 -6.71 -1.53
CA LEU D 49 42.19 -6.39 -2.25
C LEU D 49 42.39 -6.50 -3.75
N LYS D 50 43.50 -5.96 -4.26
CA LYS D 50 43.77 -6.08 -5.69
C LYS D 50 43.99 -7.53 -6.11
N GLN D 51 44.52 -8.37 -5.23
CA GLN D 51 44.59 -9.78 -5.58
C GLN D 51 43.21 -10.41 -5.71
N VAL D 52 42.31 -10.13 -4.77
CA VAL D 52 41.02 -10.84 -4.78
C VAL D 52 39.93 -10.18 -5.60
N HIS D 53 39.93 -8.85 -5.75
CA HIS D 53 38.92 -8.15 -6.54
C HIS D 53 39.55 -7.01 -7.32
N PRO D 54 40.12 -7.31 -8.48
CA PRO D 54 40.92 -6.33 -9.22
C PRO D 54 40.24 -4.99 -9.46
N ASP D 55 38.92 -4.96 -9.64
CA ASP D 55 38.23 -3.72 -9.96
C ASP D 55 37.43 -3.15 -8.79
N THR D 56 37.77 -3.50 -7.56
CA THR D 56 37.03 -3.02 -6.41
C THR D 56 37.91 -2.08 -5.59
N GLY D 57 37.33 -0.99 -5.12
CA GLY D 57 38.02 -0.04 -4.27
C GLY D 57 37.58 -0.12 -2.82
N ILE D 58 37.97 0.89 -2.06
CA ILE D 58 37.63 0.92 -0.64
C ILE D 58 37.67 2.36 -0.12
N SER D 59 36.69 2.69 0.71
CA SER D 59 36.61 4.02 1.29
C SER D 59 37.64 4.14 2.40
N SER D 60 37.92 5.40 2.78
CA SER D 60 38.88 5.62 3.86
C SER D 60 38.39 5.02 5.17
N LYS D 61 37.11 5.19 5.48
CA LYS D 61 36.56 4.62 6.70
C LYS D 61 36.72 3.12 6.74
N ALA D 62 36.45 2.46 5.62
CA ALA D 62 36.59 1.01 5.61
C ALA D 62 38.04 0.60 5.84
N MET D 63 38.99 1.34 5.27
CA MET D 63 40.39 1.00 5.52
C MET D 63 40.73 1.18 6.99
N GLY D 64 40.17 2.21 7.61
CA GLY D 64 40.37 2.38 9.05
C GLY D 64 39.79 1.23 9.84
N ILE D 65 38.65 0.73 9.40
CA ILE D 65 38.02 -0.41 10.06
C ILE D 65 38.89 -1.64 9.90
N MET D 66 39.50 -1.79 8.73
CA MET D 66 40.39 -2.93 8.53
C MET D 66 41.59 -2.84 9.46
N ASN D 67 42.12 -1.63 9.66
CA ASN D 67 43.24 -1.50 10.57
C ASN D 67 42.85 -1.85 12.00
N SER D 68 41.70 -1.36 12.45
CA SER D 68 41.20 -1.78 13.76
C SER D 68 41.08 -3.28 13.87
N PHE D 69 40.53 -3.92 12.83
CA PHE D 69 40.36 -5.36 12.83
C PHE D 69 41.69 -6.08 12.98
N VAL D 70 42.66 -5.72 12.15
CA VAL D 70 43.95 -6.38 12.18
C VAL D 70 44.60 -6.22 13.54
N ASN D 71 44.58 -5.03 14.10
CA ASN D 71 45.17 -4.84 15.42
C ASN D 71 44.46 -5.70 16.47
N ASP D 72 43.13 -5.77 16.40
CA ASP D 72 42.39 -6.57 17.36
C ASP D 72 42.82 -8.03 17.31
N ILE D 73 42.83 -8.62 16.13
CA ILE D 73 43.19 -10.04 16.06
C ILE D 73 44.64 -10.23 16.46
N PHE D 74 45.50 -9.30 16.09
CA PHE D 74 46.88 -9.36 16.53
C PHE D 74 46.98 -9.45 18.05
N GLU D 75 46.34 -8.51 18.76
CA GLU D 75 46.43 -8.52 20.22
C GLU D 75 45.89 -9.82 20.79
N ARG D 76 44.75 -10.29 20.30
CA ARG D 76 44.20 -11.53 20.84
C ARG D 76 45.20 -12.67 20.68
N ILE D 77 45.76 -12.82 19.49
CA ILE D 77 46.63 -13.96 19.25
C ILE D 77 47.90 -13.83 20.08
N ALA D 78 48.52 -12.66 20.09
CA ALA D 78 49.75 -12.51 20.86
C ALA D 78 49.51 -12.77 22.34
N GLY D 79 48.39 -12.29 22.87
CA GLY D 79 48.11 -12.51 24.28
C GLY D 79 47.90 -13.97 24.60
N GLU D 80 47.12 -14.66 23.77
CA GLU D 80 46.89 -16.07 23.99
C GLU D 80 48.20 -16.84 23.90
N ALA D 81 49.06 -16.46 22.95
CA ALA D 81 50.36 -17.11 22.83
C ALA D 81 51.19 -16.87 24.07
N SER D 82 51.14 -15.66 24.62
CA SER D 82 51.87 -15.37 25.84
C SER D 82 51.41 -16.29 26.96
N ARG D 83 50.10 -16.47 27.10
CA ARG D 83 49.61 -17.35 28.15
C ARG D 83 50.08 -18.77 27.92
N LEU D 84 50.01 -19.26 26.69
CA LEU D 84 50.54 -20.59 26.40
C LEU D 84 51.98 -20.74 26.83
N ALA D 85 52.83 -19.78 26.45
CA ALA D 85 54.23 -19.86 26.81
C ALA D 85 54.42 -19.83 28.32
N HIS D 86 53.67 -18.98 28.99
CA HIS D 86 53.76 -18.91 30.45
C HIS D 86 53.38 -20.22 31.12
N TYR D 87 52.25 -20.81 30.71
CA TYR D 87 51.81 -22.07 31.32
C TYR D 87 52.86 -23.16 31.26
N ASN D 88 53.70 -23.18 30.23
CA ASN D 88 54.62 -24.30 30.06
C ASN D 88 56.04 -23.91 30.44
N LYS D 89 56.23 -22.77 31.09
CA LYS D 89 57.54 -22.33 31.57
C LYS D 89 58.57 -22.29 30.45
N ARG D 90 58.18 -21.81 29.28
CA ARG D 90 59.08 -21.62 28.17
C ARG D 90 59.28 -20.12 28.01
N SER D 91 60.49 -19.69 27.70
CA SER D 91 60.75 -18.27 27.58
C SER D 91 60.70 -17.78 26.14
N THR D 92 60.52 -18.68 25.18
CA THR D 92 60.53 -18.33 23.77
C THR D 92 59.16 -18.63 23.18
N ILE D 93 58.59 -17.67 22.46
CA ILE D 93 57.42 -17.92 21.63
C ILE D 93 57.88 -18.35 20.25
N THR D 94 57.53 -19.58 19.87
CA THR D 94 57.88 -20.13 18.57
C THR D 94 56.62 -20.30 17.72
N SER D 95 56.82 -20.75 16.49
CA SER D 95 55.69 -21.00 15.60
C SER D 95 54.73 -22.04 16.15
N ARG D 96 55.19 -22.90 17.05
CA ARG D 96 54.32 -23.90 17.64
C ARG D 96 53.27 -23.25 18.52
N GLU D 97 53.69 -22.29 19.33
CA GLU D 97 52.75 -21.55 20.16
C GLU D 97 51.75 -20.79 19.32
N ILE D 98 52.21 -20.20 18.22
CA ILE D 98 51.29 -19.51 17.32
C ILE D 98 50.25 -20.48 16.82
N GLN D 99 50.67 -21.68 16.43
CA GLN D 99 49.73 -22.63 15.86
C GLN D 99 48.69 -23.04 16.89
N THR D 100 49.13 -23.33 18.11
CA THR D 100 48.17 -23.74 19.13
C THR D 100 47.20 -22.62 19.45
N ALA D 101 47.70 -21.39 19.56
CA ALA D 101 46.82 -20.25 19.78
C ALA D 101 45.80 -20.11 18.66
N VAL D 102 46.24 -20.30 17.42
CA VAL D 102 45.32 -20.23 16.29
C VAL D 102 44.22 -21.27 16.44
N ARG D 103 44.58 -22.46 16.86
CA ARG D 103 43.54 -23.48 17.03
C ARG D 103 42.58 -23.10 18.14
N LEU D 104 43.08 -22.46 19.19
CA LEU D 104 42.15 -22.05 20.25
C LEU D 104 41.20 -20.95 19.81
N LEU D 105 41.66 -19.97 19.04
CA LEU D 105 40.78 -18.83 18.83
C LEU D 105 39.84 -19.01 17.65
N LEU D 106 40.27 -19.70 16.62
CA LEU D 106 39.33 -19.66 15.50
C LEU D 106 38.43 -20.89 15.48
N PRO D 107 37.19 -20.71 15.08
CA PRO D 107 36.27 -21.85 14.97
C PRO D 107 36.55 -22.69 13.73
N GLY D 108 36.51 -24.01 13.94
CA GLY D 108 36.41 -25.02 12.90
C GLY D 108 37.14 -24.86 11.57
N GLU D 109 36.37 -24.76 10.48
CA GLU D 109 37.01 -24.73 9.16
C GLU D 109 37.90 -23.52 8.98
N LEU D 110 37.55 -22.40 9.61
CA LEU D 110 38.41 -21.24 9.51
C LEU D 110 39.76 -21.56 10.11
N ALA D 111 39.75 -22.25 11.24
CA ALA D 111 40.98 -22.66 11.89
C ALA D 111 41.78 -23.63 11.03
N LYS D 112 41.12 -24.62 10.45
CA LYS D 112 41.86 -25.58 9.64
C LYS D 112 42.52 -24.89 8.46
N HIS D 113 41.80 -24.00 7.79
CA HIS D 113 42.38 -23.33 6.65
C HIS D 113 43.54 -22.42 7.05
N ALA D 114 43.38 -21.70 8.15
CA ALA D 114 44.46 -20.84 8.61
C ALA D 114 45.69 -21.66 8.95
N VAL D 115 45.51 -22.78 9.64
CA VAL D 115 46.64 -23.63 9.97
C VAL D 115 47.33 -24.12 8.71
N SER D 116 46.53 -24.49 7.69
CA SER D 116 47.13 -24.93 6.44
C SER D 116 47.97 -23.83 5.82
N GLU D 117 47.45 -22.61 5.79
CA GLU D 117 48.20 -21.49 5.22
C GLU D 117 49.48 -21.24 5.99
N GLY D 118 49.40 -21.23 7.32
CA GLY D 118 50.60 -20.97 8.10
C GLY D 118 51.66 -22.03 7.89
N THR D 119 51.25 -23.30 7.88
CA THR D 119 52.23 -24.36 7.72
C THR D 119 52.88 -24.28 6.35
N LYS D 120 52.08 -24.13 5.29
CA LYS D 120 52.65 -24.00 3.96
C LYS D 120 53.61 -22.82 3.90
N ALA D 121 53.22 -21.69 4.47
CA ALA D 121 54.07 -20.51 4.40
C ALA D 121 55.40 -20.75 5.11
N VAL D 122 55.36 -21.39 6.28
CA VAL D 122 56.59 -21.61 7.02
C VAL D 122 57.48 -22.59 6.28
N THR D 123 56.91 -23.62 5.68
CA THR D 123 57.74 -24.58 4.97
C THR D 123 58.33 -23.97 3.72
N LYS D 124 57.59 -23.14 3.00
CA LYS D 124 58.18 -22.49 1.84
C LYS D 124 59.28 -21.54 2.27
N TYR D 125 59.07 -20.81 3.36
CA TYR D 125 60.07 -19.88 3.86
C TYR D 125 61.35 -20.59 4.26
N THR D 126 61.22 -21.73 4.93
CA THR D 126 62.39 -22.44 5.42
C THR D 126 63.31 -22.90 4.30
N SER D 127 62.76 -23.18 3.13
CA SER D 127 63.61 -23.59 2.00
C SER D 127 64.04 -22.40 1.17
N LYS E 40 -14.39 12.73 -0.97
CA LYS E 40 -14.19 11.35 -0.57
C LYS E 40 -13.25 11.21 0.63
N LYS E 41 -13.33 10.05 1.27
CA LYS E 41 -12.62 9.82 2.51
C LYS E 41 -11.11 9.96 2.31
N PRO E 42 -10.42 10.63 3.22
CA PRO E 42 -8.97 10.82 3.05
C PRO E 42 -8.27 9.49 3.20
N HIS E 43 -7.11 9.38 2.58
CA HIS E 43 -6.38 8.13 2.58
C HIS E 43 -5.63 7.96 3.89
N ARG E 44 -5.76 6.77 4.48
CA ARG E 44 -5.35 6.56 5.87
C ARG E 44 -5.04 5.07 6.02
N TYR E 45 -3.76 4.74 6.04
CA TYR E 45 -3.32 3.36 6.16
C TYR E 45 -3.66 2.79 7.52
N ARG E 46 -3.83 1.48 7.58
CA ARG E 46 -4.26 0.84 8.80
C ARG E 46 -3.11 0.79 9.79
N PRO E 47 -3.40 0.72 11.09
CA PRO E 47 -2.35 0.68 12.11
C PRO E 47 -1.39 -0.48 11.89
N GLY E 48 -0.11 -0.16 11.75
CA GLY E 48 0.93 -1.15 11.55
C GLY E 48 1.62 -1.07 10.20
N THR E 49 0.87 -0.68 9.16
CA THR E 49 1.45 -0.59 7.83
C THR E 49 2.66 0.32 7.82
N VAL E 50 2.50 1.52 8.38
CA VAL E 50 3.56 2.51 8.30
C VAL E 50 4.69 2.10 9.20
N ALA E 51 4.38 1.46 10.33
CA ALA E 51 5.43 0.93 11.18
C ALA E 51 6.31 -0.05 10.42
N LEU E 52 5.70 -1.01 9.73
CA LEU E 52 6.48 -1.97 8.95
C LEU E 52 7.32 -1.28 7.89
N ARG E 53 6.72 -0.32 7.17
CA ARG E 53 7.50 0.39 6.16
C ARG E 53 8.68 1.13 6.80
N GLU E 54 8.50 1.63 8.02
CA GLU E 54 9.61 2.28 8.71
C GLU E 54 10.67 1.27 9.10
N ILE E 55 10.27 0.07 9.49
CA ILE E 55 11.26 -0.95 9.82
C ILE E 55 12.14 -1.19 8.61
N ARG E 56 11.52 -1.42 7.46
CA ARG E 56 12.32 -1.62 6.24
C ARG E 56 13.23 -0.43 5.99
N ARG E 57 12.66 0.78 6.06
CA ARG E 57 13.41 2.00 5.79
C ARG E 57 14.64 2.09 6.69
N TYR E 58 14.46 1.94 8.01
CA TYR E 58 15.60 2.16 8.89
C TYR E 58 16.53 0.98 8.97
N GLN E 59 16.11 -0.21 8.55
CA GLN E 59 17.11 -1.26 8.50
C GLN E 59 17.91 -1.17 7.23
N LYS E 60 17.41 -0.46 6.22
CA LYS E 60 18.22 -0.32 5.01
C LYS E 60 19.34 0.68 5.18
N SER E 61 19.19 1.69 6.02
CA SER E 61 20.17 2.77 6.08
C SER E 61 20.99 2.66 7.35
N THR E 62 21.97 3.57 7.49
CA THR E 62 22.92 3.50 8.58
C THR E 62 23.12 4.79 9.36
N GLU E 63 22.45 5.87 9.00
CA GLU E 63 22.71 7.14 9.65
C GLU E 63 22.27 7.11 11.11
N LEU E 64 22.97 7.88 11.93
CA LEU E 64 22.65 7.97 13.35
C LEU E 64 21.27 8.59 13.55
N LEU E 65 20.56 8.11 14.57
CA LEU E 65 19.15 8.42 14.71
C LEU E 65 18.82 9.41 15.81
N ILE E 66 19.73 9.68 16.73
CA ILE E 66 19.56 10.71 17.74
C ILE E 66 20.21 12.02 17.31
N ARG E 67 19.58 13.14 17.67
CA ARG E 67 20.13 14.44 17.33
C ARG E 67 21.46 14.66 18.03
N LYS E 68 22.42 15.20 17.28
CA LYS E 68 23.78 15.35 17.75
C LYS E 68 23.87 16.19 19.03
N LEU E 69 23.37 17.40 18.98
CA LEU E 69 23.55 18.36 20.05
C LEU E 69 22.89 17.99 21.39
N PRO E 70 21.64 17.50 21.40
CA PRO E 70 21.09 17.10 22.71
C PRO E 70 21.87 15.96 23.31
N PHE E 71 22.34 15.05 22.47
CA PHE E 71 23.16 13.96 22.98
C PHE E 71 24.45 14.50 23.58
N GLN E 72 25.08 15.44 22.89
CA GLN E 72 26.30 16.04 23.43
C GLN E 72 26.05 16.68 24.78
N ARG E 73 24.95 17.43 24.90
CA ARG E 73 24.62 18.04 26.19
C ARG E 73 24.43 16.99 27.26
N LEU E 74 23.76 15.89 26.93
CA LEU E 74 23.59 14.81 27.90
C LEU E 74 24.93 14.31 28.39
N VAL E 75 25.84 14.03 27.44
CA VAL E 75 27.15 13.53 27.80
C VAL E 75 27.88 14.49 28.70
N ARG E 76 27.85 15.78 28.37
CA ARG E 76 28.57 16.75 29.18
C ARG E 76 27.97 16.89 30.56
N GLU E 77 26.63 16.84 30.67
CA GLU E 77 26.00 16.90 31.99
C GLU E 77 26.44 15.74 32.85
N ILE E 78 26.36 14.52 32.32
CA ILE E 78 26.75 13.34 33.09
C ILE E 78 28.21 13.41 33.48
N ALA E 79 29.06 13.82 32.53
CA ALA E 79 30.49 13.92 32.79
C ALA E 79 30.79 14.92 33.89
N GLN E 80 30.03 16.01 33.96
CA GLN E 80 30.28 17.03 34.97
C GLN E 80 30.12 16.49 36.38
N ASP E 81 29.30 15.46 36.59
CA ASP E 81 29.23 14.95 37.95
C ASP E 81 30.44 14.12 38.37
N PHE E 82 31.43 13.89 37.51
CA PHE E 82 32.65 13.29 38.02
C PHE E 82 33.81 14.27 38.16
N LYS E 83 34.03 15.12 37.17
CA LYS E 83 35.07 16.13 37.24
C LYS E 83 34.62 17.36 36.48
N THR E 84 34.73 18.52 37.09
CA THR E 84 34.27 19.74 36.46
C THR E 84 35.24 20.18 35.36
N ASP E 85 34.68 20.91 34.38
CA ASP E 85 35.43 21.64 33.36
C ASP E 85 36.13 20.76 32.34
N LEU E 86 35.72 19.52 32.19
CA LEU E 86 36.33 18.67 31.18
C LEU E 86 35.95 19.18 29.79
N ARG E 87 36.87 19.02 28.84
CA ARG E 87 36.51 19.24 27.45
C ARG E 87 36.49 17.91 26.70
N PHE E 88 35.92 17.93 25.50
CA PHE E 88 35.80 16.73 24.69
C PHE E 88 36.20 16.96 23.24
N GLN E 89 36.97 16.03 22.69
CA GLN E 89 37.15 15.96 21.25
C GLN E 89 35.86 15.53 20.55
N SER E 90 35.61 16.11 19.38
CA SER E 90 34.43 15.76 18.59
C SER E 90 34.31 14.27 18.31
N SER E 91 35.39 13.66 17.82
CA SER E 91 35.31 12.24 17.48
C SER E 91 35.07 11.36 18.69
N ALA E 92 35.35 11.85 19.89
CA ALA E 92 35.07 11.07 21.08
C ALA E 92 33.56 10.98 21.29
N VAL E 93 32.88 12.10 21.08
CA VAL E 93 31.44 12.12 21.23
C VAL E 93 30.80 11.29 20.15
N MET E 94 31.32 11.37 18.92
CA MET E 94 30.73 10.55 17.87
C MET E 94 30.91 9.06 18.16
N ALA E 95 32.05 8.69 18.73
CA ALA E 95 32.27 7.29 19.09
C ALA E 95 31.29 6.85 20.16
N LEU E 96 31.12 7.69 21.18
CA LEU E 96 30.17 7.38 22.24
C LEU E 96 28.78 7.21 21.68
N GLN E 97 28.43 7.99 20.66
CA GLN E 97 27.09 7.89 20.13
C GLN E 97 26.92 6.57 19.39
N GLU E 98 27.94 6.18 18.62
CA GLU E 98 27.86 4.88 17.96
C GLU E 98 27.68 3.76 18.98
N ALA E 99 28.46 3.81 20.06
CA ALA E 99 28.34 2.76 21.06
C ALA E 99 26.96 2.73 21.70
N CYS E 100 26.42 3.89 22.05
CA CYS E 100 25.13 3.92 22.72
C CYS E 100 24.04 3.38 21.81
N GLU E 101 24.02 3.82 20.57
CA GLU E 101 22.94 3.38 19.69
C GLU E 101 23.05 1.90 19.37
N ALA E 102 24.27 1.39 19.15
CA ALA E 102 24.40 -0.06 18.93
C ALA E 102 23.93 -0.85 20.13
N TYR E 103 24.25 -0.39 21.34
CA TYR E 103 23.83 -1.11 22.54
C TYR E 103 22.32 -1.15 22.62
N LEU E 104 21.68 -0.01 22.39
CA LEU E 104 20.23 0.05 22.47
C LEU E 104 19.58 -0.82 21.40
N VAL E 105 20.12 -0.82 20.18
CA VAL E 105 19.56 -1.66 19.13
C VAL E 105 19.58 -3.12 19.55
N GLY E 106 20.71 -3.57 20.08
CA GLY E 106 20.75 -4.96 20.54
C GLY E 106 19.75 -5.23 21.64
N LEU E 107 19.62 -4.29 22.58
CA LEU E 107 18.65 -4.46 23.64
C LEU E 107 17.23 -4.58 23.08
N PHE E 108 16.92 -3.81 22.03
CA PHE E 108 15.58 -3.92 21.48
C PHE E 108 15.36 -5.22 20.72
N GLU E 109 16.38 -5.78 20.08
CA GLU E 109 16.20 -7.10 19.50
C GLU E 109 15.82 -8.10 20.58
N ASP E 110 16.58 -8.12 21.67
CA ASP E 110 16.27 -9.11 22.70
C ASP E 110 14.91 -8.85 23.32
N THR E 111 14.60 -7.58 23.60
CA THR E 111 13.29 -7.24 24.12
C THR E 111 12.17 -7.75 23.22
N ASN E 112 12.31 -7.57 21.90
CA ASN E 112 11.30 -8.07 21.00
C ASN E 112 11.15 -9.57 21.09
N LEU E 113 12.26 -10.29 21.17
CA LEU E 113 12.14 -11.74 21.30
C LEU E 113 11.43 -12.12 22.59
N CYS E 114 11.70 -11.38 23.67
CA CYS E 114 11.02 -11.70 24.92
C CYS E 114 9.54 -11.42 24.83
N ALA E 115 9.16 -10.32 24.20
CA ALA E 115 7.75 -10.01 24.01
C ALA E 115 7.04 -11.09 23.21
N ILE E 116 7.62 -11.48 22.08
CA ILE E 116 7.02 -12.51 21.24
C ILE E 116 6.87 -13.82 21.98
N HIS E 117 7.86 -14.17 22.81
CA HIS E 117 7.74 -15.39 23.59
C HIS E 117 6.46 -15.44 24.40
N ALA E 118 6.02 -14.32 24.95
CA ALA E 118 4.81 -14.31 25.76
C ALA E 118 3.55 -14.13 24.93
N LYS E 119 3.63 -14.40 23.63
CA LYS E 119 2.51 -14.32 22.71
C LYS E 119 1.87 -12.94 22.70
N ARG E 120 2.67 -11.91 22.94
CA ARG E 120 2.25 -10.53 22.78
C ARG E 120 2.99 -9.96 21.59
N VAL E 121 2.55 -8.79 21.12
CA VAL E 121 3.26 -8.13 20.03
C VAL E 121 3.74 -6.74 20.45
N THR E 122 3.38 -6.30 21.64
CA THR E 122 3.74 -5.00 22.16
C THR E 122 4.77 -5.19 23.27
N ILE E 123 5.88 -4.51 23.17
CA ILE E 123 6.91 -4.62 24.20
C ILE E 123 6.54 -3.74 25.38
N MET E 124 6.84 -4.23 26.58
CA MET E 124 6.46 -3.60 27.84
C MET E 124 7.68 -3.56 28.74
N PRO E 125 7.67 -2.72 29.76
CA PRO E 125 8.82 -2.64 30.67
C PRO E 125 9.30 -3.96 31.25
N LYS E 126 8.39 -4.86 31.60
CA LYS E 126 8.83 -6.13 32.15
C LYS E 126 9.67 -6.91 31.15
N ASP E 127 9.43 -6.71 29.85
CA ASP E 127 10.27 -7.35 28.85
C ASP E 127 11.70 -6.83 28.91
N ILE E 128 11.86 -5.51 28.99
CA ILE E 128 13.21 -4.95 29.14
C ILE E 128 13.87 -5.49 30.39
N GLN E 129 13.14 -5.55 31.49
CA GLN E 129 13.76 -6.00 32.73
C GLN E 129 14.17 -7.46 32.63
N LEU E 130 13.38 -8.29 31.95
CA LEU E 130 13.79 -9.67 31.77
C LEU E 130 15.04 -9.76 30.91
N ALA E 131 15.07 -9.01 29.81
CA ALA E 131 16.23 -9.05 28.94
C ALA E 131 17.49 -8.66 29.67
N ARG E 132 17.42 -7.60 30.48
CA ARG E 132 18.63 -7.16 31.16
C ARG E 132 18.99 -8.11 32.29
N ARG E 133 18.02 -8.74 32.94
CA ARG E 133 18.37 -9.71 33.95
C ARG E 133 19.10 -10.88 33.34
N ILE E 134 18.64 -11.35 32.18
CA ILE E 134 19.30 -12.51 31.59
C ILE E 134 20.67 -12.14 31.04
N ARG E 135 20.85 -10.92 30.53
CA ARG E 135 22.19 -10.54 30.11
C ARG E 135 23.17 -10.50 31.27
N GLY E 136 22.70 -10.38 32.51
CA GLY E 136 23.60 -10.25 33.62
C GLY E 136 23.99 -8.85 34.02
N GLU E 137 23.25 -7.83 33.57
CA GLU E 137 23.56 -6.49 34.02
C GLU E 137 22.94 -6.21 35.38
N ARG E 138 21.82 -6.87 35.70
CA ARG E 138 21.24 -6.74 37.02
C ARG E 138 21.05 -8.11 37.67
N LYS F 20 36.59 31.82 29.41
CA LYS F 20 36.07 32.42 30.64
C LYS F 20 34.66 32.91 30.39
N ARG F 21 33.91 32.14 29.61
CA ARG F 21 32.60 32.49 29.11
C ARG F 21 31.82 31.17 28.96
N HIS F 22 31.68 30.44 30.07
CA HIS F 22 31.20 29.08 30.02
C HIS F 22 29.73 28.99 29.61
N ARG F 23 29.39 27.85 29.02
CA ARG F 23 28.04 27.54 28.58
C ARG F 23 27.05 27.51 29.73
N LYS F 24 25.77 27.69 29.35
CA LYS F 24 24.64 27.52 30.25
C LYS F 24 24.65 26.17 30.96
N VAL F 25 24.52 26.23 32.29
CA VAL F 25 24.56 25.04 33.14
C VAL F 25 23.58 24.00 32.60
N LEU F 26 24.06 22.77 32.48
CA LEU F 26 23.27 21.70 31.89
C LEU F 26 22.25 21.15 32.86
N ARG F 27 20.99 21.07 32.40
CA ARG F 27 19.87 20.57 33.19
C ARG F 27 18.91 19.79 32.30
N ASP F 28 18.32 18.74 32.87
CA ASP F 28 17.20 18.01 32.27
C ASP F 28 17.52 17.55 30.86
N ASN F 29 18.79 17.28 30.59
CA ASN F 29 19.17 16.91 29.24
C ASN F 29 18.66 15.54 28.86
N ILE F 30 18.20 14.74 29.82
CA ILE F 30 17.64 13.44 29.50
C ILE F 30 16.43 13.59 28.61
N GLN F 31 15.78 14.76 28.64
CA GLN F 31 14.63 14.98 27.80
C GLN F 31 15.00 15.22 26.34
N GLY F 32 16.28 15.38 26.03
CA GLY F 32 16.69 15.47 24.65
C GLY F 32 16.61 14.16 23.91
N ILE F 33 16.56 13.05 24.64
CA ILE F 33 16.28 11.75 24.05
C ILE F 33 14.79 11.65 23.80
N THR F 34 14.35 12.10 22.64
CA THR F 34 12.94 12.32 22.43
C THR F 34 12.19 11.01 22.22
N LYS F 35 10.88 11.10 22.37
CA LYS F 35 10.01 9.97 22.07
C LYS F 35 10.16 9.45 20.64
N PRO F 36 10.16 10.29 19.61
CA PRO F 36 10.33 9.74 18.26
C PRO F 36 11.70 9.15 18.03
N ALA F 37 12.74 9.61 18.72
CA ALA F 37 14.04 9.01 18.52
C ALA F 37 14.06 7.59 19.06
N ILE F 38 13.50 7.39 20.24
CA ILE F 38 13.46 6.05 20.81
C ILE F 38 12.61 5.15 19.95
N ARG F 39 11.50 5.69 19.43
CA ARG F 39 10.69 4.92 18.50
C ARG F 39 11.50 4.50 17.28
N ARG F 40 12.30 5.40 16.73
CA ARG F 40 13.09 5.04 15.56
C ARG F 40 14.07 3.93 15.89
N LEU F 41 14.76 4.06 17.03
CA LEU F 41 15.66 2.99 17.46
C LEU F 41 14.92 1.67 17.58
N ALA F 42 13.70 1.70 18.10
CA ALA F 42 12.93 0.48 18.26
C ALA F 42 12.59 -0.09 16.90
N ARG F 43 12.27 0.78 15.95
CA ARG F 43 12.03 0.34 14.58
C ARG F 43 13.24 -0.42 14.05
N ARG F 44 14.44 0.11 14.27
CA ARG F 44 15.59 -0.65 13.81
C ARG F 44 15.68 -2.01 14.50
N GLY F 45 15.22 -2.08 15.74
CA GLY F 45 15.17 -3.37 16.40
C GLY F 45 14.03 -4.27 16.03
N GLY F 46 13.14 -3.84 15.15
CA GLY F 46 12.09 -4.71 14.69
C GLY F 46 10.82 -4.65 15.51
N VAL F 47 10.67 -3.66 16.37
CA VAL F 47 9.53 -3.53 17.26
C VAL F 47 8.41 -2.83 16.52
N LYS F 48 7.21 -3.42 16.54
CA LYS F 48 6.09 -2.89 15.79
C LYS F 48 5.15 -2.03 16.62
N ARG F 49 5.00 -2.31 17.91
CA ARG F 49 4.05 -1.58 18.77
C ARG F 49 4.73 -1.33 20.10
N ILE F 50 4.49 -0.16 20.70
CA ILE F 50 5.29 0.28 21.82
C ILE F 50 4.40 0.85 22.92
N SER F 51 4.47 0.25 24.10
CA SER F 51 3.73 0.74 25.25
C SER F 51 4.22 2.12 25.68
N GLY F 52 3.29 2.92 26.19
CA GLY F 52 3.63 4.26 26.63
C GLY F 52 4.69 4.32 27.72
N LEU F 53 4.78 3.28 28.54
CA LEU F 53 5.73 3.28 29.66
C LEU F 53 7.15 2.94 29.25
N ILE F 54 7.35 2.50 28.01
CA ILE F 54 8.68 2.11 27.55
C ILE F 54 9.68 3.26 27.67
N TYR F 55 9.25 4.47 27.33
CA TYR F 55 10.20 5.57 27.17
C TYR F 55 10.99 5.87 28.45
N GLU F 56 10.31 6.01 29.59
CA GLU F 56 11.07 6.28 30.81
C GLU F 56 12.03 5.14 31.12
N GLU F 57 11.61 3.90 30.91
CA GLU F 57 12.51 2.79 31.20
C GLU F 57 13.75 2.89 30.33
N THR F 58 13.54 3.17 29.04
CA THR F 58 14.67 3.24 28.13
C THR F 58 15.62 4.34 28.59
N ARG F 59 15.06 5.45 29.06
CA ARG F 59 15.92 6.55 29.46
C ARG F 59 16.80 6.11 30.61
N GLY F 60 16.20 5.43 31.59
CA GLY F 60 16.96 4.98 32.74
C GLY F 60 18.09 4.05 32.32
N VAL F 61 17.78 3.06 31.47
CA VAL F 61 18.79 2.10 31.05
C VAL F 61 19.92 2.83 30.36
N LEU F 62 19.58 3.75 29.47
CA LEU F 62 20.59 4.45 28.72
C LEU F 62 21.48 5.21 29.69
N LYS F 63 20.86 5.84 30.68
CA LYS F 63 21.64 6.66 31.61
C LYS F 63 22.65 5.79 32.34
N VAL F 64 22.23 4.60 32.78
CA VAL F 64 23.15 3.71 33.51
C VAL F 64 24.33 3.36 32.62
N PHE F 65 24.02 2.97 31.38
CA PHE F 65 25.07 2.57 30.45
C PHE F 65 26.06 3.71 30.30
N LEU F 66 25.54 4.90 30.06
CA LEU F 66 26.38 6.04 29.81
C LEU F 66 27.25 6.29 31.02
N GLU F 67 26.66 6.24 32.22
CA GLU F 67 27.45 6.49 33.41
C GLU F 67 28.67 5.60 33.44
N ASN F 68 28.47 4.30 33.26
CA ASN F 68 29.61 3.40 33.37
C ASN F 68 30.68 3.73 32.34
N VAL F 69 30.26 4.00 31.10
CA VAL F 69 31.26 4.30 30.09
C VAL F 69 32.00 5.58 30.43
N ILE F 70 31.27 6.63 30.76
CA ILE F 70 31.94 7.92 30.93
C ILE F 70 32.86 7.86 32.13
N ARG F 71 32.43 7.17 33.19
CA ARG F 71 33.30 7.01 34.34
C ARG F 71 34.64 6.43 33.93
N ASP F 72 34.61 5.32 33.20
CA ASP F 72 35.88 4.71 32.84
C ASP F 72 36.69 5.63 31.94
N ALA F 73 36.04 6.28 30.99
CA ALA F 73 36.77 7.15 30.07
C ALA F 73 37.49 8.24 30.86
N VAL F 74 36.78 8.84 31.81
CA VAL F 74 37.37 9.96 32.53
C VAL F 74 38.51 9.45 33.38
N THR F 75 38.39 8.23 33.91
CA THR F 75 39.49 7.68 34.68
C THR F 75 40.74 7.62 33.82
N TYR F 76 40.60 7.11 32.60
CA TYR F 76 41.75 7.09 31.72
C TYR F 76 42.28 8.49 31.45
N THR F 77 41.36 9.44 31.22
CA THR F 77 41.81 10.79 30.95
C THR F 77 42.65 11.34 32.09
N GLU F 78 42.23 11.07 33.32
CA GLU F 78 42.96 11.61 34.47
C GLU F 78 44.30 10.92 34.62
N HIS F 79 44.35 9.62 34.32
CA HIS F 79 45.63 8.93 34.45
C HIS F 79 46.68 9.55 33.55
N ALA F 80 46.29 10.00 32.36
CA ALA F 80 47.26 10.59 31.45
C ALA F 80 47.57 12.03 31.81
N LYS F 81 46.95 12.53 32.87
CA LYS F 81 47.05 13.93 33.30
C LYS F 81 46.70 14.89 32.18
N ARG F 82 45.63 14.57 31.47
CA ARG F 82 45.08 15.40 30.42
C ARG F 82 43.71 15.90 30.87
N LYS F 83 43.22 16.94 30.21
CA LYS F 83 41.90 17.46 30.52
C LYS F 83 40.90 17.24 29.40
N THR F 84 41.32 16.61 28.30
CA THR F 84 40.45 16.36 27.16
C THR F 84 40.31 14.86 26.97
N VAL F 85 39.09 14.35 27.09
CA VAL F 85 38.83 12.96 26.79
C VAL F 85 38.97 12.73 25.29
N THR F 86 39.81 11.79 24.91
CA THR F 86 40.06 11.48 23.51
C THR F 86 39.26 10.28 23.07
N ALA F 87 39.18 10.12 21.75
CA ALA F 87 38.57 8.94 21.17
C ALA F 87 39.22 7.66 21.65
N MET F 88 40.54 7.68 21.83
CA MET F 88 41.23 6.48 22.28
C MET F 88 40.81 6.12 23.70
N ASP F 89 40.60 7.13 24.54
CA ASP F 89 40.10 6.89 25.88
C ASP F 89 38.80 6.12 25.86
N VAL F 90 37.88 6.53 24.98
CA VAL F 90 36.60 5.86 24.87
C VAL F 90 36.77 4.46 24.35
N VAL F 91 37.60 4.28 23.32
CA VAL F 91 37.81 2.95 22.78
C VAL F 91 38.33 2.00 23.85
N TYR F 92 39.30 2.44 24.64
CA TYR F 92 39.78 1.56 25.71
C TYR F 92 38.71 1.27 26.75
N ALA F 93 37.94 2.29 27.14
CA ALA F 93 36.90 2.03 28.11
C ALA F 93 35.92 0.99 27.60
N LEU F 94 35.50 1.13 26.35
CA LEU F 94 34.56 0.17 25.80
C LEU F 94 35.18 -1.21 25.69
N LYS F 95 36.43 -1.28 25.25
CA LYS F 95 37.12 -2.55 25.09
C LYS F 95 37.19 -3.29 26.41
N ARG F 96 37.51 -2.60 27.49
CA ARG F 96 37.64 -3.35 28.73
C ARG F 96 36.29 -3.79 29.29
N GLN F 97 35.18 -3.29 28.75
CA GLN F 97 33.86 -3.80 29.11
C GLN F 97 33.35 -4.81 28.10
N GLY F 98 34.21 -5.33 27.24
CA GLY F 98 33.77 -6.35 26.31
C GLY F 98 32.86 -5.88 25.21
N ARG F 99 32.97 -4.60 24.82
CA ARG F 99 32.18 -4.03 23.73
C ARG F 99 33.13 -3.33 22.77
N THR F 100 34.09 -4.11 22.29
CA THR F 100 35.10 -3.62 21.35
C THR F 100 34.46 -2.87 20.20
N LEU F 101 34.97 -1.67 19.94
CA LEU F 101 34.47 -0.81 18.87
C LEU F 101 35.52 -0.60 17.81
N TYR F 102 35.15 -0.85 16.56
CA TYR F 102 36.00 -0.64 15.40
C TYR F 102 35.70 0.70 14.76
N GLY F 103 36.74 1.36 14.28
CA GLY F 103 36.57 2.53 13.44
C GLY F 103 37.15 3.81 14.00
N PHE F 104 37.69 3.79 15.20
CA PHE F 104 38.10 5.02 15.86
C PHE F 104 39.55 4.94 16.30
N GLY F 105 40.29 3.98 15.78
CA GLY F 105 41.71 3.92 16.08
C GLY F 105 42.49 4.93 15.29
N GLY F 106 43.75 5.12 15.71
CA GLY F 106 44.65 6.04 15.04
C GLY F 106 44.10 7.45 14.93
N LYS G 19 64.84 -6.34 59.12
CA LYS G 19 63.51 -5.76 59.12
C LYS G 19 62.90 -6.02 57.75
N THR G 20 61.64 -6.45 57.70
CA THR G 20 61.01 -6.71 56.41
C THR G 20 60.23 -5.50 55.94
N ARG G 21 60.04 -5.42 54.63
CA ARG G 21 59.30 -4.32 54.05
C ARG G 21 57.84 -4.38 54.46
N SER G 22 57.29 -5.59 54.56
CA SER G 22 55.92 -5.74 55.03
C SER G 22 55.78 -5.20 56.45
N SER G 23 56.77 -5.47 57.29
CA SER G 23 56.73 -4.97 58.66
C SER G 23 56.77 -3.45 58.68
N ARG G 24 57.64 -2.84 57.86
CA ARG G 24 57.66 -1.39 57.76
C ARG G 24 56.36 -0.85 57.22
N ALA G 25 55.66 -1.63 56.40
CA ALA G 25 54.43 -1.14 55.82
C ALA G 25 53.21 -1.48 56.64
N GLY G 26 53.36 -2.26 57.72
CA GLY G 26 52.21 -2.60 58.53
C GLY G 26 51.29 -3.61 57.90
N LEU G 27 51.82 -4.49 57.07
CA LEU G 27 51.01 -5.41 56.31
C LEU G 27 51.27 -6.85 56.75
N GLN G 28 50.34 -7.72 56.39
CA GLN G 28 50.50 -9.15 56.59
C GLN G 28 50.90 -9.90 55.33
N PHE G 29 50.46 -9.44 54.17
CA PHE G 29 50.78 -10.11 52.92
C PHE G 29 52.24 -9.87 52.53
N PRO G 30 52.87 -10.83 51.89
CA PRO G 30 54.33 -10.79 51.70
C PRO G 30 54.69 -9.87 50.53
N VAL G 31 55.21 -8.69 50.86
CA VAL G 31 55.55 -7.71 49.83
C VAL G 31 56.64 -8.24 48.92
N GLY G 32 57.67 -8.84 49.50
CA GLY G 32 58.77 -9.38 48.70
C GLY G 32 58.30 -10.39 47.69
N ARG G 33 57.44 -11.32 48.09
CA ARG G 33 56.97 -12.33 47.17
C ARG G 33 56.19 -11.69 46.03
N VAL G 34 55.31 -10.74 46.35
CA VAL G 34 54.56 -10.05 45.31
C VAL G 34 55.50 -9.36 44.34
N HIS G 35 56.56 -8.75 44.86
CA HIS G 35 57.54 -8.10 44.00
C HIS G 35 58.17 -9.09 43.04
N ARG G 36 58.59 -10.24 43.57
CA ARG G 36 59.22 -11.22 42.70
C ARG G 36 58.23 -11.70 41.64
N LEU G 37 56.98 -11.90 42.01
CA LEU G 37 56.00 -12.36 41.04
C LEU G 37 55.74 -11.32 39.97
N LEU G 38 55.80 -10.03 40.32
CA LEU G 38 55.68 -9.00 39.31
C LEU G 38 56.89 -9.00 38.37
N ARG G 39 58.09 -9.15 38.93
CA ARG G 39 59.27 -9.13 38.08
C ARG G 39 59.23 -10.27 37.09
N LYS G 40 58.73 -11.42 37.48
CA LYS G 40 58.78 -12.60 36.62
C LYS G 40 57.49 -12.82 35.86
N GLY G 41 56.50 -11.94 36.02
CA GLY G 41 55.26 -12.13 35.32
C GLY G 41 55.18 -11.49 33.95
N ASN G 42 56.28 -10.94 33.44
CA ASN G 42 56.33 -10.27 32.14
C ASN G 42 55.26 -9.17 32.03
N TYR G 43 55.21 -8.30 33.02
CA TYR G 43 54.22 -7.23 32.98
C TYR G 43 54.79 -5.91 32.50
N SER G 44 56.01 -5.57 32.90
CA SER G 44 56.62 -4.34 32.44
C SER G 44 58.12 -4.46 32.63
N GLU G 45 58.85 -3.57 31.97
CA GLU G 45 60.30 -3.59 32.08
C GLU G 45 60.80 -3.18 33.45
N ARG G 46 60.10 -2.27 34.12
CA ARG G 46 60.53 -1.79 35.42
C ARG G 46 59.36 -1.80 36.41
N VAL G 47 59.70 -1.88 37.69
CA VAL G 47 58.71 -1.91 38.74
C VAL G 47 59.08 -0.88 39.81
N GLY G 48 58.16 0.03 40.10
CA GLY G 48 58.41 1.04 41.10
C GLY G 48 58.41 0.46 42.50
N ALA G 49 59.03 1.19 43.42
CA ALA G 49 59.14 0.65 44.77
C ALA G 49 57.81 0.61 45.50
N GLY G 50 56.90 1.55 45.20
CA GLY G 50 55.63 1.62 45.88
C GLY G 50 54.55 0.70 45.35
N ALA G 51 54.69 0.26 44.10
CA ALA G 51 53.65 -0.54 43.48
C ALA G 51 53.37 -1.83 44.22
N PRO G 52 54.35 -2.64 44.60
CA PRO G 52 54.00 -3.88 45.30
C PRO G 52 53.44 -3.61 46.68
N VAL G 53 53.81 -2.49 47.30
CA VAL G 53 53.23 -2.16 48.60
C VAL G 53 51.75 -1.89 48.44
N TYR G 54 51.41 -1.05 47.47
CA TYR G 54 50.01 -0.72 47.20
C TYR G 54 49.21 -1.96 46.88
N LEU G 55 49.71 -2.78 45.97
CA LEU G 55 49.01 -3.99 45.57
C LEU G 55 48.79 -4.93 46.75
N ALA G 56 49.83 -5.13 47.57
CA ALA G 56 49.69 -6.01 48.72
C ALA G 56 48.63 -5.47 49.68
N ALA G 57 48.58 -4.15 49.84
CA ALA G 57 47.58 -3.59 50.74
C ALA G 57 46.19 -3.84 50.22
N VAL G 58 45.98 -3.69 48.91
CA VAL G 58 44.66 -3.91 48.34
C VAL G 58 44.24 -5.35 48.50
N LEU G 59 45.14 -6.28 48.20
CA LEU G 59 44.79 -7.69 48.34
C LEU G 59 44.45 -8.03 49.77
N GLU G 60 45.21 -7.51 50.73
CA GLU G 60 44.91 -7.81 52.12
C GLU G 60 43.55 -7.24 52.51
N TYR G 61 43.25 -6.01 52.09
CA TYR G 61 41.95 -5.43 52.40
C TYR G 61 40.81 -6.31 51.87
N LEU G 62 40.90 -6.74 50.61
CA LEU G 62 39.80 -7.53 50.05
C LEU G 62 39.68 -8.88 50.75
N THR G 63 40.81 -9.49 51.07
CA THR G 63 40.76 -10.74 51.81
C THR G 63 40.04 -10.54 53.13
N ALA G 64 40.33 -9.42 53.80
CA ALA G 64 39.67 -9.15 55.07
C ALA G 64 38.17 -8.99 54.89
N GLU G 65 37.76 -8.35 53.80
CA GLU G 65 36.33 -8.13 53.60
C GLU G 65 35.60 -9.44 53.40
N ILE G 66 36.14 -10.30 52.51
CA ILE G 66 35.51 -11.59 52.28
C ILE G 66 35.49 -12.43 53.54
N LEU G 67 36.60 -12.45 54.27
CA LEU G 67 36.61 -13.27 55.48
C LEU G 67 35.65 -12.74 56.52
N GLU G 68 35.50 -11.43 56.61
CA GLU G 68 34.52 -10.84 57.51
C GLU G 68 33.13 -11.37 57.22
N LEU G 69 32.69 -11.23 55.97
CA LEU G 69 31.34 -11.69 55.66
C LEU G 69 31.21 -13.19 55.84
N ALA G 70 32.22 -13.95 55.43
CA ALA G 70 32.11 -15.40 55.56
C ALA G 70 32.04 -15.82 57.03
N GLY G 71 32.81 -15.15 57.88
CA GLY G 71 32.69 -15.41 59.31
C GLY G 71 31.30 -15.14 59.84
N ASN G 72 30.73 -14.00 59.44
CA ASN G 72 29.35 -13.72 59.82
C ASN G 72 28.41 -14.84 59.40
N ALA G 73 28.52 -15.27 58.14
CA ALA G 73 27.64 -16.34 57.67
C ALA G 73 27.86 -17.61 58.47
N ALA G 74 29.11 -17.90 58.82
CA ALA G 74 29.41 -19.09 59.62
C ALA G 74 28.75 -19.00 60.98
N ARG G 75 28.79 -17.83 61.59
CA ARG G 75 28.19 -17.65 62.90
C ARG G 75 26.67 -17.79 62.84
N ASP G 76 26.05 -17.28 61.78
CA ASP G 76 24.61 -17.52 61.63
C ASP G 76 24.31 -19.00 61.55
N ASN G 77 25.22 -19.80 61.02
CA ASN G 77 24.98 -21.22 60.81
C ASN G 77 25.49 -22.03 62.00
N LYS G 78 25.90 -21.34 63.06
CA LYS G 78 26.42 -21.93 64.28
C LYS G 78 27.55 -22.92 64.01
N LYS G 79 28.40 -22.59 63.03
CA LYS G 79 29.58 -23.37 62.75
C LYS G 79 30.81 -22.55 63.13
N THR G 80 31.84 -23.20 63.65
CA THR G 80 33.05 -22.46 63.99
C THR G 80 34.08 -22.41 62.86
N ARG G 81 33.94 -23.25 61.84
CA ARG G 81 34.87 -23.24 60.72
C ARG G 81 34.15 -22.78 59.46
N ILE G 82 34.75 -21.82 58.76
CA ILE G 82 34.23 -21.40 57.46
C ILE G 82 34.45 -22.51 56.44
N ILE G 83 33.39 -22.86 55.74
CA ILE G 83 33.46 -23.87 54.68
C ILE G 83 33.06 -23.21 53.37
N PRO G 84 33.27 -23.85 52.21
CA PRO G 84 32.91 -23.21 50.93
C PRO G 84 31.49 -22.70 50.86
N ARG G 85 30.55 -23.42 51.46
CA ARG G 85 29.16 -22.96 51.47
C ARG G 85 29.05 -21.55 52.02
N HIS G 86 29.74 -21.31 53.13
CA HIS G 86 29.70 -19.99 53.74
C HIS G 86 30.32 -18.94 52.83
N LEU G 87 31.36 -19.30 52.09
CA LEU G 87 31.93 -18.33 51.15
C LEU G 87 30.96 -17.97 50.04
N GLN G 88 30.26 -18.96 49.50
CA GLN G 88 29.30 -18.66 48.44
C GLN G 88 28.17 -17.80 48.98
N LEU G 89 27.64 -18.15 50.14
CA LEU G 89 26.59 -17.33 50.75
C LEU G 89 27.07 -15.90 50.98
N ALA G 90 28.27 -15.73 51.52
CA ALA G 90 28.82 -14.41 51.77
C ALA G 90 28.94 -13.59 50.48
N ILE G 91 29.44 -14.21 49.42
CA ILE G 91 29.68 -13.46 48.19
C ILE G 91 28.37 -13.08 47.52
N ARG G 92 27.44 -14.03 47.41
CA ARG G 92 26.22 -13.73 46.67
C ARG G 92 25.32 -12.76 47.43
N ASN G 93 25.42 -12.70 48.75
CA ASN G 93 24.62 -11.77 49.53
C ASN G 93 25.18 -10.36 49.62
N ASP G 94 26.32 -10.08 48.99
CA ASP G 94 26.89 -8.73 48.99
C ASP G 94 26.92 -8.18 47.58
N GLU G 95 26.18 -7.07 47.36
CA GLU G 95 25.99 -6.58 46.00
C GLU G 95 27.30 -6.28 45.30
N GLU G 96 28.26 -5.66 46.01
CA GLU G 96 29.47 -5.26 45.31
C GLU G 96 30.39 -6.45 45.10
N LEU G 97 30.47 -7.34 46.08
CA LEU G 97 31.25 -8.55 45.88
C LEU G 97 30.62 -9.43 44.81
N ASN G 98 29.29 -9.54 44.83
CA ASN G 98 28.62 -10.33 43.81
C ASN G 98 28.88 -9.76 42.44
N LYS G 99 28.89 -8.44 42.33
CA LYS G 99 29.23 -7.82 41.05
C LYS G 99 30.66 -8.18 40.67
N LEU G 100 31.59 -8.04 41.60
CA LEU G 100 32.98 -8.36 41.30
C LEU G 100 33.16 -9.81 40.87
N LEU G 101 32.44 -10.73 41.50
CA LEU G 101 32.60 -12.14 41.20
C LEU G 101 31.39 -12.70 40.48
N GLY G 102 30.82 -11.88 39.59
CA GLY G 102 29.62 -12.26 38.89
C GLY G 102 29.82 -13.48 38.01
N ARG G 103 31.01 -13.65 37.48
CA ARG G 103 31.31 -14.75 36.58
C ARG G 103 32.25 -15.77 37.20
N VAL G 104 32.14 -16.01 38.50
CA VAL G 104 33.02 -16.93 39.18
C VAL G 104 32.17 -18.04 39.77
N THR G 105 32.60 -19.28 39.59
CA THR G 105 31.92 -20.43 40.18
C THR G 105 32.71 -20.93 41.39
N ILE G 106 32.08 -20.94 42.54
CA ILE G 106 32.65 -21.53 43.75
C ILE G 106 32.26 -22.99 43.87
N ALA G 107 33.23 -23.88 43.69
CA ALA G 107 32.96 -25.31 43.77
C ALA G 107 32.37 -25.64 45.14
N GLN G 108 31.35 -26.50 45.15
CA GLN G 108 30.65 -26.88 46.37
C GLN G 108 30.02 -25.67 47.06
N GLY G 109 29.71 -24.63 46.28
CA GLY G 109 29.09 -23.45 46.84
C GLY G 109 27.58 -23.50 46.90
N GLY G 110 26.99 -24.26 45.99
CA GLY G 110 25.54 -24.24 45.87
C GLY G 110 25.05 -22.89 45.40
N VAL G 111 23.78 -22.62 45.70
CA VAL G 111 23.13 -21.36 45.35
C VAL G 111 22.45 -20.77 46.57
N LEU G 112 22.03 -19.53 46.43
CA LEU G 112 21.25 -18.87 47.47
C LEU G 112 19.86 -19.48 47.54
N PRO G 113 19.32 -19.68 48.74
CA PRO G 113 17.90 -20.08 48.83
C PRO G 113 17.04 -19.02 48.20
N ASN G 114 16.21 -19.42 47.24
CA ASN G 114 15.39 -18.47 46.51
C ASN G 114 14.28 -19.13 45.72
N ILE G 115 13.03 -18.88 46.10
CA ILE G 115 11.87 -19.41 45.40
C ILE G 115 11.03 -18.26 44.89
N GLN G 116 10.71 -18.27 43.59
CA GLN G 116 9.87 -17.24 43.02
C GLN G 116 8.49 -17.22 43.67
N ALA G 117 8.01 -16.02 44.01
CA ALA G 117 6.76 -15.87 44.75
C ALA G 117 5.58 -16.52 44.05
N VAL G 118 5.55 -16.51 42.72
CA VAL G 118 4.43 -17.07 41.98
C VAL G 118 4.31 -18.57 42.18
N LEU G 119 5.37 -19.23 42.62
CA LEU G 119 5.32 -20.68 42.77
C LEU G 119 4.71 -21.09 44.09
N LEU G 120 4.57 -20.19 45.04
CA LEU G 120 4.01 -20.62 46.31
C LEU G 120 2.49 -20.76 46.16
N PRO G 121 1.87 -21.62 46.95
CA PRO G 121 0.41 -21.76 46.87
C PRO G 121 -0.30 -20.50 47.33
N LYS G 122 -1.60 -20.46 47.05
CA LYS G 122 -2.42 -19.26 47.24
C LYS G 122 -1.89 -18.11 46.38
N ARG H 37 58.76 -24.91 45.65
CA ARG H 37 57.78 -25.96 45.49
C ARG H 37 56.46 -25.35 44.99
N LYS H 38 55.42 -25.47 45.80
CA LYS H 38 54.10 -24.92 45.50
C LYS H 38 53.77 -23.81 46.51
N GLU H 39 53.73 -22.57 46.03
CA GLU H 39 53.54 -21.44 46.91
C GLU H 39 52.05 -21.20 47.10
N SER H 40 51.69 -20.67 48.25
CA SER H 40 50.32 -20.24 48.46
C SER H 40 50.32 -19.10 49.47
N TYR H 41 49.16 -18.50 49.61
CA TYR H 41 48.93 -17.41 50.52
C TYR H 41 48.39 -17.86 51.87
N SER H 42 48.40 -19.17 52.13
CA SER H 42 47.73 -19.75 53.28
C SER H 42 48.08 -19.07 54.59
N ILE H 43 49.37 -18.86 54.84
CA ILE H 43 49.75 -18.29 56.13
C ILE H 43 49.27 -16.86 56.28
N TYR H 44 49.21 -16.11 55.19
CA TYR H 44 48.76 -14.75 55.26
C TYR H 44 47.25 -14.71 55.43
N VAL H 45 46.56 -15.61 54.74
CA VAL H 45 45.13 -15.72 54.93
C VAL H 45 44.83 -16.04 56.39
N TYR H 46 45.62 -16.92 56.98
CA TYR H 46 45.39 -17.28 58.36
C TYR H 46 45.64 -16.12 59.32
N LYS H 47 46.69 -15.33 59.07
CA LYS H 47 46.91 -14.17 59.91
C LYS H 47 45.76 -13.18 59.82
N VAL H 48 45.29 -12.91 58.61
CA VAL H 48 44.15 -12.01 58.47
C VAL H 48 42.92 -12.56 59.18
N LEU H 49 42.66 -13.85 58.99
CA LEU H 49 41.52 -14.48 59.68
C LEU H 49 41.61 -14.31 61.19
N LYS H 50 42.79 -14.54 61.76
CA LYS H 50 42.94 -14.34 63.20
C LYS H 50 42.74 -12.89 63.60
N GLN H 51 43.10 -11.95 62.73
CA GLN H 51 42.79 -10.56 63.06
C GLN H 51 41.29 -10.30 63.08
N VAL H 52 40.56 -10.80 62.08
CA VAL H 52 39.14 -10.46 62.00
C VAL H 52 38.21 -11.39 62.76
N HIS H 53 38.56 -12.66 62.91
CA HIS H 53 37.74 -13.61 63.66
C HIS H 53 38.60 -14.57 64.47
N PRO H 54 39.02 -14.14 65.65
CA PRO H 54 39.98 -14.92 66.43
C PRO H 54 39.58 -16.37 66.66
N ASP H 55 38.29 -16.67 66.76
CA ASP H 55 37.81 -18.01 67.07
C ASP H 55 37.25 -18.77 65.88
N THR H 56 37.61 -18.40 64.66
CA THR H 56 37.09 -19.06 63.47
C THR H 56 38.21 -19.79 62.76
N GLY H 57 37.93 -21.01 62.27
CA GLY H 57 38.90 -21.77 61.52
C GLY H 57 38.56 -21.81 60.04
N ILE H 58 39.22 -22.72 59.33
CA ILE H 58 39.00 -22.81 57.89
C ILE H 58 39.38 -24.20 57.39
N SER H 59 38.55 -24.74 56.49
CA SER H 59 38.79 -26.05 55.91
C SER H 59 39.87 -25.95 54.85
N SER H 60 40.40 -27.11 54.46
CA SER H 60 41.44 -27.12 53.42
C SER H 60 40.92 -26.57 52.10
N LYS H 61 39.72 -27.02 51.69
CA LYS H 61 39.14 -26.53 50.45
C LYS H 61 38.92 -25.03 50.47
N ALA H 62 38.45 -24.51 51.59
CA ALA H 62 38.22 -23.07 51.65
C ALA H 62 39.53 -22.30 51.49
N MET H 63 40.61 -22.80 52.09
CA MET H 63 41.90 -22.14 51.90
C MET H 63 42.35 -22.22 50.44
N GLY H 64 42.10 -23.35 49.79
CA GLY H 64 42.40 -23.45 48.38
C GLY H 64 41.62 -22.46 47.54
N ILE H 65 40.36 -22.26 47.90
CA ILE H 65 39.52 -21.31 47.18
C ILE H 65 40.02 -19.91 47.40
N MET H 66 40.48 -19.62 48.61
CA MET H 66 41.03 -18.29 48.86
C MET H 66 42.27 -18.07 48.03
N ASN H 67 43.10 -19.10 47.87
CA ASN H 67 44.30 -18.95 47.05
C ASN H 67 43.93 -18.69 45.60
N SER H 68 42.99 -19.46 45.06
CA SER H 68 42.51 -19.18 43.71
C SER H 68 42.03 -17.75 43.58
N PHE H 69 41.26 -17.28 44.57
CA PHE H 69 40.75 -15.91 44.55
C PHE H 69 41.88 -14.89 44.46
N VAL H 70 42.85 -15.01 45.36
CA VAL H 70 43.95 -14.05 45.39
C VAL H 70 44.69 -14.05 44.07
N ASN H 71 45.00 -15.23 43.54
CA ASN H 71 45.68 -15.27 42.25
C ASN H 71 44.86 -14.61 41.15
N ASP H 72 43.55 -14.85 41.15
CA ASP H 72 42.69 -14.24 40.14
C ASP H 72 42.76 -12.73 40.18
N ILE H 73 42.57 -12.14 41.36
CA ILE H 73 42.58 -10.69 41.43
C ILE H 73 43.95 -10.15 41.09
N PHE H 74 45.00 -10.86 41.52
CA PHE H 74 46.34 -10.47 41.12
C PHE H 74 46.50 -10.38 39.61
N GLU H 75 46.14 -11.44 38.89
CA GLU H 75 46.29 -11.41 37.43
C GLU H 75 45.49 -10.27 36.82
N ARG H 76 44.25 -10.09 37.26
CA ARG H 76 43.45 -9.00 36.69
C ARG H 76 44.13 -7.67 36.86
N ILE H 77 44.60 -7.37 38.07
CA ILE H 77 45.18 -6.07 38.32
C ILE H 77 46.47 -5.89 37.55
N ALA H 78 47.34 -6.89 37.57
CA ALA H 78 48.60 -6.75 36.83
C ALA H 78 48.34 -6.54 35.35
N GLY H 79 47.38 -7.26 34.78
CA GLY H 79 47.09 -7.11 33.37
C GLY H 79 46.55 -5.73 33.03
N GLU H 80 45.62 -5.24 33.83
CA GLU H 80 45.08 -3.91 33.60
C GLU H 80 46.19 -2.88 33.72
N ALA H 81 47.08 -3.06 34.69
CA ALA H 81 48.19 -2.13 34.83
C ALA H 81 49.09 -2.16 33.61
N SER H 82 49.30 -3.36 33.06
CA SER H 82 50.11 -3.50 31.85
C SER H 82 49.51 -2.69 30.71
N ARG H 83 48.20 -2.80 30.51
CA ARG H 83 47.60 -2.02 29.42
C ARG H 83 47.73 -0.54 29.70
N LEU H 84 47.50 -0.12 30.94
CA LEU H 84 47.71 1.28 31.29
C LEU H 84 49.10 1.76 30.90
N ALA H 85 50.13 1.00 31.25
CA ALA H 85 51.48 1.41 30.92
C ALA H 85 51.70 1.49 29.41
N HIS H 86 51.22 0.50 28.67
CA HIS H 86 51.39 0.56 27.22
C HIS H 86 50.68 1.76 26.60
N TYR H 87 49.43 2.00 26.97
CA TYR H 87 48.70 3.12 26.39
C TYR H 87 49.43 4.44 26.54
N ASN H 88 50.19 4.61 27.61
CA ASN H 88 50.80 5.90 27.87
C ASN H 88 52.30 5.89 27.56
N LYS H 89 52.78 4.84 26.91
CA LYS H 89 54.17 4.74 26.48
C LYS H 89 55.14 4.96 27.64
N ARG H 90 54.82 4.38 28.79
CA ARG H 90 55.68 4.43 29.96
C ARG H 90 56.25 3.04 30.17
N SER H 91 57.50 2.97 30.57
CA SER H 91 58.15 1.68 30.75
C SER H 91 58.14 1.22 32.19
N THR H 92 57.66 2.03 33.12
CA THR H 92 57.68 1.71 34.54
C THR H 92 56.26 1.61 35.07
N ILE H 93 55.95 0.52 35.77
CA ILE H 93 54.72 0.43 36.54
C ILE H 93 54.98 0.99 37.92
N THR H 94 54.27 2.07 38.27
CA THR H 94 54.42 2.68 39.58
C THR H 94 53.13 2.50 40.36
N SER H 95 53.15 2.96 41.62
CA SER H 95 51.97 2.89 42.46
C SER H 95 50.79 3.65 41.89
N ARG H 96 51.06 4.66 41.07
CA ARG H 96 49.98 5.44 40.49
C ARG H 96 49.18 4.61 39.50
N GLU H 97 49.88 3.83 38.68
CA GLU H 97 49.21 2.92 37.76
C GLU H 97 48.38 1.90 38.53
N ILE H 98 48.91 1.40 39.63
CA ILE H 98 48.14 0.47 40.45
C ILE H 98 46.86 1.14 40.89
N GLN H 99 46.96 2.39 41.32
CA GLN H 99 45.79 3.08 41.84
C GLN H 99 44.74 3.26 40.75
N THR H 100 45.16 3.65 39.55
CA THR H 100 44.19 3.84 38.48
C THR H 100 43.54 2.51 38.12
N ALA H 101 44.33 1.45 38.04
CA ALA H 101 43.77 0.12 37.78
C ALA H 101 42.75 -0.27 38.83
N VAL H 102 43.04 0.01 40.09
CA VAL H 102 42.09 -0.27 41.15
C VAL H 102 40.81 0.50 40.93
N ARG H 103 40.92 1.75 40.52
CA ARG H 103 39.69 2.52 40.30
C ARG H 103 38.87 1.92 39.16
N LEU H 104 39.55 1.42 38.13
CA LEU H 104 38.81 0.79 37.04
C LEU H 104 38.14 -0.52 37.45
N LEU H 105 38.91 -1.33 38.17
CA LEU H 105 38.50 -2.70 38.50
C LEU H 105 37.40 -2.73 39.56
N LEU H 106 37.51 -1.93 40.64
CA LEU H 106 36.55 -2.22 41.69
C LEU H 106 35.41 -1.22 41.66
N PRO H 107 34.19 -1.68 41.92
CA PRO H 107 33.05 -0.76 41.96
C PRO H 107 33.00 0.02 43.26
N GLY H 108 32.65 1.30 43.13
CA GLY H 108 32.22 2.16 44.22
C GLY H 108 32.90 2.11 45.58
N GLU H 109 32.15 1.69 46.60
CA GLU H 109 32.67 1.74 47.96
C GLU H 109 33.90 0.86 48.14
N LEU H 110 33.94 -0.28 47.44
CA LEU H 110 35.10 -1.13 47.53
C LEU H 110 36.31 -0.40 46.98
N ALA H 111 36.12 0.32 45.89
CA ALA H 111 37.21 1.08 45.29
C ALA H 111 37.70 2.17 46.23
N LYS H 112 36.77 2.91 46.84
CA LYS H 112 37.19 3.99 47.73
C LYS H 112 37.97 3.44 48.93
N HIS H 113 37.49 2.37 49.54
CA HIS H 113 38.20 1.82 50.69
C HIS H 113 39.55 1.27 50.28
N ALA H 114 39.62 0.62 49.13
CA ALA H 114 40.90 0.10 48.66
C ALA H 114 41.89 1.23 48.45
N VAL H 115 41.44 2.32 47.83
CA VAL H 115 42.32 3.48 47.64
C VAL H 115 42.80 4.02 48.97
N SER H 116 41.91 4.08 49.96
CA SER H 116 42.31 4.54 51.28
C SER H 116 43.39 3.67 51.88
N GLU H 117 43.23 2.35 51.79
CA GLU H 117 44.23 1.45 52.34
C GLU H 117 45.55 1.58 51.60
N GLY H 118 45.49 1.69 50.28
CA GLY H 118 46.72 1.82 49.52
C GLY H 118 47.47 3.09 49.89
N THR H 119 46.74 4.20 50.01
CA THR H 119 47.40 5.46 50.31
C THR H 119 48.04 5.41 51.69
N LYS H 120 47.29 4.96 52.69
CA LYS H 120 47.89 4.83 54.03
C LYS H 120 49.12 3.94 54.00
N ALA H 121 49.05 2.81 53.31
CA ALA H 121 50.19 1.91 53.31
C ALA H 121 51.40 2.54 52.66
N VAL H 122 51.21 3.24 51.55
CA VAL H 122 52.36 3.87 50.90
C VAL H 122 52.93 4.98 51.77
N THR H 123 52.06 5.71 52.46
CA THR H 123 52.55 6.79 53.31
C THR H 123 53.31 6.25 54.51
N LYS H 124 52.82 5.17 55.12
CA LYS H 124 53.54 4.59 56.24
C LYS H 124 54.86 4.00 55.79
N TYR H 125 54.87 3.34 54.64
CA TYR H 125 56.11 2.76 54.14
C TYR H 125 57.13 3.83 53.82
N THR H 126 56.70 4.92 53.22
CA THR H 126 57.64 5.93 52.74
C THR H 126 58.45 6.53 53.88
N SER H 127 57.83 6.71 55.04
CA SER H 127 58.57 7.21 56.19
C SER H 127 58.98 6.08 57.12
N GLY K 24 43.58 -4.77 -45.87
CA GLY K 24 43.67 -5.55 -44.60
C GLY K 24 43.63 -4.75 -43.31
N PRO K 25 44.01 -5.41 -42.22
CA PRO K 25 44.08 -4.75 -40.90
C PRO K 25 45.33 -3.92 -40.73
N GLN K 26 45.26 -3.00 -39.77
CA GLN K 26 46.39 -2.17 -39.34
C GLN K 26 46.47 -2.30 -37.80
N PRO K 27 47.07 -3.38 -37.28
CA PRO K 27 47.04 -3.64 -35.82
C PRO K 27 47.40 -2.48 -34.89
N ILE K 28 46.67 -2.41 -33.76
CA ILE K 28 46.57 -1.26 -32.85
C ILE K 28 47.89 -0.91 -32.14
N SER K 29 48.87 -1.83 -32.18
CA SER K 29 50.21 -1.59 -31.63
C SER K 29 50.81 -0.25 -32.06
N ARG K 30 50.63 0.13 -33.32
CA ARG K 30 51.17 1.40 -33.84
C ARG K 30 50.53 2.61 -33.17
N LEU K 31 49.32 2.46 -32.65
CA LEU K 31 48.65 3.54 -31.93
C LEU K 31 49.39 3.91 -30.65
N GLU K 32 50.03 2.93 -30.00
CA GLU K 32 50.78 3.19 -28.78
C GLU K 32 52.02 4.05 -29.04
N GLN K 33 52.60 3.96 -30.26
CA GLN K 33 53.79 4.76 -30.58
C GLN K 33 53.47 6.24 -30.69
N CYS K 34 52.20 6.57 -30.91
CA CYS K 34 51.72 7.95 -30.91
C CYS K 34 51.74 8.59 -29.52
N GLY K 35 51.87 7.78 -28.47
CA GLY K 35 52.00 8.25 -27.09
C GLY K 35 50.78 8.01 -26.23
N ILE K 36 49.74 7.32 -26.73
CA ILE K 36 48.83 6.59 -25.86
C ILE K 36 49.68 5.65 -25.00
N ASN K 37 49.46 5.64 -23.69
CA ASN K 37 50.20 4.69 -22.85
C ASN K 37 49.78 3.27 -23.19
N ALA K 38 50.69 2.30 -22.98
CA ALA K 38 50.41 0.92 -23.39
C ALA K 38 49.30 0.28 -22.55
N ASN K 39 49.11 0.73 -21.31
CA ASN K 39 48.04 0.16 -20.47
C ASN K 39 46.65 0.49 -21.05
N ASP K 40 46.48 1.71 -21.54
CA ASP K 40 45.20 2.07 -22.16
C ASP K 40 44.97 1.26 -23.45
N VAL K 41 46.05 0.91 -24.14
CA VAL K 41 45.91 0.09 -25.33
C VAL K 41 45.46 -1.31 -24.94
N LYS K 42 45.95 -1.80 -23.79
CA LYS K 42 45.50 -3.12 -23.33
C LYS K 42 44.02 -3.13 -23.05
N LYS K 43 43.51 -2.03 -22.50
CA LYS K 43 42.07 -1.95 -22.27
C LYS K 43 41.29 -1.98 -23.59
N LEU K 44 41.85 -1.42 -24.66
CA LEU K 44 41.15 -1.47 -25.94
C LEU K 44 41.13 -2.88 -26.52
N GLU K 45 42.21 -3.63 -26.32
CA GLU K 45 42.23 -5.01 -26.84
C GLU K 45 41.26 -5.88 -26.06
N GLU K 46 41.20 -5.68 -24.74
CA GLU K 46 40.19 -6.30 -23.88
C GLU K 46 38.77 -5.97 -24.34
N ALA K 47 38.53 -4.72 -24.70
CA ALA K 47 37.26 -4.32 -25.28
C ALA K 47 36.99 -5.04 -26.60
N GLY K 48 38.04 -5.38 -27.33
CA GLY K 48 37.94 -6.15 -28.56
C GLY K 48 38.36 -5.38 -29.78
N PHE K 49 39.06 -4.27 -29.56
CA PHE K 49 39.61 -3.43 -30.61
C PHE K 49 41.09 -3.76 -30.74
N HIS K 50 41.51 -4.22 -31.93
CA HIS K 50 42.85 -4.75 -32.13
C HIS K 50 43.61 -4.06 -33.26
N THR K 51 43.00 -3.09 -33.95
CA THR K 51 43.63 -2.38 -35.04
C THR K 51 43.37 -0.88 -34.89
N VAL K 52 44.23 -0.09 -35.53
CA VAL K 52 44.05 1.36 -35.58
C VAL K 52 42.80 1.75 -36.35
N GLU K 53 42.47 0.98 -37.40
CA GLU K 53 41.19 1.10 -38.08
C GLU K 53 40.00 0.94 -37.13
N ALA K 54 40.14 0.03 -36.15
CA ALA K 54 39.03 -0.33 -35.28
C ALA K 54 38.71 0.83 -34.32
N VAL K 55 39.74 1.38 -33.69
CA VAL K 55 39.54 2.52 -32.78
C VAL K 55 39.05 3.74 -33.58
N ALA K 56 39.55 3.88 -34.81
CA ALA K 56 39.43 5.13 -35.56
C ALA K 56 38.00 5.43 -36.02
N TYR K 57 37.38 4.53 -36.79
CA TYR K 57 35.99 4.84 -37.24
C TYR K 57 34.94 4.39 -36.23
N ALA K 58 34.94 5.05 -35.06
CA ALA K 58 33.86 5.02 -34.07
C ALA K 58 33.79 6.34 -33.30
N PRO K 59 32.55 6.76 -32.81
CA PRO K 59 32.44 8.01 -32.01
C PRO K 59 32.97 7.89 -30.57
N LYS K 60 32.92 8.98 -29.79
CA LYS K 60 33.54 9.03 -28.45
C LYS K 60 32.96 8.02 -27.44
N LYS K 61 31.65 7.73 -27.51
CA LYS K 61 31.04 7.05 -26.37
C LYS K 61 31.51 5.62 -26.23
N GLU K 62 31.98 5.01 -27.32
CA GLU K 62 32.40 3.61 -27.22
C GLU K 62 33.59 3.50 -26.28
N LEU K 63 34.60 4.36 -26.45
CA LEU K 63 35.81 4.27 -25.64
C LEU K 63 35.58 4.74 -24.22
N ILE K 64 34.65 5.69 -24.02
CA ILE K 64 34.42 6.17 -22.66
C ILE K 64 33.77 5.10 -21.80
N ASN K 65 32.88 4.28 -22.39
CA ASN K 65 32.19 3.25 -21.63
C ASN K 65 33.14 2.16 -21.13
N ILE K 66 34.34 2.05 -21.71
CA ILE K 66 35.31 1.06 -21.24
C ILE K 66 35.77 1.45 -19.84
N LYS K 67 35.95 0.44 -18.99
CA LYS K 67 36.37 0.69 -17.60
C LYS K 67 37.77 1.32 -17.58
N GLY K 68 37.93 2.35 -16.75
CA GLY K 68 39.21 3.01 -16.62
C GLY K 68 39.62 3.88 -17.77
N ILE K 69 38.65 4.52 -18.44
CA ILE K 69 38.94 5.44 -19.55
C ILE K 69 38.07 6.67 -19.38
N SER K 70 38.70 7.84 -19.28
CA SER K 70 37.97 9.09 -19.13
C SER K 70 37.73 9.73 -20.50
N GLU K 71 37.02 10.86 -20.52
CA GLU K 71 36.78 11.56 -21.78
C GLU K 71 38.07 12.14 -22.36
N ALA K 72 39.00 12.57 -21.51
CA ALA K 72 40.26 13.11 -22.00
C ALA K 72 41.09 12.03 -22.70
N LYS K 73 41.13 10.83 -22.11
CA LYS K 73 41.88 9.75 -22.74
C LYS K 73 41.24 9.30 -24.05
N ALA K 74 39.91 9.36 -24.11
CA ALA K 74 39.22 8.94 -25.33
C ALA K 74 39.51 9.92 -26.47
N ASP K 75 39.58 11.22 -26.14
CA ASP K 75 39.86 12.20 -27.19
C ASP K 75 41.28 12.04 -27.73
N LYS K 76 42.23 11.69 -26.84
CA LYS K 76 43.59 11.48 -27.34
C LYS K 76 43.67 10.29 -28.29
N ILE K 77 42.87 9.25 -28.03
CA ILE K 77 42.90 8.08 -28.91
C ILE K 77 42.33 8.43 -30.28
N LEU K 78 41.14 9.04 -30.31
CA LEU K 78 40.50 9.32 -31.60
C LEU K 78 41.34 10.30 -32.44
N ALA K 79 41.96 11.28 -31.78
CA ALA K 79 42.74 12.26 -32.53
C ALA K 79 43.96 11.59 -33.16
N GLU K 80 44.70 10.78 -32.39
CA GLU K 80 45.88 10.15 -32.97
C GLU K 80 45.53 9.02 -33.93
N ALA K 81 44.35 8.42 -33.81
CA ALA K 81 43.94 7.38 -34.73
C ALA K 81 43.68 7.94 -36.12
N ALA K 82 43.15 9.17 -36.19
CA ALA K 82 42.93 9.76 -37.52
C ALA K 82 44.23 10.04 -38.27
N LYS K 83 45.35 10.17 -37.56
CA LYS K 83 46.63 10.40 -38.24
C LYS K 83 47.11 9.15 -38.98
N LEU K 84 46.95 7.99 -38.37
CA LEU K 84 47.37 6.74 -39.02
C LEU K 84 46.36 6.30 -40.06
N VAL K 85 45.07 6.46 -39.76
CA VAL K 85 44.02 6.08 -40.68
C VAL K 85 43.25 7.34 -41.10
N GLN K 104 25.07 -8.45 -59.17
CA GLN K 104 23.83 -8.92 -58.51
C GLN K 104 23.84 -10.44 -58.36
N ILE K 105 23.89 -10.92 -57.13
CA ILE K 105 23.92 -12.36 -56.87
C ILE K 105 22.49 -12.87 -56.98
N THR K 106 22.28 -13.84 -57.87
CA THR K 106 20.95 -14.41 -58.05
C THR K 106 20.45 -15.08 -56.78
N THR K 107 19.20 -14.78 -56.42
CA THR K 107 18.54 -15.45 -55.31
C THR K 107 18.14 -16.88 -55.66
N GLY K 108 18.10 -17.21 -56.95
CA GLY K 108 17.58 -18.48 -57.40
C GLY K 108 16.08 -18.60 -57.42
N SER K 109 15.35 -17.63 -56.87
CA SER K 109 13.95 -17.42 -57.19
C SER K 109 13.84 -16.35 -58.26
N LYS K 110 13.26 -16.70 -59.41
CA LYS K 110 13.11 -15.75 -60.49
C LYS K 110 12.29 -14.55 -60.05
N GLU K 111 11.16 -14.81 -59.39
CA GLU K 111 10.32 -13.72 -58.91
C GLU K 111 11.07 -12.84 -57.93
N LEU K 112 11.89 -13.45 -57.07
CA LEU K 112 12.68 -12.67 -56.12
C LEU K 112 13.78 -11.89 -56.84
N ASP K 113 14.40 -12.51 -57.84
CA ASP K 113 15.39 -11.78 -58.64
C ASP K 113 14.78 -10.55 -59.28
N LYS K 114 13.57 -10.70 -59.85
CA LYS K 114 12.88 -9.54 -60.41
C LYS K 114 12.57 -8.52 -59.32
N LEU K 115 12.19 -9.00 -58.13
CA LEU K 115 11.90 -8.09 -57.03
C LEU K 115 13.13 -7.26 -56.68
N LEU K 116 14.30 -7.87 -56.72
CA LEU K 116 15.55 -7.19 -56.38
C LEU K 116 16.21 -6.52 -57.58
N GLN K 117 15.57 -6.57 -58.76
CA GLN K 117 16.16 -6.07 -60.00
C GLN K 117 17.39 -6.87 -60.43
N GLY K 118 17.46 -8.14 -60.05
CA GLY K 118 18.52 -9.01 -60.51
C GLY K 118 19.29 -9.70 -59.40
N GLY K 119 19.12 -9.23 -58.16
CA GLY K 119 19.76 -9.85 -57.02
C GLY K 119 20.41 -8.84 -56.09
N ILE K 120 20.94 -9.36 -54.99
CA ILE K 120 21.59 -8.53 -53.98
C ILE K 120 22.73 -7.73 -54.60
N GLU K 121 22.81 -6.45 -54.23
CA GLU K 121 24.01 -5.66 -54.46
C GLU K 121 25.11 -6.11 -53.50
N THR K 122 26.23 -6.60 -54.05
CA THR K 122 27.42 -6.79 -53.25
C THR K 122 27.95 -5.46 -52.73
N GLY K 123 28.65 -5.54 -51.59
CA GLY K 123 29.20 -4.38 -50.93
C GLY K 123 28.23 -3.63 -50.04
N SER K 124 27.06 -4.19 -49.78
CA SER K 124 26.05 -3.54 -48.96
C SER K 124 25.32 -4.58 -48.13
N ILE K 125 24.69 -4.11 -47.06
CA ILE K 125 23.94 -4.98 -46.16
C ILE K 125 22.50 -5.05 -46.63
N THR K 126 21.97 -6.26 -46.77
CA THR K 126 20.58 -6.48 -47.13
C THR K 126 19.90 -7.21 -45.98
N GLU K 127 18.89 -6.56 -45.39
CA GLU K 127 18.20 -7.11 -44.24
C GLU K 127 16.86 -7.71 -44.67
N MET K 128 16.60 -8.93 -44.21
CA MET K 128 15.33 -9.62 -44.39
C MET K 128 14.76 -9.81 -42.99
N PHE K 129 13.77 -9.01 -42.62
CA PHE K 129 13.10 -9.12 -41.34
C PHE K 129 11.75 -9.80 -41.55
N GLY K 130 11.49 -10.83 -40.77
CA GLY K 130 10.24 -11.55 -40.87
C GLY K 130 10.08 -12.49 -39.71
N GLU K 131 8.88 -13.06 -39.62
CA GLU K 131 8.58 -14.00 -38.56
C GLU K 131 9.45 -15.25 -38.70
N PHE K 132 9.47 -16.05 -37.64
CA PHE K 132 10.14 -17.34 -37.69
C PHE K 132 9.47 -18.24 -38.72
N ARG K 133 10.28 -19.14 -39.30
CA ARG K 133 9.82 -20.12 -40.27
C ARG K 133 9.41 -19.49 -41.60
N THR K 134 9.71 -18.21 -41.81
CA THR K 134 9.43 -17.56 -43.08
C THR K 134 10.40 -17.97 -44.16
N GLY K 135 11.53 -18.56 -43.79
CA GLY K 135 12.54 -18.99 -44.73
C GLY K 135 13.81 -18.18 -44.75
N LYS K 136 14.02 -17.29 -43.78
CA LYS K 136 15.28 -16.55 -43.73
C LYS K 136 16.47 -17.51 -43.82
N THR K 137 16.48 -18.53 -42.94
CA THR K 137 17.57 -19.50 -42.96
C THR K 137 17.64 -20.24 -44.29
N GLN K 138 16.48 -20.59 -44.85
CA GLN K 138 16.47 -21.27 -46.14
C GLN K 138 17.09 -20.40 -47.22
N ILE K 139 16.72 -19.11 -47.25
CA ILE K 139 17.31 -18.19 -48.20
C ILE K 139 18.82 -18.11 -48.00
N CYS K 140 19.26 -18.06 -46.74
CA CYS K 140 20.70 -18.04 -46.47
C CYS K 140 21.40 -19.27 -47.04
N HIS K 141 20.86 -20.46 -46.76
CA HIS K 141 21.45 -21.67 -47.30
C HIS K 141 21.51 -21.65 -48.82
N THR K 142 20.45 -21.17 -49.46
CA THR K 142 20.45 -21.08 -50.92
C THR K 142 21.53 -20.13 -51.42
N LEU K 143 21.58 -18.92 -50.85
CA LEU K 143 22.58 -17.93 -51.27
C LEU K 143 24.00 -18.40 -51.01
N ALA K 144 24.20 -19.23 -49.98
CA ALA K 144 25.55 -19.69 -49.67
C ALA K 144 26.19 -20.46 -50.81
N VAL K 145 25.39 -21.03 -51.71
CA VAL K 145 25.90 -21.79 -52.84
C VAL K 145 25.86 -20.96 -54.12
N THR K 146 24.76 -20.23 -54.36
CA THR K 146 24.62 -19.45 -55.58
C THR K 146 25.70 -18.39 -55.72
N CYS K 147 26.23 -17.87 -54.61
CA CYS K 147 27.31 -16.89 -54.70
C CYS K 147 28.48 -17.44 -55.50
N GLN K 148 28.75 -18.74 -55.39
CA GLN K 148 29.87 -19.35 -56.11
C GLN K 148 29.58 -19.50 -57.60
N LEU K 149 28.32 -19.33 -58.02
CA LEU K 149 27.99 -19.44 -59.43
C LEU K 149 28.74 -18.37 -60.23
N PRO K 150 28.95 -18.62 -61.53
CA PRO K 150 29.56 -17.59 -62.37
C PRO K 150 28.74 -16.31 -62.38
N ILE K 151 29.44 -15.19 -62.60
CA ILE K 151 28.78 -13.89 -62.62
C ILE K 151 27.76 -13.84 -63.76
N ASP K 152 28.08 -14.49 -64.89
CA ASP K 152 27.13 -14.53 -65.99
C ASP K 152 25.89 -15.32 -65.64
N ARG K 153 25.95 -16.18 -64.63
CA ARG K 153 24.80 -16.95 -64.18
C ARG K 153 24.13 -16.30 -62.97
N GLY K 154 24.54 -15.09 -62.61
CA GLY K 154 23.96 -14.41 -61.48
C GLY K 154 24.69 -14.61 -60.17
N GLY K 155 25.87 -15.23 -60.19
CA GLY K 155 26.67 -15.39 -58.99
C GLY K 155 27.70 -14.29 -58.84
N GLY K 156 28.56 -14.45 -57.83
CA GLY K 156 29.65 -13.51 -57.61
C GLY K 156 31.02 -14.12 -57.82
N GLU K 157 31.08 -15.41 -58.09
CA GLU K 157 32.34 -16.13 -58.24
C GLU K 157 33.26 -15.92 -57.04
N GLY K 158 32.68 -16.07 -55.84
CA GLY K 158 33.45 -15.91 -54.62
C GLY K 158 32.98 -16.88 -53.57
N LYS K 159 33.84 -17.07 -52.57
CA LYS K 159 33.51 -17.98 -51.49
C LYS K 159 32.48 -17.35 -50.55
N ALA K 160 31.87 -18.20 -49.72
CA ALA K 160 30.83 -17.79 -48.78
C ALA K 160 31.27 -17.95 -47.33
N MET K 161 30.69 -17.11 -46.47
CA MET K 161 30.96 -17.14 -45.03
C MET K 161 29.66 -17.17 -44.26
N TYR K 162 29.47 -18.24 -43.49
CA TYR K 162 28.25 -18.47 -42.73
C TYR K 162 28.64 -18.46 -41.25
N ILE K 163 28.16 -17.45 -40.54
CA ILE K 163 28.33 -17.36 -39.09
C ILE K 163 26.98 -17.69 -38.49
N ASP K 164 26.91 -18.83 -37.81
CA ASP K 164 25.66 -19.33 -37.26
C ASP K 164 25.66 -19.15 -35.75
N THR K 165 24.51 -18.75 -35.22
CA THR K 165 24.33 -18.57 -33.79
C THR K 165 23.18 -19.42 -33.30
N GLU K 166 22.55 -20.19 -34.18
CA GLU K 166 21.27 -20.84 -33.93
C GLU K 166 21.29 -22.32 -34.29
N GLY K 167 22.42 -22.84 -34.78
CA GLY K 167 22.56 -24.26 -35.06
C GLY K 167 21.95 -24.71 -36.38
N THR K 168 21.31 -23.82 -37.14
CA THR K 168 20.54 -24.23 -38.31
C THR K 168 21.39 -24.43 -39.55
N PHE K 169 22.73 -24.44 -39.42
CA PHE K 169 23.58 -24.60 -40.59
C PHE K 169 23.57 -26.04 -41.05
N ARG K 170 23.28 -26.26 -42.33
CA ARG K 170 23.18 -27.60 -42.89
C ARG K 170 24.03 -27.69 -44.14
N PRO K 171 25.19 -28.34 -44.11
CA PRO K 171 25.97 -28.48 -45.34
C PRO K 171 25.25 -29.27 -46.41
N GLU K 172 24.36 -30.20 -46.00
CA GLU K 172 23.63 -31.00 -46.97
C GLU K 172 22.66 -30.16 -47.79
N ARG K 173 22.09 -29.11 -47.18
CA ARG K 173 21.27 -28.17 -47.93
C ARG K 173 22.11 -27.47 -48.98
N LEU K 174 23.35 -27.12 -48.61
CA LEU K 174 24.27 -26.52 -49.57
C LEU K 174 24.55 -27.49 -50.71
N LEU K 175 24.68 -28.77 -50.39
CA LEU K 175 24.93 -29.76 -51.42
C LEU K 175 23.73 -29.86 -52.37
N ALA K 176 22.51 -29.79 -51.82
CA ALA K 176 21.31 -29.82 -52.65
C ALA K 176 21.25 -28.61 -53.57
N VAL K 177 21.56 -27.43 -53.05
CA VAL K 177 21.56 -26.24 -53.91
C VAL K 177 22.65 -26.35 -54.98
N ALA K 178 23.83 -26.87 -54.60
CA ALA K 178 24.90 -27.03 -55.57
C ALA K 178 24.50 -27.97 -56.69
N GLU K 179 23.86 -29.09 -56.36
CA GLU K 179 23.41 -30.01 -57.40
C GLU K 179 22.29 -29.40 -58.23
N ARG K 180 21.49 -28.53 -57.62
CA ARG K 180 20.46 -27.85 -58.41
C ARG K 180 21.10 -27.08 -59.56
N TYR K 181 22.07 -26.24 -59.25
CA TYR K 181 22.78 -25.45 -60.24
C TYR K 181 23.94 -26.19 -60.88
N GLY K 182 24.12 -27.47 -60.56
CA GLY K 182 25.20 -28.25 -61.14
C GLY K 182 26.57 -27.84 -60.66
N LEU K 183 26.71 -27.50 -59.38
CA LEU K 183 27.99 -27.19 -58.77
C LEU K 183 28.44 -28.36 -57.91
N SER K 184 29.76 -28.54 -57.81
CA SER K 184 30.28 -29.62 -57.00
C SER K 184 29.96 -29.38 -55.53
N GLY K 185 29.18 -30.28 -54.93
CA GLY K 185 28.79 -30.11 -53.55
C GLY K 185 29.99 -30.11 -52.60
N SER K 186 30.98 -30.94 -52.89
CA SER K 186 32.18 -30.99 -52.03
C SER K 186 32.96 -29.70 -52.12
N ASP K 187 33.11 -29.13 -53.31
CA ASP K 187 33.84 -27.88 -53.44
C ASP K 187 33.06 -26.72 -52.83
N VAL K 188 31.73 -26.79 -52.87
CA VAL K 188 30.93 -25.76 -52.22
C VAL K 188 31.19 -25.76 -50.72
N LEU K 189 31.18 -26.94 -50.10
CA LEU K 189 31.46 -26.99 -48.68
C LEU K 189 32.91 -26.63 -48.40
N ASP K 190 33.79 -26.87 -49.38
CA ASP K 190 35.20 -26.50 -49.25
C ASP K 190 35.41 -25.01 -49.40
N ASN K 191 34.45 -24.31 -49.98
CA ASN K 191 34.54 -22.87 -50.20
C ASN K 191 33.64 -22.12 -49.24
N VAL K 192 33.16 -22.81 -48.20
CA VAL K 192 32.34 -22.23 -47.14
C VAL K 192 33.04 -22.55 -45.84
N ALA K 193 33.49 -21.52 -45.13
CA ALA K 193 34.10 -21.72 -43.83
C ALA K 193 33.02 -21.42 -42.81
N TYR K 194 32.85 -22.31 -41.84
CA TYR K 194 31.73 -22.21 -40.93
C TYR K 194 32.24 -22.21 -39.49
N ALA K 195 31.60 -21.42 -38.65
CA ALA K 195 31.91 -21.33 -37.23
C ALA K 195 30.68 -20.78 -36.53
N ARG K 196 30.34 -21.35 -35.38
CA ARG K 196 29.15 -20.95 -34.64
C ARG K 196 29.54 -19.97 -33.54
N ALA K 197 28.90 -18.81 -33.55
CA ALA K 197 29.13 -17.79 -32.52
C ALA K 197 28.23 -18.10 -31.34
N PHE K 198 28.82 -18.17 -30.15
CA PHE K 198 28.10 -18.52 -28.94
C PHE K 198 27.45 -17.33 -28.26
N ASN K 199 27.92 -16.11 -28.55
CA ASN K 199 27.38 -14.92 -27.92
C ASN K 199 27.65 -13.73 -28.82
N THR K 200 27.17 -12.56 -28.40
CA THR K 200 27.36 -11.36 -29.21
C THR K 200 28.83 -10.97 -29.27
N ASP K 201 29.54 -11.07 -28.14
CA ASP K 201 30.96 -10.77 -28.13
C ASP K 201 31.73 -11.74 -29.03
N HIS K 202 31.38 -13.02 -28.98
CA HIS K 202 32.01 -13.98 -29.88
C HIS K 202 31.60 -13.72 -31.31
N GLN K 203 30.35 -13.27 -31.52
CA GLN K 203 29.88 -12.96 -32.86
C GLN K 203 30.71 -11.83 -33.47
N THR K 204 31.00 -10.80 -32.69
CA THR K 204 31.82 -9.69 -33.18
C THR K 204 33.29 -10.08 -33.27
N GLN K 205 33.78 -10.93 -32.36
CA GLN K 205 35.19 -11.28 -32.38
C GLN K 205 35.55 -12.02 -33.65
N LEU K 206 34.61 -12.77 -34.21
CA LEU K 206 34.90 -13.50 -35.44
C LEU K 206 35.17 -12.55 -36.59
N LEU K 207 34.69 -11.30 -36.51
CA LEU K 207 34.94 -10.37 -37.60
C LEU K 207 36.41 -10.00 -37.69
N TYR K 208 37.13 -10.02 -36.57
CA TYR K 208 38.57 -9.78 -36.63
C TYR K 208 39.25 -10.89 -37.41
N GLN K 209 38.85 -12.14 -37.17
CA GLN K 209 39.39 -13.22 -37.97
C GLN K 209 38.88 -13.12 -39.40
N ALA K 210 37.65 -12.62 -39.56
CA ALA K 210 37.04 -12.50 -40.87
C ALA K 210 37.78 -11.52 -41.75
N SER K 211 38.21 -10.38 -41.19
CA SER K 211 38.89 -9.39 -42.01
C SER K 211 40.21 -9.91 -42.54
N ALA K 212 40.99 -10.60 -41.70
CA ALA K 212 42.26 -11.13 -42.18
C ALA K 212 42.05 -12.32 -43.11
N MET K 213 41.03 -13.13 -42.85
CA MET K 213 40.77 -14.30 -43.68
C MET K 213 40.20 -13.94 -45.04
N MET K 214 39.40 -12.88 -45.13
CA MET K 214 38.82 -12.43 -46.38
C MET K 214 39.84 -11.76 -47.30
N VAL K 215 41.05 -11.54 -46.81
CA VAL K 215 42.12 -10.95 -47.61
C VAL K 215 42.81 -12.01 -48.45
N GLU K 216 43.01 -13.21 -47.88
CA GLU K 216 43.71 -14.26 -48.58
C GLU K 216 42.88 -14.92 -49.66
N SER K 217 41.56 -15.03 -49.47
CA SER K 217 40.71 -15.65 -50.48
C SER K 217 39.56 -14.72 -50.83
N ARG K 218 39.08 -14.84 -52.07
CA ARG K 218 37.96 -14.05 -52.53
C ARG K 218 36.67 -14.66 -51.97
N TYR K 219 35.94 -13.86 -51.22
CA TYR K 219 34.60 -14.22 -50.79
C TYR K 219 33.58 -13.26 -51.40
N ALA K 220 32.33 -13.71 -51.42
CA ALA K 220 31.25 -12.96 -52.02
C ALA K 220 30.02 -12.84 -51.13
N LEU K 221 29.93 -13.62 -50.06
CA LEU K 221 28.73 -13.63 -49.23
C LEU K 221 29.12 -13.90 -47.79
N LEU K 222 28.57 -13.10 -46.88
CA LEU K 222 28.74 -13.28 -45.45
C LEU K 222 27.35 -13.42 -44.82
N ILE K 223 27.11 -14.54 -44.14
CA ILE K 223 25.83 -14.83 -43.54
C ILE K 223 25.96 -14.86 -42.03
N VAL K 224 25.08 -14.13 -41.36
CA VAL K 224 24.98 -14.09 -39.90
C VAL K 224 23.53 -14.41 -39.57
N ASP K 225 23.28 -15.61 -39.07
CA ASP K 225 21.93 -16.13 -38.92
C ASP K 225 21.50 -16.06 -37.46
N SER K 226 20.32 -15.48 -37.23
CA SER K 226 19.90 -15.03 -35.91
C SER K 226 20.88 -14.01 -35.34
N ALA K 227 21.29 -13.07 -36.21
CA ALA K 227 22.26 -12.05 -35.80
C ALA K 227 21.80 -11.27 -34.57
N THR K 228 20.50 -11.03 -34.43
CA THR K 228 19.97 -10.30 -33.28
C THR K 228 19.57 -11.19 -32.12
N ALA K 229 19.58 -12.52 -32.31
CA ALA K 229 19.11 -13.39 -31.24
C ALA K 229 20.04 -13.35 -30.04
N LEU K 230 21.35 -13.31 -30.29
CA LEU K 230 22.30 -13.30 -29.18
C LEU K 230 22.24 -12.01 -28.38
N TYR K 231 21.79 -10.90 -28.97
CA TYR K 231 21.66 -9.68 -28.18
C TYR K 231 20.44 -9.71 -27.26
N ARG K 232 19.52 -10.64 -27.47
CA ARG K 232 18.37 -10.78 -26.59
C ARG K 232 18.64 -11.84 -25.54
N THR K 233 19.34 -12.91 -25.93
CA THR K 233 19.63 -13.99 -24.99
C THR K 233 20.76 -13.60 -24.06
N ASP K 234 21.80 -12.96 -24.60
CA ASP K 234 22.92 -12.53 -23.80
C ASP K 234 22.51 -11.36 -22.92
N TYR K 235 22.13 -10.26 -23.55
CA TYR K 235 21.70 -9.05 -22.85
C TYR K 235 20.20 -9.16 -22.70
N SER K 236 19.76 -9.71 -21.55
CA SER K 236 18.35 -9.90 -21.28
C SER K 236 17.78 -8.90 -20.29
N GLY K 237 18.63 -8.22 -19.52
CA GLY K 237 18.14 -7.24 -18.56
C GLY K 237 17.73 -5.96 -19.24
N ARG K 238 17.16 -5.06 -18.44
CA ARG K 238 16.71 -3.77 -18.96
C ARG K 238 17.72 -2.65 -18.76
N GLY K 239 18.49 -2.68 -17.66
CA GLY K 239 19.55 -1.70 -17.48
C GLY K 239 20.73 -1.89 -18.41
N GLU K 240 20.90 -3.10 -18.95
CA GLU K 240 21.99 -3.40 -19.87
C GLU K 240 21.60 -3.23 -21.34
N LEU K 241 20.48 -2.58 -21.62
CA LEU K 241 20.04 -2.43 -23.01
C LEU K 241 21.00 -1.53 -23.78
N SER K 242 21.42 -0.42 -23.18
CA SER K 242 22.34 0.47 -23.87
C SER K 242 23.64 -0.24 -24.19
N ALA K 243 24.04 -1.20 -23.37
CA ALA K 243 25.30 -1.90 -23.60
C ALA K 243 25.21 -2.78 -24.84
N ARG K 244 24.11 -3.53 -24.97
CA ARG K 244 23.95 -4.35 -26.16
C ARG K 244 23.76 -3.48 -27.39
N GLN K 245 23.10 -2.32 -27.26
CA GLN K 245 22.98 -1.43 -28.39
C GLN K 245 24.32 -0.88 -28.84
N MET K 246 25.19 -0.51 -27.90
CA MET K 246 26.53 -0.07 -28.26
C MET K 246 27.34 -1.19 -28.92
N HIS K 247 27.28 -2.39 -28.35
CA HIS K 247 28.03 -3.49 -28.95
C HIS K 247 27.53 -3.81 -30.35
N LEU K 248 26.20 -3.80 -30.52
CA LEU K 248 25.62 -4.04 -31.83
C LEU K 248 26.01 -2.94 -32.79
N ALA K 249 25.97 -1.68 -32.35
CA ALA K 249 26.36 -0.57 -33.21
C ALA K 249 27.80 -0.75 -33.71
N ARG K 250 28.72 -1.08 -32.81
CA ARG K 250 30.10 -1.30 -33.24
C ARG K 250 30.17 -2.48 -34.20
N PHE K 251 29.41 -3.55 -33.92
CA PHE K 251 29.41 -4.71 -34.80
C PHE K 251 28.92 -4.32 -36.20
N LEU K 252 27.85 -3.55 -36.26
CA LEU K 252 27.28 -3.12 -37.54
C LEU K 252 28.27 -2.23 -38.29
N ARG K 253 28.95 -1.33 -37.58
CA ARG K 253 29.95 -0.50 -38.23
C ARG K 253 31.08 -1.35 -38.80
N MET K 254 31.50 -2.37 -38.04
CA MET K 254 32.51 -3.28 -38.56
C MET K 254 32.01 -4.01 -39.80
N LEU K 255 30.73 -4.41 -39.79
CA LEU K 255 30.14 -5.05 -40.97
C LEU K 255 30.17 -4.11 -42.18
N LEU K 256 29.73 -2.87 -41.99
CA LEU K 256 29.75 -1.92 -43.10
C LEU K 256 31.17 -1.68 -43.59
N ARG K 257 32.13 -1.59 -42.67
CA ARG K 257 33.52 -1.40 -43.08
C ARG K 257 34.00 -2.57 -43.92
N LEU K 258 33.70 -3.79 -43.48
CA LEU K 258 34.12 -4.97 -44.24
C LEU K 258 33.43 -5.03 -45.59
N ALA K 259 32.16 -4.62 -45.65
CA ALA K 259 31.44 -4.60 -46.92
C ALA K 259 32.08 -3.65 -47.91
N ASP K 260 32.41 -2.43 -47.45
CA ASP K 260 33.06 -1.48 -48.34
C ASP K 260 34.50 -1.86 -48.63
N GLU K 261 35.14 -2.61 -47.74
CA GLU K 261 36.55 -2.94 -47.90
C GLU K 261 36.74 -4.09 -48.89
N PHE K 262 35.96 -5.14 -48.76
CA PHE K 262 36.11 -6.33 -49.59
C PHE K 262 35.05 -6.44 -50.68
N GLY K 263 34.07 -5.55 -50.69
CA GLY K 263 33.04 -5.61 -51.72
C GLY K 263 32.22 -6.87 -51.67
N VAL K 264 31.99 -7.43 -50.48
CA VAL K 264 31.22 -8.64 -50.32
C VAL K 264 29.82 -8.28 -49.85
N ALA K 265 28.90 -9.21 -50.03
CA ALA K 265 27.52 -9.03 -49.61
C ALA K 265 27.41 -9.43 -48.14
N VAL K 266 26.71 -8.62 -47.36
CA VAL K 266 26.52 -8.87 -45.94
C VAL K 266 25.04 -9.18 -45.71
N VAL K 267 24.76 -10.40 -45.27
CA VAL K 267 23.41 -10.89 -45.05
C VAL K 267 23.24 -11.23 -43.58
N ILE K 268 22.25 -10.61 -42.93
CA ILE K 268 21.94 -10.84 -41.53
C ILE K 268 20.45 -11.13 -41.44
N THR K 269 20.08 -12.04 -40.54
CA THR K 269 18.69 -12.44 -40.36
C THR K 269 18.17 -11.97 -39.01
N ASN K 270 16.93 -11.50 -39.00
CA ASN K 270 16.31 -10.90 -37.82
C ASN K 270 14.96 -11.55 -37.56
N GLN K 271 14.76 -12.00 -36.31
CA GLN K 271 13.51 -12.56 -35.87
C GLN K 271 12.64 -11.46 -35.31
N VAL K 272 11.39 -11.40 -35.76
CA VAL K 272 10.43 -10.40 -35.29
C VAL K 272 9.35 -11.16 -34.52
N VAL K 273 9.47 -11.18 -33.20
CA VAL K 273 8.52 -11.86 -32.34
C VAL K 273 7.21 -11.08 -32.29
N GLY K 292 16.20 -3.32 -34.47
CA GLY K 292 16.44 -1.98 -33.95
C GLY K 292 16.39 -0.91 -35.02
N ASN K 293 15.95 0.28 -34.63
CA ASN K 293 15.88 1.40 -35.57
C ASN K 293 17.27 1.86 -36.00
N ILE K 294 18.32 1.50 -35.26
CA ILE K 294 19.66 1.91 -35.66
C ILE K 294 20.05 1.24 -36.96
N ILE K 295 19.59 0.01 -37.19
CA ILE K 295 19.99 -0.71 -38.41
C ILE K 295 19.35 -0.08 -39.63
N ALA K 296 18.22 0.60 -39.47
CA ALA K 296 17.49 1.14 -40.62
C ALA K 296 18.40 2.00 -41.49
N HIS K 297 19.06 2.98 -40.87
CA HIS K 297 19.96 3.85 -41.62
C HIS K 297 21.14 3.06 -42.18
N ALA K 298 21.51 1.98 -41.49
CA ALA K 298 22.69 1.19 -41.82
C ALA K 298 22.36 0.18 -42.91
N SER K 299 21.21 -0.48 -42.80
CA SER K 299 20.80 -1.45 -43.80
C SER K 299 20.28 -0.70 -45.02
N THR K 300 20.68 -1.16 -46.20
CA THR K 300 20.28 -0.55 -47.45
C THR K 300 18.98 -1.13 -48.01
N THR K 301 18.70 -2.40 -47.80
CA THR K 301 17.52 -3.05 -48.36
C THR K 301 16.85 -3.90 -47.31
N ARG K 302 15.59 -3.60 -47.03
CA ARG K 302 14.79 -4.31 -46.04
C ARG K 302 13.79 -5.20 -46.76
N LEU K 303 13.81 -6.49 -46.46
CA LEU K 303 12.92 -7.47 -47.06
C LEU K 303 12.02 -8.05 -45.98
N TYR K 304 10.71 -8.03 -46.21
CA TYR K 304 9.74 -8.59 -45.29
C TYR K 304 9.26 -9.95 -45.78
N LEU K 305 9.39 -10.95 -44.93
CA LEU K 305 8.99 -12.32 -45.25
C LEU K 305 7.81 -12.74 -44.38
N ARG K 306 6.80 -13.31 -45.02
CA ARG K 306 5.64 -13.86 -44.32
C ARG K 306 5.26 -15.19 -44.96
N LYS K 307 4.65 -16.06 -44.16
CA LYS K 307 4.36 -17.42 -44.62
C LYS K 307 3.11 -17.45 -45.49
N GLY K 308 3.23 -18.11 -46.64
CA GLY K 308 2.09 -18.69 -47.34
C GLY K 308 2.01 -20.18 -47.05
N ARG K 309 0.78 -20.68 -46.90
CA ARG K 309 0.58 -22.01 -46.36
C ARG K 309 1.07 -23.09 -47.32
N GLY K 310 1.37 -24.25 -46.75
CA GLY K 310 2.31 -25.17 -47.37
C GLY K 310 3.72 -24.67 -47.17
N GLU K 311 4.54 -24.81 -48.22
CA GLU K 311 5.96 -24.45 -48.15
C GLU K 311 6.26 -23.23 -49.00
N THR K 312 5.23 -22.46 -49.37
CA THR K 312 5.36 -21.34 -50.29
C THR K 312 5.30 -20.03 -49.49
N ARG K 313 6.29 -19.16 -49.68
CA ARG K 313 6.49 -17.98 -48.87
C ARG K 313 6.28 -16.70 -49.67
N ILE K 314 5.71 -15.69 -49.01
CA ILE K 314 5.50 -14.36 -49.59
C ILE K 314 6.59 -13.42 -49.12
N CYS K 315 7.21 -12.71 -50.06
CA CYS K 315 8.25 -11.73 -49.76
C CYS K 315 7.80 -10.32 -50.13
N LYS K 316 8.09 -9.36 -49.25
CA LYS K 316 7.75 -7.96 -49.47
C LYS K 316 8.94 -7.07 -49.17
N ILE K 317 9.10 -6.02 -49.96
CA ILE K 317 10.11 -5.00 -49.72
C ILE K 317 9.43 -3.86 -48.97
N TYR K 318 9.96 -3.51 -47.80
CA TYR K 318 9.32 -2.54 -46.94
C TYR K 318 10.07 -1.21 -46.81
N ASP K 319 11.34 -1.17 -47.21
CA ASP K 319 12.00 0.09 -47.54
C ASP K 319 13.13 -0.19 -48.51
N SER K 320 13.22 0.62 -49.57
CA SER K 320 14.47 0.77 -50.27
C SER K 320 14.48 2.14 -50.94
N PRO K 321 15.50 2.96 -50.72
CA PRO K 321 15.63 4.19 -51.52
C PRO K 321 15.69 3.97 -53.02
N CYS K 322 16.21 2.84 -53.48
CA CYS K 322 16.20 2.53 -54.91
C CYS K 322 15.17 1.48 -55.30
N LEU K 323 14.91 0.48 -54.46
CA LEU K 323 13.97 -0.54 -54.89
C LEU K 323 12.55 -0.16 -54.45
N PRO K 324 11.55 -0.41 -55.28
CA PRO K 324 10.17 -0.17 -54.84
C PRO K 324 9.84 -1.00 -53.61
N GLU K 325 8.92 -0.48 -52.80
CA GLU K 325 8.15 -1.36 -51.93
C GLU K 325 7.29 -2.25 -52.82
N ALA K 326 7.51 -3.55 -52.74
CA ALA K 326 6.91 -4.48 -53.68
C ALA K 326 7.00 -5.89 -53.10
N GLU K 327 6.27 -6.80 -53.73
CA GLU K 327 6.21 -8.18 -53.28
C GLU K 327 6.41 -9.14 -54.46
N ALA K 328 6.92 -10.31 -54.14
CA ALA K 328 7.18 -11.38 -55.09
C ALA K 328 6.95 -12.68 -54.34
N MET K 329 6.38 -13.67 -55.02
CA MET K 329 6.07 -14.94 -54.37
C MET K 329 7.12 -15.98 -54.73
N PHE K 330 7.54 -16.76 -53.74
CA PHE K 330 8.52 -17.80 -53.95
C PHE K 330 8.19 -18.97 -53.04
N ALA K 331 8.87 -20.08 -53.26
CA ALA K 331 8.68 -21.30 -52.50
C ALA K 331 10.01 -21.79 -51.97
N ILE K 332 9.95 -22.69 -50.99
CA ILE K 332 11.13 -23.33 -50.41
C ILE K 332 11.09 -24.79 -50.81
N ASN K 333 11.96 -25.17 -51.73
CA ASN K 333 11.94 -26.48 -52.36
C ASN K 333 13.17 -27.28 -51.94
N ALA K 334 13.03 -28.60 -51.96
CA ALA K 334 14.13 -29.47 -51.54
C ALA K 334 15.44 -29.10 -52.23
N ASP K 335 15.41 -28.91 -53.55
CA ASP K 335 16.62 -28.49 -54.25
C ASP K 335 17.04 -27.08 -53.85
N GLY K 336 16.09 -26.22 -53.53
CA GLY K 336 16.30 -24.79 -53.72
C GLY K 336 15.36 -23.95 -52.90
N VAL K 337 15.73 -22.69 -52.75
CA VAL K 337 14.77 -21.62 -52.50
C VAL K 337 14.38 -21.03 -53.85
N GLY K 338 13.11 -21.15 -54.20
CA GLY K 338 12.70 -21.20 -55.59
C GLY K 338 11.27 -20.73 -55.72
N ASP K 339 10.93 -20.29 -56.93
CA ASP K 339 9.68 -19.57 -57.11
C ASP K 339 8.49 -20.49 -56.86
N ALA K 340 7.39 -19.88 -56.43
CA ALA K 340 6.16 -20.64 -56.21
C ALA K 340 5.61 -21.13 -57.54
N LYS K 341 5.23 -22.40 -57.59
CA LYS K 341 4.75 -23.05 -58.81
C LYS K 341 3.46 -23.79 -58.45
N ASP K 342 2.36 -23.06 -58.41
CA ASP K 342 1.06 -23.62 -58.09
C ASP K 342 0.76 -24.85 -58.94
N GLY L 24 39.01 38.39 -50.46
CA GLY L 24 39.50 37.00 -50.35
C GLY L 24 39.56 36.54 -48.89
N PRO L 25 40.00 35.28 -48.66
CA PRO L 25 40.15 34.72 -47.31
C PRO L 25 41.30 35.39 -46.52
N GLN L 26 41.29 35.22 -45.20
CA GLN L 26 42.30 35.73 -44.27
C GLN L 26 42.93 34.57 -43.46
N PRO L 27 43.85 33.76 -44.02
CA PRO L 27 44.55 32.71 -43.27
C PRO L 27 45.24 33.27 -42.02
N ILE L 28 45.32 32.50 -40.92
CA ILE L 28 45.79 32.93 -39.64
C ILE L 28 47.21 33.45 -39.64
N SER L 29 48.01 33.12 -40.59
CA SER L 29 49.33 33.56 -40.87
C SER L 29 49.53 35.04 -40.68
N ARG L 30 48.53 35.83 -41.19
CA ARG L 30 48.49 37.33 -41.18
C ARG L 30 48.40 37.86 -39.74
N LEU L 31 47.93 37.06 -38.78
CA LEU L 31 47.79 37.47 -37.35
C LEU L 31 49.16 37.45 -36.68
N GLU L 32 50.09 36.60 -37.11
CA GLU L 32 51.43 36.55 -36.65
C GLU L 32 52.19 37.83 -36.92
N GLN L 33 51.95 38.50 -38.01
CA GLN L 33 52.54 39.72 -38.44
C GLN L 33 52.22 40.87 -37.53
N CYS L 34 51.08 40.77 -36.84
CA CYS L 34 50.67 41.74 -35.85
C CYS L 34 51.52 41.70 -34.59
N GLY L 35 52.30 40.64 -34.40
CA GLY L 35 53.24 40.51 -33.29
C GLY L 35 52.83 39.51 -32.23
N ILE L 36 51.73 38.75 -32.42
CA ILE L 36 51.60 37.45 -31.78
C ILE L 36 52.83 36.63 -32.17
N ASN L 37 53.48 35.99 -31.19
CA ASN L 37 54.62 35.13 -31.53
C ASN L 37 54.12 33.93 -32.33
N ALA L 38 54.99 33.39 -33.18
CA ALA L 38 54.58 32.30 -34.08
C ALA L 38 54.25 31.00 -33.32
N ASN L 39 54.86 30.79 -32.15
CA ASN L 39 54.57 29.58 -31.37
C ASN L 39 53.12 29.58 -30.87
N ASP L 40 52.63 30.74 -30.44
CA ASP L 40 51.24 30.82 -30.01
C ASP L 40 50.28 30.60 -31.19
N VAL L 41 50.64 30.96 -32.37
CA VAL L 41 49.93 30.73 -33.57
C VAL L 41 49.82 29.24 -33.85
N LYS L 42 50.94 28.54 -33.61
CA LYS L 42 50.92 27.10 -33.81
C LYS L 42 49.94 26.43 -32.87
N LYS L 43 49.84 26.93 -31.65
CA LYS L 43 48.86 26.35 -30.73
C LYS L 43 47.43 26.59 -31.22
N LEU L 44 47.19 27.71 -31.91
CA LEU L 44 45.83 27.95 -32.41
C LEU L 44 45.51 27.00 -33.58
N GLU L 45 46.43 26.67 -34.42
CA GLU L 45 46.30 25.75 -35.49
C GLU L 45 46.01 24.36 -35.00
N GLU L 46 46.78 23.96 -33.98
CA GLU L 46 46.54 22.71 -33.25
C GLU L 46 45.14 22.65 -32.65
N ALA L 47 44.68 23.76 -32.08
CA ALA L 47 43.31 23.85 -31.60
C ALA L 47 42.31 23.70 -32.74
N GLY L 48 42.69 24.12 -33.95
CA GLY L 48 41.87 23.94 -35.13
C GLY L 48 41.40 25.25 -35.72
N PHE L 49 42.07 26.34 -35.27
CA PHE L 49 41.87 27.73 -35.78
C PHE L 49 42.94 28.00 -36.84
N HIS L 50 42.56 28.25 -38.08
CA HIS L 50 43.38 28.41 -39.23
C HIS L 50 43.29 29.72 -39.95
N THR L 51 42.39 30.59 -39.63
CA THR L 51 42.08 31.86 -40.19
C THR L 51 41.98 32.96 -39.15
N VAL L 52 42.20 34.22 -39.54
CA VAL L 52 42.02 35.40 -38.63
C VAL L 52 40.52 35.49 -38.32
N GLU L 53 39.63 35.22 -39.27
CA GLU L 53 38.22 35.06 -39.10
C GLU L 53 37.88 34.16 -37.94
N ALA L 54 38.57 33.06 -37.82
CA ALA L 54 38.37 31.99 -36.91
C ALA L 54 38.63 32.41 -35.49
N VAL L 55 39.75 33.00 -35.22
CA VAL L 55 40.18 33.55 -33.99
C VAL L 55 39.25 34.65 -33.56
N ALA L 56 38.86 35.49 -34.47
CA ALA L 56 38.22 36.75 -34.33
C ALA L 56 36.85 36.70 -33.71
N TYR L 57 35.90 36.07 -34.33
CA TYR L 57 34.55 35.92 -33.87
C TYR L 57 34.36 34.78 -32.88
N ALA L 58 35.07 34.85 -31.74
CA ALA L 58 34.84 34.02 -30.57
C ALA L 58 35.22 34.78 -29.28
N PRO L 59 34.54 34.47 -28.11
CA PRO L 59 34.91 35.14 -26.83
C PRO L 59 36.22 34.64 -26.21
N LYS L 60 36.64 35.21 -25.06
CA LYS L 60 37.95 34.92 -24.46
C LYS L 60 38.16 33.44 -24.04
N LYS L 61 37.12 32.75 -23.58
CA LYS L 61 37.37 31.48 -22.91
C LYS L 61 37.87 30.41 -23.84
N GLU L 62 37.59 30.52 -25.13
CA GLU L 62 38.02 29.48 -26.05
C GLU L 62 39.55 29.43 -26.09
N LEU L 63 40.19 30.59 -26.24
CA LEU L 63 41.65 30.62 -26.37
C LEU L 63 42.33 30.35 -25.03
N ILE L 64 41.70 30.71 -23.91
CA ILE L 64 42.36 30.47 -22.63
C ILE L 64 42.42 28.96 -22.33
N ASN L 65 41.39 28.21 -22.73
CA ASN L 65 41.36 26.79 -22.45
C ASN L 65 42.45 26.02 -23.19
N ILE L 66 43.03 26.61 -24.24
CA ILE L 66 44.12 25.95 -24.96
C ILE L 66 45.35 25.86 -24.06
N LYS L 67 46.06 24.74 -24.14
CA LYS L 67 47.23 24.54 -23.30
C LYS L 67 48.31 25.55 -23.63
N GLY L 68 48.91 26.14 -22.60
CA GLY L 68 49.99 27.10 -22.78
C GLY L 68 49.54 28.46 -23.27
N ILE L 69 48.35 28.91 -22.88
CA ILE L 69 47.85 30.23 -23.25
C ILE L 69 47.23 30.86 -22.02
N SER L 70 47.73 32.04 -21.63
CA SER L 70 47.21 32.75 -20.47
C SER L 70 46.16 33.76 -20.91
N GLU L 71 45.55 34.45 -19.93
CA GLU L 71 44.55 35.46 -20.26
C GLU L 71 45.17 36.66 -20.98
N ALA L 72 46.41 37.00 -20.63
CA ALA L 72 47.08 38.13 -21.31
C ALA L 72 47.33 37.82 -22.78
N LYS L 73 47.78 36.59 -23.08
CA LYS L 73 48.01 36.22 -24.48
C LYS L 73 46.70 36.16 -25.27
N ALA L 74 45.61 35.74 -24.60
CA ALA L 74 44.34 35.65 -25.29
C ALA L 74 43.81 37.04 -25.65
N ASP L 75 44.03 38.02 -24.75
CA ASP L 75 43.56 39.36 -25.05
C ASP L 75 44.33 39.98 -26.21
N LYS L 76 45.64 39.67 -26.29
CA LYS L 76 46.40 40.21 -27.43
C LYS L 76 45.91 39.63 -28.76
N ILE L 77 45.49 38.37 -28.75
CA ILE L 77 45.01 37.77 -30.00
C ILE L 77 43.69 38.41 -30.43
N LEU L 78 42.73 38.50 -29.51
CA LEU L 78 41.42 39.03 -29.89
C LEU L 78 41.51 40.49 -30.33
N ALA L 79 42.37 41.27 -29.66
CA ALA L 79 42.49 42.68 -30.01
C ALA L 79 43.05 42.84 -31.41
N GLU L 80 44.14 42.13 -31.72
CA GLU L 80 44.73 42.26 -33.04
C GLU L 80 43.89 41.60 -34.13
N ALA L 81 43.07 40.61 -33.79
CA ALA L 81 42.22 39.98 -34.78
C ALA L 81 41.12 40.92 -35.25
N ALA L 82 40.62 41.78 -34.36
CA ALA L 82 39.60 42.73 -34.79
C ALA L 82 40.14 43.76 -35.79
N LYS L 83 41.46 43.99 -35.82
CA LYS L 83 42.02 44.94 -36.78
C LYS L 83 41.98 44.38 -38.20
N LEU L 84 42.26 43.14 -38.42
CA LEU L 84 42.22 42.45 -39.66
C LEU L 84 40.82 42.16 -40.12
N VAL L 85 40.01 41.60 -39.21
CA VAL L 85 38.62 41.15 -39.52
C VAL L 85 37.63 42.06 -38.80
N GLN L 104 24.93 33.65 -56.81
CA GLN L 104 23.82 32.63 -56.78
C GLN L 104 24.18 31.42 -57.62
N ILE L 105 24.37 30.28 -56.97
CA ILE L 105 24.73 29.05 -57.67
C ILE L 105 23.46 28.47 -58.28
N THR L 106 23.46 28.28 -59.60
CA THR L 106 22.29 27.74 -60.29
C THR L 106 21.98 26.33 -59.79
N THR L 107 20.69 26.10 -59.50
CA THR L 107 20.22 24.76 -59.17
C THR L 107 20.15 23.86 -60.40
N GLY L 108 20.17 24.44 -61.60
CA GLY L 108 19.94 23.69 -62.82
C GLY L 108 18.51 23.34 -63.11
N SER L 109 17.59 23.56 -62.17
CA SER L 109 16.17 23.67 -62.48
C SER L 109 15.81 25.14 -62.64
N LYS L 110 15.31 25.51 -63.82
CA LYS L 110 14.94 26.89 -64.07
C LYS L 110 13.86 27.34 -63.09
N GLU L 111 12.83 26.52 -62.90
CA GLU L 111 11.77 26.86 -61.96
C GLU L 111 12.32 27.01 -60.55
N LEU L 112 13.27 26.16 -60.17
CA LEU L 112 13.87 26.28 -58.84
C LEU L 112 14.75 27.52 -58.75
N ASP L 113 15.49 27.83 -59.83
CA ASP L 113 16.27 29.05 -59.83
C ASP L 113 15.38 30.27 -59.64
N LYS L 114 14.24 30.31 -60.33
CA LYS L 114 13.29 31.40 -60.12
C LYS L 114 12.77 31.40 -58.69
N LEU L 115 12.53 30.21 -58.14
CA LEU L 115 12.05 30.12 -56.76
C LEU L 115 13.06 30.74 -55.80
N LEU L 116 14.35 30.52 -56.04
CA LEU L 116 15.41 31.04 -55.20
C LEU L 116 15.87 32.43 -55.61
N GLN L 117 15.25 33.03 -56.62
CA GLN L 117 15.69 34.31 -57.17
C GLN L 117 17.07 34.22 -57.83
N GLY L 118 17.43 33.04 -58.33
CA GLY L 118 18.65 32.89 -59.08
C GLY L 118 19.57 31.80 -58.57
N GLY L 119 19.33 31.32 -57.35
CA GLY L 119 20.10 30.24 -56.78
C GLY L 119 20.51 30.52 -55.34
N ILE L 120 21.17 29.51 -54.76
CA ILE L 120 21.63 29.60 -53.38
C ILE L 120 22.55 30.80 -53.18
N GLU L 121 22.33 31.52 -52.09
CA GLU L 121 23.33 32.48 -51.60
C GLU L 121 24.50 31.73 -51.00
N THR L 122 25.68 31.90 -51.50
CA THR L 122 26.92 31.55 -50.94
C THR L 122 27.13 32.23 -49.61
N GLY L 123 27.83 31.55 -48.69
CA GLY L 123 28.16 32.11 -47.36
C GLY L 123 27.01 31.95 -46.38
N SER L 124 26.01 31.11 -46.67
CA SER L 124 24.89 30.88 -45.78
C SER L 124 24.43 29.44 -45.91
N ILE L 125 23.73 28.98 -44.88
CA ILE L 125 23.21 27.62 -44.84
C ILE L 125 21.81 27.61 -45.44
N THR L 126 21.57 26.71 -46.38
CA THR L 126 20.26 26.52 -46.98
C THR L 126 19.78 25.12 -46.65
N GLU L 127 18.66 25.03 -45.94
CA GLU L 127 18.13 23.75 -45.50
C GLU L 127 16.96 23.33 -46.39
N MET L 128 17.00 22.09 -46.85
CA MET L 128 15.90 21.46 -47.59
C MET L 128 15.43 20.30 -46.72
N PHE L 129 14.28 20.48 -46.07
CA PHE L 129 13.66 19.45 -45.26
C PHE L 129 12.51 18.85 -46.03
N GLY L 130 12.50 17.52 -46.11
CA GLY L 130 11.45 16.83 -46.82
C GLY L 130 11.52 15.35 -46.54
N GLU L 131 10.49 14.64 -47.00
CA GLU L 131 10.42 13.21 -46.83
C GLU L 131 11.55 12.54 -47.61
N PHE L 132 11.77 11.26 -47.29
CA PHE L 132 12.72 10.47 -48.06
C PHE L 132 12.26 10.34 -49.51
N ARG L 133 13.23 10.19 -50.40
CA ARG L 133 13.00 9.99 -51.83
C ARG L 133 12.45 11.25 -52.50
N THR L 134 12.43 12.39 -51.81
CA THR L 134 12.00 13.64 -52.40
C THR L 134 13.02 14.21 -53.36
N GLY L 135 14.26 13.73 -53.30
CA GLY L 135 15.32 14.22 -54.14
C GLY L 135 16.39 15.07 -53.47
N LYS L 136 16.40 15.14 -52.14
CA LYS L 136 17.47 15.88 -51.46
C LYS L 136 18.83 15.44 -51.98
N THR L 137 19.08 14.13 -51.95
CA THR L 137 20.36 13.62 -52.41
C THR L 137 20.59 13.94 -53.89
N GLN L 138 19.54 13.82 -54.70
CA GLN L 138 19.66 14.15 -56.11
C GLN L 138 20.04 15.61 -56.30
N ILE L 139 19.40 16.51 -55.57
CA ILE L 139 19.75 17.92 -55.64
C ILE L 139 21.20 18.12 -55.22
N CYS L 140 21.64 17.43 -54.17
CA CYS L 140 23.03 17.53 -53.75
C CYS L 140 23.99 17.12 -54.87
N HIS L 141 23.73 15.96 -55.47
CA HIS L 141 24.58 15.50 -56.57
C HIS L 141 24.61 16.52 -57.70
N THR L 142 23.46 17.10 -58.05
CA THR L 142 23.43 18.11 -59.10
C THR L 142 24.26 19.33 -58.73
N LEU L 143 24.04 19.87 -57.53
CA LEU L 143 24.77 21.05 -57.09
C LEU L 143 26.27 20.80 -57.00
N ALA L 144 26.67 19.56 -56.71
CA ALA L 144 28.10 19.26 -56.57
C ALA L 144 28.87 19.55 -57.84
N VAL L 145 28.20 19.56 -59.00
CA VAL L 145 28.86 19.82 -60.27
C VAL L 145 28.62 21.24 -60.74
N THR L 146 27.38 21.73 -60.60
CA THR L 146 27.05 23.08 -61.06
C THR L 146 27.86 24.16 -60.35
N CYS L 147 28.26 23.93 -59.10
CA CYS L 147 29.10 24.91 -58.41
C CYS L 147 30.35 25.23 -59.21
N GLN L 148 30.91 24.24 -59.90
CA GLN L 148 32.12 24.46 -60.67
C GLN L 148 31.86 25.25 -61.95
N LEU L 149 30.60 25.43 -62.33
CA LEU L 149 30.28 26.20 -63.54
C LEU L 149 30.75 27.64 -63.37
N PRO L 150 31.00 28.32 -64.49
CA PRO L 150 31.34 29.75 -64.41
C PRO L 150 30.25 30.55 -63.71
N ILE L 151 30.67 31.66 -63.08
CA ILE L 151 29.73 32.52 -62.37
C ILE L 151 28.72 33.09 -63.35
N ASP L 152 29.15 33.40 -64.57
CA ASP L 152 28.22 33.92 -65.57
C ASP L 152 27.20 32.86 -65.98
N ARG L 153 27.47 31.59 -65.74
CA ARG L 153 26.54 30.52 -66.03
C ARG L 153 25.75 30.10 -64.79
N GLY L 154 25.88 30.84 -63.70
CA GLY L 154 25.18 30.51 -62.49
C GLY L 154 25.95 29.65 -61.51
N GLY L 155 27.24 29.42 -61.75
CA GLY L 155 28.07 28.68 -60.83
C GLY L 155 28.83 29.58 -59.88
N GLY L 156 29.71 28.97 -59.10
CA GLY L 156 30.55 29.72 -58.19
C GLY L 156 32.03 29.66 -58.53
N GLU L 157 32.38 28.88 -59.56
CA GLU L 157 33.78 28.68 -59.95
C GLU L 157 34.63 28.23 -58.77
N GLY L 158 34.12 27.24 -58.03
CA GLY L 158 34.84 26.71 -56.89
C GLY L 158 34.62 25.23 -56.76
N LYS L 159 35.51 24.59 -55.99
CA LYS L 159 35.42 23.15 -55.80
C LYS L 159 34.29 22.84 -54.82
N ALA L 160 33.89 21.56 -54.80
CA ALA L 160 32.81 21.08 -53.97
C ALA L 160 33.29 20.10 -52.90
N MET L 161 32.55 20.05 -51.79
CA MET L 161 32.83 19.15 -50.68
C MET L 161 31.58 18.39 -50.28
N TYR L 162 31.66 17.07 -50.40
CA TYR L 162 30.53 16.18 -50.12
C TYR L 162 30.93 15.32 -48.94
N ILE L 163 30.24 15.51 -47.83
CA ILE L 163 30.40 14.69 -46.63
C ILE L 163 29.18 13.80 -46.57
N ASP L 164 29.38 12.50 -46.78
CA ASP L 164 28.29 11.54 -46.84
C ASP L 164 28.26 10.72 -45.57
N THR L 165 27.06 10.46 -45.08
CA THR L 165 26.86 9.63 -43.91
C THR L 165 25.94 8.46 -44.21
N GLU L 166 25.49 8.36 -45.47
CA GLU L 166 24.41 7.48 -45.86
C GLU L 166 24.77 6.62 -47.06
N GLY L 167 25.97 6.75 -47.61
CA GLY L 167 26.42 5.91 -48.71
C GLY L 167 25.91 6.31 -50.08
N THR L 168 25.07 7.34 -50.18
CA THR L 168 24.40 7.65 -51.44
C THR L 168 25.26 8.46 -52.40
N PHE L 169 26.56 8.61 -52.12
CA PHE L 169 27.42 9.40 -52.99
C PHE L 169 27.73 8.62 -54.26
N ARG L 170 27.48 9.23 -55.41
CA ARG L 170 27.68 8.58 -56.70
C ARG L 170 28.51 9.49 -57.59
N PRO L 171 29.80 9.19 -57.82
CA PRO L 171 30.57 10.03 -58.75
C PRO L 171 30.03 9.99 -60.16
N GLU L 172 29.39 8.89 -60.55
CA GLU L 172 28.84 8.77 -61.90
C GLU L 172 27.69 9.76 -62.12
N ARG L 173 26.90 10.03 -61.08
CA ARG L 173 25.89 11.06 -61.19
C ARG L 173 26.54 12.42 -61.42
N LEU L 174 27.67 12.66 -60.75
CA LEU L 174 28.40 13.90 -60.98
C LEU L 174 28.88 13.97 -62.42
N LEU L 175 29.31 12.83 -62.96
CA LEU L 175 29.76 12.80 -64.35
C LEU L 175 28.61 13.13 -65.29
N ALA L 176 27.42 12.60 -65.00
CA ALA L 176 26.25 12.89 -65.81
C ALA L 176 25.89 14.37 -65.76
N VAL L 177 25.93 14.97 -64.58
CA VAL L 177 25.65 16.40 -64.49
C VAL L 177 26.72 17.21 -65.23
N ALA L 178 27.98 16.80 -65.10
CA ALA L 178 29.06 17.51 -65.79
C ALA L 178 28.86 17.45 -67.30
N GLU L 179 28.50 16.29 -67.84
CA GLU L 179 28.27 16.20 -69.28
C GLU L 179 27.02 16.98 -69.68
N ARG L 180 26.04 17.10 -68.78
CA ARG L 180 24.88 17.92 -69.09
C ARG L 180 25.31 19.35 -69.40
N TYR L 181 26.07 19.95 -68.50
CA TYR L 181 26.57 21.31 -68.66
C TYR L 181 27.86 21.38 -69.45
N GLY L 182 28.32 20.25 -69.99
CA GLY L 182 29.55 20.24 -70.78
C GLY L 182 30.80 20.50 -69.96
N LEU L 183 30.87 19.95 -68.75
CA LEU L 183 32.06 20.02 -67.92
C LEU L 183 32.77 18.68 -67.94
N SER L 184 34.09 18.72 -67.79
CA SER L 184 34.88 17.49 -67.78
C SER L 184 34.51 16.67 -66.55
N GLY L 185 33.97 15.47 -66.77
CA GLY L 185 33.58 14.63 -65.66
C GLY L 185 34.74 14.24 -64.77
N SER L 186 35.91 13.98 -65.38
CA SER L 186 37.09 13.62 -64.60
C SER L 186 37.56 14.77 -63.73
N ASP L 187 37.55 15.99 -64.26
CA ASP L 187 37.98 17.14 -63.47
C ASP L 187 36.96 17.46 -62.38
N VAL L 188 35.68 17.19 -62.64
CA VAL L 188 34.68 17.40 -61.60
C VAL L 188 34.96 16.48 -60.43
N LEU L 189 35.22 15.20 -60.70
CA LEU L 189 35.53 14.29 -59.60
C LEU L 189 36.86 14.64 -58.97
N ASP L 190 37.76 15.26 -59.73
CA ASP L 190 39.04 15.70 -59.23
C ASP L 190 38.92 16.95 -58.36
N ASN L 191 37.81 17.67 -58.49
CA ASN L 191 37.56 18.90 -57.75
C ASN L 191 36.53 18.67 -56.66
N VAL L 192 36.23 17.41 -56.37
CA VAL L 192 35.32 17.00 -55.32
C VAL L 192 36.09 16.04 -54.41
N ALA L 193 36.30 16.43 -53.17
CA ALA L 193 36.96 15.56 -52.21
C ALA L 193 35.85 14.92 -51.39
N TYR L 194 35.90 13.61 -51.24
CA TYR L 194 34.80 12.89 -50.63
C TYR L 194 35.32 12.05 -49.47
N ALA L 195 34.52 11.98 -48.42
CA ALA L 195 34.82 11.19 -47.23
C ALA L 195 33.51 10.92 -46.51
N ARG L 196 33.32 9.69 -46.04
CA ARG L 196 32.09 9.30 -45.39
C ARG L 196 32.26 9.38 -43.87
N ALA L 197 31.37 10.14 -43.24
CA ALA L 197 31.37 10.27 -41.79
C ALA L 197 30.58 9.11 -41.20
N PHE L 198 31.19 8.41 -40.25
CA PHE L 198 30.58 7.24 -39.65
C PHE L 198 29.69 7.56 -38.46
N ASN L 199 29.86 8.73 -37.86
CA ASN L 199 29.06 9.11 -36.70
C ASN L 199 29.06 10.63 -36.60
N THR L 200 28.33 11.14 -35.60
CA THR L 200 28.23 12.58 -35.43
C THR L 200 29.57 13.17 -35.04
N ASP L 201 30.30 12.50 -34.14
CA ASP L 201 31.61 12.99 -33.75
C ASP L 201 32.57 12.98 -34.94
N HIS L 202 32.52 11.93 -35.76
CA HIS L 202 33.34 11.92 -36.96
C HIS L 202 32.85 12.96 -37.95
N GLN L 203 31.54 13.20 -37.98
CA GLN L 203 30.99 14.21 -38.88
C GLN L 203 31.53 15.59 -38.53
N THR L 204 31.59 15.91 -37.24
CA THR L 204 32.13 17.20 -36.81
C THR L 204 33.65 17.24 -36.91
N GLN L 205 34.33 16.11 -36.68
CA GLN L 205 35.78 16.12 -36.73
C GLN L 205 36.29 16.46 -38.13
N LEU L 206 35.53 16.09 -39.16
CA LEU L 206 35.96 16.39 -40.51
C LEU L 206 36.00 17.89 -40.75
N LEU L 207 35.25 18.67 -39.97
CA LEU L 207 35.25 20.12 -40.17
C LEU L 207 36.61 20.72 -39.81
N TYR L 208 37.32 20.11 -38.87
CA TYR L 208 38.67 20.59 -38.57
C TYR L 208 39.58 20.40 -39.76
N GLN L 209 39.48 19.25 -40.43
CA GLN L 209 40.25 19.06 -41.65
C GLN L 209 39.70 19.95 -42.75
N ALA L 210 38.43 20.23 -42.77
CA ALA L 210 37.73 21.05 -43.68
C ALA L 210 38.23 22.46 -43.68
N SER L 211 38.42 23.06 -42.55
CA SER L 211 38.86 24.37 -42.36
C SER L 211 40.22 24.61 -42.95
N ALA L 212 41.16 23.76 -42.67
CA ALA L 212 42.48 23.79 -43.16
C ALA L 212 42.55 23.53 -44.64
N MET L 213 41.80 22.60 -45.14
CA MET L 213 41.69 22.19 -46.49
C MET L 213 41.10 23.23 -47.40
N MET L 214 40.10 23.96 -46.89
CA MET L 214 39.38 24.99 -47.67
C MET L 214 40.25 26.23 -47.85
N VAL L 215 41.36 26.35 -47.12
CA VAL L 215 42.26 27.54 -47.23
C VAL L 215 43.12 27.38 -48.48
N GLU L 216 43.64 26.18 -48.75
CA GLU L 216 44.51 25.87 -49.82
C GLU L 216 43.85 25.97 -51.17
N SER L 217 42.60 25.52 -51.23
CA SER L 217 41.84 25.48 -52.49
C SER L 217 40.52 26.22 -52.36
N ARG L 218 40.13 26.83 -53.48
CA ARG L 218 38.84 27.53 -53.58
C ARG L 218 37.77 26.48 -53.65
N TYR L 219 36.81 26.61 -52.72
CA TYR L 219 35.63 25.73 -52.68
C TYR L 219 34.44 26.64 -52.73
N ALA L 220 33.30 26.14 -53.19
CA ALA L 220 32.06 26.77 -53.37
C ALA L 220 30.86 26.11 -52.76
N LEU L 221 30.95 24.82 -52.45
CA LEU L 221 29.81 24.05 -51.98
C LEU L 221 30.27 23.00 -50.99
N LEU L 222 29.56 22.91 -49.88
CA LEU L 222 29.79 21.88 -48.86
C LEU L 222 28.48 21.12 -48.67
N ILE L 223 28.51 19.81 -48.88
CA ILE L 223 27.33 18.96 -48.79
C ILE L 223 27.49 17.99 -47.64
N VAL L 224 26.47 17.95 -46.78
CA VAL L 224 26.39 17.02 -45.66
C VAL L 224 25.05 16.29 -45.80
N ASP L 225 25.10 15.03 -46.20
CA ASP L 225 23.89 14.30 -46.62
C ASP L 225 23.48 13.35 -45.51
N SER L 226 22.20 13.40 -45.14
CA SER L 226 21.71 12.81 -43.90
C SER L 226 22.44 13.39 -42.68
N ALA L 227 22.61 14.71 -42.69
CA ALA L 227 23.33 15.38 -41.61
C ALA L 227 22.72 15.09 -40.24
N THR L 228 21.40 14.93 -40.17
CA THR L 228 20.74 14.64 -38.90
C THR L 228 20.56 13.16 -38.63
N ALA L 229 20.86 12.29 -39.61
CA ALA L 229 20.63 10.87 -39.41
C ALA L 229 21.54 10.30 -38.33
N LEU L 230 22.81 10.73 -38.32
CA LEU L 230 23.74 10.19 -37.34
C LEU L 230 23.40 10.62 -35.92
N TYR L 231 22.70 11.75 -35.72
CA TYR L 231 22.31 12.12 -34.38
C TYR L 231 21.15 11.29 -33.86
N ARG L 232 20.45 10.55 -34.73
CA ARG L 232 19.38 9.68 -34.30
C ARG L 232 19.89 8.26 -34.13
N THR L 233 20.82 7.84 -35.00
CA THR L 233 21.35 6.49 -34.94
C THR L 233 22.38 6.38 -33.82
N ASP L 234 23.24 7.39 -33.69
CA ASP L 234 24.24 7.40 -32.64
C ASP L 234 23.59 7.63 -31.30
N TYR L 235 22.96 8.79 -31.14
CA TYR L 235 22.27 9.16 -29.90
C TYR L 235 20.84 8.70 -30.06
N SER L 236 20.55 7.48 -29.60
CA SER L 236 19.23 6.90 -29.69
C SER L 236 18.46 6.90 -28.39
N GLY L 237 19.14 7.06 -27.25
CA GLY L 237 18.46 7.07 -25.98
C GLY L 237 17.75 8.40 -25.74
N ARG L 238 17.00 8.45 -24.64
CA ARG L 238 16.26 9.66 -24.28
C ARG L 238 16.99 10.54 -23.28
N GLY L 239 17.76 9.95 -22.37
CA GLY L 239 18.57 10.75 -21.47
C GLY L 239 19.75 11.42 -22.13
N GLU L 240 20.19 10.91 -23.28
CA GLU L 240 21.30 11.48 -24.03
C GLU L 240 20.87 12.48 -25.09
N LEU L 241 19.61 12.94 -25.06
CA LEU L 241 19.14 13.87 -26.07
C LEU L 241 19.85 15.21 -25.97
N SER L 242 20.02 15.72 -24.75
CA SER L 242 20.70 17.00 -24.59
C SER L 242 22.13 16.92 -25.11
N ALA L 243 22.75 15.74 -25.03
CA ALA L 243 24.13 15.61 -25.48
C ALA L 243 24.23 15.73 -27.00
N ARG L 244 23.33 15.05 -27.72
CA ARG L 244 23.34 15.19 -29.17
C ARG L 244 22.94 16.59 -29.58
N GLN L 245 22.04 17.24 -28.84
CA GLN L 245 21.69 18.62 -29.17
C GLN L 245 22.87 19.56 -28.96
N MET L 246 23.64 19.38 -27.89
CA MET L 246 24.85 20.19 -27.71
C MET L 246 25.88 19.93 -28.80
N HIS L 247 26.12 18.66 -29.15
CA HIS L 247 27.09 18.38 -30.19
C HIS L 247 26.65 18.95 -31.53
N LEU L 248 25.35 18.81 -31.84
CA LEU L 248 24.82 19.38 -33.06
C LEU L 248 24.93 20.90 -33.05
N ALA L 249 24.61 21.54 -31.93
CA ALA L 249 24.73 22.98 -31.84
C ALA L 249 26.15 23.43 -32.13
N ARG L 250 27.15 22.78 -31.52
CA ARG L 250 28.53 23.14 -31.80
C ARG L 250 28.86 22.90 -33.27
N PHE L 251 28.37 21.79 -33.83
CA PHE L 251 28.63 21.50 -35.24
C PHE L 251 28.05 22.59 -36.13
N LEU L 252 26.81 23.01 -35.84
CA LEU L 252 26.16 24.05 -36.62
C LEU L 252 26.90 25.37 -36.49
N ARG L 253 27.36 25.70 -35.29
CA ARG L 253 28.14 26.93 -35.12
C ARG L 253 29.42 26.87 -35.93
N MET L 254 30.07 25.70 -35.95
CA MET L 254 31.27 25.54 -36.79
C MET L 254 30.93 25.71 -38.26
N LEU L 255 29.77 25.18 -38.68
CA LEU L 255 29.32 25.36 -40.06
C LEU L 255 29.12 26.83 -40.39
N LEU L 256 28.42 27.56 -39.54
CA LEU L 256 28.20 28.98 -39.77
C LEU L 256 29.53 29.74 -39.80
N ARG L 257 30.43 29.38 -38.89
CA ARG L 257 31.76 30.01 -38.84
C ARG L 257 32.35 29.83 -40.24
N LEU L 258 32.50 28.62 -40.73
CA LEU L 258 33.09 28.24 -41.96
C LEU L 258 32.46 28.95 -43.13
N ALA L 259 31.17 29.10 -43.14
CA ALA L 259 30.39 29.79 -44.10
C ALA L 259 30.81 31.23 -44.21
N ASP L 260 30.87 31.91 -43.12
CA ASP L 260 31.28 33.27 -43.00
C ASP L 260 32.74 33.46 -43.31
N GLU L 261 33.57 32.52 -43.04
CA GLU L 261 34.97 32.51 -43.17
C GLU L 261 35.43 32.39 -44.60
N PHE L 262 34.96 31.42 -45.30
CA PHE L 262 35.27 31.03 -46.62
C PHE L 262 34.30 31.48 -47.69
N GLY L 263 33.14 32.01 -47.26
CA GLY L 263 32.09 32.44 -48.21
C GLY L 263 31.63 31.27 -49.07
N VAL L 264 31.56 30.07 -48.50
CA VAL L 264 31.16 28.83 -49.23
C VAL L 264 29.72 28.48 -48.86
N ALA L 265 28.95 27.89 -49.78
CA ALA L 265 27.57 27.49 -49.53
C ALA L 265 27.58 26.23 -48.68
N VAL L 266 26.71 26.20 -47.67
CA VAL L 266 26.60 25.06 -46.76
C VAL L 266 25.24 24.42 -46.99
N VAL L 267 25.27 23.18 -47.46
CA VAL L 267 24.05 22.42 -47.79
C VAL L 267 23.99 21.19 -46.90
N ILE L 268 22.90 21.05 -46.15
CA ILE L 268 22.67 19.92 -45.27
C ILE L 268 21.28 19.37 -45.59
N THR L 269 21.13 18.06 -45.52
CA THR L 269 19.88 17.39 -45.83
C THR L 269 19.28 16.76 -44.57
N ASN L 270 17.97 16.89 -44.44
CA ASN L 270 17.25 16.45 -43.25
C ASN L 270 16.08 15.55 -43.63
N GLN L 271 16.01 14.38 -43.00
CA GLN L 271 14.92 13.44 -43.19
C GLN L 271 13.83 13.75 -42.18
N VAL L 272 12.59 13.85 -42.66
CA VAL L 272 11.43 14.11 -41.81
C VAL L 272 10.57 12.86 -41.85
N VAL L 273 10.73 12.01 -40.83
CA VAL L 273 9.96 10.78 -40.73
C VAL L 273 8.51 11.08 -40.39
N GLY L 292 15.45 19.89 -35.92
CA GLY L 292 15.39 20.59 -34.64
C GLY L 292 15.07 22.06 -34.80
N ASN L 293 14.38 22.62 -33.81
CA ASN L 293 14.05 24.04 -33.83
C ASN L 293 15.28 24.93 -33.68
N ILE L 294 16.40 24.38 -33.19
CA ILE L 294 17.61 25.17 -33.06
C ILE L 294 18.12 25.59 -34.43
N ILE L 295 17.96 24.75 -35.45
CA ILE L 295 18.48 25.07 -36.76
C ILE L 295 17.71 26.21 -37.40
N ALA L 296 16.44 26.40 -37.00
CA ALA L 296 15.60 27.40 -37.63
C ALA L 296 16.27 28.77 -37.63
N HIS L 297 16.70 29.23 -36.45
CA HIS L 297 17.37 30.52 -36.34
C HIS L 297 18.70 30.50 -37.11
N ALA L 298 19.31 29.33 -37.23
CA ALA L 298 20.63 29.17 -37.82
C ALA L 298 20.53 29.06 -39.32
N SER L 299 19.57 28.28 -39.81
CA SER L 299 19.36 28.14 -41.24
C SER L 299 18.68 29.40 -41.77
N THR L 300 19.16 29.88 -42.91
CA THR L 300 18.61 31.07 -43.54
C THR L 300 17.47 30.77 -44.51
N THR L 301 17.50 29.63 -45.18
CA THR L 301 16.49 29.30 -46.18
C THR L 301 16.05 27.85 -46.02
N ARG L 302 14.75 27.66 -45.78
CA ARG L 302 14.15 26.35 -45.58
C ARG L 302 13.36 25.99 -46.83
N LEU L 303 13.69 24.84 -47.42
CA LEU L 303 13.03 24.33 -48.60
C LEU L 303 12.31 23.03 -48.27
N TYR L 304 11.03 22.97 -48.61
CA TYR L 304 10.21 21.78 -48.39
C TYR L 304 10.06 21.00 -49.70
N LEU L 305 10.43 19.72 -49.66
CA LEU L 305 10.35 18.85 -50.82
C LEU L 305 9.30 17.77 -50.58
N ARG L 306 8.44 17.56 -51.58
CA ARG L 306 7.44 16.50 -51.54
C ARG L 306 7.37 15.85 -52.92
N LYS L 307 7.00 14.58 -52.95
CA LYS L 307 7.01 13.80 -54.19
C LYS L 307 5.79 14.12 -55.05
N GLY L 308 6.04 14.40 -56.32
CA GLY L 308 5.06 14.20 -57.38
C GLY L 308 5.33 12.89 -58.11
N ARG L 309 4.25 12.21 -58.48
CA ARG L 309 4.36 10.83 -58.94
C ARG L 309 5.07 10.74 -60.29
N GLY L 310 5.63 9.56 -60.54
CA GLY L 310 6.75 9.45 -61.46
C GLY L 310 8.02 9.96 -60.80
N GLU L 311 8.83 10.68 -61.58
CA GLU L 311 10.13 11.16 -61.11
C GLU L 311 10.13 12.67 -60.93
N THR L 312 8.96 13.29 -60.88
CA THR L 312 8.81 14.74 -60.86
C THR L 312 8.46 15.19 -59.43
N ARG L 313 9.22 16.13 -58.90
CA ARG L 313 9.15 16.53 -57.49
C ARG L 313 8.64 17.96 -57.34
N ILE L 314 7.88 18.17 -56.26
CA ILE L 314 7.35 19.49 -55.91
C ILE L 314 8.21 20.08 -54.80
N CYS L 315 8.64 21.34 -54.98
CA CYS L 315 9.43 22.06 -54.00
C CYS L 315 8.65 23.26 -53.46
N LYS L 316 8.74 23.46 -52.15
CA LYS L 316 8.08 24.58 -51.48
C LYS L 316 9.03 25.26 -50.52
N ILE L 317 8.94 26.58 -50.43
CA ILE L 317 9.71 27.36 -49.47
C ILE L 317 8.79 27.60 -48.27
N TYR L 318 9.25 27.21 -47.09
CA TYR L 318 8.40 27.25 -45.91
C TYR L 318 8.84 28.29 -44.88
N ASP L 319 10.06 28.82 -44.97
CA ASP L 319 10.40 30.09 -44.34
C ASP L 319 11.56 30.71 -45.11
N SER L 320 11.44 32.00 -45.38
CA SER L 320 12.62 32.81 -45.65
C SER L 320 12.30 34.25 -45.31
N PRO L 321 13.11 34.91 -44.48
CA PRO L 321 12.95 36.36 -44.29
C PRO L 321 13.03 37.17 -45.57
N CYS L 322 13.80 36.72 -46.57
CA CYS L 322 13.84 37.41 -47.86
C CYS L 322 13.07 36.70 -48.96
N LEU L 323 13.07 35.37 -48.98
CA LEU L 323 12.36 34.71 -50.08
C LEU L 323 10.90 34.46 -49.70
N PRO L 324 9.97 34.63 -50.63
CA PRO L 324 8.58 34.26 -50.33
C PRO L 324 8.46 32.79 -49.95
N GLU L 325 7.47 32.49 -49.14
CA GLU L 325 6.92 31.13 -49.14
C GLU L 325 6.28 30.88 -50.49
N ALA L 326 6.80 29.91 -51.23
CA ALA L 326 6.42 29.72 -52.61
C ALA L 326 6.83 28.31 -53.05
N GLU L 327 6.31 27.91 -54.20
CA GLU L 327 6.59 26.59 -54.75
C GLU L 327 6.98 26.67 -56.22
N ALA L 328 7.75 25.68 -56.63
CA ALA L 328 8.24 25.56 -58.01
C ALA L 328 8.32 24.07 -58.28
N MET L 329 7.99 23.66 -59.50
CA MET L 329 7.98 22.25 -59.84
C MET L 329 9.23 21.91 -60.63
N PHE L 330 9.84 20.77 -60.30
CA PHE L 330 11.02 20.31 -60.99
C PHE L 330 10.98 18.78 -61.08
N ALA L 331 11.91 18.23 -61.85
CA ALA L 331 12.00 16.80 -62.07
C ALA L 331 13.42 16.34 -61.79
N ILE L 332 13.57 15.03 -61.62
CA ILE L 332 14.87 14.40 -61.41
C ILE L 332 15.16 13.56 -62.65
N ASN L 333 16.08 14.03 -63.47
CA ASN L 333 16.35 13.46 -64.79
C ASN L 333 17.74 12.83 -64.80
N ALA L 334 17.91 11.83 -65.67
CA ALA L 334 19.19 11.12 -65.73
C ALA L 334 20.36 12.08 -65.84
N ASP L 335 20.27 13.07 -66.74
CA ASP L 335 21.34 14.05 -66.85
C ASP L 335 21.45 14.92 -65.59
N GLY L 336 20.32 15.18 -64.93
CA GLY L 336 20.20 16.40 -64.15
C GLY L 336 19.10 16.32 -63.12
N VAL L 337 19.17 17.23 -62.16
CA VAL L 337 18.00 17.68 -61.43
C VAL L 337 17.47 18.93 -62.14
N GLY L 338 16.25 18.83 -62.67
CA GLY L 338 15.85 19.61 -63.82
C GLY L 338 14.34 19.79 -63.80
N ASP L 339 13.89 20.82 -64.50
CA ASP L 339 12.50 21.24 -64.36
C ASP L 339 11.56 20.18 -64.91
N ALA L 340 10.36 20.15 -64.35
CA ALA L 340 9.35 19.22 -64.83
C ALA L 340 8.90 19.62 -66.23
N LYS L 341 8.82 18.63 -67.12
CA LYS L 341 8.49 18.86 -68.53
C LYS L 341 7.41 17.84 -68.91
N ASP L 342 6.17 18.16 -68.56
CA ASP L 342 5.03 17.29 -68.84
C ASP L 342 5.01 16.87 -70.31
N GLY M 24 21.26 58.35 -14.11
CA GLY M 24 21.22 57.05 -14.80
C GLY M 24 21.20 55.87 -13.83
N PRO M 25 21.33 54.62 -14.31
CA PRO M 25 21.32 53.41 -13.48
C PRO M 25 22.68 53.19 -12.80
N GLN M 26 22.66 53.09 -11.47
CA GLN M 26 23.84 52.89 -10.63
C GLN M 26 23.88 51.46 -10.05
N PRO M 27 25.02 50.76 -10.10
CA PRO M 27 25.17 49.43 -9.52
C PRO M 27 24.79 49.38 -8.04
N ILE M 28 24.31 48.21 -7.61
CA ILE M 28 23.91 47.83 -6.30
C ILE M 28 24.96 48.04 -5.23
N SER M 29 26.20 48.14 -5.57
CA SER M 29 27.34 48.44 -4.80
C SER M 29 27.11 49.56 -3.80
N ARG M 30 26.45 50.64 -4.28
CA ARG M 30 26.09 51.88 -3.53
C ARG M 30 25.16 51.58 -2.36
N LEU M 31 24.37 50.51 -2.42
CA LEU M 31 23.40 50.10 -1.36
C LEU M 31 24.15 49.52 -0.16
N GLU M 32 25.32 48.90 -0.36
CA GLU M 32 26.15 48.40 0.66
C GLU M 32 26.68 49.49 1.57
N GLN M 33 26.95 50.66 1.07
CA GLN M 33 27.43 51.82 1.75
C GLN M 33 26.45 52.35 2.75
N CYS M 34 25.17 52.09 2.50
CA CYS M 34 24.09 52.44 3.41
C CYS M 34 24.11 51.61 4.70
N GLY M 35 24.84 50.50 4.72
CA GLY M 35 25.02 49.67 5.89
C GLY M 35 24.30 48.33 5.84
N ILE M 36 23.65 47.98 4.71
CA ILE M 36 23.45 46.57 4.38
C ILE M 36 24.81 45.90 4.41
N ASN M 37 24.94 44.75 5.07
CA ASN M 37 26.20 44.03 5.05
C ASN M 37 26.47 43.52 3.64
N ALA M 38 27.75 43.37 3.29
CA ALA M 38 28.11 42.99 1.91
C ALA M 38 27.68 41.57 1.56
N ASN M 39 27.58 40.68 2.55
CA ASN M 39 27.14 39.30 2.28
C ASN M 39 25.69 39.27 1.79
N ASP M 40 24.83 40.10 2.40
CA ASP M 40 23.44 40.15 1.94
C ASP M 40 23.36 40.74 0.53
N VAL M 41 24.23 41.60 0.13
CA VAL M 41 24.37 42.15 -1.16
C VAL M 41 24.70 41.08 -2.16
N LYS M 42 25.62 40.18 -1.74
CA LYS M 42 25.99 39.08 -2.62
C LYS M 42 24.80 38.18 -2.90
N LYS M 43 23.95 37.98 -1.90
CA LYS M 43 22.76 37.17 -2.15
C LYS M 43 21.82 37.85 -3.15
N LEU M 44 21.79 39.18 -3.16
CA LEU M 44 20.92 39.86 -4.13
C LEU M 44 21.48 39.73 -5.55
N GLU M 45 22.76 39.75 -5.75
CA GLU M 45 23.41 39.56 -6.99
C GLU M 45 23.17 38.19 -7.55
N GLU M 46 23.31 37.20 -6.67
CA GLU M 46 22.96 35.81 -6.96
C GLU M 46 21.50 35.66 -7.39
N ALA M 47 20.61 36.36 -6.71
CA ALA M 47 19.21 36.40 -7.10
C ALA M 47 19.04 37.03 -8.49
N GLY M 48 19.93 37.96 -8.86
CA GLY M 48 19.96 38.55 -10.18
C GLY M 48 19.65 40.04 -10.15
N PHE M 49 19.73 40.61 -8.92
CA PHE M 49 19.60 42.07 -8.66
C PHE M 49 20.99 42.67 -8.60
N HIS M 50 21.31 43.59 -9.49
CA HIS M 50 22.58 44.20 -9.69
C HIS M 50 22.65 45.70 -9.54
N THR M 51 21.59 46.39 -9.38
CA THR M 51 21.39 47.80 -9.28
C THR M 51 20.53 48.19 -8.10
N VAL M 52 20.69 49.43 -7.59
CA VAL M 52 19.81 49.95 -6.50
C VAL M 52 18.41 50.11 -7.07
N GLU M 53 18.25 50.44 -8.36
CA GLU M 53 16.91 50.57 -9.00
C GLU M 53 16.24 49.20 -9.02
N ALA M 54 17.00 48.11 -9.09
CA ALA M 54 16.55 46.77 -9.16
C ALA M 54 15.89 46.35 -7.87
N VAL M 55 16.56 46.51 -6.78
CA VAL M 55 16.12 46.26 -5.46
C VAL M 55 14.92 47.11 -5.12
N ALA M 56 14.93 48.35 -5.50
CA ALA M 56 14.10 49.43 -5.12
C ALA M 56 12.65 49.28 -5.51
N TYR M 57 12.34 49.23 -6.77
CA TYR M 57 11.02 49.07 -7.31
C TYR M 57 10.54 47.64 -7.35
N ALA M 58 10.48 46.98 -6.18
CA ALA M 58 9.81 45.70 -5.97
C ALA M 58 9.26 45.60 -4.54
N PRO M 59 8.12 44.84 -4.30
CA PRO M 59 7.59 44.67 -2.92
C PRO M 59 8.41 43.72 -2.04
N LYS M 60 8.01 43.53 -0.77
CA LYS M 60 8.81 42.76 0.21
C LYS M 60 9.03 41.28 -0.16
N LYS M 61 8.06 40.63 -0.80
CA LYS M 61 8.14 39.17 -0.87
C LYS M 61 9.27 38.69 -1.75
N GLU M 62 9.72 39.50 -2.69
CA GLU M 62 10.78 39.04 -3.58
C GLU M 62 12.05 38.77 -2.78
N LEU M 63 12.44 39.72 -1.92
CA LEU M 63 13.69 39.59 -1.17
C LEU M 63 13.56 38.55 -0.05
N ILE M 64 12.36 38.37 0.50
CA ILE M 64 12.23 37.39 1.58
C ILE M 64 12.41 35.97 1.04
N ASN M 65 11.94 35.70 -0.18
CA ASN M 65 12.03 34.36 -0.75
C ASN M 65 13.47 33.94 -1.01
N ILE M 66 14.41 34.89 -1.07
CA ILE M 66 15.81 34.55 -1.27
C ILE M 66 16.33 33.81 -0.04
N LYS M 67 17.17 32.80 -0.27
CA LYS M 67 17.70 32.00 0.84
C LYS M 67 18.57 32.86 1.75
N GLY M 68 18.37 32.71 3.05
CA GLY M 68 19.17 33.45 4.03
C GLY M 68 18.82 34.91 4.16
N ILE M 69 17.54 35.27 3.97
CA ILE M 69 17.10 36.65 4.13
C ILE M 69 15.78 36.64 4.91
N SER M 70 15.75 37.33 6.06
CA SER M 70 14.56 37.40 6.88
C SER M 70 13.75 38.64 6.53
N GLU M 71 12.58 38.79 7.17
CA GLU M 71 11.76 39.97 6.91
C GLU M 71 12.43 41.26 7.41
N ALA M 72 13.19 41.17 8.51
CA ALA M 72 13.88 42.36 9.01
C ALA M 72 14.96 42.83 8.04
N LYS M 73 15.72 41.89 7.47
CA LYS M 73 16.74 42.28 6.50
C LYS M 73 16.13 42.84 5.22
N ALA M 74 14.96 42.32 4.83
CA ALA M 74 14.32 42.81 3.62
C ALA M 74 13.82 44.23 3.80
N ASP M 75 13.32 44.55 5.00
CA ASP M 75 12.84 45.91 5.24
C ASP M 75 14.00 46.90 5.25
N LYS M 76 15.16 46.50 5.75
CA LYS M 76 16.31 47.41 5.72
C LYS M 76 16.74 47.71 4.30
N ILE M 77 16.64 46.71 3.40
CA ILE M 77 17.05 46.95 2.02
C ILE M 77 16.09 47.91 1.33
N LEU M 78 14.78 47.66 1.44
CA LEU M 78 13.82 48.50 0.72
C LEU M 78 13.86 49.95 1.24
N ALA M 79 14.04 50.12 2.56
CA ALA M 79 14.06 51.46 3.12
C ALA M 79 15.27 52.24 2.61
N GLU M 80 16.45 51.62 2.65
CA GLU M 80 17.64 52.35 2.19
C GLU M 80 17.68 52.50 0.67
N ALA M 81 17.01 51.61 -0.07
CA ALA M 81 16.98 51.73 -1.53
C ALA M 81 16.17 52.95 -1.96
N ALA M 82 15.11 53.27 -1.21
CA ALA M 82 14.33 54.46 -1.58
C ALA M 82 15.13 55.76 -1.40
N LYS M 83 16.16 55.76 -0.57
CA LYS M 83 16.98 56.97 -0.39
C LYS M 83 17.82 57.25 -1.62
N LEU M 84 18.41 56.29 -2.25
CA LEU M 84 19.18 56.36 -3.43
C LEU M 84 18.36 56.59 -4.66
N VAL M 85 17.31 55.77 -4.85
CA VAL M 85 16.49 55.81 -6.10
C VAL M 85 15.00 55.86 -5.74
N GLN M 104 6.95 59.45 -29.62
CA GLN M 104 6.48 58.09 -30.00
C GLN M 104 6.82 57.78 -31.45
N ILE M 105 7.73 56.83 -31.66
CA ILE M 105 8.13 56.45 -33.01
C ILE M 105 7.07 55.54 -33.61
N THR M 106 6.50 55.95 -34.74
CA THR M 106 5.45 55.16 -35.39
C THR M 106 5.98 53.78 -35.78
N THR M 107 5.19 52.74 -35.46
CA THR M 107 5.49 51.40 -35.92
C THR M 107 5.18 51.21 -37.40
N GLY M 108 4.40 52.11 -38.00
CA GLY M 108 3.92 51.95 -39.35
C GLY M 108 2.78 50.97 -39.52
N SER M 109 2.42 50.23 -38.48
CA SER M 109 1.11 49.59 -38.39
C SER M 109 0.19 50.47 -37.58
N LYS M 110 -0.91 50.92 -38.18
CA LYS M 110 -1.85 51.77 -37.47
C LYS M 110 -2.40 51.06 -36.24
N GLU M 111 -2.81 49.81 -36.40
CA GLU M 111 -3.33 49.06 -35.26
C GLU M 111 -2.27 48.92 -34.18
N LEU M 112 -1.01 48.71 -34.56
CA LEU M 112 0.06 48.61 -33.58
C LEU M 112 0.32 49.97 -32.93
N ASP M 113 0.27 51.04 -33.71
CA ASP M 113 0.42 52.37 -33.12
C ASP M 113 -0.65 52.63 -32.08
N LYS M 114 -1.90 52.27 -32.38
CA LYS M 114 -2.97 52.39 -31.39
C LYS M 114 -2.68 51.51 -30.18
N LEU M 115 -2.16 50.31 -30.42
CA LEU M 115 -1.84 49.42 -29.31
C LEU M 115 -0.81 50.05 -28.38
N LEU M 116 0.17 50.75 -28.94
CA LEU M 116 1.21 51.39 -28.17
C LEU M 116 0.86 52.82 -27.75
N GLN M 117 -0.35 53.28 -28.05
CA GLN M 117 -0.75 54.67 -27.79
C GLN M 117 0.05 55.67 -28.62
N GLY M 118 0.54 55.25 -29.78
CA GLY M 118 1.21 56.17 -30.69
C GLY M 118 2.59 55.73 -31.10
N GLY M 119 3.17 54.76 -30.40
CA GLY M 119 4.46 54.22 -30.75
C GLY M 119 5.37 54.08 -29.54
N ILE M 120 6.55 53.53 -29.81
CA ILE M 120 7.56 53.29 -28.77
C ILE M 120 7.91 54.60 -28.07
N GLU M 121 7.99 54.54 -26.74
CA GLU M 121 8.64 55.60 -25.97
C GLU M 121 10.16 55.52 -26.18
N THR M 122 10.78 56.61 -26.63
CA THR M 122 12.26 56.69 -26.76
C THR M 122 12.84 56.91 -25.35
N GLY M 123 14.01 56.34 -25.04
CA GLY M 123 14.66 56.46 -23.72
C GLY M 123 14.31 55.28 -22.84
N SER M 124 13.68 54.23 -23.39
CA SER M 124 13.26 53.06 -22.73
C SER M 124 13.43 51.82 -23.56
N ILE M 125 13.54 50.67 -22.99
CA ILE M 125 13.64 49.38 -23.55
C ILE M 125 12.27 48.80 -23.82
N THR M 126 11.98 48.41 -25.05
CA THR M 126 10.72 47.75 -25.39
C THR M 126 11.04 46.35 -25.89
N GLU M 127 10.54 45.34 -25.17
CA GLU M 127 10.80 43.96 -25.50
C GLU M 127 9.62 43.34 -26.22
N MET M 128 9.89 42.66 -27.34
CA MET M 128 8.91 41.88 -28.09
C MET M 128 9.39 40.44 -28.01
N PHE M 129 8.74 39.64 -27.18
CA PHE M 129 9.05 38.22 -27.06
C PHE M 129 7.99 37.42 -27.80
N GLY M 130 8.44 36.53 -28.66
CA GLY M 130 7.53 35.70 -29.43
C GLY M 130 8.29 34.60 -30.11
N GLU M 131 7.52 33.68 -30.70
CA GLU M 131 8.09 32.56 -31.42
C GLU M 131 8.87 33.06 -32.64
N PHE M 132 9.68 32.17 -33.20
CA PHE M 132 10.37 32.46 -34.44
C PHE M 132 9.35 32.69 -35.56
N ARG M 133 9.74 33.52 -36.54
CA ARG M 133 8.95 33.83 -37.71
C ARG M 133 7.71 34.65 -37.38
N THR M 134 7.60 35.17 -36.16
CA THR M 134 6.48 36.03 -35.79
C THR M 134 6.63 37.42 -36.38
N GLY M 135 7.82 37.78 -36.85
CA GLY M 135 8.06 39.09 -37.42
C GLY M 135 8.89 40.04 -36.59
N LYS M 136 9.52 39.56 -35.51
CA LYS M 136 10.41 40.43 -34.73
C LYS M 136 11.41 41.13 -35.65
N THR M 137 12.12 40.35 -36.47
CA THR M 137 13.10 40.92 -37.37
C THR M 137 12.45 41.87 -38.36
N GLN M 138 11.27 41.50 -38.87
CA GLN M 138 10.56 42.37 -39.80
C GLN M 138 10.22 43.70 -39.15
N ILE M 139 9.72 43.65 -37.92
CA ILE M 139 9.42 44.89 -37.18
C ILE M 139 10.69 45.71 -37.00
N CYS M 140 11.81 45.06 -36.68
CA CYS M 140 13.07 45.77 -36.56
C CYS M 140 13.45 46.48 -37.85
N HIS M 141 13.40 45.77 -38.98
CA HIS M 141 13.71 46.39 -40.26
C HIS M 141 12.80 47.58 -40.54
N THR M 142 11.51 47.45 -40.24
CA THR M 142 10.58 48.55 -40.45
C THR M 142 10.96 49.76 -39.58
N LEU M 143 11.15 49.52 -38.28
CA LEU M 143 11.49 50.61 -37.37
C LEU M 143 12.82 51.27 -37.73
N ALA M 144 13.75 50.51 -38.32
CA ALA M 144 15.05 51.09 -38.65
C ALA M 144 14.95 52.25 -39.62
N VAL M 145 13.86 52.33 -40.39
CA VAL M 145 13.66 53.41 -41.34
C VAL M 145 12.70 54.47 -40.80
N THR M 146 11.61 54.04 -40.18
CA THR M 146 10.61 54.97 -39.67
C THR M 146 11.18 55.92 -38.62
N CYS M 147 12.19 55.48 -37.86
CA CYS M 147 12.81 56.38 -36.89
C CYS M 147 13.29 57.67 -37.54
N GLN M 148 13.78 57.57 -38.79
CA GLN M 148 14.27 58.76 -39.48
C GLN M 148 13.15 59.68 -39.95
N LEU M 149 11.89 59.22 -39.91
CA LEU M 149 10.78 60.05 -40.32
C LEU M 149 10.69 61.27 -39.43
N PRO M 150 10.08 62.36 -39.92
CA PRO M 150 9.84 63.52 -39.07
C PRO M 150 9.01 63.17 -37.84
N ILE M 151 9.23 63.93 -36.77
CA ILE M 151 8.50 63.71 -35.53
C ILE M 151 7.01 63.91 -35.76
N ASP M 152 6.65 64.88 -36.60
CA ASP M 152 5.24 65.11 -36.90
C ASP M 152 4.63 63.92 -37.66
N ARG M 153 5.45 63.09 -38.28
CA ARG M 153 4.97 61.90 -38.98
C ARG M 153 5.11 60.66 -38.12
N GLY M 154 5.46 60.81 -36.85
CA GLY M 154 5.61 59.68 -35.98
C GLY M 154 7.02 59.14 -35.87
N GLY M 155 8.01 59.82 -36.44
CA GLY M 155 9.39 59.42 -36.33
C GLY M 155 10.10 60.10 -35.17
N GLY M 156 11.41 59.88 -35.10
CA GLY M 156 12.23 60.54 -34.10
C GLY M 156 13.25 61.50 -34.68
N GLU M 157 13.33 61.57 -36.00
CA GLU M 157 14.32 62.40 -36.69
C GLU M 157 15.74 62.11 -36.20
N GLY M 158 16.07 60.82 -36.13
CA GLY M 158 17.39 60.42 -35.68
C GLY M 158 17.84 59.18 -36.44
N LYS M 159 19.15 58.95 -36.39
CA LYS M 159 19.72 57.81 -37.08
C LYS M 159 19.43 56.52 -36.30
N ALA M 160 19.60 55.39 -36.98
CA ALA M 160 19.33 54.07 -36.41
C ALA M 160 20.60 53.24 -36.27
N MET M 161 20.56 52.33 -35.29
CA MET M 161 21.67 51.41 -35.01
C MET M 161 21.16 49.99 -34.93
N TYR M 162 21.66 49.15 -35.83
CA TYR M 162 21.25 47.76 -35.93
C TYR M 162 22.46 46.90 -35.61
N ILE M 163 22.39 46.19 -34.49
CA ILE M 163 23.40 45.22 -34.09
C ILE M 163 22.79 43.85 -34.35
N ASP M 164 23.34 43.15 -35.32
CA ASP M 164 22.83 41.86 -35.75
C ASP M 164 23.74 40.74 -35.25
N THR M 165 23.12 39.66 -34.79
CA THR M 165 23.84 38.49 -34.34
C THR M 165 23.41 37.25 -35.12
N GLU M 166 22.49 37.41 -36.06
CA GLU M 166 21.78 36.32 -36.70
C GLU M 166 21.81 36.41 -38.22
N GLY M 167 22.45 37.42 -38.79
CA GLY M 167 22.60 37.54 -40.22
C GLY M 167 21.39 38.07 -40.96
N THR M 168 20.28 38.35 -40.27
CA THR M 168 19.03 38.69 -40.94
C THR M 168 18.94 40.15 -41.36
N PHE M 169 20.04 40.90 -41.30
CA PHE M 169 19.99 42.31 -41.65
C PHE M 169 19.93 42.46 -43.16
N ARG M 170 18.94 43.21 -43.65
CA ARG M 170 18.73 43.39 -45.08
C ARG M 170 18.60 44.86 -45.39
N PRO M 171 19.62 45.49 -45.98
CA PRO M 171 19.47 46.91 -46.34
C PRO M 171 18.37 47.14 -47.36
N GLU M 172 18.10 46.14 -48.22
CA GLU M 172 17.06 46.29 -49.23
C GLU M 172 15.68 46.40 -48.60
N ARG M 173 15.46 45.71 -47.48
CA ARG M 173 14.20 45.88 -46.75
C ARG M 173 14.09 47.31 -46.24
N LEU M 174 15.21 47.88 -45.79
CA LEU M 174 15.21 49.26 -45.36
C LEU M 174 14.88 50.17 -46.52
N LEU M 175 15.38 49.84 -47.71
CA LEU M 175 15.08 50.66 -48.89
C LEU M 175 13.60 50.58 -49.22
N ALA M 176 13.00 49.39 -49.09
CA ALA M 176 11.57 49.24 -49.33
C ALA M 176 10.74 50.06 -48.33
N VAL M 177 11.12 50.03 -47.05
CA VAL M 177 10.39 50.82 -46.08
C VAL M 177 10.57 52.32 -46.37
N ALA M 178 11.79 52.73 -46.75
CA ALA M 178 12.04 54.13 -47.07
C ALA M 178 11.18 54.59 -48.24
N GLU M 179 11.08 53.77 -49.29
CA GLU M 179 10.23 54.14 -50.41
C GLU M 179 8.76 54.13 -50.02
N ARG M 180 8.38 53.28 -49.07
CA ARG M 180 7.00 53.30 -48.61
C ARG M 180 6.64 54.68 -48.07
N TYR M 181 7.45 55.19 -47.15
CA TYR M 181 7.24 56.50 -46.55
C TYR M 181 7.86 57.62 -47.37
N GLY M 182 8.40 57.32 -48.55
CA GLY M 182 8.98 58.34 -49.40
C GLY M 182 10.27 58.93 -48.84
N LEU M 183 11.11 58.10 -48.25
CA LEU M 183 12.43 58.50 -47.77
C LEU M 183 13.49 57.99 -48.72
N SER M 184 14.59 58.74 -48.83
CA SER M 184 15.68 58.32 -49.70
C SER M 184 16.30 57.04 -49.17
N GLY M 185 16.22 55.96 -49.96
CA GLY M 185 16.77 54.69 -49.53
C GLY M 185 18.27 54.75 -49.29
N SER M 186 18.99 55.49 -50.12
CA SER M 186 20.43 55.61 -49.96
C SER M 186 20.78 56.35 -48.67
N ASP M 187 20.06 57.42 -48.36
CA ASP M 187 20.34 58.15 -47.13
C ASP M 187 19.94 57.35 -45.92
N VAL M 188 18.90 56.51 -46.03
CA VAL M 188 18.53 55.65 -44.92
C VAL M 188 19.67 54.70 -44.60
N LEU M 189 20.23 54.05 -45.62
CA LEU M 189 21.35 53.15 -45.38
C LEU M 189 22.57 53.93 -44.92
N ASP M 190 22.68 55.20 -45.31
CA ASP M 190 23.78 56.05 -44.89
C ASP M 190 23.61 56.51 -43.44
N ASN M 191 22.39 56.42 -42.91
CA ASN M 191 22.10 56.85 -41.55
C ASN M 191 21.90 55.64 -40.65
N VAL M 192 22.27 54.46 -41.13
CA VAL M 192 22.22 53.22 -40.37
C VAL M 192 23.63 52.63 -40.39
N ALA M 193 24.24 52.52 -39.23
CA ALA M 193 25.56 51.91 -39.13
C ALA M 193 25.32 50.48 -38.66
N TYR M 194 25.93 49.53 -39.34
CA TYR M 194 25.63 48.13 -39.09
C TYR M 194 26.92 47.39 -38.79
N ALA M 195 26.82 46.43 -37.86
CA ALA M 195 27.94 45.58 -37.47
C ALA M 195 27.35 44.34 -36.83
N ARG M 196 27.91 43.18 -37.16
CA ARG M 196 27.38 41.91 -36.66
C ARG M 196 28.22 41.46 -35.47
N ALA M 197 27.54 41.22 -34.35
CA ALA M 197 28.18 40.72 -33.14
C ALA M 197 28.28 39.21 -33.24
N PHE M 198 29.49 38.69 -33.03
CA PHE M 198 29.75 37.26 -33.15
C PHE M 198 29.50 36.50 -31.87
N ASN M 199 29.47 37.17 -30.72
CA ASN M 199 29.26 36.51 -29.44
C ASN M 199 28.71 37.54 -28.46
N THR M 200 28.43 37.06 -27.24
CA THR M 200 27.88 37.95 -26.23
C THR M 200 28.90 39.00 -25.82
N ASP M 201 30.17 38.59 -25.65
CA ASP M 201 31.21 39.55 -25.31
C ASP M 201 31.39 40.58 -26.41
N HIS M 202 31.35 40.14 -27.67
CA HIS M 202 31.43 41.10 -28.76
C HIS M 202 30.17 41.94 -28.82
N GLN M 203 29.03 41.36 -28.46
CA GLN M 203 27.78 42.12 -28.45
C GLN M 203 27.85 43.26 -27.46
N THR M 204 28.39 43.00 -26.26
CA THR M 204 28.54 44.03 -25.26
C THR M 204 29.67 45.00 -25.60
N GLN M 205 30.75 44.51 -26.22
CA GLN M 205 31.88 45.39 -26.52
C GLN M 205 31.47 46.48 -27.50
N LEU M 206 30.52 46.20 -28.38
CA LEU M 206 30.09 47.21 -29.33
C LEU M 206 29.43 48.38 -28.64
N LEU M 207 28.92 48.18 -27.42
CA LEU M 207 28.27 49.28 -26.72
C LEU M 207 29.29 50.35 -26.32
N TYR M 208 30.54 49.96 -26.09
CA TYR M 208 31.56 50.97 -25.80
C TYR M 208 31.78 51.85 -27.02
N GLN M 209 31.82 51.25 -28.22
CA GLN M 209 31.90 52.05 -29.42
C GLN M 209 30.60 52.81 -29.63
N ALA M 210 29.49 52.20 -29.22
CA ALA M 210 28.18 52.81 -29.40
C ALA M 210 28.04 54.08 -28.59
N SER M 211 28.54 54.09 -27.35
CA SER M 211 28.39 55.28 -26.52
C SER M 211 29.16 56.46 -27.10
N ALA M 212 30.38 56.24 -27.57
CA ALA M 212 31.13 57.34 -28.14
C ALA M 212 30.58 57.75 -29.49
N MET M 213 30.10 56.79 -30.28
CA MET M 213 29.57 57.09 -31.61
C MET M 213 28.22 57.80 -31.56
N MET M 214 27.39 57.49 -30.56
CA MET M 214 26.09 58.12 -30.39
C MET M 214 26.19 59.56 -29.90
N VAL M 215 27.39 60.00 -29.54
CA VAL M 215 27.61 61.37 -29.08
C VAL M 215 27.78 62.30 -30.27
N GLU M 216 28.48 61.84 -31.31
CA GLU M 216 28.75 62.68 -32.47
C GLU M 216 27.54 62.87 -33.36
N SER M 217 26.67 61.86 -33.48
CA SER M 217 25.49 61.99 -34.32
C SER M 217 24.24 61.64 -33.51
N ARG M 218 23.12 62.25 -33.92
CA ARG M 218 21.83 61.98 -33.28
C ARG M 218 21.31 60.66 -33.79
N TYR M 219 21.09 59.71 -32.90
CA TYR M 219 20.39 58.48 -33.20
C TYR M 219 19.08 58.42 -32.43
N ALA M 220 18.18 57.57 -32.92
CA ALA M 220 16.86 57.43 -32.34
C ALA M 220 16.46 55.99 -32.09
N LEU M 221 17.18 55.02 -32.65
CA LEU M 221 16.79 53.63 -32.53
C LEU M 221 18.04 52.75 -32.49
N LEU M 222 18.04 51.81 -31.53
CA LEU M 222 19.09 50.81 -31.40
C LEU M 222 18.45 49.44 -31.46
N ILE M 223 18.88 48.62 -32.42
CA ILE M 223 18.30 47.30 -32.63
C ILE M 223 19.36 46.24 -32.35
N VAL M 224 18.99 45.27 -31.52
CA VAL M 224 19.82 44.11 -31.19
C VAL M 224 18.97 42.89 -31.49
N ASP M 225 19.28 42.18 -32.57
CA ASP M 225 18.42 41.14 -33.10
C ASP M 225 18.99 39.77 -32.74
N SER M 226 18.14 38.91 -32.17
CA SER M 226 18.57 37.70 -31.47
C SER M 226 19.51 38.05 -30.32
N ALA M 227 19.14 39.09 -29.56
CA ALA M 227 19.97 39.54 -28.45
C ALA M 227 20.26 38.43 -27.45
N THR M 228 19.31 37.51 -27.24
CA THR M 228 19.51 36.42 -26.30
C THR M 228 20.07 35.16 -26.96
N ALA M 229 20.16 35.12 -28.28
CA ALA M 229 20.62 33.90 -28.94
C ALA M 229 22.07 33.60 -28.61
N LEU M 230 22.92 34.64 -28.59
CA LEU M 230 24.33 34.41 -28.31
C LEU M 230 24.59 33.95 -26.89
N TYR M 231 23.70 34.25 -25.94
CA TYR M 231 23.89 33.73 -24.59
C TYR M 231 23.54 32.27 -24.47
N ARG M 232 22.85 31.69 -25.46
CA ARG M 232 22.55 30.27 -25.45
C ARG M 232 23.58 29.50 -26.26
N THR M 233 24.04 30.10 -27.36
CA THR M 233 25.01 29.44 -28.22
C THR M 233 26.40 29.52 -27.60
N ASP M 234 26.76 30.68 -27.06
CA ASP M 234 28.05 30.86 -26.42
C ASP M 234 28.10 30.09 -25.12
N TYR M 235 27.24 30.47 -24.18
CA TYR M 235 27.15 29.83 -22.87
C TYR M 235 26.11 28.73 -23.00
N SER M 236 26.58 27.52 -23.32
CA SER M 236 25.70 26.38 -23.49
C SER M 236 25.73 25.40 -22.34
N GLY M 237 26.75 25.46 -21.48
CA GLY M 237 26.82 24.55 -20.36
C GLY M 237 25.88 24.97 -19.25
N ARG M 238 25.79 24.13 -18.22
CA ARG M 238 24.92 24.41 -17.09
C ARG M 238 25.64 25.05 -15.91
N GLY M 239 26.92 24.72 -15.69
CA GLY M 239 27.68 25.39 -14.66
C GLY M 239 28.04 26.82 -14.99
N GLU M 240 28.02 27.18 -16.28
CA GLU M 240 28.33 28.53 -16.73
C GLU M 240 27.10 29.41 -16.86
N LEU M 241 25.94 28.99 -16.34
CA LEU M 241 24.73 29.77 -16.49
C LEU M 241 24.83 31.09 -15.73
N SER M 242 25.35 31.06 -14.51
CA SER M 242 25.48 32.29 -13.75
C SER M 242 26.39 33.29 -14.46
N ALA M 243 27.37 32.79 -15.22
CA ALA M 243 28.29 33.68 -15.90
C ALA M 243 27.59 34.43 -17.02
N ARG M 244 26.79 33.72 -17.83
CA ARG M 244 26.05 34.41 -18.87
C ARG M 244 24.99 35.33 -18.29
N GLN M 245 24.40 34.95 -17.15
CA GLN M 245 23.44 35.86 -16.52
C GLN M 245 24.10 37.13 -16.02
N MET M 246 25.30 37.03 -15.43
CA MET M 246 26.04 38.22 -15.03
C MET M 246 26.42 39.08 -16.23
N HIS M 247 26.92 38.46 -17.30
CA HIS M 247 27.30 39.26 -18.47
C HIS M 247 26.09 39.93 -19.08
N LEU M 248 24.97 39.21 -19.16
CA LEU M 248 23.74 39.79 -19.68
C LEU M 248 23.26 40.92 -18.78
N ALA M 249 23.28 40.79 -17.50
CA ALA M 249 22.94 41.77 -16.53
C ALA M 249 23.71 43.06 -16.77
N ARG M 250 25.02 42.94 -16.88
CA ARG M 250 25.90 44.12 -17.09
C ARG M 250 25.58 44.72 -18.45
N PHE M 251 25.26 43.96 -19.49
CA PHE M 251 24.85 44.35 -20.78
C PHE M 251 23.59 45.17 -20.73
N LEU M 252 22.59 44.70 -20.06
CA LEU M 252 21.32 45.28 -19.83
C LEU M 252 21.45 46.61 -19.14
N ARG M 253 22.31 46.66 -18.10
CA ARG M 253 22.54 47.90 -17.29
C ARG M 253 23.20 48.95 -18.17
N MET M 254 24.06 48.56 -19.11
CA MET M 254 24.67 49.36 -20.10
C MET M 254 23.65 49.92 -21.06
N LEU M 255 22.74 49.10 -21.51
CA LEU M 255 21.63 49.43 -22.32
C LEU M 255 20.78 50.51 -21.72
N LEU M 256 20.34 50.32 -20.52
CA LEU M 256 19.58 51.22 -19.74
C LEU M 256 20.26 52.56 -19.59
N ARG M 257 21.57 52.50 -19.27
CA ARG M 257 22.39 53.72 -19.07
C ARG M 257 22.44 54.51 -20.38
N LEU M 258 22.59 53.88 -21.54
CA LEU M 258 22.61 54.44 -22.82
C LEU M 258 21.27 55.05 -23.19
N ALA M 259 20.20 54.41 -22.87
CA ALA M 259 18.87 54.82 -23.06
C ALA M 259 18.59 56.12 -22.37
N ASP M 260 18.90 56.21 -21.11
CA ASP M 260 18.77 57.34 -20.28
C ASP M 260 19.69 58.46 -20.68
N GLU M 261 20.84 58.17 -21.19
CA GLU M 261 21.89 59.04 -21.56
C GLU M 261 21.60 59.80 -22.82
N PHE M 262 21.27 59.12 -23.87
CA PHE M 262 21.02 59.57 -25.19
C PHE M 262 19.57 59.74 -25.56
N GLY M 263 18.67 59.23 -24.72
CA GLY M 263 17.22 59.32 -24.97
C GLY M 263 16.81 58.57 -26.22
N VAL M 264 17.52 57.49 -26.59
CA VAL M 264 17.21 56.72 -27.78
C VAL M 264 16.38 55.51 -27.37
N ALA M 265 15.70 54.92 -28.35
CA ALA M 265 14.89 53.75 -28.15
C ALA M 265 15.78 52.52 -28.24
N VAL M 266 15.66 51.61 -27.26
CA VAL M 266 16.44 50.34 -27.21
C VAL M 266 15.49 49.20 -27.58
N VAL M 267 15.71 48.52 -28.69
CA VAL M 267 14.89 47.42 -29.17
C VAL M 267 15.73 46.15 -29.21
N ILE M 268 15.29 45.12 -28.51
CA ILE M 268 15.95 43.83 -28.46
C ILE M 268 14.92 42.76 -28.78
N THR M 269 15.34 41.71 -29.49
CA THR M 269 14.45 40.64 -29.90
C THR M 269 14.83 39.34 -29.18
N ASN M 270 13.80 38.60 -28.76
CA ASN M 270 13.98 37.39 -27.95
C ASN M 270 13.21 36.24 -28.58
N GLN M 271 13.91 35.12 -28.77
CA GLN M 271 13.32 33.89 -29.28
C GLN M 271 12.82 33.06 -28.11
N VAL M 272 11.58 32.61 -28.19
CA VAL M 272 10.98 31.77 -27.16
C VAL M 272 10.75 30.39 -27.78
N VAL M 273 11.68 29.48 -27.52
CA VAL M 273 11.59 28.13 -28.05
C VAL M 273 10.50 27.36 -27.32
N GLY M 292 14.77 35.82 -19.85
CA GLY M 292 15.08 35.76 -18.43
C GLY M 292 14.19 36.68 -17.61
N ASN M 293 13.91 36.27 -16.36
CA ASN M 293 13.09 37.08 -15.48
C ASN M 293 13.80 38.36 -15.06
N ILE M 294 15.13 38.43 -15.22
CA ILE M 294 15.85 39.65 -14.86
C ILE M 294 15.43 40.80 -15.77
N ILE M 295 15.14 40.51 -17.04
CA ILE M 295 14.79 41.57 -17.97
C ILE M 295 13.45 42.18 -17.63
N ALA M 296 12.57 41.41 -16.97
CA ALA M 296 11.21 41.88 -16.71
C ALA M 296 11.23 43.24 -16.01
N HIS M 297 11.96 43.34 -14.90
CA HIS M 297 12.04 44.60 -14.17
C HIS M 297 12.72 45.67 -15.02
N ALA M 298 13.59 45.31 -15.92
CA ALA M 298 14.41 46.10 -16.76
C ALA M 298 13.66 46.61 -17.96
N SER M 299 12.95 45.71 -18.61
CA SER M 299 12.17 46.06 -19.78
C SER M 299 10.89 46.75 -19.30
N THR M 300 10.54 47.84 -19.99
CA THR M 300 9.34 48.60 -19.67
C THR M 300 8.10 48.12 -20.40
N THR M 301 8.23 47.59 -21.61
CA THR M 301 7.07 47.18 -22.39
C THR M 301 7.35 45.84 -23.04
N ARG M 302 6.51 44.85 -22.74
CA ARG M 302 6.63 43.50 -23.25
C ARG M 302 5.55 43.28 -24.30
N LEU M 303 5.97 42.89 -25.51
CA LEU M 303 5.06 42.64 -26.62
C LEU M 303 5.15 41.17 -27.00
N TYR M 304 4.00 40.51 -27.07
CA TYR M 304 3.91 39.10 -27.46
C TYR M 304 3.46 38.99 -28.91
N LEU M 305 4.25 38.29 -29.72
CA LEU M 305 3.97 38.09 -31.13
C LEU M 305 3.67 36.62 -31.40
N ARG M 306 2.59 36.38 -32.13
CA ARG M 306 2.22 35.03 -32.57
C ARG M 306 1.75 35.09 -34.01
N LYS M 307 1.92 33.98 -34.73
CA LYS M 307 1.63 33.95 -36.16
C LYS M 307 0.14 33.81 -36.41
N GLY M 308 -0.38 34.66 -37.29
CA GLY M 308 -1.59 34.37 -38.04
C GLY M 308 -1.24 33.89 -39.44
N ARG M 309 -2.01 32.94 -39.94
CA ARG M 309 -1.61 32.21 -41.14
C ARG M 309 -1.66 33.11 -42.37
N GLY M 310 -0.90 32.71 -43.38
CA GLY M 310 -0.42 33.66 -44.37
C GLY M 310 0.71 34.49 -43.79
N GLU M 311 0.71 35.79 -44.11
CA GLU M 311 1.76 36.70 -43.70
C GLU M 311 1.27 37.70 -42.67
N THR M 312 0.13 37.41 -42.04
CA THR M 312 -0.51 38.34 -41.12
C THR M 312 -0.27 37.87 -39.68
N ARG M 313 0.22 38.78 -38.83
CA ARG M 313 0.70 38.45 -37.49
C ARG M 313 -0.17 39.09 -36.42
N ILE M 314 -0.34 38.37 -35.31
CA ILE M 314 -1.09 38.83 -34.15
C ILE M 314 -0.11 39.32 -33.09
N CYS M 315 -0.34 40.52 -32.56
CA CYS M 315 0.49 41.10 -31.51
C CYS M 315 -0.31 41.27 -30.23
N LYS M 316 0.31 40.93 -29.10
CA LYS M 316 -0.32 41.06 -27.78
C LYS M 316 0.64 41.72 -26.81
N ILE M 317 0.10 42.56 -25.92
CA ILE M 317 0.87 43.17 -24.85
C ILE M 317 0.64 42.32 -23.61
N TYR M 318 1.72 41.83 -23.00
CA TYR M 318 1.60 40.90 -21.90
C TYR M 318 2.04 41.46 -20.56
N ASP M 319 2.76 42.59 -20.54
CA ASP M 319 2.86 43.42 -19.36
C ASP M 319 3.16 44.85 -19.80
N SER M 320 2.44 45.81 -19.22
CA SER M 320 2.94 47.17 -19.17
C SER M 320 2.30 47.86 -17.97
N PRO M 321 3.10 48.46 -17.08
CA PRO M 321 2.50 49.30 -16.03
C PRO M 321 1.64 50.45 -16.55
N CYS M 322 1.93 50.98 -17.74
CA CYS M 322 1.09 52.01 -18.34
C CYS M 322 0.21 51.50 -19.48
N LEU M 323 0.71 50.57 -20.29
CA LEU M 323 -0.12 50.14 -21.42
C LEU M 323 -1.00 48.95 -21.01
N PRO M 324 -2.25 48.90 -21.45
CA PRO M 324 -3.07 47.72 -21.18
C PRO M 324 -2.41 46.47 -21.74
N GLU M 325 -2.69 45.33 -21.11
CA GLU M 325 -2.60 44.06 -21.82
C GLU M 325 -3.66 44.06 -22.90
N ALA M 326 -3.23 43.97 -24.15
CA ALA M 326 -4.14 44.17 -25.28
C ALA M 326 -3.49 43.60 -26.53
N GLU M 327 -4.29 43.47 -27.59
CA GLU M 327 -3.83 42.92 -28.84
C GLU M 327 -4.27 43.80 -30.01
N ALA M 328 -3.48 43.73 -31.08
CA ALA M 328 -3.71 44.47 -32.31
C ALA M 328 -3.21 43.58 -33.42
N MET M 329 -3.91 43.60 -34.56
CA MET M 329 -3.55 42.74 -35.67
C MET M 329 -2.81 43.54 -36.72
N PHE M 330 -1.74 42.97 -37.27
CA PHE M 330 -0.95 43.62 -38.30
C PHE M 330 -0.45 42.55 -39.26
N ALA M 331 0.12 43.01 -40.37
CA ALA M 331 0.64 42.14 -41.42
C ALA M 331 2.06 42.54 -41.75
N ILE M 332 2.76 41.64 -42.42
CA ILE M 332 4.14 41.88 -42.88
C ILE M 332 4.09 41.95 -44.39
N ASN M 333 4.24 43.15 -44.93
CA ASN M 333 4.04 43.44 -46.34
C ASN M 333 5.37 43.82 -46.99
N ALA M 334 5.46 43.56 -48.29
CA ALA M 334 6.71 43.83 -49.01
C ALA M 334 7.21 45.24 -48.74
N ASP M 335 6.34 46.24 -48.84
CA ASP M 335 6.75 47.60 -48.52
C ASP M 335 7.11 47.77 -47.05
N GLY M 336 6.45 47.02 -46.17
CA GLY M 336 6.26 47.50 -44.81
C GLY M 336 5.92 46.39 -43.85
N VAL M 337 6.09 46.69 -42.57
CA VAL M 337 5.34 46.02 -41.51
C VAL M 337 4.11 46.87 -41.22
N GLY M 338 2.94 46.30 -41.46
CA GLY M 338 1.76 47.08 -41.81
C GLY M 338 0.51 46.32 -41.42
N ASP M 339 -0.57 47.06 -41.26
CA ASP M 339 -1.76 46.50 -40.64
C ASP M 339 -2.37 45.42 -41.53
N ALA M 340 -3.04 44.47 -40.89
CA ALA M 340 -3.71 43.42 -41.63
C ALA M 340 -4.89 43.99 -42.39
N LYS M 341 -5.00 43.62 -43.67
CA LYS M 341 -6.04 44.13 -44.57
C LYS M 341 -6.68 42.94 -45.27
N ASP M 342 -7.60 42.30 -44.57
CA ASP M 342 -8.32 41.14 -45.11
C ASP M 342 -8.88 41.43 -46.50
N GLY N 24 -4.27 74.40 13.37
CA GLY N 24 -3.18 73.61 12.72
C GLY N 24 -2.74 72.34 13.42
N PRO N 25 -1.59 71.81 13.01
CA PRO N 25 -1.01 70.62 13.62
C PRO N 25 -0.30 70.92 14.93
N GLN N 26 -0.14 69.86 15.72
CA GLN N 26 0.63 69.89 16.96
C GLN N 26 1.63 68.72 16.90
N PRO N 27 2.76 68.88 16.19
CA PRO N 27 3.70 67.75 15.95
C PRO N 27 4.06 66.88 17.16
N ILE N 28 4.16 65.56 16.90
CA ILE N 28 4.21 64.48 17.90
C ILE N 28 5.45 64.50 18.78
N SER N 29 6.47 65.27 18.40
CA SER N 29 7.68 65.45 19.21
C SER N 29 7.39 65.77 20.68
N ARG N 30 6.37 66.61 20.94
CA ARG N 30 6.00 66.99 22.30
C ARG N 30 5.48 65.80 23.11
N LEU N 31 4.96 64.78 22.43
CA LEU N 31 4.50 63.58 23.11
C LEU N 31 5.65 62.82 23.76
N GLU N 32 6.85 62.88 23.17
CA GLU N 32 8.02 62.21 23.75
C GLU N 32 8.45 62.85 25.07
N GLN N 33 8.20 64.16 25.26
CA GLN N 33 8.58 64.84 26.50
C GLN N 33 7.74 64.38 27.68
N CYS N 34 6.56 63.80 27.41
CA CYS N 34 5.72 63.21 28.43
C CYS N 34 6.31 61.92 29.01
N GLY N 35 7.32 61.34 28.35
CA GLY N 35 8.03 60.17 28.82
C GLY N 35 7.73 58.88 28.08
N ILE N 36 6.93 58.94 26.99
CA ILE N 36 7.06 57.94 25.93
C ILE N 36 8.51 57.93 25.48
N ASN N 37 9.13 56.75 25.37
CA ASN N 37 10.50 56.69 24.86
C ASN N 37 10.51 57.12 23.40
N ALA N 38 11.64 57.68 22.95
CA ALA N 38 11.71 58.22 21.58
C ALA N 38 11.62 57.12 20.51
N ASN N 39 12.05 55.90 20.83
CA ASN N 39 11.97 54.81 19.85
C ASN N 39 10.51 54.47 19.52
N ASP N 40 9.64 54.47 20.54
CA ASP N 40 8.22 54.21 20.28
C ASP N 40 7.60 55.34 19.46
N VAL N 41 8.11 56.56 19.63
CA VAL N 41 7.61 57.67 18.82
C VAL N 41 8.03 57.47 17.36
N LYS N 42 9.22 56.92 17.14
CA LYS N 42 9.65 56.66 15.77
C LYS N 42 8.74 55.65 15.10
N LYS N 43 8.28 54.66 15.86
CA LYS N 43 7.34 53.70 15.28
C LYS N 43 6.02 54.36 14.90
N LEU N 44 5.61 55.38 15.65
CA LEU N 44 4.36 56.07 15.29
C LEU N 44 4.53 56.90 14.03
N GLU N 45 5.70 57.51 13.83
CA GLU N 45 5.91 58.28 12.62
C GLU N 45 5.99 57.37 11.39
N GLU N 46 6.63 56.22 11.55
CA GLU N 46 6.63 55.15 10.54
C GLU N 46 5.21 54.69 10.20
N ALA N 47 4.37 54.55 11.22
CA ALA N 47 2.97 54.24 11.00
C ALA N 47 2.26 55.36 10.24
N GLY N 48 2.72 56.60 10.40
CA GLY N 48 2.21 57.73 9.66
C GLY N 48 1.52 58.75 10.54
N PHE N 49 1.76 58.64 11.85
CA PHE N 49 1.25 59.58 12.84
C PHE N 49 2.37 60.54 13.20
N HIS N 50 2.15 61.84 12.97
CA HIS N 50 3.20 62.85 13.11
C HIS N 50 2.83 63.98 14.06
N THR N 51 1.64 63.97 14.65
CA THR N 51 1.21 65.01 15.57
C THR N 51 0.55 64.36 16.79
N VAL N 52 0.51 65.13 17.87
CA VAL N 52 -0.17 64.70 19.09
C VAL N 52 -1.67 64.57 18.88
N GLU N 53 -2.23 65.45 18.05
CA GLU N 53 -3.61 65.31 17.57
C GLU N 53 -3.86 63.96 16.90
N ALA N 54 -2.86 63.46 16.15
CA ALA N 54 -3.03 62.26 15.34
C ALA N 54 -3.12 61.03 16.23
N VAL N 55 -2.21 60.90 17.19
CA VAL N 55 -2.24 59.77 18.12
C VAL N 55 -3.50 59.85 18.98
N ALA N 56 -3.92 61.07 19.34
CA ALA N 56 -4.89 61.30 20.40
C ALA N 56 -6.31 60.85 20.04
N TYR N 57 -6.88 61.38 18.95
CA TYR N 57 -8.26 60.96 18.60
C TYR N 57 -8.28 59.69 17.73
N ALA N 58 -7.83 58.57 18.33
CA ALA N 58 -8.02 57.21 17.81
C ALA N 58 -8.12 56.21 18.97
N PRO N 59 -8.88 55.06 18.80
CA PRO N 59 -8.96 54.02 19.86
C PRO N 59 -7.69 53.17 20.00
N LYS N 60 -7.67 52.23 20.96
CA LYS N 60 -6.45 51.44 21.28
C LYS N 60 -5.92 50.58 20.11
N LYS N 61 -6.80 50.02 19.28
CA LYS N 61 -6.33 48.96 18.40
C LYS N 61 -5.39 49.46 17.33
N GLU N 62 -5.46 50.73 16.98
CA GLU N 62 -4.60 51.24 15.93
C GLU N 62 -3.14 51.12 16.35
N LEU N 63 -2.82 51.57 17.57
CA LEU N 63 -1.42 51.57 18.04
C LEU N 63 -0.95 50.16 18.37
N ILE N 64 -1.86 49.28 18.80
CA ILE N 64 -1.41 47.92 19.13
C ILE N 64 -0.98 47.16 17.88
N ASN N 65 -1.66 47.39 16.76
CA ASN N 65 -1.35 46.68 15.52
C ASN N 65 0.03 47.05 14.97
N ILE N 66 0.60 48.17 15.40
CA ILE N 66 1.93 48.55 14.96
C ILE N 66 2.95 47.57 15.52
N LYS N 67 3.94 47.22 14.70
CA LYS N 67 4.96 46.26 15.12
C LYS N 67 5.76 46.79 16.30
N GLY N 68 5.97 45.94 17.30
CA GLY N 68 6.76 46.32 18.46
C GLY N 68 6.06 47.25 19.42
N ILE N 69 4.73 47.13 19.56
CA ILE N 69 3.96 47.95 20.50
C ILE N 69 2.98 47.04 21.21
N SER N 70 3.06 46.98 22.54
CA SER N 70 2.17 46.16 23.34
C SER N 70 0.97 46.99 23.80
N GLU N 71 0.03 46.33 24.50
CA GLU N 71 -1.14 47.05 25.01
C GLU N 71 -0.75 48.05 26.10
N ALA N 72 0.27 47.73 26.91
CA ALA N 72 0.69 48.65 27.95
C ALA N 72 1.29 49.92 27.35
N LYS N 73 2.10 49.78 26.31
CA LYS N 73 2.67 50.96 25.66
C LYS N 73 1.60 51.80 24.97
N ALA N 74 0.57 51.15 24.42
CA ALA N 74 -0.48 51.89 23.75
C ALA N 74 -1.29 52.71 24.75
N ASP N 75 -1.52 52.15 25.94
CA ASP N 75 -2.28 52.90 26.94
C ASP N 75 -1.51 54.11 27.44
N LYS N 76 -0.18 53.98 27.55
CA LYS N 76 0.61 55.15 27.97
C LYS N 76 0.55 56.27 26.93
N ILE N 77 0.49 55.91 25.64
CA ILE N 77 0.43 56.95 24.62
C ILE N 77 -0.91 57.67 24.66
N LEU N 78 -2.02 56.91 24.68
CA LEU N 78 -3.33 57.56 24.64
C LEU N 78 -3.57 58.43 25.88
N ALA N 79 -3.10 57.96 27.04
CA ALA N 79 -3.32 58.73 28.26
C ALA N 79 -2.56 60.05 28.21
N GLU N 80 -1.29 60.01 27.82
CA GLU N 80 -0.52 61.25 27.78
C GLU N 80 -0.94 62.15 26.62
N ALA N 81 -1.49 61.59 25.55
CA ALA N 81 -1.95 62.40 24.43
C ALA N 81 -3.15 63.25 24.81
N ALA N 82 -4.03 62.72 25.68
CA ALA N 82 -5.17 63.52 26.10
C ALA N 82 -4.77 64.73 26.93
N LYS N 83 -3.60 64.71 27.55
CA LYS N 83 -3.14 65.88 28.33
C LYS N 83 -2.78 67.04 27.42
N LEU N 84 -2.10 66.77 26.31
CA LEU N 84 -1.72 67.84 25.39
C LEU N 84 -2.91 68.27 24.53
N VAL N 85 -3.72 67.31 24.10
CA VAL N 85 -4.89 67.61 23.29
C VAL N 85 -6.14 67.23 24.06
N GLN N 104 -20.30 69.04 -2.54
CA GLN N 104 -20.40 68.16 -3.74
C GLN N 104 -19.48 68.65 -4.85
N ILE N 105 -18.45 67.86 -5.16
CA ILE N 105 -17.50 68.23 -6.20
C ILE N 105 -18.12 67.91 -7.55
N THR N 106 -18.24 68.92 -8.41
CA THR N 106 -18.83 68.71 -9.73
C THR N 106 -18.03 67.72 -10.55
N THR N 107 -18.72 66.78 -11.17
CA THR N 107 -18.09 65.86 -12.11
C THR N 107 -17.76 66.53 -13.44
N GLY N 108 -18.36 67.70 -13.71
CA GLY N 108 -18.25 68.34 -15.00
C GLY N 108 -19.09 67.74 -16.11
N SER N 109 -19.72 66.60 -15.88
CA SER N 109 -20.87 66.15 -16.67
C SER N 109 -22.14 66.56 -15.95
N LYS N 110 -22.97 67.37 -16.62
CA LYS N 110 -24.22 67.80 -16.00
C LYS N 110 -25.10 66.61 -15.68
N GLU N 111 -25.24 65.69 -16.63
CA GLU N 111 -26.06 64.50 -16.38
C GLU N 111 -25.51 63.69 -15.23
N LEU N 112 -24.18 63.59 -15.13
CA LEU N 112 -23.58 62.86 -14.01
C LEU N 112 -23.77 63.60 -12.70
N ASP N 113 -23.66 64.94 -12.74
CA ASP N 113 -23.93 65.72 -11.53
C ASP N 113 -25.36 65.49 -11.04
N LYS N 114 -26.32 65.49 -11.96
CA LYS N 114 -27.70 65.18 -11.57
C LYS N 114 -27.80 63.75 -11.04
N LEU N 115 -27.06 62.82 -11.64
CA LEU N 115 -27.08 61.45 -11.16
C LEU N 115 -26.60 61.36 -9.71
N LEU N 116 -25.59 62.14 -9.38
CA LEU N 116 -25.02 62.16 -8.04
C LEU N 116 -25.69 63.15 -7.10
N GLN N 117 -26.74 63.84 -7.57
CA GLN N 117 -27.39 64.90 -6.80
C GLN N 117 -26.48 66.09 -6.56
N GLY N 118 -25.52 66.32 -7.45
CA GLY N 118 -24.69 67.50 -7.38
C GLY N 118 -23.19 67.21 -7.37
N GLY N 119 -22.82 65.96 -7.13
CA GLY N 119 -21.43 65.55 -7.16
C GLY N 119 -21.06 64.69 -5.98
N ILE N 120 -19.79 64.24 -6.00
CA ILE N 120 -19.27 63.38 -4.95
C ILE N 120 -19.39 64.05 -3.59
N GLU N 121 -19.82 63.28 -2.59
CA GLU N 121 -19.67 63.68 -1.20
C GLU N 121 -18.21 63.56 -0.78
N THR N 122 -17.60 64.68 -0.40
CA THR N 122 -16.31 64.62 0.27
C THR N 122 -16.41 63.91 1.61
N GLY N 123 -15.28 63.33 2.03
CA GLY N 123 -15.20 62.57 3.26
C GLY N 123 -15.66 61.14 3.15
N SER N 124 -15.91 60.64 1.95
CA SER N 124 -16.37 59.28 1.76
C SER N 124 -15.76 58.70 0.50
N ILE N 125 -15.75 57.38 0.42
CA ILE N 125 -15.20 56.66 -0.73
C ILE N 125 -16.30 56.44 -1.75
N THR N 126 -16.04 56.80 -3.00
CA THR N 126 -16.96 56.58 -4.11
C THR N 126 -16.30 55.64 -5.10
N GLU N 127 -16.90 54.47 -5.30
CA GLU N 127 -16.34 53.45 -6.18
C GLU N 127 -17.06 53.46 -7.52
N MET N 128 -16.28 53.46 -8.60
CA MET N 128 -16.77 53.32 -9.96
C MET N 128 -16.17 52.03 -10.48
N PHE N 129 -16.98 50.98 -10.56
CA PHE N 129 -16.56 49.69 -11.09
C PHE N 129 -17.13 49.54 -12.49
N GLY N 130 -16.25 49.21 -13.43
CA GLY N 130 -16.67 49.04 -14.81
C GLY N 130 -15.57 48.39 -15.62
N GLU N 131 -15.92 48.02 -16.84
CA GLU N 131 -14.96 47.41 -17.75
C GLU N 131 -13.86 48.40 -18.08
N PHE N 132 -12.77 47.87 -18.65
CA PHE N 132 -11.71 48.71 -19.15
C PHE N 132 -12.21 49.61 -20.27
N ARG N 133 -11.59 50.78 -20.39
CA ARG N 133 -11.89 51.76 -21.42
C ARG N 133 -13.26 52.41 -21.25
N THR N 134 -13.91 52.20 -20.10
CA THR N 134 -15.18 52.83 -19.80
C THR N 134 -15.01 54.30 -19.45
N GLY N 135 -13.79 54.73 -19.13
CA GLY N 135 -13.52 56.10 -18.76
C GLY N 135 -13.22 56.35 -17.30
N LYS N 136 -13.00 55.31 -16.50
CA LYS N 136 -12.62 55.52 -15.10
C LYS N 136 -11.44 56.49 -15.02
N THR N 137 -10.36 56.19 -15.76
CA THR N 137 -9.19 57.06 -15.74
C THR N 137 -9.53 58.45 -16.24
N GLN N 138 -10.36 58.54 -17.28
CA GLN N 138 -10.75 59.85 -17.80
C GLN N 138 -11.49 60.65 -16.74
N ILE N 139 -12.43 60.00 -16.04
CA ILE N 139 -13.14 60.67 -14.96
C ILE N 139 -12.17 61.13 -13.88
N CYS N 140 -11.20 60.28 -13.54
CA CYS N 140 -10.19 60.68 -12.56
C CYS N 140 -9.44 61.93 -12.99
N HIS N 141 -8.95 61.94 -14.24
CA HIS N 141 -8.24 63.12 -14.74
C HIS N 141 -9.12 64.36 -14.68
N THR N 142 -10.40 64.23 -15.04
CA THR N 142 -11.31 65.37 -14.97
C THR N 142 -11.46 65.86 -13.54
N LEU N 143 -11.76 64.95 -12.61
CA LEU N 143 -11.95 65.33 -11.22
C LEU N 143 -10.69 65.92 -10.61
N ALA N 144 -9.52 65.52 -11.08
CA ALA N 144 -8.28 66.03 -10.51
C ALA N 144 -8.15 67.54 -10.65
N VAL N 145 -8.85 68.13 -11.60
CA VAL N 145 -8.80 69.57 -11.83
C VAL N 145 -10.02 70.27 -11.25
N THR N 146 -11.21 69.69 -11.45
CA THR N 146 -12.44 70.31 -10.97
C THR N 146 -12.47 70.48 -9.46
N CYS N 147 -11.79 69.60 -8.72
CA CYS N 147 -11.72 69.76 -7.26
C CYS N 147 -11.19 71.14 -6.87
N GLN N 148 -10.25 71.67 -7.66
CA GLN N 148 -9.69 72.97 -7.35
C GLN N 148 -10.64 74.11 -7.67
N LEU N 149 -11.74 73.85 -8.37
CA LEU N 149 -12.71 74.88 -8.69
C LEU N 149 -13.31 75.44 -7.40
N PRO N 150 -13.82 76.67 -7.44
CA PRO N 150 -14.52 77.22 -6.27
C PRO N 150 -15.71 76.36 -5.87
N ILE N 151 -16.02 76.39 -4.57
CA ILE N 151 -17.15 75.61 -4.07
C ILE N 151 -18.45 76.07 -4.72
N ASP N 152 -18.57 77.37 -4.98
CA ASP N 152 -19.77 77.87 -5.65
C ASP N 152 -19.87 77.36 -7.08
N ARG N 153 -18.76 76.91 -7.67
CA ARG N 153 -18.76 76.34 -9.00
C ARG N 153 -18.80 74.83 -8.98
N GLY N 154 -19.01 74.22 -7.81
CA GLY N 154 -19.07 72.79 -7.70
C GLY N 154 -17.75 72.13 -7.35
N GLY N 155 -16.72 72.91 -7.01
CA GLY N 155 -15.44 72.35 -6.59
C GLY N 155 -15.35 72.24 -5.08
N GLY N 156 -14.15 71.87 -4.62
CA GLY N 156 -13.88 71.79 -3.20
C GLY N 156 -12.86 72.79 -2.71
N GLU N 157 -12.28 73.56 -3.64
CA GLU N 157 -11.22 74.51 -3.31
C GLU N 157 -10.08 73.85 -2.54
N GLY N 158 -9.64 72.70 -3.04
CA GLY N 158 -8.55 71.98 -2.39
C GLY N 158 -7.68 71.31 -3.43
N LYS N 159 -6.47 70.94 -2.99
CA LYS N 159 -5.54 70.29 -3.89
C LYS N 159 -5.94 68.83 -4.11
N ALA N 160 -5.36 68.23 -5.14
CA ALA N 160 -5.65 66.86 -5.55
C ALA N 160 -4.44 65.95 -5.36
N MET N 161 -4.74 64.66 -5.14
CA MET N 161 -3.72 63.62 -4.97
C MET N 161 -4.02 62.45 -5.88
N TYR N 162 -3.10 62.18 -6.79
CA TYR N 162 -3.24 61.11 -7.78
C TYR N 162 -2.15 60.09 -7.51
N ILE N 163 -2.57 58.90 -7.08
CA ILE N 163 -1.67 57.77 -6.90
C ILE N 163 -1.94 56.82 -8.06
N ASP N 164 -0.97 56.70 -8.94
CA ASP N 164 -1.09 55.91 -10.16
C ASP N 164 -0.32 54.61 -10.02
N THR N 165 -0.91 53.53 -10.50
CA THR N 165 -0.27 52.22 -10.48
C THR N 165 -0.20 51.66 -11.90
N GLU N 166 -0.69 52.41 -12.88
CA GLU N 166 -0.93 51.91 -14.22
C GLU N 166 -0.32 52.79 -15.31
N GLY N 167 0.35 53.88 -14.93
CA GLY N 167 1.02 54.74 -15.88
C GLY N 167 0.14 55.70 -16.64
N THR N 168 -1.17 55.69 -16.41
CA THR N 168 -2.10 56.46 -17.23
C THR N 168 -2.21 57.92 -16.80
N PHE N 169 -1.34 58.40 -15.91
CA PHE N 169 -1.43 59.77 -15.44
C PHE N 169 -0.91 60.72 -16.53
N ARG N 170 -1.72 61.71 -16.88
CA ARG N 170 -1.38 62.65 -17.94
C ARG N 170 -1.57 64.08 -17.43
N PRO N 171 -0.50 64.81 -17.13
CA PRO N 171 -0.68 66.20 -16.71
C PRO N 171 -1.30 67.06 -17.79
N GLU N 172 -1.09 66.71 -19.06
CA GLU N 172 -1.66 67.49 -20.15
C GLU N 172 -3.18 67.39 -20.17
N ARG N 173 -3.74 66.24 -19.81
CA ARG N 173 -5.19 66.13 -19.66
C ARG N 173 -5.68 67.06 -18.56
N LEU N 174 -4.91 67.17 -17.48
CA LEU N 174 -5.26 68.10 -16.42
C LEU N 174 -5.23 69.52 -16.94
N LEU N 175 -4.27 69.83 -17.80
CA LEU N 175 -4.19 71.17 -18.37
C LEU N 175 -5.40 71.46 -19.24
N ALA N 176 -5.83 70.45 -20.01
CA ALA N 176 -7.02 70.61 -20.85
C ALA N 176 -8.28 70.85 -20.00
N VAL N 177 -8.42 70.09 -18.91
CA VAL N 177 -9.58 70.32 -18.05
C VAL N 177 -9.50 71.70 -17.40
N ALA N 178 -8.29 72.11 -16.99
CA ALA N 178 -8.14 73.43 -16.38
C ALA N 178 -8.52 74.54 -17.34
N GLU N 179 -8.09 74.43 -18.60
CA GLU N 179 -8.47 75.44 -19.58
C GLU N 179 -9.95 75.38 -19.89
N ARG N 180 -10.57 74.19 -19.79
CA ARG N 180 -12.01 74.11 -19.98
C ARG N 180 -12.73 75.02 -18.99
N TYR N 181 -12.42 74.86 -17.70
CA TYR N 181 -13.02 75.65 -16.63
C TYR N 181 -12.29 76.97 -16.40
N GLY N 182 -11.30 77.29 -17.22
CA GLY N 182 -10.56 78.54 -17.08
C GLY N 182 -9.69 78.59 -15.84
N LEU N 183 -9.04 77.48 -15.50
CA LEU N 183 -8.09 77.42 -14.41
C LEU N 183 -6.67 77.38 -14.97
N SER N 184 -5.74 77.96 -14.22
CA SER N 184 -4.34 77.96 -14.66
C SER N 184 -3.82 76.53 -14.69
N GLY N 185 -3.44 76.07 -15.88
CA GLY N 185 -2.94 74.71 -16.02
C GLY N 185 -1.68 74.46 -15.22
N SER N 186 -0.79 75.46 -15.15
CA SER N 186 0.45 75.31 -14.39
C SER N 186 0.16 75.20 -12.89
N ASP N 187 -0.77 76.01 -12.39
CA ASP N 187 -1.09 75.94 -10.96
C ASP N 187 -1.82 74.64 -10.64
N VAL N 188 -2.61 74.12 -11.59
CA VAL N 188 -3.26 72.85 -11.36
C VAL N 188 -2.22 71.75 -11.18
N LEU N 189 -1.23 71.70 -12.07
CA LEU N 189 -0.18 70.69 -11.91
C LEU N 189 0.64 70.97 -10.67
N ASP N 190 0.72 72.23 -10.24
CA ASP N 190 1.44 72.59 -9.03
C ASP N 190 0.67 72.22 -7.79
N ASN N 191 -0.64 71.99 -7.91
CA ASN N 191 -1.50 71.63 -6.79
C ASN N 191 -1.88 70.17 -6.84
N VAL N 192 -1.18 69.40 -7.67
CA VAL N 192 -1.36 67.96 -7.79
C VAL N 192 0.01 67.33 -7.57
N ALA N 193 0.13 66.55 -6.50
CA ALA N 193 1.37 65.84 -6.23
C ALA N 193 1.16 64.42 -6.74
N TYR N 194 2.11 63.92 -7.51
CA TYR N 194 1.93 62.65 -8.19
C TYR N 194 3.08 61.72 -7.84
N ALA N 195 2.76 60.44 -7.69
CA ALA N 195 3.73 59.40 -7.41
C ALA N 195 3.10 58.08 -7.83
N ARG N 196 3.90 57.22 -8.48
CA ARG N 196 3.40 55.95 -8.98
C ARG N 196 3.75 54.84 -8.01
N ALA N 197 2.73 54.11 -7.57
CA ALA N 197 2.91 52.98 -6.68
C ALA N 197 3.24 51.75 -7.51
N PHE N 198 4.33 51.08 -7.15
CA PHE N 198 4.80 49.93 -7.90
C PHE N 198 4.17 48.62 -7.44
N ASN N 199 3.61 48.57 -6.24
CA ASN N 199 3.01 47.35 -5.73
C ASN N 199 1.99 47.73 -4.66
N THR N 200 1.32 46.72 -4.12
CA THR N 200 0.30 46.98 -3.11
C THR N 200 0.93 47.52 -1.83
N ASP N 201 2.07 46.94 -1.43
CA ASP N 201 2.76 47.45 -0.25
C ASP N 201 3.22 48.89 -0.45
N HIS N 202 3.74 49.21 -1.63
CA HIS N 202 4.11 50.58 -1.91
C HIS N 202 2.87 51.45 -1.99
N GLN N 203 1.77 50.90 -2.50
CA GLN N 203 0.52 51.66 -2.60
C GLN N 203 0.05 52.07 -1.20
N THR N 204 0.11 51.15 -0.24
CA THR N 204 -0.29 51.46 1.12
C THR N 204 0.74 52.34 1.83
N GLN N 205 2.03 52.15 1.54
CA GLN N 205 3.05 52.92 2.22
C GLN N 205 2.93 54.40 1.92
N LEU N 206 2.45 54.74 0.72
CA LEU N 206 2.29 56.14 0.38
C LEU N 206 1.26 56.81 1.27
N LEU N 207 0.35 56.04 1.87
CA LEU N 207 -0.67 56.66 2.73
C LEU N 207 -0.04 57.23 3.98
N TYR N 208 1.06 56.65 4.46
CA TYR N 208 1.74 57.22 5.60
C TYR N 208 2.30 58.59 5.25
N GLN N 209 2.89 58.73 4.07
CA GLN N 209 3.33 60.04 3.62
C GLN N 209 2.13 60.93 3.34
N ALA N 210 1.03 60.32 2.89
CA ALA N 210 -0.17 61.07 2.55
C ALA N 210 -0.79 61.72 3.78
N SER N 211 -0.82 61.00 4.91
CA SER N 211 -1.44 61.56 6.11
C SER N 211 -0.68 62.78 6.60
N ALA N 212 0.65 62.71 6.63
CA ALA N 212 1.42 63.86 7.09
C ALA N 212 1.40 64.99 6.08
N MET N 213 1.39 64.66 4.78
CA MET N 213 1.38 65.68 3.74
C MET N 213 0.04 66.39 3.62
N MET N 214 -1.07 65.69 3.87
CA MET N 214 -2.40 66.26 3.81
C MET N 214 -2.69 67.19 4.98
N VAL N 215 -1.80 67.24 5.97
CA VAL N 215 -1.96 68.12 7.12
C VAL N 215 -1.46 69.51 6.80
N GLU N 216 -0.36 69.61 6.06
CA GLU N 216 0.23 70.91 5.75
C GLU N 216 -0.55 71.68 4.70
N SER N 217 -1.16 71.00 3.72
CA SER N 217 -1.93 71.68 2.70
C SER N 217 -3.33 71.09 2.61
N ARG N 218 -4.27 71.93 2.20
CA ARG N 218 -5.65 71.52 2.02
C ARG N 218 -5.76 70.74 0.70
N TYR N 219 -6.18 69.50 0.79
CA TYR N 219 -6.53 68.70 -0.37
C TYR N 219 -8.02 68.39 -0.35
N ALA N 220 -8.53 68.04 -1.52
CA ALA N 220 -9.95 67.75 -1.70
C ALA N 220 -10.21 66.45 -2.43
N LEU N 221 -9.22 65.86 -3.08
CA LEU N 221 -9.43 64.67 -3.89
C LEU N 221 -8.19 63.78 -3.83
N LEU N 222 -8.42 62.49 -3.61
CA LEU N 222 -7.40 61.47 -3.62
C LEU N 222 -7.77 60.42 -4.66
N ILE N 223 -6.90 60.21 -5.64
CA ILE N 223 -7.17 59.28 -6.74
C ILE N 223 -6.18 58.12 -6.66
N VAL N 224 -6.70 56.90 -6.70
CA VAL N 224 -5.93 55.67 -6.75
C VAL N 224 -6.42 54.89 -7.96
N ASP N 225 -5.61 54.85 -9.02
CA ASP N 225 -6.05 54.36 -10.32
C ASP N 225 -5.49 52.96 -10.55
N SER N 226 -6.37 52.03 -10.92
CA SER N 226 -6.09 50.60 -10.87
C SER N 226 -5.74 50.16 -9.45
N ALA N 227 -6.51 50.67 -8.48
CA ALA N 227 -6.24 50.35 -7.07
C ALA N 227 -6.22 48.86 -6.81
N THR N 228 -7.05 48.08 -7.51
CA THR N 228 -7.09 46.64 -7.32
C THR N 228 -6.15 45.88 -8.25
N ALA N 229 -5.54 46.55 -9.23
CA ALA N 229 -4.71 45.83 -10.19
C ALA N 229 -3.48 45.26 -9.52
N LEU N 230 -2.86 46.01 -8.60
CA LEU N 230 -1.64 45.52 -7.96
C LEU N 230 -1.91 44.34 -7.04
N TYR N 231 -3.13 44.18 -6.52
CA TYR N 231 -3.41 43.00 -5.72
C TYR N 231 -3.57 41.74 -6.55
N ARG N 232 -3.75 41.88 -7.87
CA ARG N 232 -3.84 40.72 -8.74
C ARG N 232 -2.48 40.40 -9.35
N THR N 233 -1.70 41.44 -9.66
CA THR N 233 -0.40 41.24 -10.27
C THR N 233 0.61 40.83 -9.21
N ASP N 234 0.57 41.47 -8.05
CA ASP N 234 1.49 41.13 -6.96
C ASP N 234 1.11 39.78 -6.38
N TYR N 235 -0.09 39.69 -5.81
CA TYR N 235 -0.59 38.47 -5.21
C TYR N 235 -1.33 37.73 -6.32
N SER N 236 -0.63 36.83 -7.00
CA SER N 236 -1.21 36.07 -8.10
C SER N 236 -1.51 34.62 -7.74
N GLY N 237 -0.92 34.10 -6.66
CA GLY N 237 -1.18 32.73 -6.28
C GLY N 237 -2.52 32.59 -5.61
N ARG N 238 -2.89 31.34 -5.33
CA ARG N 238 -4.16 31.06 -4.67
C ARG N 238 -4.05 30.89 -3.16
N GLY N 239 -2.93 30.35 -2.67
CA GLY N 239 -2.72 30.27 -1.24
C GLY N 239 -2.47 31.62 -0.58
N GLU N 240 -2.02 32.60 -1.35
CA GLU N 240 -1.75 33.94 -0.84
C GLU N 240 -2.94 34.89 -0.97
N LEU N 241 -4.14 34.37 -1.27
CA LEU N 241 -5.29 35.24 -1.45
C LEU N 241 -5.67 35.93 -0.13
N SER N 242 -5.67 35.18 0.97
CA SER N 242 -6.01 35.79 2.24
C SER N 242 -5.04 36.90 2.60
N ALA N 243 -3.79 36.78 2.15
CA ALA N 243 -2.80 37.80 2.49
C ALA N 243 -3.09 39.11 1.77
N ARG N 244 -3.41 39.04 0.48
CA ARG N 244 -3.78 40.26 -0.24
C ARG N 244 -5.08 40.82 0.28
N GLN N 245 -6.02 39.97 0.69
CA GLN N 245 -7.26 40.48 1.26
C GLN N 245 -7.02 41.20 2.57
N MET N 246 -6.15 40.67 3.43
CA MET N 246 -5.79 41.38 4.66
C MET N 246 -5.10 42.70 4.38
N HIS N 247 -4.13 42.70 3.45
CA HIS N 247 -3.44 43.95 3.15
C HIS N 247 -4.40 44.98 2.57
N LEU N 248 -5.28 44.54 1.68
CA LEU N 248 -6.28 45.44 1.12
C LEU N 248 -7.22 45.96 2.19
N ALA N 249 -7.66 45.08 3.09
CA ALA N 249 -8.55 45.51 4.17
C ALA N 249 -7.89 46.60 5.01
N ARG N 250 -6.62 46.41 5.39
CA ARG N 250 -5.93 47.45 6.16
C ARG N 250 -5.80 48.73 5.33
N PHE N 251 -5.52 48.59 4.04
CA PHE N 251 -5.40 49.76 3.17
C PHE N 251 -6.72 50.52 3.13
N LEU N 252 -7.82 49.79 2.97
CA LEU N 252 -9.15 50.42 2.91
C LEU N 252 -9.49 51.10 4.23
N ARG N 253 -9.15 50.46 5.35
CA ARG N 253 -9.40 51.09 6.65
C ARG N 253 -8.59 52.37 6.78
N MET N 254 -7.34 52.36 6.31
CA MET N 254 -6.54 53.58 6.31
C MET N 254 -7.17 54.65 5.43
N LEU N 255 -7.72 54.25 4.27
CA LEU N 255 -8.42 55.19 3.41
C LEU N 255 -9.61 55.81 4.11
N LEU N 256 -10.45 54.98 4.74
CA LEU N 256 -11.61 55.51 5.46
C LEU N 256 -11.18 56.43 6.59
N ARG N 257 -10.12 56.07 7.31
CA ARG N 257 -9.63 56.92 8.38
C ARG N 257 -9.20 58.27 7.84
N LEU N 258 -8.45 58.28 6.74
CA LEU N 258 -8.00 59.54 6.15
C LEU N 258 -9.18 60.36 5.63
N ALA N 259 -10.20 59.68 5.09
CA ALA N 259 -11.39 60.39 4.60
C ALA N 259 -12.10 61.10 5.74
N ASP N 260 -12.30 60.38 6.86
CA ASP N 260 -12.96 61.00 8.00
C ASP N 260 -12.07 62.03 8.69
N GLU N 261 -10.75 61.87 8.57
CA GLU N 261 -9.82 62.74 9.27
C GLU N 261 -9.67 64.09 8.57
N PHE N 262 -9.48 64.06 7.25
CA PHE N 262 -9.23 65.28 6.48
C PHE N 262 -10.44 65.73 5.69
N GLY N 263 -11.52 64.96 5.67
CA GLY N 263 -12.70 65.37 4.94
C GLY N 263 -12.47 65.46 3.45
N VAL N 264 -11.60 64.63 2.90
CA VAL N 264 -11.32 64.65 1.47
C VAL N 264 -12.07 63.51 0.80
N ALA N 265 -12.22 63.63 -0.51
CA ALA N 265 -12.88 62.62 -1.31
C ALA N 265 -11.87 61.54 -1.68
N VAL N 266 -12.28 60.28 -1.55
CA VAL N 266 -11.42 59.15 -1.86
C VAL N 266 -11.99 58.45 -3.08
N VAL N 267 -11.23 58.45 -4.17
CA VAL N 267 -11.64 57.88 -5.45
C VAL N 267 -10.69 56.75 -5.81
N ILE N 268 -11.23 55.55 -6.01
CA ILE N 268 -10.46 54.38 -6.40
C ILE N 268 -11.15 53.77 -7.62
N THR N 269 -10.35 53.24 -8.54
CA THR N 269 -10.85 52.64 -9.77
C THR N 269 -10.62 51.14 -9.78
N ASN N 270 -11.62 50.40 -10.26
CA ASN N 270 -11.61 48.95 -10.23
C ASN N 270 -11.90 48.40 -11.63
N GLN N 271 -11.05 47.50 -12.08
CA GLN N 271 -11.23 46.81 -13.36
C GLN N 271 -12.02 45.54 -13.12
N VAL N 272 -13.07 45.33 -13.92
CA VAL N 272 -13.89 44.14 -13.84
C VAL N 272 -13.68 43.35 -15.12
N VAL N 273 -12.82 42.35 -15.05
CA VAL N 273 -12.50 41.51 -16.20
C VAL N 273 -13.68 40.59 -16.49
N GLY N 292 -13.83 43.19 -4.71
CA GLY N 292 -14.12 42.34 -3.56
C GLY N 292 -15.37 42.75 -2.80
N ASN N 293 -16.05 41.77 -2.22
CA ASN N 293 -17.25 42.07 -1.44
C ASN N 293 -16.93 42.84 -0.16
N ILE N 294 -15.68 42.84 0.27
CA ILE N 294 -15.33 43.58 1.48
C ILE N 294 -15.50 45.08 1.25
N ILE N 295 -15.24 45.55 0.03
CA ILE N 295 -15.32 46.98 -0.23
C ILE N 295 -16.78 47.45 -0.20
N ALA N 296 -17.73 46.56 -0.46
CA ALA N 296 -19.12 46.95 -0.56
C ALA N 296 -19.57 47.70 0.69
N HIS N 297 -19.34 47.11 1.87
CA HIS N 297 -19.72 47.76 3.12
C HIS N 297 -18.91 49.03 3.32
N ALA N 298 -17.71 49.08 2.77
CA ALA N 298 -16.76 50.17 2.99
C ALA N 298 -17.05 51.31 2.01
N SER N 299 -17.31 50.98 0.76
CA SER N 299 -17.62 51.99 -0.25
C SER N 299 -19.06 52.45 -0.03
N THR N 300 -19.25 53.76 -0.11
CA THR N 300 -20.57 54.35 0.06
C THR N 300 -21.36 54.47 -1.23
N THR N 301 -20.69 54.68 -2.36
CA THR N 301 -21.38 54.89 -3.63
C THR N 301 -20.69 54.08 -4.72
N ARG N 302 -21.45 53.18 -5.35
CA ARG N 302 -20.94 52.32 -6.41
C ARG N 302 -21.49 52.82 -7.74
N LEU N 303 -20.59 53.11 -8.67
CA LEU N 303 -20.94 53.58 -10.00
C LEU N 303 -20.53 52.55 -11.04
N TYR N 304 -21.46 52.16 -11.90
CA TYR N 304 -21.19 51.21 -12.97
C TYR N 304 -21.03 51.94 -14.29
N LEU N 305 -19.89 51.70 -14.96
CA LEU N 305 -19.57 52.33 -16.23
C LEU N 305 -19.54 51.28 -17.33
N ARG N 306 -20.21 51.58 -18.45
CA ARG N 306 -20.19 50.73 -19.62
C ARG N 306 -20.07 51.60 -20.87
N LYS N 307 -19.48 51.04 -21.92
CA LYS N 307 -19.18 51.81 -23.12
C LYS N 307 -20.42 52.00 -23.99
N GLY N 308 -20.67 53.24 -24.38
CA GLY N 308 -21.44 53.53 -25.59
C GLY N 308 -20.50 53.86 -26.74
N ARG N 309 -20.88 53.41 -27.94
CA ARG N 309 -19.95 53.41 -29.06
C ARG N 309 -19.63 54.82 -29.53
N GLY N 310 -18.49 54.95 -30.19
CA GLY N 310 -17.80 56.23 -30.22
C GLY N 310 -17.11 56.49 -28.91
N GLU N 311 -17.16 57.74 -28.46
CA GLU N 311 -16.48 58.17 -27.24
C GLU N 311 -17.46 58.50 -26.13
N THR N 312 -18.70 58.04 -26.26
CA THR N 312 -19.78 58.39 -25.35
C THR N 312 -20.06 57.21 -24.42
N ARG N 313 -20.06 57.46 -23.11
CA ARG N 313 -20.11 56.40 -22.10
C ARG N 313 -21.40 56.46 -21.29
N ILE N 314 -21.90 55.28 -20.92
CA ILE N 314 -23.10 55.12 -20.10
C ILE N 314 -22.68 54.84 -18.67
N CYS N 315 -23.26 55.59 -17.72
CA CYS N 315 -23.00 55.42 -16.30
C CYS N 315 -24.25 54.96 -15.57
N LYS N 316 -24.08 54.00 -14.66
CA LYS N 316 -25.17 53.48 -13.86
C LYS N 316 -24.77 53.40 -12.40
N ILE N 317 -25.73 53.68 -11.51
CA ILE N 317 -25.54 53.53 -10.07
C ILE N 317 -26.11 52.17 -9.70
N TYR N 318 -25.30 51.33 -9.07
CA TYR N 318 -25.71 49.96 -8.79
C TYR N 318 -25.91 49.66 -7.31
N ASP N 319 -25.42 50.52 -6.42
CA ASP N 319 -25.89 50.58 -5.05
C ASP N 319 -25.65 51.96 -4.49
N SER N 320 -26.66 52.53 -3.84
CA SER N 320 -26.41 53.58 -2.87
C SER N 320 -27.55 53.60 -1.87
N PRO N 321 -27.25 53.53 -0.57
CA PRO N 321 -28.32 53.73 0.43
C PRO N 321 -29.04 55.06 0.30
N CYS N 322 -28.39 56.12 -0.18
CA CYS N 322 -29.06 57.39 -0.42
C CYS N 322 -29.34 57.67 -1.89
N LEU N 323 -28.45 57.28 -2.80
CA LEU N 323 -28.71 57.61 -4.19
C LEU N 323 -29.51 56.50 -4.86
N PRO N 324 -30.46 56.83 -5.73
CA PRO N 324 -31.15 55.77 -6.48
C PRO N 324 -30.17 54.97 -7.31
N GLU N 325 -30.52 53.71 -7.55
CA GLU N 325 -29.99 53.02 -8.72
C GLU N 325 -30.54 53.71 -9.95
N ALA N 326 -29.65 54.26 -10.77
CA ALA N 326 -30.06 55.14 -11.86
C ALA N 326 -28.89 55.26 -12.84
N GLU N 327 -29.20 55.81 -14.01
CA GLU N 327 -28.22 55.99 -15.06
C GLU N 327 -28.28 57.39 -15.64
N ALA N 328 -27.13 57.82 -16.16
CA ALA N 328 -26.96 59.12 -16.77
C ALA N 328 -25.94 58.93 -17.88
N MET N 329 -26.14 59.63 -19.00
CA MET N 329 -25.26 59.47 -20.15
C MET N 329 -24.29 60.63 -20.21
N PHE N 330 -23.01 60.31 -20.49
CA PHE N 330 -21.99 61.33 -20.61
C PHE N 330 -21.01 60.91 -21.69
N ALA N 331 -20.12 61.83 -22.05
CA ALA N 331 -19.13 61.61 -23.09
C ALA N 331 -17.75 61.96 -22.55
N ILE N 332 -16.72 61.50 -23.25
CA ILE N 332 -15.34 61.80 -22.92
C ILE N 332 -14.79 62.68 -24.03
N ASN N 333 -14.60 63.96 -23.73
CA ASN N 333 -14.27 64.98 -24.71
C ASN N 333 -12.86 65.49 -24.46
N ALA N 334 -12.23 65.98 -25.53
CA ALA N 334 -10.86 66.44 -25.43
C ALA N 334 -10.68 67.43 -24.28
N ASP N 335 -11.58 68.41 -24.16
CA ASP N 335 -11.50 69.33 -23.04
C ASP N 335 -11.78 68.63 -21.72
N GLY N 336 -12.63 67.62 -21.71
CA GLY N 336 -13.40 67.30 -20.52
C GLY N 336 -13.93 65.89 -20.53
N VAL N 337 -14.31 65.43 -19.35
CA VAL N 337 -15.32 64.39 -19.20
C VAL N 337 -16.67 65.08 -19.03
N GLY N 338 -17.57 64.86 -19.99
CA GLY N 338 -18.61 65.83 -20.30
C GLY N 338 -19.79 65.12 -20.92
N ASP N 339 -20.94 65.76 -20.82
CA ASP N 339 -22.19 65.09 -21.14
C ASP N 339 -22.25 64.73 -22.62
N ALA N 340 -22.98 63.67 -22.91
CA ALA N 340 -23.18 63.26 -24.30
C ALA N 340 -24.02 64.28 -25.04
N LYS N 341 -23.58 64.66 -26.23
CA LYS N 341 -24.23 65.70 -27.03
C LYS N 341 -24.39 65.15 -28.45
N ASP N 342 -25.41 64.33 -28.65
CA ASP N 342 -25.69 63.73 -29.95
C ASP N 342 -25.70 64.78 -31.05
N GLN O 104 -44.09 51.69 24.60
CA GLN O 104 -43.89 51.08 23.26
C GLN O 104 -43.69 52.15 22.20
N ILE O 105 -42.48 52.23 21.65
CA ILE O 105 -42.18 53.22 20.62
C ILE O 105 -42.74 52.74 19.30
N THR O 106 -43.62 53.53 18.69
CA THR O 106 -44.22 53.16 17.41
C THR O 106 -43.16 52.99 16.33
N THR O 107 -43.26 51.89 15.58
CA THR O 107 -42.41 51.69 14.42
C THR O 107 -42.83 52.56 13.24
N GLY O 108 -44.05 53.11 13.27
CA GLY O 108 -44.60 53.82 12.14
C GLY O 108 -45.12 52.96 11.02
N SER O 109 -44.88 51.65 11.05
CA SER O 109 -45.65 50.68 10.29
C SER O 109 -46.74 50.12 11.18
N LYS O 110 -48.00 50.30 10.79
CA LYS O 110 -49.10 49.78 11.59
C LYS O 110 -49.00 48.27 11.72
N GLU O 111 -48.75 47.57 10.62
CA GLU O 111 -48.63 46.12 10.67
C GLU O 111 -47.48 45.71 11.58
N LEU O 112 -46.37 46.45 11.54
CA LEU O 112 -45.24 46.14 12.42
C LEU O 112 -45.58 46.46 13.87
N ASP O 113 -46.29 47.56 14.10
CA ASP O 113 -46.73 47.85 15.47
C ASP O 113 -47.59 46.73 16.03
N LYS O 114 -48.52 46.22 15.21
CA LYS O 114 -49.32 45.08 15.64
C LYS O 114 -48.44 43.86 15.88
N LEU O 115 -47.43 43.67 15.02
CA LEU O 115 -46.53 42.53 15.20
C LEU O 115 -45.81 42.61 16.54
N LEU O 116 -45.43 43.81 16.96
CA LEU O 116 -44.72 44.02 18.20
C LEU O 116 -45.65 44.27 19.38
N GLN O 117 -46.98 44.20 19.18
CA GLN O 117 -47.96 44.52 20.20
C GLN O 117 -47.92 45.99 20.61
N GLY O 118 -47.49 46.86 19.70
CA GLY O 118 -47.54 48.29 19.96
C GLY O 118 -46.21 48.99 19.77
N GLY O 119 -45.12 48.24 19.70
CA GLY O 119 -43.81 48.80 19.46
C GLY O 119 -42.77 48.23 20.40
N ILE O 120 -41.52 48.68 20.17
CA ILE O 120 -40.38 48.23 20.96
C ILE O 120 -40.61 48.52 22.45
N GLU O 121 -40.28 47.54 23.29
CA GLU O 121 -40.13 47.79 24.72
C GLU O 121 -38.83 48.57 24.96
N THR O 122 -38.96 49.77 25.52
CA THR O 122 -37.79 50.47 26.05
C THR O 122 -37.17 49.70 27.21
N GLY O 123 -35.87 49.91 27.39
CA GLY O 123 -35.10 49.25 28.42
C GLY O 123 -34.62 47.87 28.06
N SER O 124 -34.74 47.45 26.80
CA SER O 124 -34.34 46.13 26.36
C SER O 124 -33.76 46.22 24.96
N ILE O 125 -32.98 45.21 24.59
CA ILE O 125 -32.36 45.14 23.28
C ILE O 125 -33.29 44.39 22.33
N THR O 126 -33.56 44.98 21.17
CA THR O 126 -34.35 44.35 20.13
C THR O 126 -33.47 44.15 18.90
N GLU O 127 -33.27 42.89 18.51
CA GLU O 127 -32.41 42.57 17.39
C GLU O 127 -33.23 42.26 16.15
N MET O 128 -32.85 42.88 15.03
CA MET O 128 -33.43 42.62 13.72
C MET O 128 -32.28 42.04 12.88
N PHE O 129 -32.30 40.73 12.66
CA PHE O 129 -31.32 40.07 11.82
C PHE O 129 -31.94 39.76 10.48
N GLY O 130 -31.26 40.15 9.41
CA GLY O 130 -31.76 39.91 8.08
C GLY O 130 -30.67 40.20 7.06
N GLU O 131 -30.98 39.83 5.82
CA GLU O 131 -30.06 40.06 4.72
C GLU O 131 -29.85 41.56 4.51
N PHE O 132 -28.81 41.88 3.75
CA PHE O 132 -28.59 43.27 3.35
C PHE O 132 -29.75 43.76 2.50
N ARG O 133 -29.99 45.07 2.56
CA ARG O 133 -31.03 45.75 1.80
C ARG O 133 -32.44 45.37 2.24
N THR O 134 -32.57 44.68 3.37
CA THR O 134 -33.89 44.33 3.90
C THR O 134 -34.57 45.53 4.54
N GLY O 135 -33.82 46.60 4.84
CA GLY O 135 -34.35 47.78 5.47
C GLY O 135 -33.97 47.99 6.91
N LYS O 136 -33.01 47.24 7.45
CA LYS O 136 -32.57 47.48 8.81
C LYS O 136 -32.22 48.95 9.00
N THR O 137 -31.36 49.48 8.12
CA THR O 137 -30.97 50.89 8.22
C THR O 137 -32.18 51.81 8.07
N GLN O 138 -33.07 51.48 7.15
CA GLN O 138 -34.27 52.29 6.95
C GLN O 138 -35.11 52.33 8.22
N ILE O 139 -35.31 51.16 8.85
CA ILE O 139 -36.03 51.11 10.11
C ILE O 139 -35.34 51.95 11.17
N CYS O 140 -34.01 51.87 11.24
CA CYS O 140 -33.27 52.70 12.18
C CYS O 140 -33.53 54.19 11.95
N HIS O 141 -33.40 54.64 10.70
CA HIS O 141 -33.67 56.05 10.41
C HIS O 141 -35.09 56.44 10.81
N THR O 142 -36.07 55.58 10.54
CA THR O 142 -37.44 55.89 10.93
C THR O 142 -37.57 56.01 12.44
N LEU O 143 -37.07 55.01 13.18
CA LEU O 143 -37.16 55.03 14.64
C LEU O 143 -36.42 56.21 15.25
N ALA O 144 -35.36 56.68 14.60
CA ALA O 144 -34.59 57.80 15.15
C ALA O 144 -35.43 59.05 15.32
N VAL O 145 -36.52 59.19 14.57
CA VAL O 145 -37.39 60.35 14.67
C VAL O 145 -38.64 60.05 15.49
N THR O 146 -39.26 58.88 15.27
CA THR O 146 -40.47 58.53 15.98
C THR O 146 -40.29 58.48 17.49
N CYS O 147 -39.08 58.14 17.96
CA CYS O 147 -38.84 58.15 19.40
C CYS O 147 -39.18 59.49 20.02
N GLN O 148 -38.93 60.59 19.30
CA GLN O 148 -39.22 61.91 19.82
C GLN O 148 -40.71 62.22 19.85
N LEU O 149 -41.53 61.41 19.20
CA LEU O 149 -42.97 61.63 19.20
C LEU O 149 -43.52 61.55 20.62
N PRO O 150 -44.66 62.18 20.89
CA PRO O 150 -45.28 62.02 22.20
C PRO O 150 -45.61 60.57 22.51
N ILE O 151 -45.61 60.26 23.81
CA ILE O 151 -45.91 58.89 24.24
C ILE O 151 -47.32 58.50 23.82
N ASP O 152 -48.26 59.46 23.86
CA ASP O 152 -49.61 59.18 23.42
C ASP O 152 -49.67 58.88 21.92
N ARG O 153 -48.67 59.29 21.15
CA ARG O 153 -48.60 59.00 19.73
C ARG O 153 -47.72 57.80 19.44
N GLY O 154 -47.28 57.08 20.46
CA GLY O 154 -46.43 55.93 20.28
C GLY O 154 -44.95 56.20 20.36
N GLY O 155 -44.55 57.40 20.76
CA GLY O 155 -43.15 57.73 20.94
C GLY O 155 -42.70 57.53 22.38
N GLY O 156 -41.45 57.95 22.64
CA GLY O 156 -40.91 57.90 23.98
C GLY O 156 -40.63 59.26 24.58
N GLU O 157 -40.82 60.31 23.79
CA GLU O 157 -40.51 61.68 24.21
C GLU O 157 -39.07 61.80 24.73
N GLY O 158 -38.14 61.24 23.97
CA GLY O 158 -36.74 61.30 24.34
C GLY O 158 -35.87 61.44 23.10
N LYS O 159 -34.63 61.87 23.35
CA LYS O 159 -33.70 62.05 22.26
C LYS O 159 -33.18 60.70 21.77
N ALA O 160 -32.57 60.72 20.58
CA ALA O 160 -32.06 59.52 19.92
C ALA O 160 -30.54 59.55 19.80
N MET O 161 -29.95 58.36 19.78
CA MET O 161 -28.51 58.18 19.62
C MET O 161 -28.22 57.19 18.51
N TYR O 162 -27.52 57.65 17.48
CA TYR O 162 -27.20 56.85 16.31
C TYR O 162 -25.68 56.71 16.27
N ILE O 163 -25.20 55.49 16.45
CA ILE O 163 -23.79 55.16 16.32
C ILE O 163 -23.67 54.40 15.02
N ASP O 164 -23.02 55.01 14.03
CA ASP O 164 -22.89 54.46 12.71
C ASP O 164 -21.48 53.92 12.50
N THR O 165 -21.38 52.77 11.85
CA THR O 165 -20.11 52.17 11.52
C THR O 165 -20.00 51.93 10.03
N GLU O 166 -21.02 52.32 9.27
CA GLU O 166 -21.18 51.93 7.87
C GLU O 166 -21.46 53.11 6.96
N GLY O 167 -21.52 54.33 7.50
CA GLY O 167 -21.70 55.53 6.70
C GLY O 167 -23.12 55.80 6.25
N THR O 168 -24.08 54.94 6.58
CA THR O 168 -25.42 55.04 6.03
C THR O 168 -26.30 56.05 6.77
N PHE O 169 -25.73 56.87 7.65
CA PHE O 169 -26.53 57.82 8.41
C PHE O 169 -26.92 58.98 7.51
N ARG O 170 -28.22 59.29 7.45
CA ARG O 170 -28.73 60.35 6.59
C ARG O 170 -29.62 61.26 7.40
N PRO O 171 -29.17 62.47 7.76
CA PRO O 171 -30.08 63.38 8.48
C PRO O 171 -31.29 63.77 7.67
N GLU O 172 -31.17 63.79 6.34
CA GLU O 172 -32.30 64.16 5.49
C GLU O 172 -33.43 63.12 5.58
N ARG O 173 -33.08 61.85 5.75
CA ARG O 173 -34.11 60.84 5.99
C ARG O 173 -34.82 61.12 7.30
N LEU O 174 -34.07 61.57 8.31
CA LEU O 174 -34.69 61.94 9.57
C LEU O 174 -35.64 63.12 9.37
N LEU O 175 -35.24 64.05 8.51
CA LEU O 175 -36.10 65.20 8.24
C LEU O 175 -37.39 64.75 7.55
N ALA O 176 -37.28 63.80 6.62
CA ALA O 176 -38.47 63.27 5.95
C ALA O 176 -39.39 62.58 6.94
N VAL O 177 -38.84 61.77 7.85
CA VAL O 177 -39.70 61.12 8.84
C VAL O 177 -40.32 62.16 9.76
N ALA O 178 -39.57 63.20 10.15
CA ALA O 178 -40.11 64.24 11.00
C ALA O 178 -41.26 64.96 10.33
N GLU O 179 -41.12 65.28 9.05
CA GLU O 179 -42.22 65.95 8.34
C GLU O 179 -43.40 65.00 8.17
N ARG O 180 -43.14 63.69 8.06
CA ARG O 180 -44.25 62.74 7.99
C ARG O 180 -45.14 62.89 9.21
N TYR O 181 -44.55 62.81 10.40
CA TYR O 181 -45.28 62.92 11.65
C TYR O 181 -45.45 64.37 12.09
N GLY O 182 -45.05 65.33 11.28
CA GLY O 182 -45.20 66.73 11.62
C GLY O 182 -44.31 67.18 12.76
N LEU O 183 -43.07 66.70 12.79
CA LEU O 183 -42.08 67.13 13.76
C LEU O 183 -41.08 68.05 13.09
N SER O 184 -40.53 69.00 13.85
CA SER O 184 -39.55 69.91 13.31
C SER O 184 -38.29 69.15 12.92
N GLY O 185 -37.96 69.17 11.63
CA GLY O 185 -36.78 68.45 11.17
C GLY O 185 -35.50 68.96 11.78
N SER O 186 -35.39 70.28 11.98
CA SER O 186 -34.19 70.85 12.58
C SER O 186 -34.05 70.42 14.04
N ASP O 187 -35.15 70.41 14.78
CA ASP O 187 -35.07 69.98 16.18
C ASP O 187 -34.79 68.49 16.28
N VAL O 188 -35.27 67.70 15.32
CA VAL O 188 -34.98 66.28 15.33
C VAL O 188 -33.48 66.07 15.18
N LEU O 189 -32.86 66.76 14.22
CA LEU O 189 -31.42 66.62 14.06
C LEU O 189 -30.68 67.21 15.26
N ASP O 190 -31.30 68.19 15.93
CA ASP O 190 -30.72 68.79 17.12
C ASP O 190 -30.84 67.86 18.33
N ASN O 191 -31.74 66.88 18.27
CA ASN O 191 -31.97 65.96 19.36
C ASN O 191 -31.38 64.59 19.03
N VAL O 192 -30.55 64.52 17.99
CA VAL O 192 -29.85 63.31 17.59
C VAL O 192 -28.37 63.66 17.56
N ALA O 193 -27.59 63.02 18.42
CA ALA O 193 -26.15 63.22 18.42
C ALA O 193 -25.57 62.05 17.65
N TYR O 194 -24.68 62.34 16.71
CA TYR O 194 -24.20 61.33 15.79
C TYR O 194 -22.68 61.30 15.82
N ALA O 195 -22.13 60.09 15.72
CA ALA O 195 -20.69 59.86 15.69
C ALA O 195 -20.47 58.50 15.05
N ARG O 196 -19.48 58.41 14.17
CA ARG O 196 -19.20 57.18 13.45
C ARG O 196 -18.06 56.43 14.13
N ALA O 197 -18.33 55.18 14.49
CA ALA O 197 -17.32 54.32 15.11
C ALA O 197 -16.50 53.67 14.01
N PHE O 198 -15.18 53.80 14.11
CA PHE O 198 -14.27 53.29 13.10
C PHE O 198 -13.89 51.83 13.31
N ASN O 199 -14.05 51.32 14.52
CA ASN O 199 -13.69 49.94 14.83
C ASN O 199 -14.49 49.48 16.03
N THR O 200 -14.29 48.21 16.40
CA THR O 200 -15.02 47.66 17.53
C THR O 200 -14.60 48.33 18.84
N ASP O 201 -13.30 48.56 19.00
CA ASP O 201 -12.83 49.25 20.21
C ASP O 201 -13.38 50.66 20.27
N HIS O 202 -13.41 51.36 19.14
CA HIS O 202 -14.00 52.69 19.13
C HIS O 202 -15.51 52.60 19.34
N GLN O 203 -16.12 51.53 18.83
CA GLN O 203 -17.56 51.35 19.01
C GLN O 203 -17.90 51.21 20.49
N THR O 204 -17.10 50.44 21.22
CA THR O 204 -17.33 50.27 22.66
C THR O 204 -16.90 51.51 23.44
N GLN O 205 -15.85 52.20 22.99
CA GLN O 205 -15.38 53.36 23.74
C GLN O 205 -16.43 54.46 23.77
N LEU O 206 -17.25 54.56 22.73
CA LEU O 206 -18.29 55.58 22.71
C LEU O 206 -19.31 55.36 23.80
N LEU O 207 -19.44 54.12 24.31
CA LEU O 207 -20.41 53.86 25.35
C LEU O 207 -20.01 54.55 26.64
N TYR O 208 -18.71 54.74 26.89
CA TYR O 208 -18.30 55.49 28.06
C TYR O 208 -18.76 56.93 27.97
N GLN O 209 -18.63 57.54 26.79
CA GLN O 209 -19.16 58.88 26.60
C GLN O 209 -20.69 58.83 26.61
N ALA O 210 -21.26 57.73 26.15
CA ALA O 210 -22.70 57.59 26.09
C ALA O 210 -23.33 57.56 27.47
N SER O 211 -22.69 56.87 28.42
CA SER O 211 -23.26 56.78 29.76
C SER O 211 -23.31 58.14 30.44
N ALA O 212 -22.23 58.91 30.33
CA ALA O 212 -22.23 60.23 30.95
C ALA O 212 -23.14 61.20 30.21
N MET O 213 -23.21 61.09 28.89
CA MET O 213 -24.03 61.99 28.09
C MET O 213 -25.52 61.71 28.24
N MET O 214 -25.91 60.45 28.43
CA MET O 214 -27.30 60.06 28.61
C MET O 214 -27.84 60.46 29.97
N VAL O 215 -26.98 60.94 30.86
CA VAL O 215 -27.40 61.39 32.19
C VAL O 215 -27.92 62.81 32.13
N GLU O 216 -27.28 63.67 31.34
CA GLU O 216 -27.66 65.07 31.27
C GLU O 216 -28.94 65.28 30.47
N SER O 217 -29.20 64.49 29.43
CA SER O 217 -30.40 64.65 28.64
C SER O 217 -31.16 63.33 28.56
N ARG O 218 -32.48 63.43 28.42
CA ARG O 218 -33.33 62.27 28.27
C ARG O 218 -33.21 61.75 26.85
N TYR O 219 -32.78 60.51 26.70
CA TYR O 219 -32.81 59.81 25.43
C TYR O 219 -33.76 58.63 25.51
N ALA O 220 -34.18 58.17 24.33
CA ALA O 220 -35.14 57.09 24.23
C ALA O 220 -34.71 55.99 23.27
N LEU O 221 -33.71 56.23 22.42
CA LEU O 221 -33.34 55.27 21.40
C LEU O 221 -31.83 55.35 21.16
N LEU O 222 -31.19 54.19 21.12
CA LEU O 222 -29.78 54.05 20.80
C LEU O 222 -29.65 53.12 19.60
N ILE O 223 -29.05 53.62 18.53
CA ILE O 223 -28.92 52.86 17.28
C ILE O 223 -27.44 52.59 17.02
N VAL O 224 -27.13 51.32 16.76
CA VAL O 224 -25.79 50.86 16.40
C VAL O 224 -25.95 50.09 15.09
N ASP O 225 -25.52 50.69 13.99
CA ASP O 225 -25.83 50.18 12.65
C ASP O 225 -24.60 49.47 12.08
N SER O 226 -24.80 48.24 11.59
CA SER O 226 -23.71 47.31 11.32
C SER O 226 -22.89 47.04 12.58
N ALA O 227 -23.60 46.83 13.69
CA ALA O 227 -22.92 46.60 14.97
C ALA O 227 -21.95 45.43 14.91
N THR O 228 -22.27 44.40 14.13
CA THR O 228 -21.39 43.23 14.01
C THR O 228 -20.40 43.34 12.87
N ALA O 229 -20.53 44.35 12.01
CA ALA O 229 -19.64 44.43 10.85
C ALA O 229 -18.20 44.68 11.26
N LEU O 230 -18.00 45.55 12.25
CA LEU O 230 -16.63 45.86 12.67
C LEU O 230 -15.94 44.67 13.33
N TYR O 231 -16.69 43.74 13.91
CA TYR O 231 -16.04 42.55 14.47
C TYR O 231 -15.58 41.58 13.40
N ARG O 232 -16.06 41.72 12.17
CA ARG O 232 -15.60 40.87 11.08
C ARG O 232 -14.48 41.55 10.30
N THR O 233 -14.58 42.87 10.15
CA THR O 233 -13.57 43.60 9.40
C THR O 233 -12.32 43.80 10.25
N ASP O 234 -12.50 44.13 11.53
CA ASP O 234 -11.38 44.32 12.43
C ASP O 234 -10.74 42.99 12.75
N TYR O 235 -11.50 42.10 13.38
CA TYR O 235 -11.03 40.77 13.75
C TYR O 235 -11.38 39.86 12.58
N SER O 236 -10.44 39.69 11.65
CA SER O 236 -10.65 38.86 10.48
C SER O 236 -9.94 37.52 10.54
N GLY O 237 -8.95 37.36 11.44
CA GLY O 237 -8.25 36.10 11.54
C GLY O 237 -9.07 35.07 12.28
N ARG O 238 -8.55 33.85 12.32
CA ARG O 238 -9.23 32.76 13.01
C ARG O 238 -8.75 32.53 14.43
N GLY O 239 -7.45 32.76 14.69
CA GLY O 239 -6.96 32.67 16.06
C GLY O 239 -7.43 33.79 16.96
N GLU O 240 -7.85 34.92 16.37
CA GLU O 240 -8.33 36.07 17.13
C GLU O 240 -9.84 36.07 17.31
N LEU O 241 -10.52 34.95 17.02
CA LEU O 241 -11.98 34.92 17.14
C LEU O 241 -12.41 35.06 18.59
N SER O 242 -11.74 34.36 19.51
CA SER O 242 -12.11 34.47 20.92
C SER O 242 -11.96 35.91 21.40
N ALA O 243 -11.01 36.65 20.84
CA ALA O 243 -10.78 38.02 21.29
C ALA O 243 -11.94 38.92 20.90
N ARG O 244 -12.41 38.81 19.65
CA ARG O 244 -13.56 39.60 19.25
C ARG O 244 -14.81 39.16 19.99
N GLN O 245 -14.94 37.87 20.29
CA GLN O 245 -16.09 37.42 21.06
C GLN O 245 -16.08 37.98 22.47
N MET O 246 -14.91 38.02 23.12
CA MET O 246 -14.81 38.65 24.43
C MET O 246 -15.12 40.14 24.38
N HIS O 247 -14.57 40.85 23.39
CA HIS O 247 -14.83 42.28 23.30
C HIS O 247 -16.31 42.54 23.05
N LEU O 248 -16.92 41.74 22.17
CA LEU O 248 -18.34 41.87 21.89
C LEU O 248 -19.17 41.56 23.13
N ALA O 249 -18.80 40.50 23.86
CA ALA O 249 -19.51 40.16 25.08
C ALA O 249 -19.50 41.32 26.07
N ARG O 250 -18.32 41.92 26.29
CA ARG O 250 -18.26 43.07 27.19
C ARG O 250 -19.09 44.23 26.65
N PHE O 251 -19.05 44.45 25.34
CA PHE O 251 -19.84 45.52 24.74
C PHE O 251 -21.33 45.29 24.97
N LEU O 252 -21.78 44.05 24.77
CA LEU O 252 -23.18 43.71 24.96
C LEU O 252 -23.60 43.87 26.42
N ARG O 253 -22.72 43.46 27.33
CA ARG O 253 -23.03 43.65 28.75
C ARG O 253 -23.16 45.13 29.08
N MET O 254 -22.27 45.96 28.52
CA MET O 254 -22.38 47.40 28.71
C MET O 254 -23.69 47.92 28.13
N LEU O 255 -24.10 47.41 26.98
CA LEU O 255 -25.38 47.79 26.39
C LEU O 255 -26.54 47.44 27.31
N LEU O 256 -26.56 46.21 27.82
CA LEU O 256 -27.63 45.79 28.73
C LEU O 256 -27.64 46.66 29.99
N ARG O 257 -26.45 46.96 30.53
CA ARG O 257 -26.37 47.81 31.71
C ARG O 257 -26.96 49.18 31.42
N LEU O 258 -26.59 49.77 30.28
CA LEU O 258 -27.13 51.10 29.95
C LEU O 258 -28.63 51.04 29.73
N ALA O 259 -29.13 49.95 29.13
CA ALA O 259 -30.56 49.81 28.92
C ALA O 259 -31.32 49.76 30.24
N ASP O 260 -30.81 48.97 31.20
CA ASP O 260 -31.47 48.90 32.50
C ASP O 260 -31.25 50.17 33.31
N GLU O 261 -30.16 50.90 33.04
CA GLU O 261 -29.83 52.08 33.84
C GLU O 261 -30.65 53.29 33.41
N PHE O 262 -30.76 53.54 32.12
CA PHE O 262 -31.45 54.71 31.61
C PHE O 262 -32.82 54.40 31.03
N GLY O 263 -33.20 53.13 30.96
CA GLY O 263 -34.50 52.78 30.43
C GLY O 263 -34.69 53.16 28.98
N VAL O 264 -33.63 53.13 28.19
CA VAL O 264 -33.70 53.48 26.79
C VAL O 264 -33.74 52.20 25.95
N ALA O 265 -34.19 52.35 24.71
CA ALA O 265 -34.26 51.25 23.77
C ALA O 265 -32.90 51.09 23.10
N VAL O 266 -32.43 49.85 22.98
CA VAL O 266 -31.15 49.55 22.38
C VAL O 266 -31.41 48.79 21.08
N VAL O 267 -31.05 49.40 19.96
CA VAL O 267 -31.28 48.84 18.63
C VAL O 267 -29.94 48.60 17.95
N ILE O 268 -29.69 47.36 17.55
CA ILE O 268 -28.47 46.98 16.85
C ILE O 268 -28.88 46.23 15.60
N THR O 269 -28.12 46.41 14.52
CA THR O 269 -28.41 45.78 13.24
C THR O 269 -27.32 44.77 12.88
N ASN O 270 -27.74 43.63 12.35
CA ASN O 270 -26.86 42.51 12.06
C ASN O 270 -27.04 42.06 10.62
N GLN O 271 -25.93 41.95 9.90
CA GLN O 271 -25.92 41.45 8.54
C GLN O 271 -25.71 39.94 8.56
N VAL O 272 -26.56 39.22 7.84
CA VAL O 272 -26.47 37.77 7.74
C VAL O 272 -26.10 37.44 6.30
N VAL O 273 -24.81 37.21 6.08
CA VAL O 273 -24.29 36.88 4.76
C VAL O 273 -24.72 35.47 4.37
N GLY O 292 -24.02 36.04 16.42
CA GLY O 292 -23.49 35.09 17.37
C GLY O 292 -24.56 34.54 18.30
N ASN O 293 -24.38 33.29 18.73
CA ASN O 293 -25.33 32.67 19.65
C ASN O 293 -25.28 33.33 21.03
N ILE O 294 -24.22 34.07 21.35
CA ILE O 294 -24.15 34.73 22.65
C ILE O 294 -25.24 35.79 22.76
N ILE O 295 -25.56 36.46 21.65
CA ILE O 295 -26.54 37.54 21.71
C ILE O 295 -27.93 36.99 21.96
N ALA O 296 -28.19 35.73 21.61
CA ALA O 296 -29.53 35.17 21.72
C ALA O 296 -30.08 35.33 23.13
N HIS O 297 -29.31 34.88 24.13
CA HIS O 297 -29.74 35.00 25.52
C HIS O 297 -29.83 36.47 25.92
N ALA O 298 -29.04 37.33 25.29
CA ALA O 298 -28.92 38.73 25.64
C ALA O 298 -30.01 39.54 24.97
N SER O 299 -30.28 39.26 23.70
CA SER O 299 -31.32 39.96 22.96
C SER O 299 -32.67 39.40 23.40
N THR O 300 -33.62 40.30 23.61
CA THR O 300 -34.97 39.91 24.03
C THR O 300 -35.91 39.64 22.87
N THR O 301 -35.75 40.35 21.76
CA THR O 301 -36.65 40.21 20.62
C THR O 301 -35.86 40.15 19.33
N ARG O 302 -36.03 39.06 18.59
CA ARG O 302 -35.34 38.82 17.33
C ARG O 302 -36.33 39.01 16.19
N LEU O 303 -35.99 39.90 15.26
CA LEU O 303 -36.82 40.19 14.10
C LEU O 303 -36.08 39.78 12.84
N TYR O 304 -36.75 38.99 11.99
CA TYR O 304 -36.18 38.55 10.73
C TYR O 304 -36.76 39.36 9.58
N LEU O 305 -35.88 39.96 8.79
CA LEU O 305 -36.26 40.79 7.65
C LEU O 305 -35.83 40.12 6.36
N ARG O 306 -36.75 40.06 5.39
CA ARG O 306 -36.47 39.55 4.06
C ARG O 306 -37.15 40.44 3.03
N LYS O 307 -36.57 40.50 1.83
CA LYS O 307 -37.04 41.41 0.81
C LYS O 307 -38.28 40.87 0.11
N GLY O 308 -39.30 41.72 0.00
CA GLY O 308 -40.33 41.60 -1.03
C GLY O 308 -40.02 42.57 -2.16
N ARG O 309 -40.28 42.11 -3.38
CA ARG O 309 -39.79 42.82 -4.57
C ARG O 309 -40.50 44.16 -4.74
N GLY O 310 -39.82 45.05 -5.46
CA GLY O 310 -40.05 46.47 -5.29
C GLY O 310 -39.41 46.96 -4.00
N GLU O 311 -40.11 47.84 -3.30
CA GLU O 311 -39.59 48.46 -2.08
C GLU O 311 -40.32 47.98 -0.85
N THR O 312 -41.05 46.86 -0.96
CA THR O 312 -41.91 46.36 0.11
C THR O 312 -41.23 45.16 0.77
N ARG O 313 -41.11 45.21 2.10
CA ARG O 313 -40.31 44.25 2.86
C ARG O 313 -41.18 43.39 3.77
N ILE O 314 -40.79 42.13 3.92
CA ILE O 314 -41.45 41.17 4.79
C ILE O 314 -40.67 41.05 6.09
N CYS O 315 -41.37 41.16 7.22
CA CYS O 315 -40.78 41.04 8.55
C CYS O 315 -41.34 39.81 9.27
N LYS O 316 -40.44 39.07 9.93
CA LYS O 316 -40.81 37.89 10.70
C LYS O 316 -40.15 37.91 12.08
N ILE O 317 -40.89 37.44 13.08
CA ILE O 317 -40.35 37.29 14.43
C ILE O 317 -39.92 35.84 14.56
N TYR O 318 -38.65 35.62 14.91
CA TYR O 318 -38.09 34.28 14.94
C TYR O 318 -37.77 33.77 16.33
N ASP O 319 -37.72 34.63 17.33
CA ASP O 319 -37.85 34.22 18.72
C ASP O 319 -38.37 35.38 19.54
N SER O 320 -39.37 35.12 20.38
CA SER O 320 -39.61 35.97 21.52
C SER O 320 -40.29 35.15 22.60
N PRO O 321 -39.77 35.14 23.83
CA PRO O 321 -40.51 34.52 24.94
C PRO O 321 -41.90 35.11 25.16
N CYS O 322 -42.13 36.38 24.86
CA CYS O 322 -43.46 36.97 24.95
C CYS O 322 -44.14 37.17 23.60
N LEU O 323 -43.39 37.53 22.57
CA LEU O 323 -44.08 37.79 21.30
C LEU O 323 -44.16 36.50 20.47
N PRO O 324 -45.27 36.25 19.80
CA PRO O 324 -45.33 35.10 18.90
C PRO O 324 -44.26 35.18 17.83
N GLU O 325 -43.82 34.01 17.37
CA GLU O 325 -43.22 33.94 16.03
C GLU O 325 -44.32 34.28 15.03
N ALA O 326 -44.12 35.36 14.28
CA ALA O 326 -45.18 35.89 13.43
C ALA O 326 -44.55 36.83 12.40
N GLU O 327 -45.36 37.18 11.41
CA GLU O 327 -44.91 38.06 10.33
C GLU O 327 -45.91 39.17 10.08
N ALA O 328 -45.39 40.28 9.56
CA ALA O 328 -46.17 41.45 9.22
C ALA O 328 -45.49 42.07 8.01
N MET O 329 -46.28 42.61 7.10
CA MET O 329 -45.74 43.16 5.87
C MET O 329 -45.70 44.68 5.97
N PHE O 330 -44.59 45.26 5.52
CA PHE O 330 -44.42 46.71 5.53
C PHE O 330 -43.63 47.12 4.30
N ALA O 331 -43.56 48.42 4.07
CA ALA O 331 -42.87 48.99 2.92
C ALA O 331 -41.92 50.07 3.41
N ILE O 332 -40.98 50.43 2.53
CA ILE O 332 -40.01 51.50 2.79
C ILE O 332 -40.35 52.63 1.84
N ASN O 333 -40.91 53.71 2.40
CA ASN O 333 -41.47 54.81 1.63
C ASN O 333 -40.63 56.07 1.86
N ALA O 334 -40.65 56.96 0.87
CA ALA O 334 -39.85 58.16 0.94
C ALA O 334 -40.07 58.91 2.27
N ASP O 335 -41.33 59.09 2.66
CA ASP O 335 -41.60 59.72 3.94
C ASP O 335 -41.13 58.87 5.12
N GLY O 336 -41.18 57.55 4.97
CA GLY O 336 -41.33 56.68 6.14
C GLY O 336 -40.91 55.26 5.86
N VAL O 337 -40.69 54.54 6.96
CA VAL O 337 -40.82 53.08 6.95
C VAL O 337 -42.24 52.75 7.39
N GLY O 338 -42.99 52.12 6.49
CA GLY O 338 -44.43 52.26 6.49
C GLY O 338 -45.06 51.03 5.84
N ASP O 339 -46.32 50.80 6.17
CA ASP O 339 -46.94 49.53 5.83
C ASP O 339 -47.07 49.39 4.33
N ALA O 340 -47.06 48.14 3.87
CA ALA O 340 -47.24 47.85 2.46
C ALA O 340 -48.66 48.20 2.03
N LYS O 341 -48.78 48.90 0.91
CA LYS O 341 -50.07 49.38 0.40
C LYS O 341 -50.14 49.03 -1.08
N ASP O 342 -50.50 47.77 -1.35
CA ASP O 342 -50.61 47.28 -2.71
C ASP O 342 -51.47 48.20 -3.57
N GLN P 104 -62.19 13.42 34.43
CA GLN P 104 -62.15 13.81 33.00
C GLN P 104 -61.97 15.32 32.85
N ILE P 105 -60.81 15.73 32.33
CA ILE P 105 -60.53 17.15 32.15
C ILE P 105 -61.26 17.63 30.90
N THR P 106 -62.12 18.63 31.04
CA THR P 106 -62.85 19.17 29.91
C THR P 106 -61.92 19.73 28.85
N THR P 107 -62.17 19.36 27.59
CA THR P 107 -61.46 19.96 26.47
C THR P 107 -61.91 21.38 26.19
N GLY P 108 -63.07 21.79 26.71
CA GLY P 108 -63.67 23.06 26.37
C GLY P 108 -64.35 23.11 25.03
N SER P 109 -64.22 22.09 24.18
CA SER P 109 -65.13 21.84 23.09
C SER P 109 -66.18 20.83 23.54
N LYS P 110 -67.45 21.22 23.51
CA LYS P 110 -68.51 20.32 23.92
C LYS P 110 -68.52 19.07 23.06
N GLU P 111 -68.43 19.25 21.73
CA GLU P 111 -68.41 18.10 20.84
C GLU P 111 -67.21 17.20 21.12
N LEU P 112 -66.07 17.80 21.43
CA LEU P 112 -64.90 17.00 21.76
C LEU P 112 -65.08 16.30 23.11
N ASP P 113 -65.67 16.99 24.08
CA ASP P 113 -65.95 16.34 25.36
C ASP P 113 -66.85 15.13 25.17
N LYS P 114 -67.89 15.26 24.34
CA LYS P 114 -68.72 14.11 24.04
C LYS P 114 -67.93 13.02 23.34
N LEU P 115 -67.02 13.42 22.44
CA LEU P 115 -66.20 12.44 21.74
C LEU P 115 -65.36 11.64 22.73
N LEU P 116 -64.84 12.29 23.76
CA LEU P 116 -64.01 11.65 24.76
C LEU P 116 -64.81 11.08 25.93
N GLN P 117 -66.14 11.17 25.88
CA GLN P 117 -67.00 10.75 26.99
C GLN P 117 -66.81 11.62 28.23
N GLY P 118 -66.40 12.87 28.04
CA GLY P 118 -66.31 13.80 29.14
C GLY P 118 -64.95 14.46 29.29
N GLY P 119 -63.93 13.93 28.63
CA GLY P 119 -62.61 14.50 28.65
C GLY P 119 -61.52 13.47 28.88
N ILE P 120 -60.28 13.95 28.83
CA ILE P 120 -59.11 13.10 29.02
C ILE P 120 -59.17 12.37 30.35
N GLU P 121 -58.85 11.08 30.32
CA GLU P 121 -58.55 10.35 31.56
C GLU P 121 -57.18 10.80 32.08
N THR P 122 -57.16 11.35 33.28
CA THR P 122 -55.89 11.54 33.99
C THR P 122 -55.23 10.21 34.31
N GLY P 123 -53.90 10.26 34.42
CA GLY P 123 -53.10 9.08 34.69
C GLY P 123 -52.77 8.25 33.47
N SER P 124 -53.04 8.76 32.27
CA SER P 124 -52.78 8.01 31.04
C SER P 124 -52.33 8.99 29.96
N ILE P 125 -51.67 8.44 28.95
CA ILE P 125 -51.18 9.23 27.82
C ILE P 125 -52.25 9.26 26.74
N THR P 126 -52.57 10.46 26.26
CA THR P 126 -53.52 10.64 25.16
C THR P 126 -52.76 11.27 24.00
N GLU P 127 -52.71 10.57 22.88
CA GLU P 127 -51.98 11.02 21.71
C GLU P 127 -52.94 11.60 20.67
N MET P 128 -52.61 12.78 20.16
CA MET P 128 -53.32 13.43 19.07
C MET P 128 -52.32 13.53 17.93
N PHE P 129 -52.46 12.67 16.93
CA PHE P 129 -51.61 12.68 15.75
C PHE P 129 -52.38 13.31 14.60
N GLY P 130 -51.77 14.30 13.96
CA GLY P 130 -52.41 14.98 12.85
C GLY P 130 -51.41 15.84 12.12
N GLU P 131 -51.85 16.36 10.99
CA GLU P 131 -51.01 17.24 10.18
C GLU P 131 -50.71 18.52 10.95
N PHE P 132 -49.72 19.26 10.45
CA PHE P 132 -49.43 20.58 11.00
C PHE P 132 -50.62 21.51 10.81
N ARG P 133 -50.75 22.46 11.73
CA ARG P 133 -51.79 23.48 11.70
C ARG P 133 -53.19 22.91 11.96
N THR P 134 -53.28 21.65 12.39
CA THR P 134 -54.56 21.06 12.75
C THR P 134 -55.07 21.55 14.08
N GLY P 135 -54.21 22.17 14.88
CA GLY P 135 -54.60 22.69 16.18
C GLY P 135 -54.07 21.92 17.38
N LYS P 136 -53.13 20.99 17.19
CA LYS P 136 -52.54 20.31 18.33
C LYS P 136 -52.06 21.32 19.37
N THR P 137 -51.25 22.28 18.94
CA THR P 137 -50.74 23.29 19.86
C THR P 137 -51.87 24.10 20.47
N GLN P 138 -52.88 24.45 19.66
CA GLN P 138 -54.01 25.19 20.19
C GLN P 138 -54.73 24.40 21.27
N ILE P 139 -54.96 23.12 21.03
CA ILE P 139 -55.58 22.26 22.05
C ILE P 139 -54.72 22.23 23.30
N CYS P 140 -53.40 22.14 23.15
CA CYS P 140 -52.51 22.15 24.31
C CYS P 140 -52.67 23.43 25.10
N HIS P 141 -52.63 24.58 24.43
CA HIS P 141 -52.80 25.85 25.13
C HIS P 141 -54.14 25.90 25.86
N THR P 142 -55.21 25.42 25.22
CA THR P 142 -56.51 25.40 25.89
C THR P 142 -56.50 24.53 27.13
N LEU P 143 -56.01 23.29 27.00
CA LEU P 143 -55.96 22.37 28.13
C LEU P 143 -55.08 22.88 29.26
N ALA P 144 -54.04 23.66 28.93
CA ALA P 144 -53.14 24.15 29.97
C ALA P 144 -53.86 25.01 31.00
N VAL P 145 -55.00 25.59 30.65
CA VAL P 145 -55.77 26.43 31.57
C VAL P 145 -56.95 25.68 32.16
N THR P 146 -57.67 24.92 31.32
CA THR P 146 -58.85 24.19 31.78
C THR P 146 -58.53 23.19 32.88
N CYS P 147 -57.32 22.62 32.88
CA CYS P 147 -56.94 21.70 33.95
C CYS P 147 -57.11 22.34 35.32
N GLN P 148 -56.85 23.63 35.42
CA GLN P 148 -56.97 24.33 36.71
C GLN P 148 -58.42 24.54 37.11
N LEU P 149 -59.38 24.34 36.20
CA LEU P 149 -60.78 24.52 36.52
C LEU P 149 -61.19 23.53 37.60
N PRO P 150 -62.25 23.85 38.36
CA PRO P 150 -62.76 22.89 39.34
C PRO P 150 -63.18 21.58 38.69
N ILE P 151 -63.09 20.50 39.48
CA ILE P 151 -63.45 19.18 38.97
C ILE P 151 -64.92 19.16 38.57
N ASP P 152 -65.76 19.87 39.31
CA ASP P 152 -67.18 19.93 38.97
C ASP P 152 -67.40 20.66 37.64
N ARG P 153 -66.44 21.48 37.21
CA ARG P 153 -66.52 22.16 35.93
C ARG P 153 -65.77 21.43 34.83
N GLY P 154 -65.30 20.22 35.11
CA GLY P 154 -64.57 19.45 34.13
C GLY P 154 -63.07 19.60 34.18
N GLY P 155 -62.54 20.28 35.20
CA GLY P 155 -61.10 20.41 35.38
C GLY P 155 -60.55 19.33 36.29
N GLY P 156 -59.26 19.48 36.60
CA GLY P 156 -58.59 18.58 37.53
C GLY P 156 -58.14 19.24 38.81
N GLU P 157 -58.32 20.56 38.91
CA GLU P 157 -57.87 21.33 40.06
C GLU P 157 -56.39 21.08 40.36
N GLY P 158 -55.57 21.15 39.31
CA GLY P 158 -54.15 20.95 39.46
C GLY P 158 -53.38 21.84 38.50
N LYS P 159 -52.10 22.01 38.81
CA LYS P 159 -51.26 22.86 37.98
C LYS P 159 -50.90 22.14 36.68
N ALA P 160 -50.41 22.91 35.72
CA ALA P 160 -50.05 22.42 34.40
C ALA P 160 -48.55 22.51 34.13
N MET P 161 -48.06 21.61 33.28
CA MET P 161 -46.66 21.57 32.88
C MET P 161 -46.55 21.51 31.36
N TYR P 162 -45.92 22.54 30.79
CA TYR P 162 -45.77 22.67 29.35
C TYR P 162 -44.28 22.60 29.05
N ILE P 163 -43.88 21.53 28.36
CA ILE P 163 -42.53 21.37 27.87
C ILE P 163 -42.58 21.62 26.37
N ASP P 164 -41.97 22.72 25.94
CA ASP P 164 -42.01 23.15 24.56
C ASP P 164 -40.68 22.87 23.89
N THR P 165 -40.74 22.40 22.64
CA THR P 165 -39.55 22.14 21.85
C THR P 165 -39.60 22.92 20.56
N GLU P 166 -40.66 23.71 20.34
CA GLU P 166 -40.97 24.30 19.05
C GLU P 166 -41.24 25.79 19.15
N GLY P 167 -41.15 26.39 20.35
CA GLY P 167 -41.32 27.81 20.51
C GLY P 167 -42.73 28.32 20.52
N THR P 168 -43.72 27.45 20.34
CA THR P 168 -45.11 27.88 20.15
C THR P 168 -45.82 28.18 21.47
N PHE P 169 -45.12 28.25 22.59
CA PHE P 169 -45.76 28.49 23.87
C PHE P 169 -46.14 29.96 23.97
N ARG P 170 -47.41 30.23 24.27
CA ARG P 170 -47.91 31.60 24.36
C ARG P 170 -48.65 31.78 25.67
N PRO P 171 -48.07 32.48 26.66
CA PRO P 171 -48.83 32.71 27.90
C PRO P 171 -50.08 33.53 27.67
N GLU P 172 -50.08 34.40 26.65
CA GLU P 172 -51.26 35.23 26.39
C GLU P 172 -52.44 34.38 25.93
N ARG P 173 -52.19 33.29 25.21
CA ARG P 173 -53.26 32.37 24.87
C ARG P 173 -53.84 31.74 26.14
N LEU P 174 -52.96 31.43 27.09
CA LEU P 174 -53.43 30.91 28.37
C LEU P 174 -54.28 31.95 29.08
N LEU P 175 -53.91 33.22 28.98
CA LEU P 175 -54.70 34.28 29.60
C LEU P 175 -56.07 34.37 28.96
N ALA P 176 -56.11 34.24 27.63
CA ALA P 176 -57.40 34.26 26.93
C ALA P 176 -58.28 33.10 27.35
N VAL P 177 -57.72 31.90 27.46
CA VAL P 177 -58.52 30.77 27.91
C VAL P 177 -58.99 30.97 29.35
N ALA P 178 -58.11 31.51 30.21
CA ALA P 178 -58.49 31.77 31.59
C ALA P 178 -59.65 32.75 31.68
N GLU P 179 -59.59 33.83 30.89
CA GLU P 179 -60.69 34.79 30.90
C GLU P 179 -61.96 34.18 30.31
N ARG P 180 -61.81 33.24 29.37
CA ARG P 180 -62.99 32.56 28.85
C ARG P 180 -63.76 31.88 29.98
N TYR P 181 -63.07 31.06 30.76
CA TYR P 181 -63.65 30.35 31.88
C TYR P 181 -63.69 31.17 33.16
N GLY P 182 -63.28 32.44 33.09
CA GLY P 182 -63.29 33.29 34.27
C GLY P 182 -62.26 32.91 35.31
N LEU P 183 -61.07 32.51 34.87
CA LEU P 183 -59.96 32.22 35.77
C LEU P 183 -58.95 33.36 35.71
N SER P 184 -58.27 33.59 36.84
CA SER P 184 -57.26 34.64 36.89
C SER P 184 -56.11 34.30 35.95
N GLY P 185 -55.90 35.14 34.94
CA GLY P 185 -54.84 34.88 33.98
C GLY P 185 -53.47 34.88 34.62
N SER P 186 -53.24 35.77 35.59
CA SER P 186 -51.95 35.82 36.27
C SER P 186 -51.70 34.55 37.09
N ASP P 187 -52.73 34.06 37.78
CA ASP P 187 -52.55 32.84 38.57
C ASP P 187 -52.39 31.63 37.67
N VAL P 188 -53.02 31.65 36.50
CA VAL P 188 -52.83 30.55 35.55
C VAL P 188 -51.37 30.48 35.12
N LEU P 189 -50.80 31.62 34.76
CA LEU P 189 -49.38 31.62 34.37
C LEU P 189 -48.50 31.30 35.57
N ASP P 190 -48.98 31.61 36.78
CA ASP P 190 -48.24 31.31 38.00
C ASP P 190 -48.32 29.83 38.34
N ASN P 191 -49.30 29.11 37.79
CA ASN P 191 -49.49 27.70 38.05
C ASN P 191 -49.06 26.86 36.86
N VAL P 192 -48.34 27.48 35.93
CA VAL P 192 -47.77 26.82 34.76
C VAL P 192 -46.28 27.09 34.78
N ALA P 193 -45.48 26.05 34.93
CA ALA P 193 -44.03 26.19 34.88
C ALA P 193 -43.61 25.80 33.48
N TYR P 194 -42.80 26.63 32.83
CA TYR P 194 -42.49 26.44 31.44
C TYR P 194 -40.98 26.39 31.26
N ALA P 195 -40.54 25.53 30.34
CA ALA P 195 -39.14 25.37 29.99
C ALA P 195 -39.08 24.73 28.62
N ARG P 196 -38.18 25.23 27.77
CA ARG P 196 -38.07 24.75 26.41
C ARG P 196 -36.93 23.73 26.31
N ALA P 197 -37.27 22.54 25.82
CA ALA P 197 -36.29 21.48 25.62
C ALA P 197 -35.62 21.70 24.26
N PHE P 198 -34.29 21.72 24.27
CA PHE P 198 -33.53 21.98 23.07
C PHE P 198 -33.25 20.72 22.26
N ASN P 199 -33.33 19.55 22.86
CA ASN P 199 -33.04 18.30 22.17
C ASN P 199 -33.77 17.18 22.89
N THR P 200 -33.64 15.97 22.35
CA THR P 200 -34.31 14.82 22.94
C THR P 200 -33.72 14.50 24.31
N ASP P 201 -32.38 14.56 24.42
CA ASP P 201 -31.75 14.32 25.71
C ASP P 201 -32.18 15.36 26.74
N HIS P 202 -32.26 16.62 26.33
CA HIS P 202 -32.74 17.65 27.24
C HIS P 202 -34.23 17.45 27.52
N GLN P 203 -34.97 16.96 26.53
CA GLN P 203 -36.39 16.71 26.73
C GLN P 203 -36.60 15.65 27.80
N THR P 204 -35.80 14.59 27.78
CA THR P 204 -35.91 13.54 28.78
C THR P 204 -35.32 13.98 30.12
N GLN P 205 -34.26 14.80 30.10
CA GLN P 205 -33.63 15.21 31.35
C GLN P 205 -34.59 16.03 32.20
N LEU P 206 -35.49 16.78 31.56
CA LEU P 206 -36.44 17.58 32.32
C LEU P 206 -37.37 16.71 33.14
N LEU P 207 -37.55 15.44 32.75
CA LEU P 207 -38.44 14.57 33.51
C LEU P 207 -37.87 14.27 34.88
N TYR P 208 -36.55 14.25 35.02
CA TYR P 208 -35.96 14.07 36.35
C TYR P 208 -36.31 15.24 37.24
N GLN P 209 -36.24 16.46 36.72
CA GLN P 209 -36.69 17.61 37.49
C GLN P 209 -38.20 17.57 37.67
N ALA P 210 -38.91 17.02 36.67
CA ALA P 210 -40.35 16.96 36.72
C ALA P 210 -40.84 16.04 37.82
N SER P 211 -40.18 14.91 38.03
CA SER P 211 -40.63 13.98 39.07
C SER P 211 -40.50 14.58 40.45
N ALA P 212 -39.38 15.25 40.73
CA ALA P 212 -39.22 15.86 42.05
C ALA P 212 -40.11 17.08 42.21
N MET P 213 -40.32 17.84 41.14
CA MET P 213 -41.14 19.05 41.20
C MET P 213 -42.61 18.74 41.32
N MET P 214 -43.08 17.64 40.70
CA MET P 214 -44.48 17.24 40.77
C MET P 214 -44.86 16.67 42.13
N VAL P 215 -43.88 16.46 43.01
CA VAL P 215 -44.14 15.96 44.35
C VAL P 215 -44.55 17.10 45.28
N GLU P 216 -43.92 18.26 45.13
CA GLU P 216 -44.20 19.38 46.03
C GLU P 216 -45.52 20.07 45.71
N SER P 217 -45.93 20.11 44.45
CA SER P 217 -47.20 20.75 44.09
C SER P 217 -48.05 19.79 43.28
N ARG P 218 -49.37 19.96 43.40
CA ARG P 218 -50.32 19.16 42.65
C ARG P 218 -50.38 19.68 41.22
N TYR P 219 -50.06 18.83 40.27
CA TYR P 219 -50.26 19.10 38.86
C TYR P 219 -51.30 18.14 38.30
N ALA P 220 -51.86 18.54 37.15
CA ALA P 220 -52.91 17.79 36.50
C ALA P 220 -52.66 17.57 35.01
N LEU P 221 -51.72 18.29 34.41
CA LEU P 221 -51.51 18.21 32.96
C LEU P 221 -50.04 18.42 32.65
N LEU P 222 -49.51 17.55 31.80
CA LEU P 222 -48.14 17.66 31.30
C LEU P 222 -48.20 17.71 29.78
N ILE P 223 -47.67 18.78 29.20
CA ILE P 223 -47.70 18.99 27.76
C ILE P 223 -46.28 18.95 27.20
N VAL P 224 -46.10 18.14 26.16
CA VAL P 224 -44.85 18.02 25.42
C VAL P 224 -45.19 18.27 23.96
N ASP P 225 -44.81 19.44 23.44
CA ASP P 225 -45.28 19.90 22.14
C ASP P 225 -44.17 19.72 21.11
N SER P 226 -44.52 19.10 19.99
CA SER P 226 -43.53 18.56 19.04
C SER P 226 -42.62 17.53 19.73
N ALA P 227 -43.23 16.66 20.54
CA ALA P 227 -42.47 15.66 21.29
C ALA P 227 -41.59 14.80 20.37
N THR P 228 -42.06 14.51 19.16
CA THR P 228 -41.29 13.70 18.22
C THR P 228 -40.42 14.51 17.29
N ALA P 229 -40.53 15.84 17.30
CA ALA P 229 -39.77 16.65 16.35
C ALA P 229 -38.28 16.56 16.66
N LEU P 230 -37.92 16.59 17.94
CA LEU P 230 -36.49 16.56 18.29
C LEU P 230 -35.84 15.23 17.96
N TYR P 231 -36.61 14.14 17.88
CA TYR P 231 -36.00 12.87 17.49
C TYR P 231 -35.72 12.81 16.00
N ARG P 232 -36.30 13.71 15.20
CA ARG P 232 -36.02 13.75 13.78
C ARG P 232 -34.93 14.77 13.49
N THR P 233 -34.92 15.88 14.22
CA THR P 233 -33.93 16.92 13.99
C THR P 233 -32.60 16.52 14.61
N ASP P 234 -32.64 15.96 15.81
CA ASP P 234 -31.43 15.53 16.49
C ASP P 234 -30.87 14.30 15.80
N TYR P 235 -31.64 13.21 15.80
CA TYR P 235 -31.24 11.96 15.19
C TYR P 235 -31.77 12.01 13.76
N SER P 236 -30.93 12.48 12.83
CA SER P 236 -31.32 12.59 11.44
C SER P 236 -30.72 11.52 10.55
N GLY P 237 -29.67 10.82 11.00
CA GLY P 237 -29.06 9.79 10.19
C GLY P 237 -29.89 8.52 10.21
N ARG P 238 -29.46 7.56 9.40
CA ARG P 238 -30.17 6.29 9.30
C ARG P 238 -29.56 5.20 10.18
N GLY P 239 -28.24 5.20 10.38
CA GLY P 239 -27.63 4.25 11.30
C GLY P 239 -27.93 4.54 12.75
N GLU P 240 -28.29 5.78 13.08
CA GLU P 240 -28.62 6.17 14.44
C GLU P 240 -30.11 6.06 14.76
N LEU P 241 -30.89 5.39 13.91
CA LEU P 241 -32.32 5.29 14.15
C LEU P 241 -32.62 4.47 15.40
N SER P 242 -31.93 3.35 15.58
CA SER P 242 -32.16 2.53 16.76
C SER P 242 -31.84 3.31 18.03
N ALA P 243 -30.89 4.25 17.96
CA ALA P 243 -30.51 5.00 19.15
C ALA P 243 -31.64 5.95 19.56
N ARG P 244 -32.21 6.66 18.60
CA ARG P 244 -33.34 7.54 18.94
C ARG P 244 -34.55 6.72 19.37
N GLN P 245 -34.75 5.54 18.79
CA GLN P 245 -35.86 4.71 19.23
C GLN P 245 -35.67 4.23 20.66
N MET P 246 -34.44 3.83 21.04
CA MET P 246 -34.18 3.47 22.44
C MET P 246 -34.37 4.66 23.38
N HIS P 247 -33.86 5.83 23.02
CA HIS P 247 -34.02 6.99 23.89
C HIS P 247 -35.49 7.35 24.03
N LEU P 248 -36.23 7.31 22.93
CA LEU P 248 -37.66 7.59 22.98
C LEU P 248 -38.38 6.55 23.83
N ALA P 249 -38.04 5.28 23.66
CA ALA P 249 -38.67 4.23 24.46
C ALA P 249 -38.47 4.49 25.95
N ARG P 250 -37.24 4.81 26.36
CA ARG P 250 -36.99 5.10 27.77
C ARG P 250 -37.78 6.34 28.20
N PHE P 251 -37.84 7.35 27.33
CA PHE P 251 -38.59 8.56 27.65
C PHE P 251 -40.06 8.23 27.86
N LEU P 252 -40.63 7.42 26.97
CA LEU P 252 -42.04 7.04 27.07
C LEU P 252 -42.29 6.24 28.34
N ARG P 253 -41.37 5.32 28.67
CA ARG P 253 -41.54 4.55 29.91
C ARG P 253 -41.51 5.49 31.11
N MET P 254 -40.62 6.48 31.10
CA MET P 254 -40.60 7.46 32.18
C MET P 254 -41.92 8.23 32.24
N LEU P 255 -42.47 8.58 31.07
CA LEU P 255 -43.77 9.25 31.04
C LEU P 255 -44.86 8.40 31.65
N LEU P 256 -44.93 7.12 31.26
CA LEU P 256 -45.93 6.23 31.82
C LEU P 256 -45.75 6.08 33.33
N ARG P 257 -44.50 5.97 33.78
CA ARG P 257 -44.24 5.86 35.21
C ARG P 257 -44.74 7.09 35.94
N LEU P 258 -44.45 8.27 35.41
CA LEU P 258 -44.90 9.50 36.06
C LEU P 258 -46.42 9.62 36.04
N ALA P 259 -47.05 9.15 34.96
CA ALA P 259 -48.51 9.18 34.87
C ALA P 259 -49.13 8.31 35.95
N ASP P 260 -48.61 7.09 36.11
CA ASP P 260 -49.15 6.19 37.13
C ASP P 260 -48.76 6.65 38.54
N GLU P 261 -47.64 7.37 38.67
CA GLU P 261 -47.15 7.77 39.98
C GLU P 261 -47.90 8.97 40.52
N PHE P 262 -48.11 9.99 39.70
CA PHE P 262 -48.75 11.23 40.15
C PHE P 262 -50.18 11.36 39.68
N GLY P 263 -50.67 10.43 38.86
CA GLY P 263 -52.05 10.51 38.39
C GLY P 263 -52.33 11.73 37.55
N VAL P 264 -51.35 12.21 36.81
CA VAL P 264 -51.52 13.38 35.97
C VAL P 264 -51.74 12.94 34.53
N ALA P 265 -52.29 13.84 33.73
CA ALA P 265 -52.53 13.59 32.33
C ALA P 265 -51.26 13.90 31.55
N VAL P 266 -50.91 13.03 30.62
CA VAL P 266 -49.72 13.19 29.80
C VAL P 266 -50.15 13.43 28.37
N VAL P 267 -49.86 14.62 27.85
CA VAL P 267 -50.25 15.04 26.51
C VAL P 267 -49.00 15.30 25.68
N ILE P 268 -48.88 14.61 24.55
CA ILE P 268 -47.76 14.75 23.63
C ILE P 268 -48.34 14.98 22.25
N THR P 269 -47.67 15.82 21.45
CA THR P 269 -48.14 16.16 20.10
C THR P 269 -47.17 15.61 19.07
N ASN P 270 -47.73 15.07 17.99
CA ASN P 270 -46.97 14.40 16.94
C ASN P 270 -47.33 14.98 15.58
N GLN P 271 -46.28 15.35 14.83
CA GLN P 271 -46.44 15.85 13.47
C GLN P 271 -46.36 14.67 12.50
N VAL P 272 -47.33 14.59 11.59
CA VAL P 272 -47.36 13.53 10.58
C VAL P 272 -47.15 14.21 9.24
N VAL P 273 -45.90 14.17 8.76
CA VAL P 273 -45.54 14.76 7.49
C VAL P 273 -46.10 13.93 6.34
N GLY P 292 -44.26 6.64 15.79
CA GLY P 292 -43.73 5.29 15.85
C GLY P 292 -44.74 4.28 16.34
N ASN P 293 -44.62 3.05 15.85
CA ASN P 293 -45.53 1.98 16.28
C ASN P 293 -45.32 1.59 17.73
N ILE P 294 -44.17 1.96 18.32
CA ILE P 294 -43.93 1.63 19.72
C ILE P 294 -44.91 2.38 20.61
N ILE P 295 -45.27 3.61 20.23
CA ILE P 295 -46.15 4.40 21.08
C ILE P 295 -47.56 3.81 21.10
N ALA P 296 -47.94 3.07 20.05
CA ALA P 296 -49.31 2.57 19.95
C ALA P 296 -49.70 1.80 21.19
N HIS P 297 -48.89 0.80 21.56
CA HIS P 297 -49.17 0.01 22.76
C HIS P 297 -49.12 0.88 24.00
N ALA P 298 -48.32 1.94 23.97
CA ALA P 298 -48.06 2.80 25.13
C ALA P 298 -49.15 3.85 25.26
N SER P 299 -49.55 4.46 24.15
CA SER P 299 -50.59 5.45 24.17
C SER P 299 -51.93 4.75 24.30
N THR P 300 -52.79 5.29 25.16
CA THR P 300 -54.11 4.74 25.38
C THR P 300 -55.18 5.28 24.45
N THR P 301 -55.07 6.54 24.03
CA THR P 301 -56.09 7.16 23.19
C THR P 301 -55.42 7.94 22.06
N ARG P 302 -55.74 7.58 20.83
CA ARG P 302 -55.19 8.20 19.64
C ARG P 302 -56.27 9.08 19.01
N LEU P 303 -55.94 10.36 18.83
CA LEU P 303 -56.86 11.33 18.23
C LEU P 303 -56.27 11.82 16.92
N TYR P 304 -57.07 11.76 15.85
CA TYR P 304 -56.66 12.23 14.54
C TYR P 304 -57.27 13.59 14.26
N LEU P 305 -56.43 14.57 13.92
CA LEU P 305 -56.84 15.92 13.63
C LEU P 305 -56.59 16.25 12.17
N ARG P 306 -57.60 16.81 11.51
CA ARG P 306 -57.48 17.27 10.14
C ARG P 306 -58.17 18.63 10.01
N LYS P 307 -57.72 19.44 9.06
CA LYS P 307 -58.20 20.79 8.92
C LYS P 307 -59.55 20.83 8.19
N GLY P 308 -60.50 21.54 8.78
CA GLY P 308 -61.61 22.12 8.03
C GLY P 308 -61.34 23.59 7.75
N ARG P 309 -61.75 24.03 6.56
CA ARG P 309 -61.32 25.33 6.05
C ARG P 309 -61.92 26.47 6.86
N GLY P 310 -61.25 27.62 6.80
CA GLY P 310 -61.34 28.60 7.86
C GLY P 310 -60.55 28.15 9.07
N GLU P 311 -61.12 28.37 10.26
CA GLU P 311 -60.44 28.07 11.51
C GLU P 311 -61.09 26.90 12.24
N THR P 312 -61.90 26.12 11.53
CA THR P 312 -62.70 25.05 12.12
C THR P 312 -62.06 23.71 11.79
N ARG P 313 -61.81 22.89 12.81
CA ARG P 313 -61.03 21.66 12.68
C ARG P 313 -61.88 20.42 12.94
N ILE P 314 -61.57 19.36 12.20
CA ILE P 314 -62.23 18.06 12.32
C ILE P 314 -61.34 17.14 13.16
N CYS P 315 -61.93 16.49 14.17
CA CYS P 315 -61.23 15.55 15.03
C CYS P 315 -61.80 14.15 14.86
N LYS P 316 -60.92 13.16 14.79
CA LYS P 316 -61.31 11.76 14.67
C LYS P 316 -60.53 10.90 15.65
N ILE P 317 -61.20 9.89 16.20
CA ILE P 317 -60.56 8.90 17.06
C ILE P 317 -60.23 7.70 16.19
N TYR P 318 -58.95 7.31 16.16
CA TYR P 318 -58.51 6.26 15.26
C TYR P 318 -58.10 4.97 15.95
N ASP P 319 -57.89 5.00 17.26
CA ASP P 319 -57.93 3.79 18.07
C ASP P 319 -58.28 4.16 19.50
N SER P 320 -59.20 3.41 20.10
CA SER P 320 -59.27 3.34 21.53
C SER P 320 -59.92 2.02 21.92
N PRO P 321 -59.28 1.23 22.79
CA PRO P 321 -59.96 0.03 23.33
C PRO P 321 -61.27 0.34 24.04
N CYS P 322 -61.42 1.52 24.65
CA CYS P 322 -62.69 1.91 25.25
C CYS P 322 -63.48 2.93 24.44
N LEU P 323 -62.81 3.87 23.79
CA LEU P 323 -63.59 4.87 23.07
C LEU P 323 -63.84 4.43 21.63
N PRO P 324 -65.03 4.67 21.09
CA PRO P 324 -65.26 4.36 19.68
C PRO P 324 -64.28 5.10 18.79
N GLU P 325 -63.99 4.51 17.64
CA GLU P 325 -63.53 5.31 16.51
C GLU P 325 -64.68 6.21 16.08
N ALA P 326 -64.47 7.53 16.18
CA ALA P 326 -65.55 8.48 16.00
C ALA P 326 -64.95 9.85 15.74
N GLU P 327 -65.81 10.77 15.31
CA GLU P 327 -65.40 12.12 14.98
C GLU P 327 -66.33 13.14 15.63
N ALA P 328 -65.77 14.32 15.88
CA ALA P 328 -66.48 15.44 16.47
C ALA P 328 -65.87 16.70 15.85
N MET P 329 -66.70 17.69 15.60
CA MET P 329 -66.23 18.91 14.94
C MET P 329 -66.05 20.01 15.98
N PHE P 330 -64.95 20.75 15.87
CA PHE P 330 -64.67 21.83 16.78
C PHE P 330 -63.96 22.94 16.01
N ALA P 331 -63.82 24.09 16.66
CA ALA P 331 -63.19 25.27 16.06
C ALA P 331 -62.11 25.78 16.99
N ILE P 332 -61.23 26.62 16.45
CA ILE P 332 -60.17 27.27 17.21
C ILE P 332 -60.50 28.75 17.25
N ASN P 333 -60.92 29.21 18.43
CA ASN P 333 -61.45 30.55 18.61
C ASN P 333 -60.50 31.37 19.48
N ALA P 334 -60.54 32.69 19.30
CA ALA P 334 -59.64 33.56 20.03
C ALA P 334 -59.69 33.28 21.53
N ASP P 335 -60.88 33.18 22.10
CA ASP P 335 -60.98 32.83 23.51
C ASP P 335 -60.47 31.43 23.80
N GLY P 336 -60.63 30.50 22.85
CA GLY P 336 -60.75 29.10 23.22
C GLY P 336 -60.48 28.18 22.06
N VAL P 337 -60.21 26.93 22.39
CA VAL P 337 -60.45 25.81 21.49
C VAL P 337 -61.85 25.28 21.78
N GLY P 338 -62.74 25.37 20.79
CA GLY P 338 -64.15 25.48 21.04
C GLY P 338 -64.92 24.95 19.86
N ASP P 339 -66.17 24.57 20.11
CA ASP P 339 -66.91 23.82 19.12
C ASP P 339 -67.20 24.67 17.89
N ALA P 340 -67.33 24.01 16.75
CA ALA P 340 -67.66 24.70 15.51
C ALA P 340 -69.08 25.23 15.59
N LYS P 341 -69.25 26.50 15.20
CA LYS P 341 -70.54 27.19 15.27
C LYS P 341 -70.78 27.87 13.92
N ASP P 342 -71.25 27.08 12.97
CA ASP P 342 -71.53 27.58 11.62
C ASP P 342 -72.38 28.84 11.66
N GLY Q 24 -50.71 -29.91 44.94
CA GLY Q 24 -50.10 -28.57 44.75
C GLY Q 24 -48.64 -28.54 44.33
N PRO Q 25 -48.03 -27.38 44.45
CA PRO Q 25 -46.61 -27.20 44.13
C PRO Q 25 -45.70 -27.70 45.24
N GLN Q 26 -44.45 -27.95 44.86
CA GLN Q 26 -43.37 -28.31 45.78
C GLN Q 26 -42.19 -27.37 45.46
N PRO Q 27 -42.21 -26.11 45.96
CA PRO Q 27 -41.19 -25.11 45.58
C PRO Q 27 -39.72 -25.56 45.60
N ILE Q 28 -38.96 -25.07 44.59
CA ILE Q 28 -37.63 -25.56 44.20
C ILE Q 28 -36.55 -25.34 45.25
N SER Q 29 -36.82 -24.49 46.26
CA SER Q 29 -35.91 -24.27 47.39
C SER Q 29 -35.38 -25.57 48.00
N ARG Q 30 -36.23 -26.59 48.13
CA ARG Q 30 -35.82 -27.87 48.72
C ARG Q 30 -34.78 -28.60 47.85
N LEU Q 31 -34.76 -28.31 46.56
CA LEU Q 31 -33.76 -28.90 45.66
C LEU Q 31 -32.35 -28.43 46.01
N GLU Q 32 -32.21 -27.20 46.52
CA GLU Q 32 -30.89 -26.69 46.90
C GLU Q 32 -30.33 -27.43 48.11
N GLN Q 33 -31.19 -27.96 48.99
CA GLN Q 33 -30.71 -28.69 50.18
C GLN Q 33 -30.09 -30.03 49.81
N CYS Q 34 -30.40 -30.54 48.63
CA CYS Q 34 -29.78 -31.73 48.08
C CYS Q 34 -28.31 -31.52 47.70
N GLY Q 35 -27.87 -30.25 47.59
CA GLY Q 35 -26.49 -29.91 47.32
C GLY Q 35 -26.24 -29.35 45.93
N ILE Q 36 -27.27 -29.15 45.11
CA ILE Q 36 -27.19 -28.14 44.04
C ILE Q 36 -26.81 -26.83 44.70
N ASN Q 37 -25.82 -26.12 44.14
CA ASN Q 37 -25.47 -24.81 44.69
C ASN Q 37 -26.64 -23.84 44.46
N ALA Q 38 -26.76 -22.85 45.34
CA ALA Q 38 -27.91 -21.93 45.26
C ALA Q 38 -27.86 -21.05 44.01
N ASN Q 39 -26.68 -20.77 43.48
CA ASN Q 39 -26.58 -19.94 42.27
C ASN Q 39 -27.22 -20.65 41.06
N ASP Q 40 -26.99 -21.97 40.95
CA ASP Q 40 -27.61 -22.72 39.86
C ASP Q 40 -29.14 -22.76 40.02
N VAL Q 41 -29.61 -22.73 41.27
CA VAL Q 41 -31.06 -22.70 41.48
C VAL Q 41 -31.62 -21.35 41.04
N LYS Q 42 -30.85 -20.28 41.24
CA LYS Q 42 -31.30 -18.98 40.78
C LYS Q 42 -31.45 -18.96 39.26
N LYS Q 43 -30.55 -19.64 38.56
CA LYS Q 43 -30.70 -19.71 37.11
C LYS Q 43 -31.95 -20.47 36.70
N LEU Q 44 -32.36 -21.46 37.50
CA LEU Q 44 -33.59 -22.18 37.15
C LEU Q 44 -34.82 -21.31 37.38
N GLU Q 45 -34.81 -20.47 38.41
CA GLU Q 45 -35.96 -19.60 38.65
C GLU Q 45 -36.06 -18.53 37.56
N GLU Q 46 -34.91 -17.99 37.15
CA GLU Q 46 -34.82 -17.11 35.99
C GLU Q 46 -35.36 -17.75 34.73
N ALA Q 47 -35.02 -19.03 34.51
CA ALA Q 47 -35.60 -19.80 33.41
C ALA Q 47 -37.11 -19.93 33.54
N GLY Q 48 -37.62 -19.95 34.78
CA GLY Q 48 -39.05 -19.97 35.03
C GLY Q 48 -39.49 -21.24 35.72
N PHE Q 49 -38.53 -21.98 36.27
CA PHE Q 49 -38.78 -23.19 37.03
C PHE Q 49 -38.69 -22.85 38.52
N HIS Q 50 -39.79 -23.05 39.25
CA HIS Q 50 -39.89 -22.60 40.63
C HIS Q 50 -40.23 -23.72 41.62
N THR Q 51 -40.41 -24.95 41.15
CA THR Q 51 -40.74 -26.09 42.00
C THR Q 51 -39.86 -27.28 41.62
N VAL Q 52 -39.74 -28.21 42.57
CA VAL Q 52 -39.03 -29.45 42.33
C VAL Q 52 -39.76 -30.32 41.30
N GLU Q 53 -41.09 -30.27 41.31
CA GLU Q 53 -41.91 -30.86 40.25
C GLU Q 53 -41.53 -30.32 38.85
N ALA Q 54 -41.20 -29.03 38.79
CA ALA Q 54 -40.98 -28.37 37.51
C ALA Q 54 -39.67 -28.84 36.88
N VAL Q 55 -38.59 -28.88 37.67
CA VAL Q 55 -37.31 -29.35 37.17
C VAL Q 55 -37.40 -30.83 36.84
N ALA Q 56 -38.18 -31.58 37.64
CA ALA Q 56 -38.13 -33.04 37.64
C ALA Q 56 -38.70 -33.69 36.37
N TYR Q 57 -39.97 -33.40 36.02
CA TYR Q 57 -40.51 -34.04 34.80
C TYR Q 57 -40.22 -33.21 33.53
N ALA Q 58 -38.92 -33.13 33.19
CA ALA Q 58 -38.42 -32.67 31.90
C ALA Q 58 -37.11 -33.38 31.54
N PRO Q 59 -36.79 -33.58 30.20
CA PRO Q 59 -35.50 -34.21 29.80
C PRO Q 59 -34.28 -33.29 29.95
N LYS Q 60 -33.07 -33.79 29.63
CA LYS Q 60 -31.82 -33.04 29.87
C LYS Q 60 -31.70 -31.70 29.10
N LYS Q 61 -32.24 -31.62 27.88
CA LYS Q 61 -31.86 -30.50 27.04
C LYS Q 61 -32.41 -29.17 27.53
N GLU Q 62 -33.49 -29.21 28.30
CA GLU Q 62 -34.06 -27.95 28.77
C GLU Q 62 -33.07 -27.23 29.67
N LEU Q 63 -32.49 -27.95 30.64
CA LEU Q 63 -31.59 -27.32 31.60
C LEU Q 63 -30.25 -26.98 30.97
N ILE Q 64 -29.80 -27.75 29.96
CA ILE Q 64 -28.52 -27.45 29.35
C ILE Q 64 -28.57 -26.13 28.57
N ASN Q 65 -29.72 -25.86 27.92
CA ASN Q 65 -29.85 -24.65 27.12
C ASN Q 65 -29.79 -23.37 27.96
N ILE Q 66 -30.01 -23.48 29.27
CA ILE Q 66 -29.93 -22.32 30.14
C ILE Q 66 -28.48 -21.84 30.20
N LYS Q 67 -28.30 -20.52 30.21
CA LYS Q 67 -26.95 -19.95 30.24
C LYS Q 67 -26.24 -20.32 31.54
N GLY Q 68 -24.97 -20.74 31.41
CA GLY Q 68 -24.18 -21.08 32.56
C GLY Q 68 -24.52 -22.41 33.21
N ILE Q 69 -24.97 -23.39 32.42
CA ILE Q 69 -25.28 -24.72 32.94
C ILE Q 69 -24.69 -25.75 31.98
N SER Q 70 -23.83 -26.62 32.48
CA SER Q 70 -23.21 -27.65 31.67
C SER Q 70 -24.01 -28.95 31.77
N GLU Q 71 -23.59 -29.97 31.01
CA GLU Q 71 -24.28 -31.25 31.08
C GLU Q 71 -24.11 -31.93 32.44
N ALA Q 72 -22.96 -31.74 33.07
CA ALA Q 72 -22.73 -32.34 34.39
C ALA Q 72 -23.67 -31.73 35.43
N LYS Q 73 -23.84 -30.40 35.40
CA LYS Q 73 -24.74 -29.76 36.35
C LYS Q 73 -26.20 -30.16 36.09
N ALA Q 74 -26.56 -30.37 34.83
CA ALA Q 74 -27.93 -30.75 34.52
C ALA Q 74 -28.23 -32.15 35.03
N ASP Q 75 -27.25 -33.05 34.94
CA ASP Q 75 -27.49 -34.42 35.43
C ASP Q 75 -27.64 -34.43 36.94
N LYS Q 76 -26.89 -33.58 37.64
CA LYS Q 76 -27.05 -33.54 39.10
C LYS Q 76 -28.44 -33.05 39.50
N ILE Q 77 -29.00 -32.12 38.72
CA ILE Q 77 -30.33 -31.60 39.06
C ILE Q 77 -31.39 -32.69 38.84
N LEU Q 78 -31.37 -33.33 37.67
CA LEU Q 78 -32.42 -34.31 37.38
C LEU Q 78 -32.35 -35.50 38.35
N ALA Q 79 -31.14 -35.92 38.72
CA ALA Q 79 -30.99 -37.06 39.60
C ALA Q 79 -31.56 -36.74 40.98
N GLU Q 80 -31.20 -35.57 41.53
CA GLU Q 80 -31.70 -35.23 42.86
C GLU Q 80 -33.17 -34.85 42.84
N ALA Q 81 -33.70 -34.39 41.71
CA ALA Q 81 -35.11 -34.05 41.63
C ALA Q 81 -35.98 -35.30 41.71
N ALA Q 82 -35.51 -36.41 41.15
CA ALA Q 82 -36.30 -37.64 41.24
C ALA Q 82 -36.42 -38.16 42.67
N LYS Q 83 -35.50 -37.78 43.56
CA LYS Q 83 -35.59 -38.22 44.96
C LYS Q 83 -36.74 -37.53 45.69
N LEU Q 84 -36.92 -36.23 45.45
CA LEU Q 84 -38.01 -35.51 46.10
C LEU Q 84 -39.35 -35.78 45.42
N VAL Q 85 -39.35 -35.88 44.10
CA VAL Q 85 -40.56 -36.17 43.35
C VAL Q 85 -40.41 -37.51 42.65
N GLN Q 104 -64.42 -23.52 35.38
CA GLN Q 104 -64.64 -23.12 33.96
C GLN Q 104 -65.22 -21.71 33.89
N ILE Q 105 -64.46 -20.77 33.35
CA ILE Q 105 -64.91 -19.38 33.24
C ILE Q 105 -65.84 -19.29 32.04
N THR Q 106 -67.07 -18.85 32.27
CA THR Q 106 -68.03 -18.72 31.18
C THR Q 106 -67.55 -17.73 30.12
N THR Q 107 -67.65 -18.13 28.86
CA THR Q 107 -67.37 -17.23 27.75
C THR Q 107 -68.49 -16.20 27.55
N GLY Q 108 -69.66 -16.44 28.12
CA GLY Q 108 -70.83 -15.62 27.87
C GLY Q 108 -71.51 -15.86 26.55
N SER Q 109 -70.94 -16.66 25.66
CA SER Q 109 -71.67 -17.29 24.57
C SER Q 109 -72.06 -18.71 25.00
N LYS Q 110 -73.36 -18.98 25.03
CA LYS Q 110 -73.82 -20.31 25.43
C LYS Q 110 -73.27 -21.37 24.50
N GLU Q 111 -73.34 -21.13 23.19
CA GLU Q 111 -72.81 -22.09 22.23
C GLU Q 111 -71.31 -22.30 22.44
N LEU Q 112 -70.59 -21.22 22.74
CA LEU Q 112 -69.17 -21.36 23.00
C LEU Q 112 -68.91 -22.08 24.31
N ASP Q 113 -69.71 -21.80 25.33
CA ASP Q 113 -69.59 -22.54 26.58
C ASP Q 113 -69.77 -24.05 26.36
N LYS Q 114 -70.78 -24.41 25.57
CA LYS Q 114 -70.97 -25.82 25.23
C LYS Q 114 -69.77 -26.35 24.45
N LEU Q 115 -69.22 -25.53 23.55
CA LEU Q 115 -68.07 -25.96 22.78
C LEU Q 115 -66.90 -26.27 23.69
N LEU Q 116 -66.72 -25.48 24.74
CA LEU Q 116 -65.62 -25.66 25.69
C LEU Q 116 -65.98 -26.58 26.84
N GLN Q 117 -67.18 -27.17 26.84
CA GLN Q 117 -67.66 -27.98 27.95
C GLN Q 117 -67.86 -27.17 29.23
N GLY Q 118 -68.12 -25.87 29.10
CA GLY Q 118 -68.45 -25.05 30.24
C GLY Q 118 -67.58 -23.81 30.39
N GLY Q 119 -66.47 -23.77 29.66
CA GLY Q 119 -65.60 -22.61 29.67
C GLY Q 119 -64.14 -22.99 29.81
N ILE Q 120 -63.30 -21.95 29.76
CA ILE Q 120 -61.84 -22.13 29.86
C ILE Q 120 -61.48 -22.83 31.16
N GLU Q 121 -60.56 -23.79 31.06
CA GLU Q 121 -59.88 -24.31 32.23
C GLU Q 121 -58.88 -23.27 32.75
N THR Q 122 -59.08 -22.82 33.98
CA THR Q 122 -58.04 -22.04 34.65
C THR Q 122 -56.79 -22.88 34.89
N GLY Q 123 -55.65 -22.20 34.96
CA GLY Q 123 -54.37 -22.84 35.14
C GLY Q 123 -53.72 -23.36 33.87
N SER Q 124 -54.27 -23.03 32.71
CA SER Q 124 -53.75 -23.50 31.44
C SER Q 124 -53.89 -22.40 30.39
N ILE Q 125 -53.10 -22.52 29.34
CA ILE Q 125 -53.12 -21.56 28.24
C ILE Q 125 -54.12 -22.02 27.19
N THR Q 126 -55.01 -21.13 26.79
CA THR Q 126 -55.97 -21.38 25.73
C THR Q 126 -55.68 -20.44 24.57
N GLU Q 127 -55.35 -20.99 23.42
CA GLU Q 127 -55.00 -20.19 22.25
C GLU Q 127 -56.16 -20.14 21.28
N MET Q 128 -56.49 -18.93 20.82
CA MET Q 128 -57.48 -18.69 19.78
C MET Q 128 -56.70 -18.08 18.62
N PHE Q 129 -56.47 -18.87 17.58
CA PHE Q 129 -55.80 -18.39 16.38
C PHE Q 129 -56.83 -18.20 15.29
N GLY Q 130 -56.81 -17.01 14.68
CA GLY Q 130 -57.75 -16.70 13.62
C GLY Q 130 -57.34 -15.44 12.91
N GLU Q 131 -58.04 -15.16 11.82
CA GLU Q 131 -57.79 -13.97 11.04
C GLU Q 131 -58.10 -12.73 11.87
N PHE Q 132 -57.64 -11.58 11.37
CA PHE Q 132 -58.00 -10.31 11.98
C PHE Q 132 -59.50 -10.08 11.88
N ARG Q 133 -60.04 -9.34 12.84
CA ARG Q 133 -61.45 -8.97 12.90
C ARG Q 133 -62.36 -10.15 13.17
N THR Q 134 -61.81 -11.31 13.54
CA THR Q 134 -62.60 -12.47 13.90
C THR Q 134 -63.24 -12.32 15.27
N GLY Q 135 -62.76 -11.38 16.08
CA GLY Q 135 -63.27 -11.17 17.42
C GLY Q 135 -62.37 -11.61 18.56
N LYS Q 136 -61.11 -11.95 18.29
CA LYS Q 136 -60.21 -12.29 19.38
C LYS Q 136 -60.23 -11.20 20.45
N THR Q 137 -60.01 -9.96 20.04
CA THR Q 137 -60.02 -8.86 20.99
C THR Q 137 -61.37 -8.72 21.68
N GLN Q 138 -62.46 -8.90 20.93
CA GLN Q 138 -63.79 -8.82 21.53
C GLN Q 138 -63.97 -9.89 22.59
N ILE Q 139 -63.55 -11.13 22.29
CA ILE Q 139 -63.61 -12.20 23.28
C ILE Q 139 -62.78 -11.84 24.51
N CYS Q 140 -61.60 -11.27 24.30
CA CYS Q 140 -60.78 -10.87 25.43
C CYS Q 140 -61.50 -9.85 26.31
N HIS Q 141 -62.07 -8.81 25.69
CA HIS Q 141 -62.80 -7.80 26.46
C HIS Q 141 -63.95 -8.44 27.23
N THR Q 142 -64.68 -9.37 26.60
CA THR Q 142 -65.78 -10.04 27.30
C THR Q 142 -65.26 -10.84 28.50
N LEU Q 143 -64.24 -11.67 28.28
CA LEU Q 143 -63.69 -12.47 29.37
C LEU Q 143 -63.12 -11.63 30.49
N ALA Q 144 -62.62 -10.43 30.18
CA ALA Q 144 -62.02 -9.59 31.21
C ALA Q 144 -63.00 -9.24 32.31
N VAL Q 145 -64.30 -9.28 32.02
CA VAL Q 145 -65.34 -8.96 33.00
C VAL Q 145 -65.97 -10.21 33.58
N THR Q 146 -66.26 -11.20 32.73
CA THR Q 146 -66.91 -12.41 33.20
C THR Q 146 -66.08 -13.18 34.23
N CYS Q 147 -64.75 -13.06 34.16
CA CYS Q 147 -63.92 -13.72 35.17
C CYS Q 147 -64.31 -13.30 36.57
N GLN Q 148 -64.72 -12.03 36.74
CA GLN Q 148 -65.09 -11.54 38.06
C GLN Q 148 -66.44 -12.07 38.51
N LEU Q 149 -67.21 -12.69 37.61
CA LEU Q 149 -68.50 -13.24 37.99
C LEU Q 149 -68.34 -14.33 39.05
N PRO Q 150 -69.36 -14.59 39.84
CA PRO Q 150 -69.29 -15.71 40.78
C PRO Q 150 -69.05 -17.03 40.07
N ILE Q 151 -68.40 -17.95 40.80
CA ILE Q 151 -68.09 -19.26 40.24
C ILE Q 151 -69.39 -20.00 39.88
N ASP Q 152 -70.43 -19.81 40.69
CA ASP Q 152 -71.71 -20.44 40.39
C ASP Q 152 -72.33 -19.88 39.12
N ARG Q 153 -71.91 -18.69 38.69
CA ARG Q 153 -72.39 -18.09 37.45
C ARG Q 153 -71.43 -18.32 36.30
N GLY Q 154 -70.41 -19.16 36.50
CA GLY Q 154 -69.46 -19.43 35.45
C GLY Q 154 -68.22 -18.57 35.48
N GLY Q 155 -68.03 -17.75 36.52
CA GLY Q 155 -66.84 -16.94 36.66
C GLY Q 155 -65.77 -17.63 37.49
N GLY Q 156 -64.70 -16.87 37.77
CA GLY Q 156 -63.65 -17.36 38.63
C GLY Q 156 -63.52 -16.60 39.93
N GLU Q 157 -64.31 -15.55 40.10
CA GLU Q 157 -64.24 -14.69 41.28
C GLU Q 157 -62.82 -14.18 41.52
N GLY Q 158 -62.19 -13.69 40.44
CA GLY Q 158 -60.84 -13.18 40.54
C GLY Q 158 -60.66 -11.98 39.62
N LYS Q 159 -59.62 -11.22 39.90
CA LYS Q 159 -59.34 -10.04 39.09
C LYS Q 159 -58.73 -10.45 37.74
N ALA Q 160 -58.73 -9.51 36.81
CA ALA Q 160 -58.25 -9.72 35.45
C ALA Q 160 -57.01 -8.89 35.14
N MET Q 161 -56.18 -9.42 34.24
CA MET Q 161 -54.96 -8.75 33.79
C MET Q 161 -54.92 -8.69 32.27
N TYR Q 162 -54.90 -7.49 31.74
CA TYR Q 162 -54.90 -7.25 30.30
C TYR Q 162 -53.59 -6.57 29.95
N ILE Q 163 -52.76 -7.28 29.19
CA ILE Q 163 -51.53 -6.74 28.65
C ILE Q 163 -51.77 -6.50 27.17
N ASP Q 164 -51.80 -5.24 26.79
CA ASP Q 164 -52.12 -4.84 25.42
C ASP Q 164 -50.86 -4.40 24.70
N THR Q 165 -50.74 -4.80 23.45
CA THR Q 165 -49.62 -4.41 22.61
C THR Q 165 -50.10 -3.72 21.36
N GLU Q 166 -51.42 -3.55 21.21
CA GLU Q 166 -52.05 -3.15 19.97
C GLU Q 166 -53.01 -1.99 20.14
N GLY Q 167 -53.17 -1.47 21.37
CA GLY Q 167 -54.00 -0.31 21.61
C GLY Q 167 -55.48 -0.57 21.69
N THR Q 168 -55.93 -1.81 21.49
CA THR Q 168 -57.35 -2.10 21.37
C THR Q 168 -58.07 -2.24 22.71
N PHE Q 169 -57.42 -1.87 23.82
CA PHE Q 169 -58.03 -2.02 25.13
C PHE Q 169 -59.07 -0.86 25.53
N ARG Q 170 -60.30 -1.32 25.67
CA ARG Q 170 -61.39 -0.37 25.84
C ARG Q 170 -62.06 -0.62 27.18
N PRO Q 171 -61.85 0.24 28.18
CA PRO Q 171 -62.56 0.03 29.46
C PRO Q 171 -64.07 0.14 29.31
N GLU Q 172 -64.54 0.92 28.34
CA GLU Q 172 -65.98 1.07 28.15
C GLU Q 172 -66.63 -0.22 27.69
N ARG Q 173 -65.90 -1.04 26.90
CA ARG Q 173 -66.41 -2.36 26.56
C ARG Q 173 -66.54 -3.22 27.80
N LEU Q 174 -65.57 -3.09 28.71
CA LEU Q 174 -65.66 -3.81 29.98
C LEU Q 174 -66.87 -3.35 30.76
N LEU Q 175 -67.18 -2.06 30.71
CA LEU Q 175 -68.34 -1.54 31.41
C LEU Q 175 -69.62 -2.10 30.81
N ALA Q 176 -69.67 -2.22 29.48
CA ALA Q 176 -70.83 -2.81 28.82
C ALA Q 176 -71.01 -4.27 29.20
N VAL Q 177 -69.92 -5.03 29.25
CA VAL Q 177 -70.05 -6.42 29.65
C VAL Q 177 -70.48 -6.52 31.12
N ALA Q 178 -69.94 -5.64 31.97
CA ALA Q 178 -70.32 -5.65 33.38
C ALA Q 178 -71.81 -5.36 33.55
N GLU Q 179 -72.33 -4.38 32.82
CA GLU Q 179 -73.76 -4.08 32.91
C GLU Q 179 -74.58 -5.21 32.33
N ARG Q 180 -74.04 -5.93 31.34
CA ARG Q 180 -74.77 -7.09 30.81
C ARG Q 180 -75.04 -8.09 31.92
N TYR Q 181 -74.01 -8.48 32.64
CA TYR Q 181 -74.11 -9.44 33.74
C TYR Q 181 -74.47 -8.76 35.06
N GLY Q 182 -74.74 -7.46 35.06
CA GLY Q 182 -75.11 -6.76 36.27
C GLY Q 182 -73.97 -6.62 37.25
N LEU Q 183 -72.76 -6.37 36.77
CA LEU Q 183 -71.60 -6.11 37.61
C LEU Q 183 -71.29 -4.62 37.59
N SER Q 184 -70.75 -4.12 38.70
CA SER Q 184 -70.39 -2.71 38.78
C SER Q 184 -69.27 -2.41 37.80
N GLY Q 185 -69.56 -1.55 36.82
CA GLY Q 185 -68.55 -1.22 35.82
C GLY Q 185 -67.32 -0.56 36.42
N SER Q 186 -67.51 0.29 37.43
CA SER Q 186 -66.37 0.94 38.08
C SER Q 186 -65.49 -0.06 38.82
N ASP Q 187 -66.11 -1.01 39.51
CA ASP Q 187 -65.32 -2.01 40.23
C ASP Q 187 -64.63 -2.96 39.26
N VAL Q 188 -65.25 -3.22 38.11
CA VAL Q 188 -64.60 -4.05 37.10
C VAL Q 188 -63.32 -3.38 36.63
N LEU Q 189 -63.39 -2.08 36.31
CA LEU Q 189 -62.18 -1.39 35.88
C LEU Q 189 -61.20 -1.27 37.03
N ASP Q 190 -61.70 -1.26 38.27
CA ASP Q 190 -60.85 -1.20 39.45
C ASP Q 190 -60.18 -2.55 39.73
N ASN Q 191 -60.70 -3.63 39.15
CA ASN Q 191 -60.17 -4.96 39.35
C ASN Q 191 -59.44 -5.44 38.11
N VAL Q 192 -59.16 -4.52 37.19
CA VAL Q 192 -58.41 -4.78 35.97
C VAL Q 192 -57.24 -3.81 35.96
N ALA Q 193 -56.03 -4.33 36.03
CA ALA Q 193 -54.84 -3.49 35.95
C ALA Q 193 -54.35 -3.59 34.51
N TYR Q 194 -54.08 -2.44 33.90
CA TYR Q 194 -53.79 -2.41 32.48
C TYR Q 194 -52.46 -1.71 32.25
N ALA Q 195 -51.70 -2.23 31.28
CA ALA Q 195 -50.42 -1.65 30.90
C ALA Q 195 -50.13 -2.13 29.48
N ARG Q 196 -49.63 -1.23 28.64
CA ARG Q 196 -49.37 -1.57 27.24
C ARG Q 196 -47.90 -1.89 27.06
N ALA Q 197 -47.62 -3.08 26.52
CA ALA Q 197 -46.27 -3.51 26.23
C ALA Q 197 -45.86 -2.95 24.88
N PHE Q 198 -44.71 -2.27 24.84
CA PHE Q 198 -44.23 -1.64 23.63
C PHE Q 198 -43.41 -2.56 22.75
N ASN Q 199 -42.88 -3.66 23.30
CA ASN Q 199 -42.06 -4.58 22.53
C ASN Q 199 -42.10 -5.93 23.21
N THR Q 200 -41.42 -6.90 22.61
CA THR Q 200 -41.41 -8.25 23.16
C THR Q 200 -40.67 -8.28 24.49
N ASP Q 201 -39.54 -7.58 24.57
CA ASP Q 201 -38.80 -7.52 25.82
C ASP Q 201 -39.63 -6.86 26.91
N HIS Q 202 -40.33 -5.77 26.57
CA HIS Q 202 -41.22 -5.15 27.55
C HIS Q 202 -42.39 -6.06 27.86
N GLN Q 203 -42.85 -6.82 26.87
CA GLN Q 203 -43.96 -7.75 27.10
C GLN Q 203 -43.57 -8.81 28.12
N THR Q 204 -42.35 -9.34 28.02
CA THR Q 204 -41.88 -10.32 28.98
C THR Q 204 -41.52 -9.69 30.31
N GLN Q 205 -40.99 -8.46 30.30
CA GLN Q 205 -40.59 -7.83 31.55
C GLN Q 205 -41.78 -7.61 32.47
N LEU Q 206 -42.96 -7.39 31.90
CA LEU Q 206 -44.13 -7.18 32.73
C LEU Q 206 -44.48 -8.42 33.53
N LEU Q 207 -44.03 -9.60 33.07
CA LEU Q 207 -44.35 -10.82 33.80
C LEU Q 207 -43.63 -10.85 35.15
N TYR Q 208 -42.46 -10.21 35.25
CA TYR Q 208 -41.80 -10.12 36.55
C TYR Q 208 -42.64 -9.31 37.52
N GLN Q 209 -43.20 -8.19 37.05
CA GLN Q 209 -44.11 -7.44 37.90
C GLN Q 209 -45.40 -8.21 38.11
N ALA Q 210 -45.79 -9.01 37.12
CA ALA Q 210 -47.02 -9.78 37.19
C ALA Q 210 -46.94 -10.85 38.27
N SER Q 211 -45.80 -11.52 38.40
CA SER Q 211 -45.69 -12.58 39.40
C SER Q 211 -45.80 -12.04 40.81
N ALA Q 212 -45.13 -10.91 41.08
CA ALA Q 212 -45.22 -10.35 42.43
C ALA Q 212 -46.59 -9.72 42.68
N MET Q 213 -47.20 -9.13 41.65
CA MET Q 213 -48.49 -8.48 41.81
C MET Q 213 -49.63 -9.48 41.96
N MET Q 214 -49.53 -10.64 41.30
CA MET Q 214 -50.54 -11.69 41.38
C MET Q 214 -50.53 -12.41 42.72
N VAL Q 215 -49.53 -12.13 43.56
CA VAL Q 215 -49.45 -12.74 44.88
C VAL Q 215 -50.31 -11.99 45.88
N GLU Q 216 -50.33 -10.65 45.77
CA GLU Q 216 -51.07 -9.85 46.73
C GLU Q 216 -52.58 -9.89 46.49
N SER Q 217 -53.03 -10.01 45.24
CA SER Q 217 -54.45 -10.07 44.96
C SER Q 217 -54.78 -11.30 44.13
N ARG Q 218 -56.00 -11.80 44.29
CA ARG Q 218 -56.47 -12.94 43.53
C ARG Q 218 -56.85 -12.48 42.13
N TYR Q 219 -56.20 -13.03 41.13
CA TYR Q 219 -56.58 -12.84 39.75
C TYR Q 219 -57.05 -14.17 39.15
N ALA Q 220 -57.79 -14.07 38.05
CA ALA Q 220 -58.36 -15.23 37.39
C ALA Q 220 -58.11 -15.25 35.89
N LEU Q 221 -57.69 -14.14 35.30
CA LEU Q 221 -57.54 -14.06 33.85
C LEU Q 221 -56.38 -13.15 33.51
N LEU Q 222 -55.53 -13.61 32.60
CA LEU Q 222 -54.42 -12.84 32.05
C LEU Q 222 -54.57 -12.77 30.54
N ILE Q 223 -54.66 -11.56 30.00
CA ILE Q 223 -54.86 -11.35 28.58
C ILE Q 223 -53.64 -10.68 27.98
N VAL Q 224 -53.14 -11.26 26.89
CA VAL Q 224 -52.02 -10.72 26.12
C VAL Q 224 -52.52 -10.63 24.68
N ASP Q 225 -52.79 -9.41 24.21
CA ASP Q 225 -53.49 -9.20 22.96
C ASP Q 225 -52.49 -8.77 21.88
N SER Q 226 -52.53 -9.46 20.73
CA SER Q 226 -51.47 -9.42 19.74
C SER Q 226 -50.14 -9.87 20.34
N ALA Q 227 -50.20 -10.96 21.12
CA ALA Q 227 -49.01 -11.47 21.78
C ALA Q 227 -47.88 -11.77 20.81
N THR Q 228 -48.20 -12.22 19.59
CA THR Q 228 -47.19 -12.52 18.60
C THR Q 228 -46.87 -11.35 17.69
N ALA Q 229 -47.62 -10.25 17.77
CA ALA Q 229 -47.39 -9.15 16.84
C ALA Q 229 -46.04 -8.49 17.09
N LEU Q 230 -45.67 -8.33 18.37
CA LEU Q 230 -44.40 -7.67 18.67
C LEU Q 230 -43.20 -8.50 18.26
N TYR Q 231 -43.33 -9.82 18.15
CA TYR Q 231 -42.20 -10.61 17.67
C TYR Q 231 -42.01 -10.49 16.16
N ARG Q 232 -42.99 -9.96 15.44
CA ARG Q 232 -42.85 -9.74 14.01
C ARG Q 232 -42.41 -8.31 13.73
N THR Q 233 -42.91 -7.36 14.53
CA THR Q 233 -42.57 -5.96 14.32
C THR Q 233 -41.18 -5.67 14.89
N ASP Q 234 -40.88 -6.22 16.06
CA ASP Q 234 -39.57 -6.02 16.68
C ASP Q 234 -38.53 -6.79 15.91
N TYR Q 235 -38.66 -8.11 15.88
CA TYR Q 235 -37.73 -9.00 15.18
C TYR Q 235 -38.30 -9.18 13.78
N SER Q 236 -37.84 -8.32 12.85
CA SER Q 236 -38.31 -8.37 11.47
C SER Q 236 -37.30 -8.98 10.52
N GLY Q 237 -36.02 -9.08 10.90
CA GLY Q 237 -35.04 -9.65 10.03
C GLY Q 237 -35.13 -11.16 10.00
N ARG Q 238 -34.33 -11.77 9.12
CA ARG Q 238 -34.32 -13.22 8.98
C ARG Q 238 -33.21 -13.90 9.79
N GLY Q 239 -32.06 -13.26 9.95
CA GLY Q 239 -31.02 -13.81 10.79
C GLY Q 239 -31.35 -13.75 12.27
N GLU Q 240 -32.25 -12.86 12.67
CA GLU Q 240 -32.66 -12.72 14.06
C GLU Q 240 -33.88 -13.56 14.42
N LEU Q 241 -34.28 -14.50 13.56
CA LEU Q 241 -35.47 -15.30 13.85
C LEU Q 241 -35.26 -16.20 15.06
N SER Q 242 -34.10 -16.83 15.15
CA SER Q 242 -33.84 -17.70 16.30
C SER Q 242 -33.88 -16.91 17.59
N ALA Q 243 -33.51 -15.62 17.55
CA ALA Q 243 -33.49 -14.81 18.76
C ALA Q 243 -34.91 -14.56 19.26
N ARG Q 244 -35.82 -14.18 18.34
CA ARG Q 244 -37.20 -13.99 18.76
C ARG Q 244 -37.83 -15.31 19.19
N GLN Q 245 -37.47 -16.42 18.55
CA GLN Q 245 -37.99 -17.70 18.98
C GLN Q 245 -37.52 -18.07 20.39
N MET Q 246 -36.25 -17.82 20.70
CA MET Q 246 -35.77 -18.05 22.06
C MET Q 246 -36.46 -17.14 23.07
N HIS Q 247 -36.61 -15.85 22.76
CA HIS Q 247 -37.27 -14.95 23.69
C HIS Q 247 -38.73 -15.36 23.90
N LEU Q 248 -39.41 -15.73 22.82
CA LEU Q 248 -40.79 -16.19 22.92
C LEU Q 248 -40.86 -17.47 23.73
N ALA Q 249 -39.95 -18.41 23.50
CA ALA Q 249 -39.95 -19.65 24.26
C ALA Q 249 -39.82 -19.38 25.75
N ARG Q 250 -38.88 -18.51 26.14
CA ARG Q 250 -38.75 -18.17 27.56
C ARG Q 250 -40.02 -17.50 28.07
N PHE Q 251 -40.60 -16.62 27.26
CA PHE Q 251 -41.83 -15.95 27.67
C PHE Q 251 -42.95 -16.96 27.90
N LEU Q 252 -43.09 -17.92 26.99
CA LEU Q 252 -44.12 -18.94 27.11
C LEU Q 252 -43.88 -19.81 28.34
N ARG Q 253 -42.63 -20.17 28.60
CA ARG Q 253 -42.33 -20.95 29.80
C ARG Q 253 -42.70 -20.17 31.05
N MET Q 254 -42.40 -18.86 31.06
CA MET Q 254 -42.82 -18.03 32.19
C MET Q 254 -44.33 -18.00 32.33
N LEU Q 255 -45.05 -17.94 31.20
CA LEU Q 255 -46.50 -17.99 31.23
C LEU Q 255 -47.01 -19.29 31.84
N LEU Q 256 -46.46 -20.42 31.37
CA LEU Q 256 -46.87 -21.71 31.92
C LEU Q 256 -46.56 -21.80 33.42
N ARG Q 257 -45.40 -21.29 33.82
CA ARG Q 257 -45.05 -21.30 35.24
C ARG Q 257 -46.05 -20.50 36.04
N LEU Q 258 -46.40 -19.31 35.57
CA LEU Q 258 -47.36 -18.48 36.29
C LEU Q 258 -48.74 -19.13 36.32
N ALA Q 259 -49.12 -19.81 35.23
CA ALA Q 259 -50.41 -20.50 35.20
C ALA Q 259 -50.46 -21.61 36.25
N ASP Q 260 -49.40 -22.42 36.33
CA ASP Q 260 -49.38 -23.48 37.32
C ASP Q 260 -49.19 -22.93 38.73
N GLU Q 261 -48.57 -21.76 38.87
CA GLU Q 261 -48.26 -21.21 40.17
C GLU Q 261 -49.49 -20.56 40.81
N PHE Q 262 -50.21 -19.74 40.05
CA PHE Q 262 -51.34 -19.00 40.57
C PHE Q 262 -52.69 -19.58 40.15
N GLY Q 263 -52.69 -20.60 39.31
CA GLY Q 263 -53.95 -21.20 38.89
C GLY Q 263 -54.84 -20.24 38.11
N VAL Q 264 -54.25 -19.32 37.36
CA VAL Q 264 -55.04 -18.37 36.60
C VAL Q 264 -55.08 -18.81 35.14
N ALA Q 265 -56.04 -18.27 34.42
CA ALA Q 265 -56.20 -18.56 32.99
C ALA Q 265 -55.28 -17.64 32.19
N VAL Q 266 -54.59 -18.20 31.22
CA VAL Q 266 -53.68 -17.45 30.37
C VAL Q 266 -54.25 -17.41 28.97
N VAL Q 267 -54.60 -16.21 28.51
CA VAL Q 267 -55.22 -16.00 27.21
C VAL Q 267 -54.30 -15.14 26.35
N ILE Q 268 -53.91 -15.65 25.18
CA ILE Q 268 -53.06 -14.94 24.24
C ILE Q 268 -53.74 -14.98 22.88
N THR Q 269 -53.61 -13.91 22.11
CA THR Q 269 -54.24 -13.80 20.80
C THR Q 269 -53.19 -13.77 19.71
N ASN Q 270 -53.47 -14.47 18.61
CA ASN Q 270 -52.53 -14.66 17.52
C ASN Q 270 -53.20 -14.29 16.20
N GLN Q 271 -52.52 -13.43 15.44
CA GLN Q 271 -52.95 -13.03 14.12
C GLN Q 271 -52.36 -13.99 13.09
N VAL Q 272 -53.21 -14.50 12.21
CA VAL Q 272 -52.78 -15.41 11.14
C VAL Q 272 -52.99 -14.67 9.83
N VAL Q 273 -51.91 -14.09 9.31
CA VAL Q 273 -51.95 -13.34 8.06
C VAL Q 273 -52.09 -14.32 6.89
N GLY Q 292 -46.44 -20.04 15.89
CA GLY Q 292 -45.31 -20.95 15.86
C GLY Q 292 -45.66 -22.34 16.33
N ASN Q 293 -44.99 -23.35 15.78
CA ASN Q 293 -45.23 -24.73 16.17
C ASN Q 293 -44.78 -25.01 17.60
N ILE Q 294 -43.93 -24.14 18.16
CA ILE Q 294 -43.49 -24.36 19.55
C ILE Q 294 -44.66 -24.21 20.51
N ILE Q 295 -45.61 -23.32 20.20
CA ILE Q 295 -46.71 -23.09 21.12
C ILE Q 295 -47.65 -24.29 21.14
N ALA Q 296 -47.68 -25.08 20.07
CA ALA Q 296 -48.63 -26.19 19.98
C ALA Q 296 -48.52 -27.10 21.20
N HIS Q 297 -47.30 -27.57 21.50
CA HIS Q 297 -47.11 -28.44 22.65
C HIS Q 297 -47.42 -27.70 23.94
N ALA Q 298 -47.25 -26.37 23.94
CA ALA Q 298 -47.39 -25.55 25.13
C ALA Q 298 -48.83 -25.17 25.34
N SER Q 299 -49.53 -24.80 24.28
CA SER Q 299 -50.93 -24.44 24.38
C SER Q 299 -51.75 -25.72 24.52
N THR Q 300 -52.72 -25.69 25.42
CA THR Q 300 -53.59 -26.83 25.66
C THR Q 300 -54.83 -26.86 24.78
N THR Q 301 -55.37 -25.69 24.43
CA THR Q 301 -56.60 -25.62 23.66
C THR Q 301 -56.46 -24.58 22.56
N ARG Q 302 -56.63 -25.03 21.31
CA ARG Q 302 -56.52 -24.17 20.14
C ARG Q 302 -57.91 -23.92 19.59
N LEU Q 303 -58.27 -22.64 19.45
CA LEU Q 303 -59.57 -22.22 18.94
C LEU Q 303 -59.37 -21.47 17.63
N TYR Q 304 -60.08 -21.88 16.60
CA TYR Q 304 -60.03 -21.23 15.30
C TYR Q 304 -61.24 -20.34 15.10
N LEU Q 305 -60.99 -19.07 14.80
CA LEU Q 305 -62.04 -18.09 14.59
C LEU Q 305 -62.06 -17.63 13.13
N ARG Q 306 -63.24 -17.61 12.54
CA ARG Q 306 -63.44 -17.11 11.19
C ARG Q 306 -64.71 -16.27 11.15
N LYS Q 307 -64.75 -15.31 10.23
CA LYS Q 307 -65.85 -14.37 10.17
C LYS Q 307 -67.07 -14.98 9.48
N GLY Q 308 -68.22 -14.84 10.13
CA GLY Q 308 -69.51 -14.86 9.46
C GLY Q 308 -70.01 -13.44 9.24
N ARG Q 309 -70.65 -13.21 8.09
CA ARG Q 309 -70.93 -11.87 7.63
C ARG Q 309 -71.97 -11.19 8.52
N GLY Q 310 -71.95 -9.86 8.49
CA GLY Q 310 -72.47 -9.09 9.62
C GLY Q 310 -71.49 -9.13 10.77
N GLU Q 311 -72.02 -9.24 11.99
CA GLU Q 311 -71.23 -9.21 13.20
C GLU Q 311 -71.19 -10.58 13.88
N THR Q 312 -71.55 -11.63 13.16
CA THR Q 312 -71.69 -12.97 13.71
C THR Q 312 -70.49 -13.81 13.30
N ARG Q 313 -69.82 -14.44 14.27
CA ARG Q 313 -68.55 -15.12 14.06
C ARG Q 313 -68.66 -16.62 14.27
N ILE Q 314 -67.92 -17.37 13.47
CA ILE Q 314 -67.84 -18.83 13.55
C ILE Q 314 -66.58 -19.22 14.30
N CYS Q 315 -66.72 -20.10 15.30
CA CYS Q 315 -65.60 -20.61 16.09
C CYS Q 315 -65.43 -22.11 15.87
N LYS Q 316 -64.17 -22.53 15.72
CA LYS Q 316 -63.83 -23.94 15.53
C LYS Q 316 -62.68 -24.34 16.45
N ILE Q 317 -62.75 -25.55 16.96
CA ILE Q 317 -61.66 -26.13 17.76
C ILE Q 317 -60.84 -26.98 16.81
N TYR Q 318 -59.53 -26.69 16.74
CA TYR Q 318 -58.68 -27.35 15.76
C TYR Q 318 -57.66 -28.30 16.38
N ASP Q 319 -57.41 -28.22 17.67
CA ASP Q 319 -56.81 -29.32 18.43
C ASP Q 319 -57.23 -29.21 19.88
N SER Q 320 -57.64 -30.34 20.47
CA SER Q 320 -57.59 -30.47 21.90
C SER Q 320 -57.48 -31.96 22.23
N PRO Q 321 -56.49 -32.36 23.03
CA PRO Q 321 -56.49 -33.74 23.53
C PRO Q 321 -57.74 -34.14 24.29
N CYS Q 322 -58.41 -33.21 24.97
CA CYS Q 322 -59.68 -33.52 25.64
C CYS Q 322 -60.90 -32.98 24.90
N LEU Q 323 -60.81 -31.81 24.27
CA LEU Q 323 -62.02 -31.29 23.64
C LEU Q 323 -62.10 -31.78 22.18
N PRO Q 324 -63.28 -32.13 21.69
CA PRO Q 324 -63.39 -32.47 20.27
C PRO Q 324 -62.96 -31.31 19.39
N GLU Q 325 -62.46 -31.65 18.20
CA GLU Q 325 -62.52 -30.69 17.10
C GLU Q 325 -63.98 -30.45 16.76
N ALA Q 326 -64.43 -29.22 16.92
CA ALA Q 326 -65.85 -28.92 16.82
C ALA Q 326 -66.02 -27.41 16.61
N GLU Q 327 -67.24 -27.02 16.25
CA GLU Q 327 -67.56 -25.64 16.00
C GLU Q 327 -68.84 -25.22 16.71
N ALA Q 328 -68.91 -23.93 17.00
CA ALA Q 328 -70.05 -23.33 17.67
C ALA Q 328 -70.16 -21.92 17.10
N MET Q 329 -71.39 -21.45 16.92
CA MET Q 329 -71.61 -20.14 16.32
C MET Q 329 -71.94 -19.13 17.41
N PHE Q 330 -71.35 -17.94 17.31
CA PHE Q 330 -71.59 -16.87 18.27
C PHE Q 330 -71.55 -15.54 17.53
N ALA Q 331 -71.96 -14.49 18.23
CA ALA Q 331 -72.02 -13.15 17.68
C ALA Q 331 -71.28 -12.19 18.60
N ILE Q 332 -70.96 -11.01 18.08
CA ILE Q 332 -70.31 -9.96 18.84
C ILE Q 332 -71.31 -8.83 18.98
N ASN Q 333 -71.85 -8.67 20.18
CA ASN Q 333 -72.96 -7.77 20.44
C ASN Q 333 -72.49 -6.62 21.33
N ALA Q 334 -73.18 -5.48 21.21
CA ALA Q 334 -72.79 -4.29 21.96
C ALA Q 334 -72.62 -4.61 23.45
N ASP Q 335 -73.58 -5.31 24.05
CA ASP Q 335 -73.42 -5.70 25.45
C ASP Q 335 -72.27 -6.68 25.65
N GLY Q 336 -72.01 -7.54 24.66
CA GLY Q 336 -71.42 -8.82 24.95
C GLY Q 336 -70.77 -9.45 23.73
N VAL Q 337 -69.92 -10.43 24.00
CA VAL Q 337 -69.63 -11.49 23.05
C VAL Q 337 -70.57 -12.65 23.35
N GLY Q 338 -71.43 -12.97 22.39
CA GLY Q 338 -72.71 -13.58 22.70
C GLY Q 338 -73.18 -14.39 21.50
N ASP Q 339 -74.06 -15.33 21.77
CA ASP Q 339 -74.39 -16.33 20.76
C ASP Q 339 -75.12 -15.68 19.59
N ALA Q 340 -74.96 -16.29 18.42
CA ALA Q 340 -75.65 -15.82 17.24
C ALA Q 340 -77.15 -16.05 17.37
N LYS Q 341 -77.94 -15.02 17.05
CA LYS Q 341 -79.39 -15.06 17.20
C LYS Q 341 -80.01 -14.54 15.90
N ASP Q 342 -80.07 -15.43 14.92
CA ASP Q 342 -80.63 -15.10 13.61
C ASP Q 342 -81.99 -14.42 13.74
N GLY R 24 -31.61 -60.09 20.56
CA GLY R 24 -31.71 -58.78 21.28
C GLY R 24 -30.41 -58.00 21.42
N PRO R 25 -30.44 -57.01 22.32
CA PRO R 25 -29.26 -56.20 22.62
C PRO R 25 -28.29 -56.90 23.55
N GLN R 26 -27.05 -56.41 23.52
CA GLN R 26 -25.99 -56.84 24.44
C GLN R 26 -25.38 -55.56 25.05
N PRO R 27 -26.02 -54.97 26.07
CA PRO R 27 -25.59 -53.65 26.60
C PRO R 27 -24.09 -53.47 26.88
N ILE R 28 -23.60 -52.26 26.57
CA ILE R 28 -22.17 -51.89 26.45
C ILE R 28 -21.40 -51.99 27.75
N SER R 29 -22.09 -52.08 28.89
CA SER R 29 -21.47 -52.28 30.20
C SER R 29 -20.42 -53.39 30.22
N ARG R 30 -20.68 -54.50 29.53
CA ARG R 30 -19.74 -55.63 29.47
C ARG R 30 -18.44 -55.27 28.76
N LEU R 31 -18.49 -54.28 27.87
CA LEU R 31 -17.28 -53.80 27.19
C LEU R 31 -16.28 -53.18 28.17
N GLU R 32 -16.77 -52.56 29.25
CA GLU R 32 -15.88 -51.95 30.24
C GLU R 32 -15.10 -53.01 31.02
N GLN R 33 -15.66 -54.23 31.17
CA GLN R 33 -14.96 -55.30 31.90
C GLN R 33 -13.76 -55.81 31.13
N CYS R 34 -13.72 -55.58 29.83
CA CYS R 34 -12.56 -55.90 29.00
C CYS R 34 -11.37 -54.99 29.28
N GLY R 35 -11.57 -53.88 29.98
CA GLY R 35 -10.51 -52.97 30.39
C GLY R 35 -10.47 -51.65 29.64
N ILE R 36 -11.43 -51.37 28.74
CA ILE R 36 -11.78 -49.98 28.43
C ILE R 36 -12.11 -49.30 29.75
N ASN R 37 -11.56 -48.11 29.98
CA ASN R 37 -11.91 -47.38 31.20
C ASN R 37 -13.36 -46.94 31.13
N ALA R 38 -14.01 -46.80 32.29
CA ALA R 38 -15.44 -46.50 32.31
C ALA R 38 -15.76 -45.10 31.78
N ASN R 39 -14.82 -44.16 31.88
CA ASN R 39 -15.06 -42.81 31.35
C ASN R 39 -15.21 -42.82 29.83
N ASP R 40 -14.38 -43.62 29.15
CA ASP R 40 -14.51 -43.73 27.70
C ASP R 40 -15.83 -44.40 27.30
N VAL R 41 -16.33 -45.29 28.15
CA VAL R 41 -17.62 -45.90 27.88
C VAL R 41 -18.73 -44.86 28.02
N LYS R 42 -18.57 -43.94 28.97
CA LYS R 42 -19.57 -42.89 29.11
C LYS R 42 -19.63 -42.02 27.87
N LYS R 43 -18.47 -41.77 27.25
CA LYS R 43 -18.47 -40.99 26.01
C LYS R 43 -19.20 -41.74 24.90
N LEU R 44 -19.12 -43.08 24.89
CA LEU R 44 -19.84 -43.82 23.86
C LEU R 44 -21.35 -43.77 24.06
N GLU R 45 -21.80 -43.78 25.33
CA GLU R 45 -23.23 -43.70 25.58
C GLU R 45 -23.77 -42.32 25.21
N GLU R 46 -22.99 -41.27 25.53
CA GLU R 46 -23.27 -39.91 25.07
C GLU R 46 -23.37 -39.80 23.56
N ALA R 47 -22.45 -40.49 22.86
CA ALA R 47 -22.53 -40.57 21.41
C ALA R 47 -23.80 -41.28 20.95
N GLY R 48 -24.31 -42.21 21.76
CA GLY R 48 -25.57 -42.88 21.50
C GLY R 48 -25.38 -44.37 21.25
N PHE R 49 -24.22 -44.88 21.63
CA PHE R 49 -23.90 -46.31 21.54
C PHE R 49 -24.07 -46.91 22.93
N HIS R 50 -24.98 -47.89 23.05
CA HIS R 50 -25.36 -48.43 24.35
C HIS R 50 -25.19 -49.94 24.46
N THR R 51 -24.73 -50.61 23.41
CA THR R 51 -24.52 -52.06 23.41
C THR R 51 -23.17 -52.37 22.79
N VAL R 52 -22.67 -53.57 23.12
CA VAL R 52 -21.43 -54.07 22.52
C VAL R 52 -21.60 -54.34 21.02
N GLU R 53 -22.80 -54.77 20.63
CA GLU R 53 -23.17 -54.84 19.21
C GLU R 53 -23.01 -53.50 18.49
N ALA R 54 -23.34 -52.40 19.20
CA ALA R 54 -23.38 -51.08 18.59
C ALA R 54 -21.98 -50.58 18.28
N VAL R 55 -21.06 -50.71 19.24
CA VAL R 55 -19.68 -50.30 19.03
C VAL R 55 -19.04 -51.20 17.98
N ALA R 56 -19.41 -52.49 17.98
CA ALA R 56 -18.67 -53.53 17.26
C ALA R 56 -18.79 -53.42 15.74
N TYR R 57 -20.01 -53.46 15.19
CA TYR R 57 -20.11 -53.36 13.72
C TYR R 57 -20.18 -51.91 13.22
N ALA R 58 -19.05 -51.20 13.40
CA ALA R 58 -18.76 -49.91 12.77
C ALA R 58 -17.25 -49.75 12.56
N PRO R 59 -16.81 -48.98 11.49
CA PRO R 59 -15.36 -48.74 11.28
C PRO R 59 -14.74 -47.73 12.26
N LYS R 60 -13.42 -47.47 12.15
CA LYS R 60 -12.69 -46.63 13.12
C LYS R 60 -13.18 -45.17 13.22
N LYS R 61 -13.62 -44.58 12.11
CA LYS R 61 -13.77 -43.12 12.14
C LYS R 61 -14.91 -42.67 13.02
N GLU R 62 -15.90 -43.53 13.27
CA GLU R 62 -17.03 -43.11 14.08
C GLU R 62 -16.55 -42.79 15.49
N LEU R 63 -15.75 -43.68 16.09
CA LEU R 63 -15.31 -43.48 17.48
C LEU R 63 -14.27 -42.39 17.58
N ILE R 64 -13.45 -42.19 16.54
CA ILE R 64 -12.43 -41.14 16.62
C ILE R 64 -13.06 -39.75 16.64
N ASN R 65 -14.15 -39.57 15.89
CA ASN R 65 -14.81 -38.26 15.82
C ASN R 65 -15.42 -37.84 17.15
N ILE R 66 -15.62 -38.77 18.07
CA ILE R 66 -16.16 -38.43 19.38
C ILE R 66 -15.13 -37.61 20.15
N LYS R 67 -15.60 -36.60 20.89
CA LYS R 67 -14.69 -35.74 21.63
C LYS R 67 -13.95 -36.53 22.71
N GLY R 68 -12.65 -36.31 22.82
CA GLY R 68 -11.86 -36.97 23.83
C GLY R 68 -11.56 -38.43 23.56
N ILE R 69 -11.43 -38.82 22.29
CA ILE R 69 -11.10 -40.19 21.92
C ILE R 69 -10.04 -40.15 20.82
N SER R 70 -8.90 -40.77 21.07
CA SER R 70 -7.81 -40.81 20.11
C SER R 70 -7.91 -42.09 19.27
N GLU R 71 -7.01 -42.23 18.29
CA GLU R 71 -6.99 -43.42 17.46
C GLU R 71 -6.60 -44.67 18.26
N ALA R 72 -5.72 -44.51 19.24
CA ALA R 72 -5.31 -45.65 20.06
C ALA R 72 -6.48 -46.17 20.90
N LYS R 73 -7.26 -45.25 21.49
CA LYS R 73 -8.41 -45.68 22.28
C LYS R 73 -9.49 -46.33 21.39
N ALA R 74 -9.63 -45.83 20.16
CA ALA R 74 -10.64 -46.40 19.27
C ALA R 74 -10.26 -47.84 18.87
N ASP R 75 -8.96 -48.08 18.67
CA ASP R 75 -8.55 -49.43 18.29
C ASP R 75 -8.76 -50.41 19.44
N LYS R 76 -8.55 -49.95 20.68
CA LYS R 76 -8.80 -50.86 21.81
C LYS R 76 -10.28 -51.22 21.92
N ILE R 77 -11.17 -50.29 21.58
CA ILE R 77 -12.60 -50.59 21.68
C ILE R 77 -12.99 -51.60 20.61
N LEU R 78 -12.61 -51.37 19.35
CA LEU R 78 -13.03 -52.27 18.28
C LEU R 78 -12.46 -53.68 18.47
N ALA R 79 -11.21 -53.77 18.95
CA ALA R 79 -10.60 -55.08 19.14
C ALA R 79 -11.33 -55.87 20.22
N GLU R 80 -11.60 -55.23 21.36
CA GLU R 80 -12.28 -55.96 22.43
C GLU R 80 -13.76 -56.20 22.13
N ALA R 81 -14.37 -55.37 21.29
CA ALA R 81 -15.77 -55.58 20.93
C ALA R 81 -15.94 -56.82 20.08
N ALA R 82 -14.96 -57.13 19.21
CA ALA R 82 -15.07 -58.34 18.41
C ALA R 82 -15.01 -59.62 19.25
N LYS R 83 -14.44 -59.56 20.46
CA LYS R 83 -14.38 -60.73 21.32
C LYS R 83 -15.77 -61.07 21.88
N LEU R 84 -16.53 -60.07 22.28
CA LEU R 84 -17.87 -60.32 22.81
C LEU R 84 -18.88 -60.59 21.69
N VAL R 85 -18.75 -59.87 20.58
CA VAL R 85 -19.63 -60.05 19.45
C VAL R 85 -18.82 -60.54 18.25
N GLN R 104 -43.84 -60.26 10.71
CA GLN R 104 -44.19 -59.34 9.59
C GLN R 104 -45.53 -58.68 9.81
N ILE R 105 -45.51 -57.37 10.03
CA ILE R 105 -46.74 -56.61 10.27
C ILE R 105 -47.43 -56.38 8.93
N THR R 106 -48.67 -56.84 8.81
CA THR R 106 -49.42 -56.67 7.57
C THR R 106 -49.61 -55.20 7.25
N THR R 107 -49.35 -54.84 5.99
CA THR R 107 -49.65 -53.50 5.49
C THR R 107 -51.14 -53.29 5.29
N GLY R 108 -51.93 -54.36 5.21
CA GLY R 108 -53.33 -54.28 4.86
C GLY R 108 -53.60 -54.09 3.39
N SER R 109 -52.59 -53.84 2.56
CA SER R 109 -52.67 -54.06 1.13
C SER R 109 -52.09 -55.43 0.81
N LYS R 110 -52.90 -56.31 0.22
CA LYS R 110 -52.42 -57.64 -0.12
C LYS R 110 -51.25 -57.55 -1.09
N GLU R 111 -51.38 -56.73 -2.13
CA GLU R 111 -50.29 -56.57 -3.09
C GLU R 111 -49.03 -56.06 -2.41
N LEU R 112 -49.19 -55.12 -1.47
CA LEU R 112 -48.04 -54.61 -0.74
C LEU R 112 -47.46 -55.67 0.19
N ASP R 113 -48.31 -56.46 0.84
CA ASP R 113 -47.83 -57.55 1.66
C ASP R 113 -47.00 -58.52 0.84
N LYS R 114 -47.47 -58.87 -0.36
CA LYS R 114 -46.68 -59.73 -1.24
C LYS R 114 -45.38 -59.04 -1.63
N LEU R 115 -45.43 -57.72 -1.87
CA LEU R 115 -44.22 -57.00 -2.23
C LEU R 115 -43.19 -57.09 -1.11
N LEU R 116 -43.63 -57.03 0.14
CA LEU R 116 -42.74 -57.09 1.29
C LEU R 116 -42.50 -58.52 1.77
N GLN R 117 -43.03 -59.52 1.09
CA GLN R 117 -42.95 -60.92 1.52
C GLN R 117 -43.71 -61.17 2.82
N GLY R 118 -44.73 -60.37 3.10
CA GLY R 118 -45.59 -60.60 4.24
C GLY R 118 -45.74 -59.41 5.16
N GLY R 119 -44.87 -58.41 5.01
CA GLY R 119 -44.96 -57.20 5.79
C GLY R 119 -43.60 -56.76 6.34
N ILE R 120 -43.63 -55.61 7.01
CA ILE R 120 -42.42 -55.04 7.60
C ILE R 120 -41.77 -56.02 8.57
N GLU R 121 -40.46 -56.13 8.48
CA GLU R 121 -39.67 -56.75 9.54
C GLU R 121 -39.62 -55.82 10.74
N THR R 122 -40.13 -56.27 11.88
CA THR R 122 -39.89 -55.59 13.15
C THR R 122 -38.41 -55.62 13.50
N GLY R 123 -37.99 -54.63 14.27
CA GLY R 123 -36.62 -54.48 14.69
C GLY R 123 -35.71 -53.82 13.68
N SER R 124 -36.26 -53.24 12.61
CA SER R 124 -35.48 -52.61 11.57
C SER R 124 -36.21 -51.39 11.05
N ILE R 125 -35.47 -50.49 10.43
CA ILE R 125 -36.03 -49.27 9.86
C ILE R 125 -36.42 -49.53 8.42
N THR R 126 -37.66 -49.18 8.06
CA THR R 126 -38.15 -49.28 6.69
C THR R 126 -38.47 -47.88 6.19
N GLU R 127 -37.78 -47.45 5.15
CA GLU R 127 -37.95 -46.12 4.60
C GLU R 127 -38.81 -46.16 3.35
N MET R 128 -39.80 -45.28 3.29
CA MET R 128 -40.65 -45.08 2.12
C MET R 128 -40.38 -43.64 1.67
N PHE R 129 -39.62 -43.48 0.61
CA PHE R 129 -39.33 -42.17 0.04
C PHE R 129 -40.17 -41.98 -1.21
N GLY R 130 -40.88 -40.86 -1.28
CA GLY R 130 -41.73 -40.58 -2.42
C GLY R 130 -42.19 -39.14 -2.37
N GLU R 131 -42.82 -38.73 -3.46
CA GLU R 131 -43.34 -37.38 -3.58
C GLU R 131 -44.45 -37.17 -2.54
N PHE R 132 -44.80 -35.90 -2.34
CA PHE R 132 -45.93 -35.56 -1.49
C PHE R 132 -47.22 -36.13 -2.08
N ARG R 133 -48.17 -36.44 -1.20
CA ARG R 133 -49.48 -36.95 -1.56
C ARG R 133 -49.44 -38.36 -2.14
N THR R 134 -48.29 -39.03 -2.04
CA THR R 134 -48.17 -40.41 -2.49
C THR R 134 -48.84 -41.38 -1.53
N GLY R 135 -49.13 -40.95 -0.30
CA GLY R 135 -49.75 -41.79 0.70
C GLY R 135 -48.86 -42.22 1.84
N LYS R 136 -47.65 -41.66 1.98
CA LYS R 136 -46.82 -42.00 3.12
C LYS R 136 -47.61 -41.87 4.41
N THR R 137 -48.23 -40.71 4.63
CA THR R 137 -49.00 -40.48 5.85
C THR R 137 -50.16 -41.48 5.94
N GLN R 138 -50.82 -41.74 4.82
CA GLN R 138 -51.93 -42.70 4.82
C GLN R 138 -51.44 -44.08 5.24
N ILE R 139 -50.31 -44.52 4.70
CA ILE R 139 -49.73 -45.80 5.10
C ILE R 139 -49.42 -45.80 6.59
N CYS R 140 -48.86 -44.69 7.09
CA CYS R 140 -48.58 -44.60 8.53
C CYS R 140 -49.84 -44.77 9.36
N HIS R 141 -50.91 -44.04 9.01
CA HIS R 141 -52.16 -44.17 9.74
C HIS R 141 -52.67 -45.60 9.70
N THR R 142 -52.60 -46.25 8.54
CA THR R 142 -53.03 -47.64 8.45
C THR R 142 -52.21 -48.55 9.36
N LEU R 143 -50.88 -48.46 9.26
CA LEU R 143 -50.01 -49.29 10.08
C LEU R 143 -50.20 -49.04 11.57
N ALA R 144 -50.56 -47.82 11.94
CA ALA R 144 -50.72 -47.51 13.36
C ALA R 144 -51.77 -48.36 14.04
N VAL R 145 -52.72 -48.91 13.27
CA VAL R 145 -53.78 -49.76 13.81
C VAL R 145 -53.49 -51.23 13.59
N THR R 146 -53.03 -51.59 12.39
CA THR R 146 -52.76 -52.99 12.06
C THR R 146 -51.71 -53.61 12.97
N CYS R 147 -50.76 -52.82 13.48
CA CYS R 147 -49.77 -53.36 14.41
C CYS R 147 -50.43 -54.03 15.59
N GLN R 148 -51.57 -53.50 16.05
CA GLN R 148 -52.26 -54.07 17.20
C GLN R 148 -52.98 -55.37 16.85
N LEU R 149 -53.11 -55.69 15.56
CA LEU R 149 -53.77 -56.93 15.17
C LEU R 149 -52.99 -58.13 15.71
N PRO R 150 -53.66 -59.27 15.87
CA PRO R 150 -52.95 -60.48 16.27
C PRO R 150 -51.86 -60.86 15.28
N ILE R 151 -50.83 -61.52 15.80
CA ILE R 151 -49.72 -61.94 14.95
C ILE R 151 -50.20 -62.91 13.88
N ASP R 152 -51.17 -63.75 14.21
CA ASP R 152 -51.71 -64.68 13.23
C ASP R 152 -52.47 -63.94 12.12
N ARG R 153 -52.88 -62.70 12.38
CA ARG R 153 -53.56 -61.88 11.37
C ARG R 153 -52.59 -60.92 10.70
N GLY R 154 -51.30 -61.06 10.94
CA GLY R 154 -50.32 -60.18 10.34
C GLY R 154 -49.94 -58.98 11.16
N GLY R 155 -50.38 -58.90 12.42
CA GLY R 155 -50.01 -57.82 13.30
C GLY R 155 -48.82 -58.17 14.17
N GLY R 156 -48.51 -57.27 15.10
CA GLY R 156 -47.44 -57.51 16.05
C GLY R 156 -47.92 -57.63 17.49
N GLU R 157 -49.21 -57.44 17.71
CA GLU R 157 -49.78 -57.46 19.06
C GLU R 157 -49.05 -56.51 20.00
N GLY R 158 -48.82 -55.29 19.53
CA GLY R 158 -48.14 -54.30 20.34
C GLY R 158 -48.70 -52.92 20.07
N LYS R 159 -48.42 -52.02 21.00
CA LYS R 159 -48.91 -50.65 20.87
C LYS R 159 -48.10 -49.89 19.82
N ALA R 160 -48.64 -48.76 19.38
CA ALA R 160 -48.05 -47.92 18.36
C ALA R 160 -47.61 -46.56 18.89
N MET R 161 -46.59 -45.99 18.26
CA MET R 161 -46.07 -44.68 18.61
C MET R 161 -45.96 -43.81 17.37
N TYR R 162 -46.69 -42.70 17.39
CA TYR R 162 -46.76 -41.77 16.26
C TYR R 162 -46.17 -40.46 16.73
N ILE R 163 -45.03 -40.09 16.15
CA ILE R 163 -44.40 -38.80 16.39
C ILE R 163 -44.64 -37.97 15.14
N ASP R 164 -45.46 -36.94 15.28
CA ASP R 164 -45.86 -36.12 14.15
C ASP R 164 -45.14 -34.78 14.21
N THR R 165 -44.71 -34.30 13.05
CA THR R 165 -44.04 -33.02 12.93
C THR R 165 -44.79 -32.13 11.94
N GLU R 166 -45.89 -32.62 11.37
CA GLU R 166 -46.54 -32.02 10.23
C GLU R 166 -48.04 -31.83 10.44
N GLY R 167 -48.57 -32.22 11.60
CA GLY R 167 -49.97 -32.01 11.93
C GLY R 167 -50.93 -32.99 11.31
N THR R 168 -50.46 -33.94 10.51
CA THR R 168 -51.35 -34.82 9.73
C THR R 168 -51.89 -35.99 10.54
N PHE R 169 -51.70 -36.00 11.85
CA PHE R 169 -52.17 -37.13 12.66
C PHE R 169 -53.68 -37.03 12.82
N ARG R 170 -54.37 -38.12 12.50
CA ARG R 170 -55.83 -38.15 12.55
C ARG R 170 -56.28 -39.38 13.34
N PRO R 171 -56.74 -39.24 14.58
CA PRO R 171 -57.22 -40.43 15.30
C PRO R 171 -58.43 -41.06 14.64
N GLU R 172 -59.24 -40.26 13.92
CA GLU R 172 -60.41 -40.80 13.26
C GLU R 172 -60.03 -41.76 12.13
N ARG R 173 -58.91 -41.50 11.44
CA ARG R 173 -58.43 -42.45 10.46
C ARG R 173 -58.05 -43.76 11.13
N LEU R 174 -57.46 -43.67 12.32
CA LEU R 174 -57.15 -44.87 13.08
C LEU R 174 -58.42 -45.62 13.44
N LEU R 175 -59.48 -44.88 13.77
CA LEU R 175 -60.75 -45.52 14.09
C LEU R 175 -61.31 -46.24 12.87
N ALA R 176 -61.19 -45.61 11.69
CA ALA R 176 -61.65 -46.24 10.46
C ALA R 176 -60.87 -47.53 10.16
N VAL R 177 -59.56 -47.50 10.34
CA VAL R 177 -58.78 -48.71 10.12
C VAL R 177 -59.15 -49.78 11.14
N ALA R 178 -59.35 -49.37 12.40
CA ALA R 178 -59.73 -50.34 13.43
C ALA R 178 -61.05 -51.01 13.11
N GLU R 179 -62.04 -50.22 12.66
CA GLU R 179 -63.32 -50.81 12.28
C GLU R 179 -63.18 -51.69 11.04
N ARG R 180 -62.25 -51.36 10.15
CA ARG R 180 -62.02 -52.22 8.99
C ARG R 180 -61.66 -53.62 9.44
N TYR R 181 -60.66 -53.73 10.31
CA TYR R 181 -60.20 -55.01 10.84
C TYR R 181 -61.00 -55.47 12.06
N GLY R 182 -62.03 -54.73 12.43
CA GLY R 182 -62.85 -55.11 13.57
C GLY R 182 -62.13 -54.96 14.90
N LEU R 183 -61.35 -53.91 15.06
CA LEU R 183 -60.69 -53.58 16.32
C LEU R 183 -61.42 -52.42 16.98
N SER R 184 -61.39 -52.41 18.31
CA SER R 184 -62.04 -51.32 19.05
C SER R 184 -61.31 -50.01 18.77
N GLY R 185 -62.01 -49.06 18.17
CA GLY R 185 -61.40 -47.78 17.84
C GLY R 185 -60.92 -47.03 19.07
N SER R 186 -61.68 -47.11 20.17
CA SER R 186 -61.29 -46.43 21.39
C SER R 186 -60.02 -47.04 21.98
N ASP R 187 -59.92 -48.37 21.97
CA ASP R 187 -58.72 -49.01 22.51
C ASP R 187 -57.53 -48.77 21.61
N VAL R 188 -57.75 -48.63 20.30
CA VAL R 188 -56.65 -48.31 19.40
C VAL R 188 -56.08 -46.95 19.75
N LEU R 189 -56.94 -45.95 19.94
CA LEU R 189 -56.44 -44.64 20.31
C LEU R 189 -55.84 -44.67 21.71
N ASP R 190 -56.31 -45.58 22.55
CA ASP R 190 -55.78 -45.75 23.90
C ASP R 190 -54.42 -46.44 23.89
N ASN R 191 -54.09 -47.12 22.80
CA ASN R 191 -52.84 -47.84 22.67
C ASN R 191 -51.89 -47.12 21.74
N VAL R 192 -52.21 -45.87 21.41
CA VAL R 192 -51.38 -45.00 20.59
C VAL R 192 -51.13 -43.74 21.40
N ALA R 193 -49.87 -43.49 21.74
CA ALA R 193 -49.50 -42.28 22.44
C ALA R 193 -48.97 -41.32 21.39
N TYR R 194 -49.46 -40.09 21.41
CA TYR R 194 -49.16 -39.15 20.34
C TYR R 194 -48.59 -37.88 20.93
N ALA R 195 -47.62 -37.30 20.23
CA ALA R 195 -46.99 -36.05 20.61
C ALA R 195 -46.36 -35.46 19.36
N ARG R 196 -46.51 -34.15 19.18
CA ARG R 196 -46.00 -33.49 17.99
C ARG R 196 -44.66 -32.84 18.29
N ALA R 197 -43.66 -33.20 17.50
CA ALA R 197 -42.32 -32.63 17.62
C ALA R 197 -42.28 -31.31 16.85
N PHE R 198 -41.84 -30.26 17.52
CA PHE R 198 -41.81 -28.93 16.93
C PHE R 198 -40.53 -28.65 16.16
N ASN R 199 -39.46 -29.40 16.42
CA ASN R 199 -38.18 -29.18 15.75
C ASN R 199 -37.38 -30.47 15.81
N THR R 200 -36.21 -30.44 15.19
CA THR R 200 -35.36 -31.63 15.15
C THR R 200 -34.86 -31.98 16.55
N ASP R 201 -34.46 -30.97 17.32
CA ASP R 201 -34.03 -31.22 18.69
C ASP R 201 -35.15 -31.79 19.53
N HIS R 202 -36.37 -31.26 19.37
CA HIS R 202 -37.51 -31.82 20.08
C HIS R 202 -37.83 -33.21 19.55
N GLN R 203 -37.62 -33.42 18.24
CA GLN R 203 -37.88 -34.73 17.66
C GLN R 203 -36.98 -35.78 18.28
N THR R 204 -35.70 -35.45 18.46
CA THR R 204 -34.76 -36.38 19.08
C THR R 204 -34.99 -36.49 20.59
N GLN R 205 -35.38 -35.39 21.24
CA GLN R 205 -35.56 -35.43 22.69
C GLN R 205 -36.67 -36.40 23.08
N LEU R 206 -37.68 -36.56 22.22
CA LEU R 206 -38.76 -37.46 22.53
C LEU R 206 -38.27 -38.90 22.61
N LEU R 207 -37.14 -39.21 21.96
CA LEU R 207 -36.64 -40.58 22.00
C LEU R 207 -36.18 -40.96 23.40
N TYR R 208 -35.70 -39.98 24.17
CA TYR R 208 -35.33 -40.28 25.55
C TYR R 208 -36.56 -40.69 26.36
N GLN R 209 -37.68 -39.97 26.15
CA GLN R 209 -38.91 -40.41 26.79
C GLN R 209 -39.40 -41.71 26.18
N ALA R 210 -39.13 -41.90 24.89
CA ALA R 210 -39.57 -43.09 24.19
C ALA R 210 -38.89 -44.34 24.73
N SER R 211 -37.60 -44.27 25.03
CA SER R 211 -36.89 -45.45 25.51
C SER R 211 -37.43 -45.90 26.86
N ALA R 212 -37.67 -44.96 27.77
CA ALA R 212 -38.19 -45.35 29.07
C ALA R 212 -39.65 -45.78 28.98
N MET R 213 -40.42 -45.14 28.11
CA MET R 213 -41.84 -45.47 27.98
C MET R 213 -42.07 -46.80 27.28
N MET R 214 -41.21 -47.17 26.33
CA MET R 214 -41.31 -48.43 25.61
C MET R 214 -40.92 -49.62 26.47
N VAL R 215 -40.39 -49.38 27.67
CA VAL R 215 -40.01 -50.45 28.59
C VAL R 215 -41.23 -50.93 29.38
N GLU R 216 -42.10 -50.00 29.77
CA GLU R 216 -43.25 -50.36 30.59
C GLU R 216 -44.35 -51.04 29.78
N SER R 217 -44.54 -50.68 28.51
CA SER R 217 -45.56 -51.30 27.70
C SER R 217 -44.96 -51.84 26.42
N ARG R 218 -45.58 -52.89 25.89
CA ARG R 218 -45.15 -53.49 24.63
C ARG R 218 -45.65 -52.62 23.49
N TYR R 219 -44.72 -52.12 22.68
CA TYR R 219 -45.05 -51.45 21.44
C TYR R 219 -44.51 -52.24 20.27
N ALA R 220 -45.06 -51.97 19.09
CA ALA R 220 -44.72 -52.69 17.88
C ALA R 220 -44.41 -51.76 16.71
N LEU R 221 -44.76 -50.49 16.79
CA LEU R 221 -44.61 -49.58 15.66
C LEU R 221 -44.29 -48.19 16.17
N LEU R 222 -43.28 -47.56 15.56
CA LEU R 222 -42.89 -46.19 15.83
C LEU R 222 -42.96 -45.41 14.52
N ILE R 223 -43.77 -44.36 14.49
CA ILE R 223 -43.98 -43.56 13.29
C ILE R 223 -43.43 -42.15 13.51
N VAL R 224 -42.61 -41.69 12.58
CA VAL R 224 -42.05 -40.34 12.56
C VAL R 224 -42.39 -39.77 11.20
N ASP R 225 -43.35 -38.84 11.16
CA ASP R 225 -43.94 -38.39 9.90
C ASP R 225 -43.38 -37.01 9.55
N SER R 226 -42.90 -36.88 8.32
CA SER R 226 -42.04 -35.76 7.92
C SER R 226 -40.78 -35.71 8.77
N ALA R 227 -40.18 -36.88 8.99
CA ALA R 227 -38.98 -36.96 9.82
C ALA R 227 -37.87 -36.04 9.33
N THR R 228 -37.74 -35.86 8.02
CA THR R 228 -36.71 -35.00 7.47
C THR R 228 -37.16 -33.56 7.26
N ALA R 229 -38.44 -33.27 7.44
CA ALA R 229 -38.92 -31.92 7.17
C ALA R 229 -38.33 -30.92 8.16
N LEU R 230 -38.24 -31.30 9.44
CA LEU R 230 -37.73 -30.37 10.43
C LEU R 230 -36.24 -30.08 10.24
N TYR R 231 -35.48 -30.97 9.60
CA TYR R 231 -34.09 -30.65 9.35
C TYR R 231 -33.92 -29.66 8.20
N ARG R 232 -34.96 -29.43 7.41
CA ARG R 232 -34.89 -28.44 6.35
C ARG R 232 -35.46 -27.11 6.81
N THR R 233 -36.50 -27.17 7.65
CA THR R 233 -37.14 -25.95 8.14
C THR R 233 -36.31 -25.34 9.25
N ASP R 234 -35.80 -26.19 10.16
CA ASP R 234 -34.98 -25.70 11.26
C ASP R 234 -33.62 -25.26 10.73
N TYR R 235 -32.87 -26.20 10.16
CA TYR R 235 -31.56 -25.93 9.61
C TYR R 235 -31.78 -25.58 8.14
N SER R 236 -31.92 -24.28 7.86
CA SER R 236 -32.15 -23.81 6.50
C SER R 236 -30.92 -23.18 5.86
N GLY R 237 -29.92 -22.80 6.64
CA GLY R 237 -28.73 -22.20 6.07
C GLY R 237 -27.83 -23.25 5.44
N ARG R 238 -26.77 -22.75 4.80
CA ARG R 238 -25.82 -23.65 4.15
C ARG R 238 -24.60 -23.96 4.99
N GLY R 239 -24.14 -23.01 5.82
CA GLY R 239 -23.05 -23.30 6.73
C GLY R 239 -23.43 -24.23 7.87
N GLU R 240 -24.73 -24.32 8.19
CA GLU R 240 -25.21 -25.18 9.25
C GLU R 240 -25.63 -26.56 8.76
N LEU R 241 -25.27 -26.94 7.52
CA LEU R 241 -25.68 -28.23 7.00
C LEU R 241 -25.02 -29.38 7.77
N SER R 242 -23.72 -29.25 8.06
CA SER R 242 -23.05 -30.30 8.81
C SER R 242 -23.68 -30.50 10.17
N ALA R 243 -24.22 -29.43 10.75
CA ALA R 243 -24.80 -29.53 12.08
C ALA R 243 -26.09 -30.36 12.04
N ARG R 244 -26.96 -30.10 11.06
CA ARG R 244 -28.17 -30.91 10.95
C ARG R 244 -27.83 -32.33 10.56
N GLN R 245 -26.79 -32.55 9.76
CA GLN R 245 -26.39 -33.91 9.43
C GLN R 245 -25.89 -34.66 10.66
N MET R 246 -25.10 -34.00 11.52
CA MET R 246 -24.68 -34.63 12.76
C MET R 246 -25.86 -34.94 13.68
N HIS R 247 -26.77 -33.99 13.84
CA HIS R 247 -27.93 -34.24 14.70
C HIS R 247 -28.78 -35.37 14.16
N LEU R 248 -28.99 -35.39 12.84
CA LEU R 248 -29.75 -36.46 12.22
C LEU R 248 -29.04 -37.79 12.39
N ALA R 249 -27.72 -37.82 12.19
CA ALA R 249 -26.96 -39.06 12.38
C ALA R 249 -27.15 -39.60 13.78
N ARG R 250 -27.01 -38.74 14.80
CA ARG R 250 -27.22 -39.22 16.17
C ARG R 250 -28.67 -39.70 16.36
N PHE R 251 -29.63 -38.99 15.78
CA PHE R 251 -31.02 -39.39 15.89
C PHE R 251 -31.23 -40.77 15.27
N LEU R 252 -30.66 -40.99 14.09
CA LEU R 252 -30.79 -42.27 13.40
C LEU R 252 -30.13 -43.39 14.21
N ARG R 253 -28.97 -43.11 14.78
CA ARG R 253 -28.31 -44.12 15.61
C ARG R 253 -29.18 -44.47 16.82
N MET R 254 -29.80 -43.45 17.42
CA MET R 254 -30.72 -43.71 18.53
C MET R 254 -31.90 -44.56 18.06
N LEU R 255 -32.41 -44.28 16.86
CA LEU R 255 -33.49 -45.08 16.30
C LEU R 255 -33.08 -46.53 16.12
N LEU R 256 -31.91 -46.77 15.52
CA LEU R 256 -31.42 -48.13 15.34
C LEU R 256 -31.23 -48.82 16.68
N ARG R 257 -30.69 -48.10 17.67
CA ARG R 257 -30.51 -48.69 18.99
C ARG R 257 -31.84 -49.11 19.58
N LEU R 258 -32.86 -48.24 19.49
CA LEU R 258 -34.16 -48.57 20.03
C LEU R 258 -34.79 -49.74 19.27
N ALA R 259 -34.57 -49.80 17.95
CA ALA R 259 -35.11 -50.90 17.17
C ALA R 259 -34.51 -52.23 17.60
N ASP R 260 -33.19 -52.26 17.79
CA ASP R 260 -32.55 -53.50 18.23
C ASP R 260 -32.85 -53.80 19.70
N GLU R 261 -33.14 -52.77 20.49
CA GLU R 261 -33.35 -52.95 21.92
C GLU R 261 -34.74 -53.49 22.22
N PHE R 262 -35.77 -52.91 21.60
CA PHE R 262 -37.15 -53.28 21.88
C PHE R 262 -37.77 -54.14 20.78
N GLY R 263 -37.05 -54.37 19.69
CA GLY R 263 -37.60 -55.19 18.62
C GLY R 263 -38.84 -54.61 17.98
N VAL R 264 -38.95 -53.28 17.92
CA VAL R 264 -40.10 -52.62 17.33
C VAL R 264 -39.76 -52.17 15.93
N ALA R 265 -40.78 -51.91 15.14
CA ALA R 265 -40.62 -51.43 13.78
C ALA R 265 -40.47 -49.91 13.81
N VAL R 266 -39.52 -49.40 13.05
CA VAL R 266 -39.25 -47.98 12.98
C VAL R 266 -39.62 -47.49 11.58
N VAL R 267 -40.62 -46.62 11.51
CA VAL R 267 -41.14 -46.09 10.26
C VAL R 267 -40.94 -44.59 10.22
N ILE R 268 -40.25 -44.11 9.20
CA ILE R 268 -39.99 -42.69 9.00
C ILE R 268 -40.40 -42.34 7.58
N THR R 269 -40.94 -41.14 7.39
CA THR R 269 -41.41 -40.69 6.08
C THR R 269 -40.55 -39.53 5.58
N ASN R 270 -40.24 -39.57 4.30
CA ASN R 270 -39.33 -38.61 3.67
C ASN R 270 -39.99 -37.99 2.44
N GLN R 271 -39.97 -36.66 2.39
CA GLN R 271 -40.47 -35.91 1.25
C GLN R 271 -39.35 -35.69 0.26
N VAL R 272 -39.59 -36.00 -1.01
CA VAL R 272 -38.61 -35.80 -2.07
C VAL R 272 -39.16 -34.71 -2.99
N VAL R 273 -38.68 -33.50 -2.78
CA VAL R 273 -39.11 -32.34 -3.57
C VAL R 273 -38.51 -32.45 -4.97
N GLY R 292 -31.11 -38.16 2.66
CA GLY R 292 -29.66 -38.17 2.74
C GLY R 292 -29.06 -39.54 2.46
N ASN R 293 -27.86 -39.55 1.88
CA ASN R 293 -27.19 -40.82 1.61
C ASN R 293 -26.76 -41.54 2.87
N ILE R 294 -26.70 -40.83 4.01
CA ILE R 294 -26.33 -41.49 5.26
C ILE R 294 -27.37 -42.51 5.66
N ILE R 295 -28.64 -42.24 5.37
CA ILE R 295 -29.70 -43.15 5.79
C ILE R 295 -29.64 -44.45 5.00
N ALA R 296 -29.08 -44.41 3.79
CA ALA R 296 -29.09 -45.59 2.93
C ALA R 296 -28.50 -46.80 3.65
N HIS R 297 -27.29 -46.64 4.20
CA HIS R 297 -26.66 -47.74 4.92
C HIS R 297 -27.46 -48.11 6.17
N ALA R 298 -28.17 -47.13 6.72
CA ALA R 298 -28.89 -47.29 7.99
C ALA R 298 -30.26 -47.89 7.75
N SER R 299 -30.96 -47.45 6.71
CA SER R 299 -32.27 -47.99 6.38
C SER R 299 -32.06 -49.34 5.70
N THR R 300 -32.89 -50.30 6.09
CA THR R 300 -32.82 -51.64 5.52
C THR R 300 -33.70 -51.83 4.29
N THR R 301 -34.83 -51.14 4.23
CA THR R 301 -35.76 -51.31 3.12
C THR R 301 -36.25 -49.96 2.63
N ARG R 302 -36.02 -49.66 1.36
CA ARG R 302 -36.41 -48.42 0.73
C ARG R 302 -37.59 -48.67 -0.18
N LEU R 303 -38.68 -47.93 0.06
CA LEU R 303 -39.90 -48.05 -0.73
C LEU R 303 -40.15 -46.74 -1.47
N TYR R 304 -40.37 -46.83 -2.77
CA TYR R 304 -40.65 -45.67 -3.61
C TYR R 304 -42.14 -45.60 -3.90
N LEU R 305 -42.75 -44.46 -3.58
CA LEU R 305 -44.17 -44.23 -3.80
C LEU R 305 -44.38 -43.15 -4.86
N ARG R 306 -45.26 -43.43 -5.81
CA ARG R 306 -45.63 -42.47 -6.84
C ARG R 306 -47.14 -42.56 -7.06
N LYS R 307 -47.73 -41.44 -7.49
CA LYS R 307 -49.18 -41.35 -7.61
C LYS R 307 -49.67 -42.02 -8.88
N GLY R 308 -50.68 -42.87 -8.73
CA GLY R 308 -51.60 -43.19 -9.82
C GLY R 308 -52.88 -42.38 -9.66
N ARG R 309 -53.43 -41.95 -10.79
CA ARG R 309 -54.49 -40.95 -10.78
C ARG R 309 -55.78 -41.51 -10.19
N GLY R 310 -56.61 -40.61 -9.70
CA GLY R 310 -57.57 -40.96 -8.67
C GLY R 310 -56.89 -41.10 -7.33
N GLU R 311 -57.30 -42.10 -6.57
CA GLU R 311 -56.79 -42.33 -5.23
C GLU R 311 -55.92 -43.58 -5.14
N THR R 312 -55.47 -44.09 -6.29
CA THR R 312 -54.75 -45.35 -6.39
C THR R 312 -53.27 -45.07 -6.58
N ARG R 313 -52.42 -45.66 -5.74
CA ARG R 313 -51.00 -45.33 -5.67
C ARG R 313 -50.14 -46.51 -6.11
N ILE R 314 -49.03 -46.20 -6.77
CA ILE R 314 -48.03 -47.17 -7.21
C ILE R 314 -46.87 -47.19 -6.23
N CYS R 315 -46.48 -48.38 -5.79
CA CYS R 315 -45.36 -48.56 -4.88
C CYS R 315 -44.24 -49.35 -5.55
N LYS R 316 -43.00 -48.90 -5.36
CA LYS R 316 -41.82 -49.56 -5.90
C LYS R 316 -40.75 -49.72 -4.83
N ILE R 317 -40.04 -50.85 -4.88
CA ILE R 317 -38.90 -51.10 -4.00
C ILE R 317 -37.66 -50.72 -4.80
N TYR R 318 -36.85 -49.82 -4.25
CA TYR R 318 -35.71 -49.30 -4.98
C TYR R 318 -34.37 -49.73 -4.42
N ASP R 319 -34.31 -50.25 -3.20
CA ASP R 319 -33.20 -51.06 -2.75
C ASP R 319 -33.68 -51.99 -1.65
N SER R 320 -33.30 -53.27 -1.74
CA SER R 320 -33.28 -54.11 -0.56
C SER R 320 -32.26 -55.22 -0.79
N PRO R 321 -31.29 -55.41 0.11
CA PRO R 321 -30.43 -56.60 0.01
C PRO R 321 -31.19 -57.92 0.01
N CYS R 322 -32.34 -58.01 0.66
CA CYS R 322 -33.14 -59.22 0.62
C CYS R 322 -34.37 -59.11 -0.27
N LEU R 323 -35.02 -57.94 -0.33
CA LEU R 323 -36.23 -57.89 -1.14
C LEU R 323 -35.89 -57.46 -2.57
N PRO R 324 -36.52 -58.04 -3.58
CA PRO R 324 -36.31 -57.57 -4.95
C PRO R 324 -36.65 -56.10 -5.08
N GLU R 325 -35.98 -55.42 -6.02
CA GLU R 325 -36.56 -54.22 -6.61
C GLU R 325 -37.81 -54.64 -7.38
N ALA R 326 -38.96 -54.14 -6.95
CA ALA R 326 -40.24 -54.62 -7.48
C ALA R 326 -41.31 -53.60 -7.16
N GLU R 327 -42.47 -53.78 -7.78
CA GLU R 327 -43.60 -52.87 -7.62
C GLU R 327 -44.88 -53.64 -7.35
N ALA R 328 -45.79 -52.99 -6.65
CA ALA R 328 -47.09 -53.52 -6.30
C ALA R 328 -48.05 -52.34 -6.29
N MET R 329 -49.28 -52.56 -6.75
CA MET R 329 -50.24 -51.48 -6.85
C MET R 329 -51.22 -51.56 -5.69
N PHE R 330 -51.53 -50.41 -5.09
CA PHE R 330 -52.46 -50.34 -3.99
C PHE R 330 -53.24 -49.04 -4.08
N ALA R 331 -54.28 -48.93 -3.26
CA ALA R 331 -55.15 -47.77 -3.24
C ALA R 331 -55.26 -47.25 -1.82
N ILE R 332 -55.74 -46.02 -1.69
CA ILE R 332 -55.99 -45.38 -0.41
C ILE R 332 -57.50 -45.22 -0.26
N ASN R 333 -58.08 -46.04 0.61
CA ASN R 333 -59.52 -46.16 0.73
C ASN R 333 -59.97 -45.63 2.09
N ALA R 334 -61.22 -45.16 2.15
CA ALA R 334 -61.73 -44.58 3.38
C ALA R 334 -61.49 -45.49 4.58
N ASP R 335 -61.81 -46.78 4.45
CA ASP R 335 -61.54 -47.71 5.53
C ASP R 335 -60.04 -47.87 5.78
N GLY R 336 -59.22 -47.78 4.74
CA GLY R 336 -57.96 -48.49 4.72
C GLY R 336 -56.98 -47.91 3.72
N VAL R 337 -55.72 -48.26 3.91
CA VAL R 337 -54.76 -48.31 2.82
C VAL R 337 -54.74 -49.73 2.27
N GLY R 338 -55.13 -49.88 1.02
CA GLY R 338 -55.73 -51.11 0.54
C GLY R 338 -55.50 -51.24 -0.95
N ASP R 339 -55.57 -52.48 -1.43
CA ASP R 339 -55.12 -52.78 -2.78
C ASP R 339 -56.01 -52.09 -3.80
N ALA R 340 -55.42 -51.78 -4.95
CA ALA R 340 -56.17 -51.19 -6.04
C ALA R 340 -57.17 -52.19 -6.60
N LYS R 341 -58.41 -51.75 -6.78
CA LYS R 341 -59.51 -52.60 -7.24
C LYS R 341 -60.21 -51.86 -8.38
N ASP R 342 -59.64 -51.97 -9.58
CA ASP R 342 -60.19 -51.33 -10.76
C ASP R 342 -61.67 -51.66 -10.93
N GLN S 104 -11.32 -64.87 -16.10
CA GLN S 104 -12.36 -63.80 -16.18
C GLN S 104 -13.41 -63.98 -15.09
N ILE S 105 -13.45 -63.05 -14.14
CA ILE S 105 -14.41 -63.12 -13.05
C ILE S 105 -15.76 -62.63 -13.55
N THR S 106 -16.78 -63.49 -13.46
CA THR S 106 -18.11 -63.13 -13.93
C THR S 106 -18.64 -61.91 -13.16
N THR S 107 -19.20 -60.96 -13.91
CA THR S 107 -19.89 -59.83 -13.30
C THR S 107 -21.26 -60.22 -12.75
N GLY S 108 -21.79 -61.37 -13.15
CA GLY S 108 -23.13 -61.76 -12.82
C GLY S 108 -24.23 -61.08 -13.61
N SER S 109 -23.91 -60.07 -14.41
CA SER S 109 -24.76 -59.63 -15.50
C SER S 109 -24.28 -60.29 -16.79
N LYS S 110 -25.16 -61.06 -17.43
CA LYS S 110 -24.80 -61.73 -18.66
C LYS S 110 -24.40 -60.72 -19.73
N GLU S 111 -25.21 -59.66 -19.89
CA GLU S 111 -24.88 -58.64 -20.86
C GLU S 111 -23.55 -57.98 -20.56
N LEU S 112 -23.26 -57.75 -19.27
CA LEU S 112 -21.98 -57.17 -18.90
C LEU S 112 -20.85 -58.15 -19.13
N ASP S 113 -21.07 -59.44 -18.84
CA ASP S 113 -20.05 -60.45 -19.14
C ASP S 113 -19.72 -60.46 -20.63
N LYS S 114 -20.74 -60.40 -21.48
CA LYS S 114 -20.50 -60.32 -22.91
C LYS S 114 -19.75 -59.03 -23.26
N LEU S 115 -20.10 -57.93 -22.58
CA LEU S 115 -19.42 -56.67 -22.85
C LEU S 115 -17.93 -56.79 -22.54
N LEU S 116 -17.59 -57.51 -21.47
CA LEU S 116 -16.20 -57.69 -21.06
C LEU S 116 -15.54 -58.90 -21.69
N GLN S 117 -16.24 -59.60 -22.58
CA GLN S 117 -15.73 -60.84 -23.17
C GLN S 117 -15.58 -61.96 -22.14
N GLY S 118 -16.37 -61.91 -21.07
CA GLY S 118 -16.37 -62.99 -20.10
C GLY S 118 -16.13 -62.54 -18.67
N GLY S 119 -15.64 -61.31 -18.49
CA GLY S 119 -15.43 -60.76 -17.17
C GLY S 119 -14.08 -60.08 -17.05
N ILE S 120 -13.87 -59.49 -15.86
CA ILE S 120 -12.63 -58.79 -15.56
C ILE S 120 -11.42 -59.69 -15.75
N GLU S 121 -10.38 -59.16 -16.39
CA GLU S 121 -9.06 -59.78 -16.34
C GLU S 121 -8.45 -59.58 -14.95
N THR S 122 -8.17 -60.67 -14.25
CA THR S 122 -7.34 -60.60 -13.05
C THR S 122 -5.93 -60.14 -13.39
N GLY S 123 -5.29 -59.52 -12.41
CA GLY S 123 -3.95 -58.99 -12.56
C GLY S 123 -3.88 -57.62 -13.19
N SER S 124 -5.01 -56.94 -13.37
CA SER S 124 -5.04 -55.62 -13.99
C SER S 124 -6.10 -54.78 -13.31
N ILE S 125 -5.97 -53.46 -13.48
CA ILE S 125 -6.90 -52.51 -12.90
C ILE S 125 -8.01 -52.23 -13.90
N THR S 126 -9.26 -52.35 -13.45
CA THR S 126 -10.42 -52.02 -14.27
C THR S 126 -11.15 -50.86 -13.63
N GLU S 127 -11.24 -49.75 -14.35
CA GLU S 127 -11.86 -48.54 -13.84
C GLU S 127 -13.27 -48.39 -14.40
N MET S 128 -14.23 -48.12 -13.51
CA MET S 128 -15.60 -47.80 -13.87
C MET S 128 -15.82 -46.36 -13.39
N PHE S 129 -15.83 -45.42 -14.33
CA PHE S 129 -16.10 -44.02 -14.03
C PHE S 129 -17.52 -43.69 -14.45
N GLY S 130 -18.28 -43.10 -13.53
CA GLY S 130 -19.64 -42.74 -13.81
C GLY S 130 -20.19 -41.84 -12.72
N GLU S 131 -21.37 -41.31 -12.98
CA GLU S 131 -22.03 -40.45 -12.02
C GLU S 131 -22.38 -41.24 -10.76
N PHE S 132 -22.70 -40.49 -9.71
CA PHE S 132 -23.20 -41.12 -8.48
C PHE S 132 -24.50 -41.85 -8.74
N ARG S 133 -24.73 -42.91 -7.96
CA ARG S 133 -25.94 -43.72 -8.02
C ARG S 133 -26.03 -44.54 -9.31
N THR S 134 -24.96 -44.60 -10.10
CA THR S 134 -24.94 -45.42 -11.30
C THR S 134 -24.81 -46.90 -10.98
N GLY S 135 -24.41 -47.24 -9.75
CA GLY S 135 -24.23 -48.61 -9.35
C GLY S 135 -22.81 -49.08 -9.17
N LYS S 136 -21.82 -48.17 -9.19
CA LYS S 136 -20.44 -48.58 -8.94
C LYS S 136 -20.37 -49.41 -7.66
N THR S 137 -20.91 -48.88 -6.56
CA THR S 137 -20.87 -49.60 -5.29
C THR S 137 -21.63 -50.91 -5.39
N GLN S 138 -22.77 -50.91 -6.07
CA GLN S 138 -23.54 -52.14 -6.24
C GLN S 138 -22.73 -53.19 -6.98
N ILE S 139 -22.06 -52.78 -8.06
CA ILE S 139 -21.20 -53.70 -8.79
C ILE S 139 -20.09 -54.24 -7.89
N CYS S 140 -19.50 -53.36 -7.07
CA CYS S 140 -18.47 -53.81 -6.14
C CYS S 140 -19.01 -54.87 -5.19
N HIS S 141 -20.16 -54.61 -4.57
CA HIS S 141 -20.74 -55.60 -3.67
C HIS S 141 -20.99 -56.92 -4.38
N THR S 142 -21.50 -56.87 -5.62
CA THR S 142 -21.73 -58.10 -6.36
C THR S 142 -20.43 -58.86 -6.61
N LEU S 143 -19.41 -58.15 -7.14
CA LEU S 143 -18.14 -58.80 -7.42
C LEU S 143 -17.47 -59.34 -6.17
N ALA S 144 -17.71 -58.73 -5.01
CA ALA S 144 -17.07 -59.19 -3.78
C ALA S 144 -17.44 -60.63 -3.44
N VAL S 145 -18.57 -61.12 -3.95
CA VAL S 145 -19.00 -62.49 -3.69
C VAL S 145 -18.71 -63.41 -4.87
N THR S 146 -18.96 -62.94 -6.09
CA THR S 146 -18.76 -63.76 -7.28
C THR S 146 -17.30 -64.19 -7.44
N CYS S 147 -16.35 -63.39 -6.97
CA CYS S 147 -14.94 -63.79 -7.04
C CYS S 147 -14.72 -65.14 -6.38
N GLN S 148 -15.44 -65.42 -5.31
CA GLN S 148 -15.29 -66.70 -4.60
C GLN S 148 -15.90 -67.86 -5.37
N LEU S 149 -16.69 -67.59 -6.41
CA LEU S 149 -17.29 -68.67 -7.19
C LEU S 149 -16.19 -69.50 -7.85
N PRO S 150 -16.50 -70.75 -8.18
CA PRO S 150 -15.54 -71.57 -8.93
C PRO S 150 -15.16 -70.93 -10.26
N ILE S 151 -13.94 -71.22 -10.71
CA ILE S 151 -13.46 -70.67 -11.97
C ILE S 151 -14.34 -71.15 -13.12
N ASP S 152 -14.82 -72.39 -13.04
CA ASP S 152 -15.71 -72.90 -14.08
C ASP S 152 -17.05 -72.16 -14.10
N ARG S 153 -17.40 -71.49 -13.00
CA ARG S 153 -18.62 -70.70 -12.93
C ARG S 153 -18.35 -69.23 -13.17
N GLY S 154 -17.14 -68.87 -13.57
CA GLY S 154 -16.81 -67.50 -13.83
C GLY S 154 -16.19 -66.77 -12.66
N GLY S 155 -15.85 -67.47 -11.59
CA GLY S 155 -15.18 -66.86 -10.45
C GLY S 155 -13.68 -66.99 -10.53
N GLY S 156 -13.02 -66.58 -9.45
CA GLY S 156 -11.57 -66.73 -9.35
C GLY S 156 -11.13 -67.68 -8.26
N GLU S 157 -12.08 -68.20 -7.49
CA GLU S 157 -11.78 -69.07 -6.36
C GLU S 157 -10.77 -68.44 -5.40
N GLY S 158 -11.01 -67.17 -5.06
CA GLY S 158 -10.14 -66.47 -4.16
C GLY S 158 -10.92 -65.52 -3.28
N LYS S 159 -10.28 -65.12 -2.18
CA LYS S 159 -10.93 -64.21 -1.24
C LYS S 159 -10.96 -62.80 -1.81
N ALA S 160 -11.80 -61.97 -1.21
CA ALA S 160 -12.01 -60.58 -1.62
C ALA S 160 -11.54 -59.58 -0.57
N MET S 161 -11.14 -58.40 -1.06
CA MET S 161 -10.68 -57.30 -0.20
C MET S 161 -11.42 -56.03 -0.56
N TYR S 162 -12.15 -55.50 0.42
CA TYR S 162 -12.96 -54.30 0.24
C TYR S 162 -12.39 -53.23 1.14
N ILE S 163 -11.84 -52.18 0.53
CA ILE S 163 -11.36 -51.01 1.25
C ILE S 163 -12.38 -49.92 0.99
N ASP S 164 -13.10 -49.53 2.04
CA ASP S 164 -14.17 -48.57 1.93
C ASP S 164 -13.73 -47.23 2.52
N THR S 165 -14.11 -46.15 1.84
CA THR S 165 -13.80 -44.81 2.29
C THR S 165 -15.08 -44.00 2.45
N GLU S 166 -16.23 -44.61 2.17
CA GLU S 166 -17.49 -43.91 2.01
C GLU S 166 -18.61 -44.53 2.85
N GLY S 167 -18.33 -45.58 3.60
CA GLY S 167 -19.31 -46.17 4.49
C GLY S 167 -20.32 -47.09 3.83
N THR S 168 -20.27 -47.26 2.51
CA THR S 168 -21.31 -47.97 1.78
C THR S 168 -21.14 -49.49 1.82
N PHE S 169 -20.24 -50.02 2.64
CA PHE S 169 -20.02 -51.46 2.69
C PHE S 169 -21.16 -52.13 3.43
N ARG S 170 -21.77 -53.12 2.81
CA ARG S 170 -22.92 -53.83 3.38
C ARG S 170 -22.66 -55.32 3.33
N PRO S 171 -22.36 -55.97 4.44
CA PRO S 171 -22.19 -57.43 4.39
C PRO S 171 -23.47 -58.16 4.01
N GLU S 172 -24.63 -57.58 4.32
CA GLU S 172 -25.89 -58.21 3.97
C GLU S 172 -26.10 -58.28 2.47
N ARG S 173 -25.62 -57.27 1.74
CA ARG S 173 -25.64 -57.35 0.28
C ARG S 173 -24.79 -58.51 -0.21
N LEU S 174 -23.64 -58.71 0.44
CA LEU S 174 -22.80 -59.85 0.10
C LEU S 174 -23.53 -61.16 0.38
N LEU S 175 -24.31 -61.19 1.46
CA LEU S 175 -25.07 -62.40 1.77
C LEU S 175 -26.12 -62.65 0.71
N ALA S 176 -26.77 -61.59 0.24
CA ALA S 176 -27.77 -61.72 -0.83
C ALA S 176 -27.14 -62.24 -2.12
N VAL S 177 -25.97 -61.71 -2.48
CA VAL S 177 -25.31 -62.22 -3.69
C VAL S 177 -24.89 -63.66 -3.50
N ALA S 178 -24.39 -64.01 -2.30
CA ALA S 178 -23.98 -65.39 -2.04
C ALA S 178 -25.16 -66.35 -2.17
N GLU S 179 -26.32 -65.97 -1.62
CA GLU S 179 -27.49 -66.83 -1.75
C GLU S 179 -27.97 -66.88 -3.20
N ARG S 180 -27.75 -65.81 -3.96
CA ARG S 180 -28.12 -65.85 -5.38
C ARG S 180 -27.39 -67.00 -6.07
N TYR S 181 -26.06 -67.03 -5.93
CA TYR S 181 -25.23 -68.06 -6.53
C TYR S 181 -25.12 -69.30 -5.67
N GLY S 182 -25.85 -69.36 -4.55
CA GLY S 182 -25.81 -70.53 -3.69
C GLY S 182 -24.50 -70.70 -2.96
N LEU S 183 -23.91 -69.61 -2.49
CA LEU S 183 -22.69 -69.64 -1.68
C LEU S 183 -23.06 -69.35 -0.24
N SER S 184 -22.29 -69.93 0.68
CA SER S 184 -22.54 -69.70 2.10
C SER S 184 -22.28 -68.24 2.44
N GLY S 185 -23.32 -67.54 2.88
CA GLY S 185 -23.17 -66.13 3.22
C GLY S 185 -22.18 -65.89 4.34
N SER S 186 -22.17 -66.77 5.33
CA SER S 186 -21.23 -66.62 6.45
C SER S 186 -19.79 -66.81 5.99
N ASP S 187 -19.54 -67.80 5.12
CA ASP S 187 -18.18 -68.00 4.65
C ASP S 187 -17.75 -66.88 3.71
N VAL S 188 -18.70 -66.29 2.99
CA VAL S 188 -18.36 -65.16 2.14
C VAL S 188 -17.86 -64.00 3.00
N LEU S 189 -18.60 -63.69 4.07
CA LEU S 189 -18.15 -62.62 4.96
C LEU S 189 -16.87 -63.01 5.67
N ASP S 190 -16.65 -64.31 5.86
CA ASP S 190 -15.43 -64.80 6.49
C ASP S 190 -14.24 -64.73 5.54
N ASN S 191 -14.50 -64.63 4.24
CA ASN S 191 -13.46 -64.58 3.23
C ASN S 191 -13.32 -63.18 2.67
N VAL S 192 -13.92 -62.20 3.34
CA VAL S 192 -13.84 -60.80 2.99
C VAL S 192 -13.33 -60.07 4.23
N ALA S 193 -12.15 -59.47 4.13
CA ALA S 193 -11.61 -58.69 5.22
C ALA S 193 -11.91 -57.24 4.89
N TYR S 194 -12.46 -56.51 5.85
CA TYR S 194 -12.94 -55.16 5.58
C TYR S 194 -12.30 -54.19 6.55
N ALA S 195 -12.00 -53.00 6.05
CA ALA S 195 -11.43 -51.92 6.84
C ALA S 195 -11.71 -50.62 6.10
N ARG S 196 -12.10 -49.59 6.84
CA ARG S 196 -12.46 -48.32 6.24
C ARG S 196 -11.28 -47.35 6.33
N ALA S 197 -10.86 -46.83 5.18
CA ALA S 197 -9.78 -45.86 5.12
C ALA S 197 -10.36 -44.47 5.37
N PHE S 198 -9.76 -43.76 6.32
CA PHE S 198 -10.24 -42.45 6.72
C PHE S 198 -9.67 -41.32 5.86
N ASN S 199 -8.56 -41.55 5.18
CA ASN S 199 -7.94 -40.52 4.38
C ASN S 199 -7.09 -41.19 3.31
N THR S 200 -6.49 -40.37 2.45
CA THR S 200 -5.66 -40.91 1.38
C THR S 200 -4.42 -41.59 1.93
N ASP S 201 -3.78 -40.97 2.92
CA ASP S 201 -2.62 -41.59 3.54
C ASP S 201 -2.99 -42.92 4.20
N HIS S 202 -4.13 -42.96 4.89
CA HIS S 202 -4.58 -44.22 5.46
C HIS S 202 -4.97 -45.20 4.37
N GLN S 203 -5.51 -44.68 3.26
CA GLN S 203 -5.89 -45.55 2.16
C GLN S 203 -4.66 -46.25 1.58
N THR S 204 -3.56 -45.52 1.42
CA THR S 204 -2.32 -46.10 0.92
C THR S 204 -1.63 -46.96 1.97
N GLN S 205 -1.72 -46.58 3.24
CA GLN S 205 -1.04 -47.34 4.28
C GLN S 205 -1.60 -48.75 4.39
N LEU S 206 -2.88 -48.93 4.09
CA LEU S 206 -3.46 -50.26 4.15
C LEU S 206 -2.84 -51.19 3.13
N LEU S 207 -2.25 -50.65 2.06
CA LEU S 207 -1.65 -51.50 1.05
C LEU S 207 -0.42 -52.21 1.61
N TYR S 208 0.28 -51.60 2.56
CA TYR S 208 1.41 -52.29 3.19
C TYR S 208 0.91 -53.52 3.95
N GLN S 209 -0.20 -53.36 4.68
CA GLN S 209 -0.79 -54.53 5.34
C GLN S 209 -1.36 -55.47 4.29
N ALA S 210 -1.85 -54.93 3.18
CA ALA S 210 -2.45 -55.74 2.14
C ALA S 210 -1.43 -56.64 1.48
N SER S 211 -0.22 -56.15 1.23
CA SER S 211 0.78 -56.97 0.57
C SER S 211 1.18 -58.17 1.42
N ALA S 212 1.38 -57.96 2.72
CA ALA S 212 1.75 -59.08 3.57
C ALA S 212 0.57 -60.02 3.81
N MET S 213 -0.64 -59.46 3.89
CA MET S 213 -1.83 -60.28 4.14
C MET S 213 -2.23 -61.10 2.93
N MET S 214 -2.02 -60.58 1.72
CA MET S 214 -2.35 -61.29 0.48
C MET S 214 -1.38 -62.43 0.19
N VAL S 215 -0.31 -62.54 0.97
CA VAL S 215 0.66 -63.62 0.80
C VAL S 215 0.18 -64.88 1.51
N GLU S 216 -0.41 -64.72 2.69
CA GLU S 216 -0.85 -65.87 3.47
C GLU S 216 -2.11 -66.53 2.91
N SER S 217 -3.02 -65.76 2.33
CA SER S 217 -4.24 -66.33 1.77
C SER S 217 -4.41 -65.90 0.33
N ARG S 218 -5.07 -66.76 -0.45
CA ARG S 218 -5.37 -66.46 -1.84
C ARG S 218 -6.53 -65.49 -1.90
N TYR S 219 -6.30 -64.33 -2.50
CA TYR S 219 -7.36 -63.40 -2.81
C TYR S 219 -7.48 -63.25 -4.33
N ALA S 220 -8.64 -62.76 -4.75
CA ALA S 220 -8.95 -62.60 -6.16
C ALA S 220 -9.48 -61.22 -6.51
N LEU S 221 -9.90 -60.42 -5.54
CA LEU S 221 -10.54 -59.14 -5.82
C LEU S 221 -10.16 -58.15 -4.73
N LEU S 222 -9.78 -56.95 -5.15
CA LEU S 222 -9.49 -55.83 -4.25
C LEU S 222 -10.38 -54.67 -4.66
N ILE S 223 -11.20 -54.20 -3.72
CA ILE S 223 -12.15 -53.12 -3.98
C ILE S 223 -11.77 -51.90 -3.17
N VAL S 224 -11.69 -50.75 -3.84
CA VAL S 224 -11.42 -49.46 -3.23
C VAL S 224 -12.55 -48.54 -3.68
N ASP S 225 -13.48 -48.23 -2.78
CA ASP S 225 -14.72 -47.57 -3.13
C ASP S 225 -14.66 -46.10 -2.75
N SER S 226 -14.98 -45.22 -3.69
CA SER S 226 -14.67 -43.80 -3.61
C SER S 226 -13.16 -43.58 -3.47
N ALA S 227 -12.39 -44.32 -4.27
CA ALA S 227 -10.94 -44.24 -4.20
C ALA S 227 -10.43 -42.81 -4.41
N THR S 228 -11.10 -42.03 -5.25
CA THR S 228 -10.68 -40.65 -5.50
C THR S 228 -11.36 -39.64 -4.57
N ALA S 229 -12.34 -40.06 -3.77
CA ALA S 229 -13.06 -39.11 -2.95
C ALA S 229 -12.15 -38.52 -1.87
N LEU S 230 -11.30 -39.34 -1.27
CA LEU S 230 -10.44 -38.84 -0.21
C LEU S 230 -9.37 -37.87 -0.72
N TYR S 231 -9.01 -37.94 -2.00
CA TYR S 231 -8.06 -36.97 -2.52
C TYR S 231 -8.70 -35.61 -2.76
N ARG S 232 -10.02 -35.53 -2.76
CA ARG S 232 -10.71 -34.25 -2.91
C ARG S 232 -11.07 -33.68 -1.55
N THR S 233 -11.45 -34.56 -0.62
CA THR S 233 -11.84 -34.12 0.71
C THR S 233 -10.61 -33.78 1.55
N ASP S 234 -9.58 -34.62 1.45
CA ASP S 234 -8.34 -34.38 2.19
C ASP S 234 -7.60 -33.20 1.59
N TYR S 235 -7.20 -33.35 0.32
CA TYR S 235 -6.47 -32.30 -0.40
C TYR S 235 -7.53 -31.47 -1.10
N SER S 236 -7.98 -30.40 -0.45
CA SER S 236 -9.00 -29.52 -1.00
C SER S 236 -8.45 -28.21 -1.52
N GLY S 237 -7.24 -27.82 -1.13
CA GLY S 237 -6.68 -26.57 -1.60
C GLY S 237 -6.16 -26.70 -3.03
N ARG S 238 -5.73 -25.56 -3.57
CA ARG S 238 -5.22 -25.54 -4.94
C ARG S 238 -3.70 -25.63 -5.01
N GLY S 239 -2.98 -25.07 -4.03
CA GLY S 239 -1.54 -25.22 -4.00
C GLY S 239 -1.09 -26.62 -3.64
N GLU S 240 -1.94 -27.40 -2.99
CA GLU S 240 -1.63 -28.77 -2.60
C GLU S 240 -2.06 -29.80 -3.63
N LEU S 241 -2.41 -29.38 -4.85
CA LEU S 241 -2.88 -30.33 -5.85
C LEU S 241 -1.76 -31.27 -6.28
N SER S 242 -0.56 -30.73 -6.50
CA SER S 242 0.56 -31.59 -6.90
C SER S 242 0.85 -32.63 -5.83
N ALA S 243 0.60 -32.31 -4.57
CA ALA S 243 0.89 -33.25 -3.49
C ALA S 243 -0.07 -34.43 -3.54
N ARG S 244 -1.36 -34.18 -3.71
CA ARG S 244 -2.31 -35.28 -3.84
C ARG S 244 -2.06 -36.07 -5.11
N GLN S 245 -1.64 -35.41 -6.19
CA GLN S 245 -1.33 -36.14 -7.40
C GLN S 245 -0.13 -37.06 -7.21
N MET S 246 0.91 -36.59 -6.52
CA MET S 246 2.04 -37.46 -6.22
C MET S 246 1.65 -38.63 -5.32
N HIS S 247 0.87 -38.36 -4.27
CA HIS S 247 0.46 -39.45 -3.39
C HIS S 247 -0.39 -40.46 -4.13
N LEU S 248 -1.32 -39.98 -4.97
CA LEU S 248 -2.14 -40.86 -5.77
C LEU S 248 -1.29 -41.66 -6.75
N ALA S 249 -0.32 -41.01 -7.41
CA ALA S 249 0.55 -41.72 -8.33
C ALA S 249 1.27 -42.86 -7.63
N ARG S 250 1.85 -42.60 -6.45
CA ARG S 250 2.52 -43.68 -5.73
C ARG S 250 1.52 -44.77 -5.34
N PHE S 251 0.32 -44.37 -4.93
CA PHE S 251 -0.70 -45.35 -4.56
C PHE S 251 -1.04 -46.23 -5.76
N LEU S 252 -1.23 -45.62 -6.93
CA LEU S 252 -1.55 -46.36 -8.15
C LEU S 252 -0.42 -47.29 -8.53
N ARG S 253 0.83 -46.83 -8.41
CA ARG S 253 1.96 -47.71 -8.71
C ARG S 253 1.98 -48.90 -7.76
N MET S 254 1.69 -48.66 -6.48
CA MET S 254 1.60 -49.77 -5.53
C MET S 254 0.49 -50.74 -5.92
N LEU S 255 -0.64 -50.19 -6.38
CA LEU S 255 -1.73 -51.05 -6.85
C LEU S 255 -1.30 -51.91 -8.03
N LEU S 256 -0.66 -51.30 -9.03
CA LEU S 256 -0.19 -52.06 -10.18
C LEU S 256 0.82 -53.12 -9.76
N ARG S 257 1.71 -52.77 -8.84
CA ARG S 257 2.69 -53.74 -8.37
C ARG S 257 2.00 -54.92 -7.70
N LEU S 258 1.02 -54.65 -6.84
CA LEU S 258 0.31 -55.73 -6.18
C LEU S 258 -0.48 -56.57 -7.18
N ALA S 259 -1.05 -55.93 -8.21
CA ALA S 259 -1.79 -56.67 -9.23
C ALA S 259 -0.87 -57.63 -9.96
N ASP S 260 0.30 -57.16 -10.37
CA ASP S 260 1.24 -58.03 -11.07
C ASP S 260 1.87 -59.06 -10.13
N GLU S 261 1.95 -58.74 -8.85
CA GLU S 261 2.61 -59.62 -7.89
C GLU S 261 1.72 -60.79 -7.48
N PHE S 262 0.46 -60.51 -7.16
CA PHE S 262 -0.46 -61.54 -6.67
C PHE S 262 -1.46 -61.98 -7.71
N GLY S 263 -1.49 -61.35 -8.88
CA GLY S 263 -2.42 -61.74 -9.91
C GLY S 263 -3.87 -61.55 -9.52
N VAL S 264 -4.17 -60.55 -8.71
CA VAL S 264 -5.53 -60.28 -8.27
C VAL S 264 -6.10 -59.13 -9.08
N ALA S 265 -7.42 -59.03 -9.07
CA ALA S 265 -8.13 -57.97 -9.77
C ALA S 265 -8.18 -56.75 -8.87
N VAL S 266 -7.91 -55.58 -9.45
CA VAL S 266 -7.92 -54.32 -8.72
C VAL S 266 -9.07 -53.49 -9.24
N VAL S 267 -10.04 -53.22 -8.37
CA VAL S 267 -11.25 -52.47 -8.71
C VAL S 267 -11.30 -51.20 -7.88
N ILE S 268 -11.38 -50.06 -8.56
CA ILE S 268 -11.47 -48.75 -7.91
C ILE S 268 -12.65 -48.03 -8.52
N THR S 269 -13.36 -47.25 -7.71
CA THR S 269 -14.54 -46.52 -8.15
C THR S 269 -14.28 -45.02 -8.11
N ASN S 270 -14.75 -44.32 -9.14
CA ASN S 270 -14.50 -42.89 -9.33
C ASN S 270 -15.81 -42.16 -9.54
N GLN S 271 -16.00 -41.09 -8.76
CA GLN S 271 -17.16 -40.22 -8.90
C GLN S 271 -16.83 -39.10 -9.87
N VAL S 272 -17.71 -38.87 -10.84
CA VAL S 272 -17.55 -37.82 -11.82
C VAL S 272 -18.65 -36.80 -11.57
N VAL S 273 -18.31 -35.74 -10.86
CA VAL S 273 -19.25 -34.68 -10.53
C VAL S 273 -19.55 -33.86 -11.78
N GLY S 292 -8.45 -38.48 -12.89
CA GLY S 292 -7.23 -37.89 -13.39
C GLY S 292 -6.72 -38.56 -14.65
N ASN S 293 -6.07 -37.78 -15.52
CA ASN S 293 -5.52 -38.34 -16.75
C ASN S 293 -4.35 -39.27 -16.48
N ILE S 294 -3.76 -39.21 -15.29
CA ILE S 294 -2.66 -40.11 -14.97
C ILE S 294 -3.14 -41.55 -14.93
N ILE S 295 -4.38 -41.77 -14.47
CA ILE S 295 -4.87 -43.14 -14.34
C ILE S 295 -5.10 -43.76 -15.71
N ALA S 296 -5.34 -42.95 -16.74
CA ALA S 296 -5.68 -43.47 -18.06
C ALA S 296 -4.63 -44.48 -18.52
N HIS S 297 -3.37 -44.07 -18.51
CA HIS S 297 -2.29 -44.96 -18.94
C HIS S 297 -2.20 -46.17 -18.00
N ALA S 298 -2.58 -45.97 -16.74
CA ALA S 298 -2.43 -46.98 -15.69
C ALA S 298 -3.60 -47.95 -15.72
N SER S 299 -4.81 -47.44 -15.88
CA SER S 299 -5.99 -48.29 -15.94
C SER S 299 -6.03 -48.94 -17.31
N THR S 300 -6.35 -50.23 -17.33
CA THR S 300 -6.45 -50.98 -18.57
C THR S 300 -7.84 -50.96 -19.20
N THR S 301 -8.89 -50.89 -18.38
CA THR S 301 -10.25 -50.94 -18.90
C THR S 301 -11.10 -49.90 -18.22
N ARG S 302 -11.67 -48.98 -19.00
CA ARG S 302 -12.50 -47.90 -18.50
C ARG S 302 -13.96 -48.21 -18.84
N LEU S 303 -14.80 -48.23 -17.81
CA LEU S 303 -16.22 -48.50 -17.95
C LEU S 303 -17.02 -47.27 -17.56
N TYR S 304 -17.92 -46.83 -18.43
CA TYR S 304 -18.78 -45.69 -18.18
C TYR S 304 -20.17 -46.15 -17.77
N LEU S 305 -20.63 -45.68 -16.62
CA LEU S 305 -21.94 -46.04 -16.08
C LEU S 305 -22.84 -44.82 -16.07
N ARG S 306 -24.06 -44.98 -16.56
CA ARG S 306 -25.09 -43.94 -16.54
C ARG S 306 -26.41 -44.57 -16.16
N LYS S 307 -27.28 -43.77 -15.54
CA LYS S 307 -28.55 -44.28 -15.02
C LYS S 307 -29.58 -44.45 -16.12
N GLY S 308 -30.21 -45.62 -16.15
CA GLY S 308 -31.53 -45.79 -16.74
C GLY S 308 -32.59 -45.79 -15.65
N ARG S 309 -33.74 -45.19 -15.96
CA ARG S 309 -34.71 -44.88 -14.93
C ARG S 309 -35.35 -46.16 -14.37
N GLY S 310 -35.88 -46.03 -13.15
CA GLY S 310 -36.03 -47.20 -12.29
C GLY S 310 -34.68 -47.61 -11.73
N GLU S 311 -34.46 -48.92 -11.66
CA GLU S 311 -33.25 -49.47 -11.07
C GLU S 311 -32.34 -50.09 -12.12
N THR S 312 -32.55 -49.77 -13.39
CA THR S 312 -31.85 -50.39 -14.51
C THR S 312 -30.80 -49.43 -15.03
N ARG S 313 -29.56 -49.89 -15.14
CA ARG S 313 -28.41 -49.06 -15.44
C ARG S 313 -27.80 -49.39 -16.79
N ILE S 314 -27.31 -48.35 -17.48
CA ILE S 314 -26.63 -48.48 -18.77
C ILE S 314 -25.13 -48.41 -18.55
N CYS S 315 -24.40 -49.37 -19.13
CA CYS S 315 -22.94 -49.43 -19.04
C CYS S 315 -22.32 -49.24 -20.41
N LYS S 316 -21.25 -48.44 -20.48
CA LYS S 316 -20.52 -48.19 -21.72
C LYS S 316 -19.03 -48.32 -21.49
N ILE S 317 -18.33 -48.87 -22.49
CA ILE S 317 -16.88 -48.95 -22.47
C ILE S 317 -16.36 -47.76 -23.26
N TYR S 318 -15.51 -46.94 -22.63
CA TYR S 318 -15.07 -45.70 -23.26
C TYR S 318 -13.61 -45.69 -23.65
N ASP S 319 -12.80 -46.63 -23.14
CA ASP S 319 -11.53 -46.98 -23.76
C ASP S 319 -11.17 -48.40 -23.39
N SER S 320 -10.76 -49.19 -24.39
CA SER S 320 -9.95 -50.35 -24.11
C SER S 320 -9.12 -50.67 -25.34
N PRO S 321 -7.80 -50.81 -25.20
CA PRO S 321 -6.99 -51.30 -26.33
C PRO S 321 -7.42 -52.66 -26.86
N CYS S 322 -7.99 -53.52 -26.02
CA CYS S 322 -8.51 -54.81 -26.50
C CYS S 322 -10.03 -54.85 -26.58
N LEU S 323 -10.74 -54.22 -25.65
CA LEU S 323 -12.19 -54.32 -25.71
C LEU S 323 -12.77 -53.20 -26.56
N PRO S 324 -13.80 -53.48 -27.37
CA PRO S 324 -14.45 -52.40 -28.11
C PRO S 324 -15.01 -51.35 -27.15
N GLU S 325 -15.08 -50.12 -27.64
CA GLU S 325 -16.04 -49.18 -27.08
C GLU S 325 -17.44 -49.70 -27.39
N ALA S 326 -18.20 -50.01 -26.35
CA ALA S 326 -19.47 -50.71 -26.52
C ALA S 326 -20.30 -50.53 -25.26
N GLU S 327 -21.57 -50.90 -25.36
CA GLU S 327 -22.51 -50.77 -24.25
C GLU S 327 -23.30 -52.05 -24.06
N ALA S 328 -23.73 -52.25 -22.82
CA ALA S 328 -24.52 -53.40 -22.42
C ALA S 328 -25.44 -52.91 -21.31
N MET S 329 -26.67 -53.41 -21.30
CA MET S 329 -27.65 -52.96 -20.33
C MET S 329 -27.78 -53.98 -19.20
N PHE S 330 -27.84 -53.49 -17.97
CA PHE S 330 -27.98 -54.35 -16.81
C PHE S 330 -28.84 -53.63 -15.78
N ALA S 331 -29.23 -54.37 -14.74
CA ALA S 331 -30.08 -53.86 -13.69
C ALA S 331 -29.43 -54.15 -12.34
N ILE S 332 -29.91 -53.46 -11.31
CA ILE S 332 -29.45 -53.66 -9.94
C ILE S 332 -30.61 -54.26 -9.16
N ASN S 333 -30.50 -55.55 -8.86
CA ASN S 333 -31.58 -56.33 -8.29
C ASN S 333 -31.24 -56.72 -6.85
N ALA S 334 -32.28 -56.94 -6.05
CA ALA S 334 -32.08 -57.28 -4.65
C ALA S 334 -31.08 -58.41 -4.47
N ASP S 335 -31.25 -59.49 -5.24
CA ASP S 335 -30.28 -60.58 -5.17
C ASP S 335 -28.91 -60.18 -5.67
N GLY S 336 -28.85 -59.26 -6.64
CA GLY S 336 -27.74 -59.25 -7.57
C GLY S 336 -27.59 -57.93 -8.28
N VAL S 337 -26.41 -57.72 -8.85
CA VAL S 337 -26.23 -56.85 -9.99
C VAL S 337 -26.35 -57.70 -11.26
N GLY S 338 -27.37 -57.42 -12.06
CA GLY S 338 -27.96 -58.42 -12.92
C GLY S 338 -28.60 -57.74 -14.12
N ASP S 339 -28.76 -58.52 -15.18
CA ASP S 339 -29.13 -57.95 -16.46
C ASP S 339 -30.53 -57.35 -16.41
N ALA S 340 -30.74 -56.34 -17.23
CA ALA S 340 -32.05 -55.71 -17.33
C ALA S 340 -33.04 -56.68 -17.94
N LYS S 341 -34.21 -56.79 -17.33
CA LYS S 341 -35.25 -57.73 -17.75
C LYS S 341 -36.57 -56.97 -17.82
N ASP S 342 -36.77 -56.25 -18.91
CA ASP S 342 -37.98 -55.47 -19.13
C ASP S 342 -39.23 -56.29 -18.88
N GLY T 24 35.07 -36.57 -33.55
CA GLY T 24 34.33 -36.82 -32.29
C GLY T 24 34.55 -35.83 -31.16
N PRO T 25 34.12 -36.23 -29.96
CA PRO T 25 34.29 -35.41 -28.76
C PRO T 25 35.70 -35.50 -28.18
N GLN T 26 36.04 -34.50 -27.39
CA GLN T 26 37.28 -34.46 -26.62
C GLN T 26 36.91 -34.15 -25.17
N PRO T 27 36.46 -35.15 -24.39
CA PRO T 27 35.94 -34.90 -23.02
C PRO T 27 36.76 -33.99 -22.11
N ILE T 28 36.03 -33.16 -21.33
CA ILE T 28 36.54 -32.00 -20.60
C ILE T 28 37.51 -32.34 -19.48
N SER T 29 37.59 -33.61 -19.09
CA SER T 29 38.56 -34.09 -18.10
C SER T 29 39.99 -33.61 -18.36
N ARG T 30 40.41 -33.59 -19.63
CA ARG T 30 41.77 -33.14 -19.98
C ARG T 30 41.99 -31.66 -19.68
N LEU T 31 40.92 -30.87 -19.65
CA LEU T 31 41.02 -29.46 -19.29
C LEU T 31 41.48 -29.26 -17.85
N GLU T 32 41.11 -30.20 -16.95
CA GLU T 32 41.53 -30.09 -15.56
C GLU T 32 43.04 -30.30 -15.40
N GLN T 33 43.67 -31.07 -16.30
CA GLN T 33 45.12 -31.30 -16.22
C GLN T 33 45.92 -30.06 -16.54
N CYS T 34 45.30 -29.10 -17.22
CA CYS T 34 45.90 -27.80 -17.49
C CYS T 34 46.02 -26.94 -16.23
N GLY T 35 45.32 -27.30 -15.15
CA GLY T 35 45.41 -26.63 -13.87
C GLY T 35 44.19 -25.80 -13.50
N ILE T 36 43.12 -25.82 -14.31
CA ILE T 36 41.78 -25.54 -13.78
C ILE T 36 41.56 -26.50 -12.62
N ASN T 37 41.08 -25.99 -11.48
CA ASN T 37 40.77 -26.89 -10.36
C ASN T 37 39.59 -27.78 -10.75
N ALA T 38 39.53 -28.98 -10.16
CA ALA T 38 38.49 -29.95 -10.55
C ALA T 38 37.08 -29.50 -10.15
N ASN T 39 36.97 -28.69 -9.09
CA ASN T 39 35.64 -28.21 -8.67
C ASN T 39 35.03 -27.28 -9.73
N ASP T 40 35.85 -26.43 -10.34
CA ASP T 40 35.33 -25.57 -11.41
C ASP T 40 34.93 -26.39 -12.64
N VAL T 41 35.61 -27.52 -12.85
CA VAL T 41 35.23 -28.38 -13.96
C VAL T 41 33.88 -29.03 -13.67
N LYS T 42 33.62 -29.35 -12.40
CA LYS T 42 32.32 -29.92 -12.05
C LYS T 42 31.20 -28.92 -12.33
N LYS T 43 31.46 -27.64 -12.09
CA LYS T 43 30.44 -26.64 -12.41
C LYS T 43 30.19 -26.57 -13.92
N LEU T 44 31.21 -26.81 -14.73
CA LEU T 44 30.98 -26.79 -16.18
C LEU T 44 30.16 -27.99 -16.64
N GLU T 45 30.35 -29.15 -16.00
CA GLU T 45 29.57 -30.32 -16.39
C GLU T 45 28.11 -30.14 -15.97
N GLU T 46 27.90 -29.58 -14.78
CA GLU T 46 26.56 -29.16 -14.32
C GLU T 46 25.90 -28.19 -15.28
N ALA T 47 26.67 -27.22 -15.79
CA ALA T 47 26.17 -26.32 -16.82
C ALA T 47 25.81 -27.07 -18.10
N GLY T 48 26.49 -28.18 -18.37
CA GLY T 48 26.18 -29.04 -19.50
C GLY T 48 27.29 -29.09 -20.53
N PHE T 49 28.47 -28.63 -20.13
CA PHE T 49 29.66 -28.68 -20.95
C PHE T 49 30.52 -29.86 -20.50
N HIS T 50 30.76 -30.80 -21.42
CA HIS T 50 31.41 -32.07 -21.08
C HIS T 50 32.66 -32.36 -21.89
N THR T 51 33.05 -31.47 -22.82
CA THR T 51 34.23 -31.66 -23.65
C THR T 51 35.02 -30.36 -23.69
N VAL T 52 36.30 -30.48 -24.03
CA VAL T 52 37.16 -29.33 -24.22
C VAL T 52 36.73 -28.50 -25.43
N GLU T 53 36.23 -29.18 -26.46
CA GLU T 53 35.56 -28.51 -27.59
C GLU T 53 34.41 -27.61 -27.14
N ALA T 54 33.67 -28.08 -26.12
CA ALA T 54 32.44 -27.41 -25.70
C ALA T 54 32.77 -26.09 -25.00
N VAL T 55 33.73 -26.12 -24.06
CA VAL T 55 34.14 -24.90 -23.38
C VAL T 55 34.79 -23.95 -24.37
N ALA T 56 35.53 -24.50 -25.34
CA ALA T 56 36.47 -23.73 -26.16
C ALA T 56 35.79 -22.76 -27.13
N TYR T 57 34.91 -23.27 -28.02
CA TYR T 57 34.26 -22.34 -28.97
C TYR T 57 32.97 -21.72 -28.39
N ALA T 58 33.16 -20.90 -27.35
CA ALA T 58 32.15 -19.98 -26.82
C ALA T 58 32.81 -18.72 -26.23
N PRO T 59 32.12 -17.51 -26.25
CA PRO T 59 32.70 -16.30 -25.64
C PRO T 59 32.66 -16.29 -24.10
N LYS T 60 33.18 -15.23 -23.46
CA LYS T 60 33.33 -15.18 -21.99
C LYS T 60 32.00 -15.26 -21.21
N LYS T 61 30.91 -14.69 -21.73
CA LYS T 61 29.76 -14.49 -20.86
C LYS T 61 29.09 -15.79 -20.46
N GLU T 62 29.26 -16.84 -21.25
CA GLU T 62 28.59 -18.09 -20.92
C GLU T 62 29.12 -18.63 -19.60
N LEU T 63 30.45 -18.67 -19.45
CA LEU T 63 31.05 -19.23 -18.24
C LEU T 63 30.87 -18.32 -17.04
N ILE T 64 30.82 -17.00 -17.26
CA ILE T 64 30.67 -16.10 -16.11
C ILE T 64 29.28 -16.25 -15.48
N ASN T 65 28.26 -16.48 -16.30
CA ASN T 65 26.90 -16.59 -15.79
C ASN T 65 26.70 -17.82 -14.90
N ILE T 66 27.60 -18.81 -14.99
CA ILE T 66 27.51 -19.98 -14.14
C ILE T 66 27.77 -19.58 -12.70
N LYS T 67 27.02 -20.18 -11.77
CA LYS T 67 27.17 -19.84 -10.35
C LYS T 67 28.55 -20.23 -9.85
N GLY T 68 29.18 -19.32 -9.10
CA GLY T 68 30.48 -19.58 -8.53
C GLY T 68 31.63 -19.52 -9.52
N ILE T 69 31.54 -18.67 -10.53
CA ILE T 69 32.62 -18.50 -11.51
C ILE T 69 32.79 -17.00 -11.75
N SER T 70 34.00 -16.50 -11.51
CA SER T 70 34.31 -15.09 -11.72
C SER T 70 34.89 -14.88 -13.11
N GLU T 71 35.16 -13.62 -13.46
CA GLU T 71 35.76 -13.33 -14.77
C GLU T 71 37.19 -13.86 -14.87
N ALA T 72 37.93 -13.86 -13.76
CA ALA T 72 39.29 -14.39 -13.79
C ALA T 72 39.31 -15.89 -14.06
N LYS T 73 38.39 -16.63 -13.41
CA LYS T 73 38.33 -18.07 -13.66
C LYS T 73 37.87 -18.38 -15.08
N ALA T 74 36.99 -17.54 -15.63
CA ALA T 74 36.52 -17.79 -17.00
C ALA T 74 37.65 -17.58 -18.01
N ASP T 75 38.50 -16.57 -17.76
CA ASP T 75 39.60 -16.34 -18.69
C ASP T 75 40.61 -17.47 -18.65
N LYS T 76 40.84 -18.06 -17.46
CA LYS T 76 41.76 -19.19 -17.41
C LYS T 76 41.24 -20.39 -18.18
N ILE T 77 39.91 -20.59 -18.18
CA ILE T 77 39.35 -21.73 -18.90
C ILE T 77 39.50 -21.52 -20.40
N LEU T 78 39.09 -20.35 -20.91
CA LEU T 78 39.13 -20.13 -22.36
C LEU T 78 40.56 -20.18 -22.90
N ALA T 79 41.51 -19.64 -22.12
CA ALA T 79 42.90 -19.62 -22.57
C ALA T 79 43.45 -21.04 -22.68
N GLU T 80 43.24 -21.86 -21.64
CA GLU T 80 43.77 -23.22 -21.68
C GLU T 80 42.99 -24.11 -22.65
N ALA T 81 41.73 -23.80 -22.93
CA ALA T 81 40.95 -24.60 -23.87
C ALA T 81 41.48 -24.42 -25.29
N ALA T 82 41.95 -23.22 -25.63
CA ALA T 82 42.50 -23.04 -26.97
C ALA T 82 43.78 -23.84 -27.21
N LYS T 83 44.49 -24.23 -26.14
CA LYS T 83 45.70 -25.04 -26.31
C LYS T 83 45.36 -26.46 -26.75
N LEU T 84 44.31 -27.05 -26.17
CA LEU T 84 43.92 -28.40 -26.54
C LEU T 84 43.15 -28.42 -27.85
N VAL T 85 42.30 -27.43 -28.05
CA VAL T 85 41.51 -27.33 -29.27
C VAL T 85 41.93 -26.07 -30.03
N GLN T 104 17.86 -47.97 -39.96
CA GLN T 104 16.48 -47.40 -39.92
C GLN T 104 15.54 -48.28 -39.11
N ILE T 105 15.09 -47.78 -37.97
CA ILE T 105 14.20 -48.53 -37.10
C ILE T 105 12.79 -48.44 -37.68
N THR T 106 12.19 -49.59 -37.98
CA THR T 106 10.85 -49.61 -38.53
C THR T 106 9.84 -48.99 -37.57
N THR T 107 8.99 -48.13 -38.11
CA THR T 107 7.87 -47.58 -37.35
C THR T 107 6.75 -48.59 -37.15
N GLY T 108 6.75 -49.67 -37.93
CA GLY T 108 5.65 -50.61 -37.94
C GLY T 108 4.41 -50.16 -38.68
N SER T 109 4.34 -48.92 -39.11
CA SER T 109 3.43 -48.49 -40.17
C SER T 109 4.19 -48.50 -41.49
N LYS T 110 3.71 -49.30 -42.44
CA LYS T 110 4.37 -49.36 -43.74
C LYS T 110 4.37 -48.00 -44.41
N GLU T 111 3.23 -47.32 -44.41
CA GLU T 111 3.15 -45.99 -45.02
C GLU T 111 4.10 -45.03 -44.33
N LEU T 112 4.22 -45.12 -43.00
CA LEU T 112 5.15 -44.26 -42.28
C LEU T 112 6.59 -44.64 -42.59
N ASP T 113 6.88 -45.93 -42.69
CA ASP T 113 8.22 -46.36 -43.08
C ASP T 113 8.60 -45.78 -44.43
N LYS T 114 7.68 -45.84 -45.40
CA LYS T 114 7.93 -45.22 -46.70
C LYS T 114 8.12 -43.72 -46.56
N LEU T 115 7.34 -43.08 -45.68
CA LEU T 115 7.47 -41.66 -45.48
C LEU T 115 8.87 -41.31 -44.97
N LEU T 116 9.42 -42.14 -44.10
CA LEU T 116 10.74 -41.92 -43.53
C LEU T 116 11.86 -42.54 -44.35
N GLN T 117 11.54 -43.14 -45.50
CA GLN T 117 12.52 -43.86 -46.31
C GLN T 117 13.06 -45.11 -45.61
N GLY T 118 12.27 -45.69 -44.71
CA GLY T 118 12.65 -46.94 -44.08
C GLY T 118 12.64 -46.90 -42.57
N GLY T 119 12.58 -45.70 -41.98
CA GLY T 119 12.51 -45.55 -40.54
C GLY T 119 13.47 -44.49 -40.02
N ILE T 120 13.37 -44.28 -38.70
CA ILE T 120 14.21 -43.30 -38.03
C ILE T 120 15.68 -43.59 -38.25
N GLU T 121 16.46 -42.54 -38.54
CA GLU T 121 17.91 -42.62 -38.46
C GLU T 121 18.32 -42.64 -36.98
N THR T 122 18.99 -43.72 -36.57
CA THR T 122 19.67 -43.73 -35.28
C THR T 122 20.79 -42.71 -35.25
N GLY T 123 21.09 -42.23 -34.03
CA GLY T 123 22.11 -41.23 -33.82
C GLY T 123 21.66 -39.80 -34.04
N SER T 124 20.37 -39.57 -34.20
CA SER T 124 19.83 -38.23 -34.45
C SER T 124 18.50 -38.09 -33.75
N ILE T 125 18.11 -36.84 -33.53
CA ILE T 125 16.84 -36.53 -32.87
C ILE T 125 15.76 -36.38 -33.93
N THR T 126 14.64 -37.08 -33.75
CA THR T 126 13.48 -36.96 -34.63
C THR T 126 12.32 -36.40 -33.82
N GLU T 127 11.83 -35.24 -34.22
CA GLU T 127 10.75 -34.56 -33.51
C GLU T 127 9.43 -34.77 -34.23
N MET T 128 8.41 -35.16 -33.47
CA MET T 128 7.03 -35.28 -33.95
C MET T 128 6.24 -34.25 -33.14
N PHE T 129 5.89 -33.13 -33.77
CA PHE T 129 5.08 -32.10 -33.16
C PHE T 129 3.66 -32.20 -33.70
N GLY T 130 2.69 -32.25 -32.79
CA GLY T 130 1.31 -32.34 -33.18
C GLY T 130 0.41 -32.10 -31.99
N GLU T 131 -0.88 -31.98 -32.29
CA GLU T 131 -1.87 -31.77 -31.26
C GLU T 131 -1.92 -32.98 -30.32
N PHE T 132 -2.57 -32.78 -29.17
CA PHE T 132 -2.82 -33.88 -28.26
C PHE T 132 -3.72 -34.93 -28.93
N ARG T 133 -3.53 -36.18 -28.50
CA ARG T 133 -4.32 -37.31 -28.98
C ARG T 133 -4.02 -37.66 -30.43
N THR T 134 -2.98 -37.08 -31.02
CA THR T 134 -2.59 -37.42 -32.38
C THR T 134 -1.89 -38.77 -32.45
N GLY T 135 -1.44 -39.29 -31.32
CA GLY T 135 -0.75 -40.57 -31.28
C GLY T 135 0.74 -40.50 -31.01
N LYS T 136 1.27 -39.34 -30.61
CA LYS T 136 2.69 -39.29 -30.26
C LYS T 136 3.03 -40.38 -29.26
N THR T 137 2.28 -40.45 -28.15
CA THR T 137 2.54 -41.47 -27.14
C THR T 137 2.38 -42.87 -27.71
N GLN T 138 1.37 -43.07 -28.56
CA GLN T 138 1.16 -44.38 -29.16
C GLN T 138 2.35 -44.76 -30.02
N ILE T 139 2.86 -43.82 -30.83
CA ILE T 139 4.04 -44.09 -31.63
C ILE T 139 5.22 -44.43 -30.74
N CYS T 140 5.39 -43.70 -29.63
CA CYS T 140 6.46 -44.01 -28.69
C CYS T 140 6.35 -45.43 -28.16
N HIS T 141 5.17 -45.82 -27.70
CA HIS T 141 4.99 -47.18 -27.20
C HIS T 141 5.31 -48.21 -28.27
N THR T 142 4.88 -47.97 -29.51
CA THR T 142 5.19 -48.90 -30.59
C THR T 142 6.70 -49.00 -30.83
N LEU T 143 7.38 -47.85 -30.96
CA LEU T 143 8.82 -47.86 -31.19
C LEU T 143 9.58 -48.49 -30.04
N ALA T 144 9.06 -48.39 -28.82
CA ALA T 144 9.79 -48.96 -27.68
C ALA T 144 10.00 -50.45 -27.81
N VAL T 145 9.20 -51.14 -28.60
CA VAL T 145 9.32 -52.58 -28.79
C VAL T 145 10.01 -52.90 -30.11
N THR T 146 9.64 -52.21 -31.18
CA THR T 146 10.22 -52.48 -32.50
C THR T 146 11.72 -52.27 -32.53
N CYS T 147 12.25 -51.36 -31.71
CA CYS T 147 13.71 -51.18 -31.66
C CYS T 147 14.43 -52.49 -31.37
N GLN T 148 13.82 -53.35 -30.54
CA GLN T 148 14.45 -54.62 -30.19
C GLN T 148 14.38 -55.63 -31.33
N LEU T 149 13.60 -55.36 -32.37
CA LEU T 149 13.51 -56.27 -33.50
C LEU T 149 14.87 -56.40 -34.18
N PRO T 150 15.11 -57.51 -34.88
CA PRO T 150 16.35 -57.63 -35.65
C PRO T 150 16.49 -56.53 -36.68
N ILE T 151 17.75 -56.19 -36.99
CA ILE T 151 18.03 -55.14 -37.96
C ILE T 151 17.46 -55.53 -39.33
N ASP T 152 17.51 -56.81 -39.66
CA ASP T 152 16.94 -57.26 -40.93
C ASP T 152 15.43 -57.09 -40.96
N ARG T 153 14.79 -56.99 -39.80
CA ARG T 153 13.35 -56.76 -39.72
C ARG T 153 13.02 -55.29 -39.51
N GLY T 154 14.01 -54.41 -39.61
CA GLY T 154 13.78 -53.00 -39.41
C GLY T 154 14.01 -52.50 -38.01
N GLY T 155 14.55 -53.32 -37.11
CA GLY T 155 14.86 -52.90 -35.76
C GLY T 155 16.30 -52.44 -35.64
N GLY T 156 16.69 -52.17 -34.39
CA GLY T 156 18.07 -51.81 -34.10
C GLY T 156 18.80 -52.82 -33.25
N GLU T 157 18.12 -53.86 -32.82
CA GLU T 157 18.68 -54.87 -31.93
C GLU T 157 19.32 -54.24 -30.68
N GLY T 158 18.58 -53.33 -30.06
CA GLY T 158 19.06 -52.66 -28.87
C GLY T 158 17.93 -52.41 -27.90
N LYS T 159 18.30 -52.15 -26.65
CA LYS T 159 17.30 -51.89 -25.63
C LYS T 159 16.73 -50.49 -25.78
N ALA T 160 15.60 -50.26 -25.13
CA ALA T 160 14.88 -48.99 -25.19
C ALA T 160 14.88 -48.26 -23.84
N MET T 161 14.79 -46.94 -23.91
CA MET T 161 14.73 -46.07 -22.74
C MET T 161 13.56 -45.11 -22.85
N TYR T 162 12.64 -45.22 -21.90
CA TYR T 162 11.42 -44.41 -21.88
C TYR T 162 11.48 -43.54 -20.64
N ILE T 163 11.59 -42.24 -20.85
CA ILE T 163 11.54 -41.26 -19.77
C ILE T 163 10.18 -40.59 -19.89
N ASP T 164 9.32 -40.83 -18.91
CA ASP T 164 7.96 -40.35 -18.92
C ASP T 164 7.81 -39.20 -17.94
N THR T 165 7.06 -38.18 -18.35
CA THR T 165 6.78 -37.04 -17.50
C THR T 165 5.29 -36.84 -17.35
N GLU T 166 4.49 -37.72 -17.96
CA GLU T 166 3.06 -37.51 -18.14
C GLU T 166 2.25 -38.72 -17.68
N GLY T 167 2.89 -39.78 -17.21
CA GLY T 167 2.18 -40.94 -16.69
C GLY T 167 1.65 -41.91 -17.72
N THR T 168 1.83 -41.62 -19.02
CA THR T 168 1.19 -42.40 -20.06
C THR T 168 1.94 -43.68 -20.42
N PHE T 169 2.94 -44.07 -19.62
CA PHE T 169 3.72 -45.25 -19.93
C PHE T 169 2.91 -46.50 -19.59
N ARG T 170 2.77 -47.41 -20.55
CA ARG T 170 1.98 -48.62 -20.38
C ARG T 170 2.81 -49.83 -20.80
N PRO T 171 3.30 -50.63 -19.87
CA PRO T 171 4.04 -51.83 -20.28
C PRO T 171 3.17 -52.81 -21.05
N GLU T 172 1.86 -52.83 -20.78
CA GLU T 172 0.97 -53.74 -21.48
C GLU T 172 0.88 -53.40 -22.97
N ARG T 173 0.95 -52.12 -23.32
CA ARG T 173 1.01 -51.74 -24.73
C ARG T 173 2.29 -52.29 -25.36
N LEU T 174 3.38 -52.26 -24.61
CA LEU T 174 4.62 -52.83 -25.10
C LEU T 174 4.46 -54.33 -25.32
N LEU T 175 3.72 -55.00 -24.42
CA LEU T 175 3.49 -56.42 -24.57
C LEU T 175 2.68 -56.70 -25.82
N ALA T 176 1.67 -55.85 -26.09
CA ALA T 176 0.87 -56.01 -27.30
C ALA T 176 1.70 -55.83 -28.56
N VAL T 177 2.58 -54.83 -28.57
CA VAL T 177 3.44 -54.65 -29.74
C VAL T 177 4.40 -55.83 -29.88
N ALA T 178 4.94 -56.32 -28.77
CA ALA T 178 5.84 -57.46 -28.82
C ALA T 178 5.15 -58.69 -29.40
N GLU T 179 3.92 -58.96 -28.96
CA GLU T 179 3.20 -60.09 -29.50
C GLU T 179 2.83 -59.87 -30.96
N ARG T 180 2.64 -58.61 -31.38
CA ARG T 180 2.39 -58.34 -32.78
C ARG T 180 3.54 -58.85 -33.64
N TYR T 181 4.76 -58.44 -33.29
CA TYR T 181 5.96 -58.86 -34.00
C TYR T 181 6.52 -60.18 -33.50
N GLY T 182 5.83 -60.85 -32.58
CA GLY T 182 6.28 -62.13 -32.07
C GLY T 182 7.53 -62.02 -31.21
N LEU T 183 7.62 -60.99 -30.39
CA LEU T 183 8.70 -60.83 -29.42
C LEU T 183 8.18 -61.16 -28.02
N SER T 184 9.08 -61.67 -27.19
CA SER T 184 8.70 -62.00 -25.82
C SER T 184 8.35 -60.73 -25.06
N GLY T 185 7.09 -60.63 -24.62
CA GLY T 185 6.66 -59.44 -23.91
C GLY T 185 7.41 -59.23 -22.61
N SER T 186 7.74 -60.31 -21.90
CA SER T 186 8.49 -60.18 -20.66
C SER T 186 9.90 -59.67 -20.90
N ASP T 187 10.56 -60.18 -21.94
CA ASP T 187 11.91 -59.71 -22.24
C ASP T 187 11.89 -58.28 -22.74
N VAL T 188 10.83 -57.88 -23.43
CA VAL T 188 10.72 -56.49 -23.88
C VAL T 188 10.68 -55.57 -22.67
N LEU T 189 9.83 -55.90 -21.68
CA LEU T 189 9.77 -55.08 -20.48
C LEU T 189 11.08 -55.17 -19.70
N ASP T 190 11.79 -56.29 -19.83
CA ASP T 190 13.07 -56.47 -19.17
C ASP T 190 14.17 -55.68 -19.86
N ASN T 191 13.95 -55.28 -21.12
CA ASN T 191 14.94 -54.54 -21.90
C ASN T 191 14.52 -53.08 -22.02
N VAL T 192 13.55 -52.65 -21.22
CA VAL T 192 13.09 -51.29 -21.15
C VAL T 192 13.21 -50.85 -19.70
N ALA T 193 14.06 -49.86 -19.45
CA ALA T 193 14.19 -49.32 -18.10
C ALA T 193 13.36 -48.05 -18.08
N TYR T 194 12.52 -47.91 -17.06
CA TYR T 194 11.55 -46.83 -17.04
C TYR T 194 11.71 -46.05 -15.75
N ALA T 195 11.53 -44.73 -15.85
CA ALA T 195 11.58 -43.82 -14.72
C ALA T 195 10.85 -42.56 -15.11
N ARG T 196 10.05 -42.02 -14.19
CA ARG T 196 9.24 -40.84 -14.48
C ARG T 196 9.93 -39.60 -13.94
N ALA T 197 10.16 -38.63 -14.83
CA ALA T 197 10.76 -37.37 -14.46
C ALA T 197 9.66 -36.44 -13.93
N PHE T 198 9.89 -35.90 -12.74
CA PHE T 198 8.91 -35.05 -12.09
C PHE T 198 9.02 -33.59 -12.50
N ASN T 199 10.16 -33.16 -13.03
CA ASN T 199 10.35 -31.77 -13.42
C ASN T 199 11.44 -31.71 -14.48
N THR T 200 11.71 -30.51 -14.96
CA THR T 200 12.72 -30.35 -16.00
C THR T 200 14.11 -30.66 -15.45
N ASP T 201 14.40 -30.20 -14.23
CA ASP T 201 15.69 -30.51 -13.63
C ASP T 201 15.85 -32.01 -13.42
N HIS T 202 14.79 -32.68 -12.97
CA HIS T 202 14.86 -34.13 -12.84
C HIS T 202 14.94 -34.79 -14.20
N GLN T 203 14.28 -34.19 -15.20
CA GLN T 203 14.34 -34.75 -16.55
C GLN T 203 15.76 -34.72 -17.09
N THR T 204 16.49 -33.62 -16.86
CA THR T 204 17.87 -33.54 -17.29
C THR T 204 18.79 -34.37 -16.41
N GLN T 205 18.51 -34.46 -15.11
CA GLN T 205 19.40 -35.21 -14.22
C GLN T 205 19.44 -36.67 -14.60
N LEU T 206 18.35 -37.20 -15.14
CA LEU T 206 18.34 -38.61 -15.52
C LEU T 206 19.33 -38.87 -16.65
N LEU T 207 19.70 -37.84 -17.42
CA LEU T 207 20.64 -38.06 -18.51
C LEU T 207 22.02 -38.41 -17.97
N TYR T 208 22.38 -37.92 -16.79
CA TYR T 208 23.65 -38.31 -16.20
C TYR T 208 23.66 -39.80 -15.88
N GLN T 209 22.55 -40.30 -15.33
CA GLN T 209 22.45 -41.73 -15.12
C GLN T 209 22.35 -42.46 -16.46
N ALA T 210 21.73 -41.81 -17.44
CA ALA T 210 21.54 -42.41 -18.76
C ALA T 210 22.87 -42.63 -19.47
N SER T 211 23.79 -41.66 -19.36
CA SER T 211 25.07 -41.82 -20.05
C SER T 211 25.86 -42.99 -19.50
N ALA T 212 25.91 -43.14 -18.17
CA ALA T 212 26.66 -44.25 -17.61
C ALA T 212 25.94 -45.57 -17.83
N MET T 213 24.61 -45.56 -17.80
CA MET T 213 23.84 -46.78 -17.97
C MET T 213 23.85 -47.28 -19.42
N MET T 214 23.88 -46.37 -20.39
CA MET T 214 23.92 -46.71 -21.80
C MET T 214 25.27 -47.27 -22.23
N VAL T 215 26.26 -47.23 -21.35
CA VAL T 215 27.59 -47.77 -21.64
C VAL T 215 27.63 -49.27 -21.39
N GLU T 216 26.96 -49.71 -20.32
CA GLU T 216 26.99 -51.12 -19.96
C GLU T 216 26.12 -51.99 -20.87
N SER T 217 25.01 -51.46 -21.37
CA SER T 217 24.14 -52.24 -22.24
C SER T 217 23.87 -51.47 -23.53
N ARG T 218 23.64 -52.23 -24.60
CA ARG T 218 23.32 -51.64 -25.89
C ARG T 218 21.87 -51.20 -25.88
N TYR T 219 21.65 -49.91 -26.10
CA TYR T 219 20.32 -49.38 -26.32
C TYR T 219 20.21 -48.82 -27.73
N ALA T 220 18.97 -48.68 -28.19
CA ALA T 220 18.69 -48.22 -29.53
C ALA T 220 17.65 -47.11 -29.59
N LEU T 221 16.92 -46.86 -28.51
CA LEU T 221 15.85 -45.88 -28.53
C LEU T 221 15.74 -45.21 -27.17
N LEU T 222 15.63 -43.89 -27.19
CA LEU T 222 15.41 -43.07 -26.00
C LEU T 222 14.15 -42.27 -26.21
N ILE T 223 13.17 -42.44 -25.32
CA ILE T 223 11.88 -41.76 -25.43
C ILE T 223 11.71 -40.80 -24.26
N VAL T 224 11.36 -39.56 -24.58
CA VAL T 224 11.06 -38.52 -23.61
C VAL T 224 9.68 -37.99 -23.98
N ASP T 225 8.67 -38.33 -23.19
CA ASP T 225 7.27 -38.10 -23.55
C ASP T 225 6.74 -36.91 -22.77
N SER T 226 6.12 -35.96 -23.49
CA SER T 226 5.85 -34.62 -22.97
C SER T 226 7.14 -33.93 -22.54
N ALA T 227 8.17 -34.05 -23.38
CA ALA T 227 9.47 -33.46 -23.05
C ALA T 227 9.38 -31.96 -22.78
N THR T 228 8.48 -31.26 -23.47
CA THR T 228 8.32 -29.83 -23.27
C THR T 228 7.26 -29.47 -22.23
N ALA T 229 6.50 -30.44 -21.74
CA ALA T 229 5.43 -30.13 -20.81
C ALA T 229 5.97 -29.60 -19.49
N LEU T 230 7.05 -30.22 -19.00
CA LEU T 230 7.60 -29.80 -17.72
C LEU T 230 8.21 -28.40 -17.77
N TYR T 231 8.63 -27.93 -18.95
CA TYR T 231 9.13 -26.56 -19.02
C TYR T 231 8.02 -25.52 -19.00
N ARG T 232 6.77 -25.94 -19.18
CA ARG T 232 5.64 -25.02 -19.10
C ARG T 232 5.02 -25.08 -17.71
N THR T 233 4.98 -26.29 -17.12
CA THR T 233 4.39 -26.44 -15.80
C THR T 233 5.34 -25.96 -14.73
N ASP T 234 6.63 -26.30 -14.87
CA ASP T 234 7.63 -25.86 -13.90
C ASP T 234 7.86 -24.37 -14.04
N TYR T 235 8.35 -23.95 -15.21
CA TYR T 235 8.63 -22.55 -15.49
C TYR T 235 7.36 -21.99 -16.11
N SER T 236 6.50 -21.41 -15.27
CA SER T 236 5.24 -20.85 -15.72
C SER T 236 5.24 -19.33 -15.78
N GLY T 237 6.18 -18.67 -15.10
CA GLY T 237 6.22 -17.22 -15.13
C GLY T 237 6.79 -16.71 -16.42
N ARG T 238 6.77 -15.38 -16.58
CA ARG T 238 7.29 -14.75 -17.78
C ARG T 238 8.71 -14.25 -17.62
N GLY T 239 9.11 -13.79 -16.44
CA GLY T 239 10.48 -13.41 -16.21
C GLY T 239 11.45 -14.58 -16.17
N GLU T 240 10.94 -15.78 -15.90
CA GLU T 240 11.76 -16.99 -15.84
C GLU T 240 11.82 -17.73 -17.17
N LEU T 241 11.38 -17.11 -18.27
CA LEU T 241 11.38 -17.81 -19.55
C LEU T 241 12.79 -18.08 -20.04
N SER T 242 13.69 -17.11 -19.90
CA SER T 242 15.07 -17.32 -20.33
C SER T 242 15.71 -18.46 -19.55
N ALA T 243 15.29 -18.67 -18.30
CA ALA T 243 15.88 -19.72 -17.48
C ALA T 243 15.49 -21.09 -18.00
N ARG T 244 14.21 -21.28 -18.32
CA ARG T 244 13.79 -22.56 -18.88
C ARG T 244 14.38 -22.76 -20.26
N GLN T 245 14.55 -21.69 -21.04
CA GLN T 245 15.18 -21.85 -22.34
C GLN T 245 16.64 -22.27 -22.21
N MET T 246 17.38 -21.69 -21.26
CA MET T 246 18.75 -22.14 -21.02
C MET T 246 18.81 -23.58 -20.55
N HIS T 247 17.94 -23.96 -19.61
CA HIS T 247 17.96 -25.34 -19.13
C HIS T 247 17.62 -26.31 -20.26
N LEU T 248 16.61 -25.95 -21.06
CA LEU T 248 16.25 -26.79 -22.20
C LEU T 248 17.39 -26.87 -23.21
N ALA T 249 18.04 -25.75 -23.49
CA ALA T 249 19.16 -25.76 -24.42
C ALA T 249 20.26 -26.71 -23.94
N ARG T 250 20.62 -26.64 -22.66
CA ARG T 250 21.63 -27.57 -22.15
C ARG T 250 21.14 -29.01 -22.24
N PHE T 251 19.86 -29.23 -21.94
CA PHE T 251 19.30 -30.57 -22.03
C PHE T 251 19.39 -31.10 -23.46
N LEU T 252 19.04 -30.26 -24.43
CA LEU T 252 19.08 -30.66 -25.83
C LEU T 252 20.51 -30.94 -26.27
N ARG T 253 21.46 -30.11 -25.83
CA ARG T 253 22.86 -30.37 -26.17
C ARG T 253 23.31 -31.70 -25.58
N MET T 254 22.90 -32.01 -24.35
CA MET T 254 23.21 -33.30 -23.77
C MET T 254 22.59 -34.43 -24.57
N LEU T 255 21.37 -34.23 -25.05
CA LEU T 255 20.72 -35.23 -25.90
C LEU T 255 21.52 -35.46 -27.18
N LEU T 256 21.90 -34.38 -27.87
CA LEU T 256 22.68 -34.51 -29.08
C LEU T 256 24.01 -35.20 -28.81
N ARG T 257 24.66 -34.87 -27.69
CA ARG T 257 25.92 -35.50 -27.35
C ARG T 257 25.73 -37.00 -27.15
N LEU T 258 24.67 -37.38 -26.42
CA LEU T 258 24.43 -38.80 -26.20
C LEU T 258 24.08 -39.52 -27.49
N ALA T 259 23.36 -38.85 -28.39
CA ALA T 259 23.02 -39.44 -29.68
C ALA T 259 24.28 -39.72 -30.49
N ASP T 260 25.18 -38.75 -30.56
CA ASP T 260 26.42 -38.96 -31.31
C ASP T 260 27.36 -39.91 -30.59
N GLU T 261 27.24 -40.02 -29.27
CA GLU T 261 28.16 -40.83 -28.49
C GLU T 261 27.79 -42.31 -28.57
N PHE T 262 26.51 -42.64 -28.39
CA PHE T 262 26.07 -44.02 -28.35
C PHE T 262 25.37 -44.45 -29.63
N GLY T 263 25.14 -43.53 -30.56
CA GLY T 263 24.48 -43.91 -31.80
C GLY T 263 23.06 -44.40 -31.61
N VAL T 264 22.36 -43.87 -30.62
CA VAL T 264 20.99 -44.27 -30.35
C VAL T 264 20.05 -43.23 -30.91
N ALA T 265 18.80 -43.63 -31.09
CA ALA T 265 17.76 -42.74 -31.58
C ALA T 265 17.18 -41.96 -30.41
N VAL T 266 16.99 -40.65 -30.60
CA VAL T 266 16.45 -39.79 -29.56
C VAL T 266 15.08 -39.31 -30.03
N VAL T 267 14.04 -39.71 -29.28
CA VAL T 267 12.66 -39.40 -29.60
C VAL T 267 12.06 -38.55 -28.48
N ILE T 268 11.57 -37.37 -28.83
CA ILE T 268 10.94 -36.46 -27.88
C ILE T 268 9.59 -36.06 -28.45
N THR T 269 8.60 -35.90 -27.58
CA THR T 269 7.24 -35.55 -28.00
C THR T 269 6.89 -34.15 -27.51
N ASN T 270 6.22 -33.39 -28.38
CA ASN T 270 5.89 -32.00 -28.13
C ASN T 270 4.40 -31.76 -28.35
N GLN T 271 3.77 -31.13 -27.36
CA GLN T 271 2.37 -30.76 -27.43
C GLN T 271 2.27 -29.35 -28.00
N VAL T 272 1.41 -29.18 -29.00
CA VAL T 272 1.19 -27.88 -29.63
C VAL T 272 -0.24 -27.47 -29.30
N VAL T 273 -0.38 -26.63 -28.27
CA VAL T 273 -1.68 -26.15 -27.83
C VAL T 273 -2.23 -25.16 -28.84
N GLY T 292 9.83 -24.79 -29.33
CA GLY T 292 10.74 -23.66 -29.46
C GLY T 292 11.52 -23.68 -30.75
N ASN T 293 11.84 -22.49 -31.26
CA ASN T 293 12.63 -22.39 -32.48
C ASN T 293 14.06 -22.87 -32.30
N ILE T 294 14.53 -22.97 -31.05
CA ILE T 294 15.89 -23.45 -30.81
C ILE T 294 16.00 -24.91 -31.24
N ILE T 295 14.95 -25.69 -31.07
CA ILE T 295 15.02 -27.11 -31.39
C ILE T 295 15.13 -27.32 -32.89
N ALA T 296 14.63 -26.37 -33.69
CA ALA T 296 14.58 -26.55 -35.13
C ALA T 296 15.96 -26.89 -35.68
N HIS T 297 16.96 -26.08 -35.36
CA HIS T 297 18.33 -26.34 -35.82
C HIS T 297 18.85 -27.64 -35.24
N ALA T 298 18.37 -28.02 -34.05
CA ALA T 298 18.85 -29.16 -33.31
C ALA T 298 18.18 -30.44 -33.78
N SER T 299 16.87 -30.38 -34.00
CA SER T 299 16.13 -31.54 -34.48
C SER T 299 16.40 -31.70 -35.96
N THR T 300 16.63 -32.94 -36.38
CA THR T 300 16.89 -33.25 -37.78
C THR T 300 15.64 -33.54 -38.59
N THR T 301 14.62 -34.13 -37.98
CA THR T 301 13.41 -34.51 -38.69
C THR T 301 12.18 -34.11 -37.89
N ARG T 302 11.33 -33.27 -38.50
CA ARG T 302 10.11 -32.79 -37.87
C ARG T 302 8.93 -33.49 -38.51
N LEU T 303 8.11 -34.13 -37.67
CA LEU T 303 6.93 -34.85 -38.11
C LEU T 303 5.68 -34.17 -37.53
N TYR T 304 4.72 -33.86 -38.40
CA TYR T 304 3.48 -33.25 -37.98
C TYR T 304 2.37 -34.29 -37.95
N LEU T 305 1.70 -34.41 -36.80
CA LEU T 305 0.62 -35.36 -36.59
C LEU T 305 -0.70 -34.63 -36.41
N ARG T 306 -1.73 -35.07 -37.12
CA ARG T 306 -3.07 -34.54 -36.97
C ARG T 306 -4.06 -35.70 -37.00
N LYS T 307 -5.20 -35.51 -36.34
CA LYS T 307 -6.17 -36.58 -36.19
C LYS T 307 -7.01 -36.76 -37.45
N GLY T 308 -7.12 -38.00 -37.91
CA GLY T 308 -8.23 -38.45 -38.72
C GLY T 308 -9.25 -39.18 -37.86
N ARG T 309 -10.52 -38.98 -38.17
CA ARG T 309 -11.59 -39.40 -37.26
C ARG T 309 -11.69 -40.91 -37.19
N GLY T 310 -12.28 -41.38 -36.09
CA GLY T 310 -11.99 -42.73 -35.61
C GLY T 310 -10.62 -42.78 -34.96
N GLU T 311 -9.89 -43.85 -35.22
CA GLU T 311 -8.59 -44.09 -34.61
C GLU T 311 -7.46 -43.97 -35.63
N THR T 312 -7.73 -43.37 -36.78
CA THR T 312 -6.79 -43.32 -37.89
C THR T 312 -6.19 -41.91 -37.96
N ARG T 313 -4.86 -41.83 -37.99
CA ARG T 313 -4.12 -40.58 -37.85
C ARG T 313 -3.38 -40.23 -39.14
N ILE T 314 -3.31 -38.93 -39.42
CA ILE T 314 -2.59 -38.39 -40.57
C ILE T 314 -1.23 -37.85 -40.10
N CYS T 315 -0.16 -38.24 -40.79
CA CYS T 315 1.18 -37.79 -40.48
C CYS T 315 1.74 -36.97 -41.64
N LYS T 316 2.40 -35.85 -41.32
CA LYS T 316 3.03 -34.98 -42.30
C LYS T 316 4.44 -34.62 -41.87
N ILE T 317 5.34 -34.52 -42.85
CA ILE T 317 6.70 -34.07 -42.62
C ILE T 317 6.73 -32.59 -42.96
N TYR T 318 7.16 -31.75 -42.02
CA TYR T 318 7.10 -30.32 -42.20
C TYR T 318 8.46 -29.66 -42.33
N ASP T 319 9.54 -30.34 -41.97
CA ASP T 319 10.87 -29.99 -42.46
C ASP T 319 11.75 -31.22 -42.43
N SER T 320 12.49 -31.44 -43.51
CA SER T 320 13.68 -32.26 -43.43
C SER T 320 14.62 -31.84 -44.55
N PRO T 321 15.88 -31.52 -44.24
CA PRO T 321 16.87 -31.31 -45.31
C PRO T 321 17.03 -32.49 -46.25
N CYS T 322 16.83 -33.72 -45.78
CA CYS T 322 16.88 -34.89 -46.66
C CYS T 322 15.51 -35.46 -47.00
N LEU T 323 14.57 -35.44 -46.05
CA LEU T 323 13.28 -36.06 -46.38
C LEU T 323 12.34 -35.03 -46.98
N PRO T 324 11.54 -35.39 -47.99
CA PRO T 324 10.55 -34.45 -48.51
C PRO T 324 9.58 -34.03 -47.42
N GLU T 325 9.04 -32.83 -47.55
CA GLU T 325 7.76 -32.53 -46.92
C GLU T 325 6.70 -33.41 -47.59
N ALA T 326 6.08 -34.27 -46.81
CA ALA T 326 5.20 -35.30 -47.36
C ALA T 326 4.32 -35.84 -46.26
N GLU T 327 3.30 -36.60 -46.65
CA GLU T 327 2.35 -37.17 -45.72
C GLU T 327 2.12 -38.65 -46.01
N ALA T 328 1.76 -39.37 -44.96
CA ALA T 328 1.48 -40.79 -45.02
C ALA T 328 0.38 -41.04 -44.00
N MET T 329 -0.54 -41.94 -44.31
CA MET T 329 -1.67 -42.21 -43.43
C MET T 329 -1.42 -43.50 -42.66
N PHE T 330 -1.73 -43.47 -41.36
CA PHE T 330 -1.57 -44.64 -40.51
C PHE T 330 -2.69 -44.65 -39.48
N ALA T 331 -2.79 -45.76 -38.76
CA ALA T 331 -3.82 -45.96 -37.76
C ALA T 331 -3.17 -46.40 -36.45
N ILE T 332 -3.93 -46.28 -35.37
CA ILE T 332 -3.49 -46.72 -34.05
C ILE T 332 -4.35 -47.92 -33.66
N ASN T 333 -3.74 -49.10 -33.70
CA ASN T 333 -4.45 -50.36 -33.54
C ASN T 333 -4.04 -51.02 -32.23
N ALA T 334 -4.94 -51.84 -31.70
CA ALA T 334 -4.69 -52.50 -30.42
C ALA T 334 -3.33 -53.19 -30.40
N ASP T 335 -3.02 -53.95 -31.45
CA ASP T 335 -1.70 -54.58 -31.52
C ASP T 335 -0.58 -53.55 -31.66
N GLY T 336 -0.86 -52.44 -32.33
CA GLY T 336 0.20 -51.73 -33.02
C GLY T 336 -0.17 -50.29 -33.32
N VAL T 337 0.87 -49.51 -33.60
CA VAL T 337 0.72 -48.32 -34.43
C VAL T 337 1.02 -48.72 -35.87
N GLY T 338 0.01 -48.58 -36.73
CA GLY T 338 -0.10 -49.41 -37.91
C GLY T 338 -0.89 -48.69 -38.98
N ASP T 339 -0.70 -49.10 -40.22
CA ASP T 339 -1.20 -48.32 -41.34
C ASP T 339 -2.72 -48.32 -41.36
N ALA T 340 -3.29 -47.26 -41.90
CA ALA T 340 -4.73 -47.17 -42.03
C ALA T 340 -5.23 -48.19 -43.04
N LYS T 341 -6.29 -48.90 -42.67
CA LYS T 341 -6.84 -49.98 -43.50
C LYS T 341 -8.35 -49.77 -43.57
N ASP T 342 -8.77 -48.87 -44.45
CA ASP T 342 -10.18 -48.56 -44.64
C ASP T 342 -11.01 -49.82 -44.83
#